data_5HMQ
#
_entry.id   5HMQ
#
_cell.length_a   262.503
_cell.length_b   262.503
_cell.length_c   139.644
_cell.angle_alpha   90.00
_cell.angle_beta   90.00
_cell.angle_gamma   120.00
#
_symmetry.space_group_name_H-M   'P 63'
#
loop_
_entity.id
_entity.type
_entity.pdbx_description
1 polymer '4-hydroxyphenylpyruvate dioxygenase'
2 non-polymer 'MAGNESIUM ION'
3 water water
#
_entity_poly.entity_id   1
_entity_poly.type   'polypeptide(L)'
_entity_poly.pdbx_seq_one_letter_code
;AK(MSE)QRSIATVSLSGTLPEKLEAIAAAGFDGVEIFENDLLYYAGSPRQVRQ(MSE)CADLGIAITLFQPFRDFEGCR
RDRLQKNLDRAERKFDL(MSE)QELGTDLVLVCSNVQADALGDEQLLVDDLRLLGEHAGKRGLRIGYEALAWGRHVNTYQ
QVWNLVRQADHPALGVILDSFHTLSLKGDPSAIRDIPGDKIFFVQ(MSE)ADAPILA(MSE)DVLEWSRHFRCFPGQGE
(MSE)D(MSE)AGFLAPILATGYRGPLSLEIFNDGFRAAPTRQNAADGLRSLLYLEEQTRLRLEQENTPIEPGVLFSPPP
ASAYDGVEFLEFAVDEAVGARLGNWLKRLGFAEAGKHRSKEVQLLRQGDINIVLNAEPYSFGHNFFEAHGPSLCATALRV
KDQQAALKRATAFRGQPFRGLVGPNECEVPAVRAPDGSLLYLVEQGTAGHTLYDTDFSLDNNATATGGLRRIDH(MSE)A
LALPAESLDSWVLFYKSLFDFAADDEVVLPDPYGLVKSRALRSQCGTLRLPLNISENRNTAIAHALSSYRGSGVHHIAFD
CDDIFREVARAKLAGVPLLEIPLNYYDDLAARFDFDDEFLSELAYYNVLYDRDAQGGELFHVYTEPFEERFFFEIIQRKA
GYAGYGAANVAVRLAA(MSE)AKARSGAARKPVL
;
_entity_poly.pdbx_strand_id   A,B,C,D,E,F
#
loop_
_chem_comp.id
_chem_comp.type
_chem_comp.name
_chem_comp.formula
MG non-polymer 'MAGNESIUM ION' 'Mg 2'
#
# COMPACT_ATOMS: atom_id res chain seq x y z
N ALA A 1 14.21 -2.79 -12.19
CA ALA A 1 13.91 -4.18 -12.49
C ALA A 1 14.63 -4.64 -13.76
N LYS A 2 14.37 -5.87 -14.19
CA LYS A 2 15.01 -6.38 -15.39
C LYS A 2 14.36 -5.80 -16.65
N MSE A 3 15.14 -5.71 -17.71
CA MSE A 3 14.60 -5.34 -19.01
C MSE A 3 13.68 -6.43 -19.51
O MSE A 3 13.67 -7.55 -18.99
CB MSE A 3 15.71 -5.10 -20.02
CG MSE A 3 16.57 -3.89 -19.76
SE MSE A 3 18.17 -4.03 -20.82
CE MSE A 3 17.79 -2.68 -22.15
N GLN A 4 12.91 -6.11 -20.55
CA GLN A 4 11.96 -7.05 -21.12
C GLN A 4 12.73 -8.03 -22.01
N ARG A 5 12.84 -9.28 -21.56
CA ARG A 5 13.61 -10.29 -22.28
C ARG A 5 12.72 -10.95 -23.33
N SER A 6 13.15 -10.90 -24.58
CA SER A 6 12.38 -11.41 -25.71
C SER A 6 13.24 -12.35 -26.55
N ILE A 7 12.57 -13.08 -27.44
CA ILE A 7 13.25 -13.91 -28.44
C ILE A 7 12.34 -13.98 -29.67
N ALA A 8 12.96 -13.87 -30.85
CA ALA A 8 12.20 -13.96 -32.09
C ALA A 8 11.80 -15.41 -32.37
N THR A 9 10.57 -15.59 -32.89
CA THR A 9 10.09 -16.94 -33.16
C THR A 9 10.93 -17.64 -34.22
N VAL A 10 11.58 -16.86 -35.10
CA VAL A 10 12.45 -17.45 -36.12
C VAL A 10 13.64 -18.15 -35.50
N SER A 11 13.93 -17.89 -34.22
CA SER A 11 15.03 -18.52 -33.51
C SER A 11 14.73 -19.95 -33.09
N LEU A 12 13.50 -20.42 -33.24
CA LEU A 12 13.09 -21.75 -32.81
C LEU A 12 12.46 -22.48 -33.98
N SER A 13 12.31 -23.79 -33.82
CA SER A 13 11.55 -24.62 -34.74
C SER A 13 10.27 -25.08 -34.07
N GLY A 14 9.34 -25.55 -34.89
CA GLY A 14 8.06 -26.06 -34.41
C GLY A 14 6.91 -25.19 -34.87
N THR A 15 5.71 -25.60 -34.46
CA THR A 15 4.53 -24.79 -34.70
C THR A 15 4.56 -23.54 -33.84
N LEU A 16 3.81 -22.52 -34.28
CA LEU A 16 3.72 -21.30 -33.50
C LEU A 16 3.23 -21.52 -32.07
N PRO A 17 2.19 -22.34 -31.81
CA PRO A 17 1.84 -22.61 -30.41
C PRO A 17 2.96 -23.25 -29.62
N GLU A 18 3.70 -24.19 -30.23
CA GLU A 18 4.81 -24.81 -29.52
C GLU A 18 5.91 -23.79 -29.21
N LYS A 19 6.20 -22.89 -30.15
CA LYS A 19 7.20 -21.86 -29.91
C LYS A 19 6.79 -20.94 -28.77
N LEU A 20 5.54 -20.48 -28.79
CA LEU A 20 5.09 -19.54 -27.77
C LEU A 20 5.07 -20.19 -26.39
N GLU A 21 4.68 -21.46 -26.32
CA GLU A 21 4.70 -22.15 -25.04
C GLU A 21 6.12 -22.35 -24.53
N ALA A 22 7.04 -22.69 -25.44
CA ALA A 22 8.44 -22.85 -25.03
C ALA A 22 9.03 -21.52 -24.55
N ILE A 23 8.71 -20.44 -25.25
CA ILE A 23 9.21 -19.11 -24.88
C ILE A 23 8.70 -18.73 -23.49
N ALA A 24 7.42 -18.96 -23.23
CA ALA A 24 6.86 -18.65 -21.92
C ALA A 24 7.46 -19.54 -20.84
N ALA A 25 7.55 -20.85 -21.11
CA ALA A 25 8.08 -21.78 -20.13
C ALA A 25 9.55 -21.49 -19.82
N ALA A 26 10.30 -20.95 -20.77
CA ALA A 26 11.71 -20.65 -20.54
C ALA A 26 11.92 -19.41 -19.67
N GLY A 27 10.88 -18.62 -19.43
CA GLY A 27 10.98 -17.44 -18.60
C GLY A 27 11.14 -16.13 -19.35
N PHE A 28 10.91 -16.11 -20.65
CA PHE A 28 10.95 -14.85 -21.40
C PHE A 28 9.76 -13.97 -21.04
N ASP A 29 9.95 -12.66 -21.22
CA ASP A 29 8.86 -11.71 -21.05
C ASP A 29 8.14 -11.42 -22.35
N GLY A 30 8.83 -11.47 -23.49
CA GLY A 30 8.28 -11.06 -24.76
C GLY A 30 8.72 -11.97 -25.89
N VAL A 31 8.16 -11.70 -27.07
CA VAL A 31 8.46 -12.48 -28.26
C VAL A 31 8.32 -11.57 -29.48
N GLU A 32 9.24 -11.70 -30.43
CA GLU A 32 9.09 -11.09 -31.75
C GLU A 32 8.35 -12.08 -32.64
N ILE A 33 7.23 -11.65 -33.19
CA ILE A 33 6.46 -12.48 -34.12
C ILE A 33 7.07 -12.33 -35.50
N PHE A 34 7.72 -13.40 -35.99
CA PHE A 34 8.21 -13.45 -37.35
C PHE A 34 7.04 -13.74 -38.28
N GLU A 35 6.86 -12.91 -39.31
CA GLU A 35 5.63 -12.95 -40.10
C GLU A 35 5.41 -14.32 -40.74
N ASN A 36 6.49 -14.97 -41.19
CA ASN A 36 6.34 -16.27 -41.83
C ASN A 36 5.70 -17.29 -40.90
N ASP A 37 5.93 -17.17 -39.59
CA ASP A 37 5.31 -18.09 -38.64
C ASP A 37 3.80 -17.90 -38.61
N LEU A 38 3.32 -16.66 -38.75
CA LEU A 38 1.89 -16.42 -38.85
C LEU A 38 1.31 -17.08 -40.10
N LEU A 39 2.06 -17.06 -41.20
CA LEU A 39 1.57 -17.57 -42.46
C LEU A 39 1.26 -19.06 -42.38
N TYR A 40 2.06 -19.81 -41.61
CA TYR A 40 1.88 -21.23 -41.45
C TYR A 40 0.97 -21.61 -40.29
N TYR A 41 0.57 -20.64 -39.46
CA TYR A 41 -0.30 -20.91 -38.33
C TYR A 41 -1.76 -20.86 -38.79
N ALA A 42 -2.51 -21.93 -38.51
CA ALA A 42 -3.86 -22.06 -39.03
C ALA A 42 -4.84 -21.11 -38.35
N GLY A 43 -4.53 -20.64 -37.14
CA GLY A 43 -5.41 -19.75 -36.42
C GLY A 43 -5.27 -18.30 -36.88
N SER A 44 -5.97 -17.42 -36.17
CA SER A 44 -6.05 -16.01 -36.49
C SER A 44 -5.02 -15.21 -35.72
N PRO A 45 -4.68 -14.01 -36.20
CA PRO A 45 -3.78 -13.13 -35.43
C PRO A 45 -4.25 -12.83 -34.02
N ARG A 46 -5.56 -12.70 -33.81
CA ARG A 46 -6.05 -12.43 -32.47
C ARG A 46 -5.93 -13.67 -31.59
N GLN A 47 -6.08 -14.87 -32.19
CA GLN A 47 -5.79 -16.09 -31.43
C GLN A 47 -4.33 -16.13 -31.00
N VAL A 48 -3.43 -15.60 -31.82
CA VAL A 48 -2.03 -15.45 -31.40
C VAL A 48 -1.93 -14.49 -30.23
N ARG A 49 -2.66 -13.37 -30.31
CA ARG A 49 -2.70 -12.43 -29.19
C ARG A 49 -3.25 -13.09 -27.94
N GLN A 50 -4.28 -13.92 -28.09
CA GLN A 50 -4.87 -14.59 -26.92
C GLN A 50 -3.91 -15.61 -26.31
N MSE A 51 -3.19 -16.35 -27.15
CA MSE A 51 -2.20 -17.31 -26.65
C MSE A 51 -1.15 -16.62 -25.80
O MSE A 51 -0.83 -17.08 -24.71
CB MSE A 51 -1.52 -18.06 -27.81
CG MSE A 51 -2.44 -18.91 -28.66
SE MSE A 51 -1.48 -20.21 -29.74
CE MSE A 51 -1.80 -21.77 -28.63
N CYS A 52 -0.62 -15.51 -26.31
CA CYS A 52 0.43 -14.78 -25.59
C CYS A 52 -0.10 -14.20 -24.28
N ALA A 53 -1.34 -13.70 -24.29
CA ALA A 53 -1.94 -13.22 -23.06
C ALA A 53 -2.14 -14.35 -22.05
N ASP A 54 -2.60 -15.51 -22.52
CA ASP A 54 -2.76 -16.66 -21.63
C ASP A 54 -1.42 -17.12 -21.06
N LEU A 55 -0.36 -17.04 -21.86
CA LEU A 55 0.96 -17.49 -21.43
C LEU A 55 1.72 -16.43 -20.63
N GLY A 56 1.24 -15.20 -20.57
CA GLY A 56 1.91 -14.17 -19.82
C GLY A 56 3.11 -13.54 -20.51
N ILE A 57 3.16 -13.57 -21.83
CA ILE A 57 4.24 -12.95 -22.58
C ILE A 57 3.63 -11.88 -23.49
N ALA A 58 4.39 -10.81 -23.70
CA ALA A 58 3.98 -9.73 -24.57
C ALA A 58 4.54 -9.94 -25.97
N ILE A 59 3.84 -9.42 -26.97
CA ILE A 59 4.35 -9.38 -28.33
C ILE A 59 5.08 -8.04 -28.47
N THR A 60 6.40 -8.09 -28.36
CA THR A 60 7.21 -6.88 -28.28
C THR A 60 7.64 -6.34 -29.64
N LEU A 61 7.43 -7.10 -30.70
CA LEU A 61 7.87 -6.67 -32.03
C LEU A 61 7.20 -7.53 -33.09
N PHE A 62 6.86 -6.89 -34.21
CA PHE A 62 6.45 -7.58 -35.41
C PHE A 62 7.50 -7.35 -36.49
N GLN A 63 7.86 -8.42 -37.20
CA GLN A 63 8.95 -8.33 -38.17
C GLN A 63 8.88 -9.48 -39.17
N PRO A 64 9.47 -9.31 -40.37
CA PRO A 64 10.11 -8.08 -40.84
C PRO A 64 9.31 -7.31 -41.88
N PHE A 65 9.72 -6.07 -42.14
CA PHE A 65 9.16 -5.25 -43.21
C PHE A 65 10.30 -4.82 -44.11
N ARG A 66 10.35 -5.36 -45.31
CA ARG A 66 11.51 -5.21 -46.18
C ARG A 66 11.35 -4.14 -47.24
N ASP A 67 12.49 -3.60 -47.67
CA ASP A 67 12.64 -2.72 -48.82
C ASP A 67 11.58 -1.64 -48.92
N PHE A 68 11.66 -0.62 -48.06
CA PHE A 68 10.76 0.52 -48.14
C PHE A 68 11.48 1.77 -48.62
N GLU A 69 12.44 2.28 -47.85
CA GLU A 69 13.04 3.57 -48.15
C GLU A 69 13.89 3.48 -49.42
N GLY A 70 13.74 4.47 -50.28
CA GLY A 70 14.59 4.57 -51.44
C GLY A 70 14.21 3.68 -52.59
N CYS A 71 13.05 3.02 -52.52
CA CYS A 71 12.62 2.28 -53.70
C CYS A 71 12.13 3.28 -54.74
N ARG A 72 11.97 2.78 -55.96
CA ARG A 72 11.60 3.71 -57.01
C ARG A 72 10.19 4.26 -56.75
N ARG A 73 9.93 5.42 -57.34
CA ARG A 73 8.83 6.27 -56.88
C ARG A 73 7.45 5.69 -57.17
N ASP A 74 7.29 4.93 -58.26
CA ASP A 74 5.99 4.37 -58.60
C ASP A 74 5.58 3.18 -57.75
N ARG A 75 6.42 2.78 -56.79
CA ARG A 75 6.07 1.75 -55.83
C ARG A 75 5.94 2.30 -54.42
N LEU A 76 6.04 3.62 -54.25
CA LEU A 76 5.96 4.20 -52.91
C LEU A 76 4.55 4.07 -52.36
N GLN A 77 3.53 4.39 -53.15
CA GLN A 77 2.17 4.24 -52.67
C GLN A 77 1.87 2.78 -52.37
N LYS A 78 2.21 1.89 -53.30
CA LYS A 78 2.02 0.46 -53.06
C LYS A 78 2.74 0.00 -51.79
N ASN A 79 3.94 0.55 -51.54
CA ASN A 79 4.65 0.19 -50.31
C ASN A 79 3.95 0.73 -49.06
N LEU A 80 3.30 1.89 -49.15
CA LEU A 80 2.56 2.40 -48.00
C LEU A 80 1.30 1.57 -47.74
N ASP A 81 0.62 1.13 -48.80
CA ASP A 81 -0.52 0.22 -48.62
C ASP A 81 -0.08 -1.07 -47.95
N ARG A 82 1.11 -1.57 -48.32
CA ARG A 82 1.66 -2.75 -47.65
C ARG A 82 1.93 -2.46 -46.19
N ALA A 83 2.45 -1.27 -45.88
CA ALA A 83 2.65 -0.87 -44.50
C ALA A 83 1.33 -0.81 -43.74
N GLU A 84 0.27 -0.30 -44.40
CA GLU A 84 -1.03 -0.21 -43.75
C GLU A 84 -1.60 -1.59 -43.47
N ARG A 85 -1.38 -2.54 -44.37
CA ARG A 85 -1.83 -3.91 -44.12
C ARG A 85 -1.12 -4.48 -42.89
N LYS A 86 0.17 -4.19 -42.75
CA LYS A 86 0.90 -4.64 -41.57
C LYS A 86 0.40 -3.91 -40.32
N PHE A 87 0.08 -2.62 -40.44
CA PHE A 87 -0.54 -1.89 -39.35
C PHE A 87 -1.81 -2.59 -38.88
N ASP A 88 -2.66 -2.99 -39.82
CA ASP A 88 -3.86 -3.76 -39.49
C ASP A 88 -3.50 -5.03 -38.71
N LEU A 89 -2.46 -5.74 -39.14
CA LEU A 89 -2.07 -6.98 -38.49
C LEU A 89 -1.59 -6.75 -37.07
N MSE A 90 -0.72 -5.77 -36.87
CA MSE A 90 -0.10 -5.54 -35.57
C MSE A 90 -1.13 -5.16 -34.51
O MSE A 90 -1.01 -5.52 -33.34
CB MSE A 90 0.95 -4.46 -35.66
CG MSE A 90 2.04 -4.72 -36.69
SE MSE A 90 3.12 -3.13 -36.89
CE MSE A 90 2.99 -2.80 -38.76
N GLN A 91 -2.15 -4.40 -34.92
CA GLN A 91 -3.22 -4.05 -34.00
C GLN A 91 -4.05 -5.27 -33.62
N GLU A 92 -4.17 -6.23 -34.53
CA GLU A 92 -4.84 -7.48 -34.17
C GLU A 92 -3.94 -8.37 -33.33
N LEU A 93 -2.62 -8.27 -33.51
CA LEU A 93 -1.68 -8.98 -32.65
C LEU A 93 -1.53 -8.32 -31.30
N GLY A 94 -1.84 -7.03 -31.20
CA GLY A 94 -1.67 -6.32 -29.95
C GLY A 94 -0.27 -5.80 -29.71
N THR A 95 0.48 -5.53 -30.78
CA THR A 95 1.83 -4.99 -30.68
C THR A 95 1.88 -3.65 -31.41
N ASP A 96 2.87 -2.83 -31.04
CA ASP A 96 2.95 -1.46 -31.55
C ASP A 96 4.27 -1.16 -32.25
N LEU A 97 5.12 -2.16 -32.48
CA LEU A 97 6.44 -1.93 -33.07
C LEU A 97 6.66 -2.91 -34.21
N VAL A 98 7.13 -2.38 -35.34
CA VAL A 98 7.47 -3.18 -36.51
C VAL A 98 8.89 -2.85 -36.92
N LEU A 99 9.67 -3.88 -37.25
CA LEU A 99 11.04 -3.72 -37.70
C LEU A 99 11.07 -3.51 -39.21
N VAL A 100 11.70 -2.43 -39.64
CA VAL A 100 11.93 -2.14 -41.05
C VAL A 100 13.42 -2.26 -41.29
N CYS A 101 13.83 -3.25 -42.08
CA CYS A 101 15.24 -3.45 -42.38
C CYS A 101 15.61 -2.75 -43.69
N SER A 102 16.85 -2.28 -43.74
CA SER A 102 17.30 -1.41 -44.82
C SER A 102 17.18 -2.10 -46.18
N ASN A 103 16.98 -1.29 -47.21
CA ASN A 103 16.69 -1.79 -48.55
C ASN A 103 17.86 -2.59 -49.10
N VAL A 104 17.54 -3.69 -49.80
CA VAL A 104 18.55 -4.51 -50.45
C VAL A 104 18.40 -4.55 -51.97
N GLN A 105 17.33 -3.97 -52.53
CA GLN A 105 17.15 -4.00 -53.97
C GLN A 105 18.29 -3.27 -54.68
N ALA A 106 18.67 -3.78 -55.85
CA ALA A 106 19.79 -3.20 -56.58
C ALA A 106 19.42 -1.84 -57.18
N ASP A 107 18.16 -1.67 -57.58
CA ASP A 107 17.66 -0.45 -58.20
C ASP A 107 17.08 0.52 -57.19
N ALA A 108 17.45 0.39 -55.91
CA ALA A 108 16.99 1.31 -54.89
C ALA A 108 17.85 2.57 -54.91
N LEU A 109 17.19 3.72 -54.71
CA LEU A 109 17.88 5.00 -54.71
C LEU A 109 18.50 5.28 -53.35
N GLY A 110 19.66 5.93 -53.37
CA GLY A 110 20.41 6.22 -52.15
C GLY A 110 20.51 7.68 -51.78
N ASP A 111 19.77 8.57 -52.45
CA ASP A 111 19.83 9.98 -52.13
C ASP A 111 19.44 10.22 -50.67
N GLU A 112 20.33 10.87 -49.92
CA GLU A 112 20.15 10.98 -48.47
C GLU A 112 18.84 11.66 -48.12
N GLN A 113 18.56 12.83 -48.70
CA GLN A 113 17.35 13.56 -48.36
C GLN A 113 16.10 12.79 -48.76
N LEU A 114 16.17 12.01 -49.84
CA LEU A 114 15.01 11.23 -50.26
C LEU A 114 14.75 10.10 -49.27
N LEU A 115 15.81 9.47 -48.75
CA LEU A 115 15.64 8.44 -47.73
C LEU A 115 15.03 9.02 -46.45
N VAL A 116 15.51 10.20 -46.03
CA VAL A 116 14.94 10.86 -44.87
C VAL A 116 13.46 11.12 -45.09
N ASP A 117 13.10 11.63 -46.26
CA ASP A 117 11.70 11.92 -46.56
C ASP A 117 10.87 10.65 -46.52
N ASP A 118 11.37 9.56 -47.12
CA ASP A 118 10.64 8.30 -47.12
C ASP A 118 10.41 7.80 -45.70
N LEU A 119 11.47 7.79 -44.89
CA LEU A 119 11.35 7.31 -43.51
C LEU A 119 10.46 8.23 -42.68
N ARG A 120 10.54 9.53 -42.93
CA ARG A 120 9.67 10.47 -42.23
C ARG A 120 8.20 10.24 -42.58
N LEU A 121 7.91 10.01 -43.87
CA LEU A 121 6.54 9.73 -44.28
C LEU A 121 6.02 8.45 -43.64
N LEU A 122 6.83 7.40 -43.60
CA LEU A 122 6.41 6.16 -42.97
C LEU A 122 6.20 6.35 -41.47
N GLY A 123 7.07 7.13 -40.82
CA GLY A 123 6.87 7.42 -39.42
C GLY A 123 5.57 8.17 -39.15
N GLU A 124 5.22 9.11 -40.03
CA GLU A 124 3.96 9.83 -39.90
C GLU A 124 2.78 8.88 -40.01
N HIS A 125 2.81 7.95 -40.98
CA HIS A 125 1.74 6.98 -41.11
C HIS A 125 1.63 6.11 -39.87
N ALA A 126 2.76 5.66 -39.34
CA ALA A 126 2.73 4.87 -38.11
C ALA A 126 2.26 5.71 -36.93
N GLY A 127 2.71 6.96 -36.85
CA GLY A 127 2.28 7.84 -35.78
C GLY A 127 0.78 8.07 -35.76
N LYS A 128 0.17 8.20 -36.94
CA LYS A 128 -1.28 8.35 -37.01
C LYS A 128 -2.00 7.19 -36.34
N ARG A 129 -1.50 5.97 -36.54
CA ARG A 129 -2.13 4.78 -36.00
C ARG A 129 -1.71 4.46 -34.58
N GLY A 130 -0.81 5.24 -33.99
CA GLY A 130 -0.34 4.93 -32.66
C GLY A 130 0.66 3.80 -32.61
N LEU A 131 1.44 3.64 -33.67
CA LEU A 131 2.40 2.55 -33.80
C LEU A 131 3.79 3.13 -34.04
N ARG A 132 4.80 2.28 -34.00
CA ARG A 132 6.19 2.73 -34.12
C ARG A 132 6.93 1.94 -35.18
N ILE A 133 7.88 2.63 -35.84
CA ILE A 133 8.74 2.05 -36.84
C ILE A 133 10.14 1.92 -36.24
N GLY A 134 10.68 0.71 -36.27
CA GLY A 134 12.07 0.50 -35.88
C GLY A 134 12.94 0.19 -37.07
N TYR A 135 13.92 1.04 -37.34
CA TYR A 135 14.72 0.97 -38.55
C TYR A 135 16.02 0.23 -38.25
N GLU A 136 16.27 -0.87 -38.97
CA GLU A 136 17.44 -1.72 -38.77
C GLU A 136 18.27 -1.75 -40.04
N ALA A 137 19.58 -1.59 -39.89
CA ALA A 137 20.51 -1.72 -41.01
C ALA A 137 20.92 -3.18 -41.17
N LEU A 138 20.67 -3.74 -42.35
CA LEU A 138 21.25 -5.02 -42.71
C LEU A 138 22.69 -4.82 -43.14
N ALA A 139 23.57 -5.73 -42.72
CA ALA A 139 24.99 -5.63 -43.07
C ALA A 139 25.21 -5.64 -44.58
N TRP A 140 24.24 -6.12 -45.36
CA TRP A 140 24.32 -6.13 -46.81
C TRP A 140 23.36 -5.15 -47.46
N GLY A 141 22.97 -4.11 -46.73
CA GLY A 141 22.09 -3.10 -47.30
C GLY A 141 22.72 -2.40 -48.49
N ARG A 142 21.86 -2.05 -49.46
CA ARG A 142 22.35 -1.45 -50.70
C ARG A 142 22.95 -0.07 -50.44
N HIS A 143 22.29 0.74 -49.63
CA HIS A 143 22.74 2.09 -49.32
C HIS A 143 22.98 2.33 -47.84
N VAL A 144 22.27 1.63 -46.96
CA VAL A 144 22.37 1.79 -45.52
C VAL A 144 22.73 0.43 -44.93
N ASN A 145 23.93 0.32 -44.37
CA ASN A 145 24.37 -0.96 -43.83
C ASN A 145 25.07 -0.80 -42.47
N THR A 146 24.92 0.35 -41.82
CA THR A 146 25.51 0.58 -40.52
C THR A 146 24.50 1.26 -39.61
N TYR A 147 24.69 1.10 -38.29
CA TYR A 147 23.83 1.81 -37.35
C TYR A 147 24.11 3.31 -37.39
N GLN A 148 25.32 3.71 -37.72
CA GLN A 148 25.63 5.13 -37.85
C GLN A 148 24.79 5.78 -38.94
N GLN A 149 24.67 5.13 -40.10
CA GLN A 149 23.80 5.65 -41.15
C GLN A 149 22.33 5.63 -40.72
N VAL A 150 21.93 4.60 -39.98
CA VAL A 150 20.55 4.54 -39.49
C VAL A 150 20.24 5.73 -38.60
N TRP A 151 21.09 5.98 -37.60
CA TRP A 151 20.84 7.08 -36.68
C TRP A 151 20.88 8.43 -37.40
N ASN A 152 21.78 8.58 -38.39
CA ASN A 152 21.82 9.80 -39.17
C ASN A 152 20.48 10.05 -39.87
N LEU A 153 19.90 9.01 -40.47
CA LEU A 153 18.63 9.20 -41.17
C LEU A 153 17.48 9.37 -40.17
N VAL A 154 17.48 8.59 -39.09
CA VAL A 154 16.40 8.69 -38.10
C VAL A 154 16.42 10.06 -37.44
N ARG A 155 17.61 10.57 -37.12
CA ARG A 155 17.73 11.87 -36.48
C ARG A 155 17.18 12.98 -37.39
N GLN A 156 17.57 12.96 -38.67
CA GLN A 156 17.11 14.00 -39.59
C GLN A 156 15.60 13.90 -39.82
N ALA A 157 15.06 12.69 -39.85
CA ALA A 157 13.61 12.54 -40.03
C ALA A 157 12.85 13.14 -38.87
N ASP A 158 13.39 13.00 -37.65
CA ASP A 158 12.93 13.74 -36.47
C ASP A 158 11.43 13.56 -36.23
N HIS A 159 11.05 12.30 -36.04
CA HIS A 159 9.67 11.95 -35.74
C HIS A 159 9.66 10.98 -34.56
N PRO A 160 8.81 11.21 -33.54
CA PRO A 160 8.86 10.36 -32.34
C PRO A 160 8.47 8.92 -32.59
N ALA A 161 7.77 8.61 -33.68
CA ALA A 161 7.35 7.25 -33.97
C ALA A 161 8.38 6.47 -34.79
N LEU A 162 9.54 7.05 -35.09
CA LEU A 162 10.57 6.39 -35.89
C LEU A 162 11.85 6.34 -35.09
N GLY A 163 12.37 5.13 -34.86
CA GLY A 163 13.53 4.95 -34.01
C GLY A 163 14.53 3.99 -34.61
N VAL A 164 15.57 3.71 -33.81
CA VAL A 164 16.69 2.87 -34.23
C VAL A 164 16.51 1.48 -33.62
N ILE A 165 16.77 0.46 -34.42
CA ILE A 165 16.86 -0.92 -33.95
C ILE A 165 18.28 -1.39 -34.18
N LEU A 166 18.89 -1.95 -33.14
CA LEU A 166 20.27 -2.40 -33.16
C LEU A 166 20.32 -3.91 -33.18
N ASP A 167 21.21 -4.46 -34.00
CA ASP A 167 21.39 -5.90 -34.16
C ASP A 167 22.88 -6.19 -34.04
N SER A 168 23.26 -6.96 -33.02
CA SER A 168 24.67 -7.16 -32.73
C SER A 168 25.41 -7.81 -33.89
N PHE A 169 24.75 -8.70 -34.63
CA PHE A 169 25.43 -9.36 -35.74
C PHE A 169 25.71 -8.38 -36.88
N HIS A 170 24.70 -7.58 -37.26
CA HIS A 170 24.87 -6.67 -38.38
C HIS A 170 25.99 -5.66 -38.14
N THR A 171 26.21 -5.28 -36.88
CA THR A 171 27.30 -4.36 -36.56
C THR A 171 28.63 -5.09 -36.45
N LEU A 172 28.67 -6.18 -35.68
CA LEU A 172 29.95 -6.82 -35.38
C LEU A 172 30.47 -7.68 -36.53
N SER A 173 29.60 -8.13 -37.44
CA SER A 173 30.10 -8.85 -38.60
C SER A 173 30.89 -7.93 -39.53
N LEU A 174 30.57 -6.64 -39.54
CA LEU A 174 31.34 -5.64 -40.26
C LEU A 174 32.46 -5.05 -39.42
N LYS A 175 32.72 -5.63 -38.25
CA LYS A 175 33.74 -5.13 -37.31
C LYS A 175 33.49 -3.68 -36.93
N GLY A 176 32.21 -3.29 -36.86
CA GLY A 176 31.87 -1.93 -36.50
C GLY A 176 32.17 -1.62 -35.05
N ASP A 177 32.39 -0.33 -34.77
CA ASP A 177 32.68 0.14 -33.42
C ASP A 177 31.37 0.54 -32.75
N PRO A 178 30.91 -0.18 -31.72
CA PRO A 178 29.63 0.15 -31.09
C PRO A 178 29.64 1.32 -30.12
N SER A 179 30.79 1.95 -29.85
CA SER A 179 30.82 2.97 -28.80
C SER A 179 30.01 4.20 -29.18
N ALA A 180 29.98 4.57 -30.47
CA ALA A 180 29.24 5.77 -30.86
C ALA A 180 27.75 5.62 -30.59
N ILE A 181 27.29 4.43 -30.20
CA ILE A 181 25.91 4.27 -29.74
C ILE A 181 25.67 5.10 -28.49
N ARG A 182 26.73 5.32 -27.69
CA ARG A 182 26.57 6.06 -26.44
C ARG A 182 26.02 7.47 -26.68
N ASP A 183 26.25 8.02 -27.86
CA ASP A 183 25.78 9.35 -28.22
C ASP A 183 24.36 9.35 -28.77
N ILE A 184 23.74 8.18 -28.91
CA ILE A 184 22.35 8.12 -29.36
C ILE A 184 21.45 8.32 -28.15
N PRO A 185 20.46 9.20 -28.22
CA PRO A 185 19.50 9.35 -27.12
C PRO A 185 18.82 8.02 -26.84
N GLY A 186 18.79 7.64 -25.56
CA GLY A 186 18.24 6.34 -25.17
C GLY A 186 16.84 6.11 -25.69
N ASP A 187 16.02 7.15 -25.74
CA ASP A 187 14.62 6.99 -26.14
C ASP A 187 14.44 6.89 -27.64
N LYS A 188 15.49 7.12 -28.43
CA LYS A 188 15.41 6.92 -29.88
C LYS A 188 15.81 5.52 -30.31
N ILE A 189 16.30 4.68 -29.40
CA ILE A 189 16.54 3.27 -29.67
C ILE A 189 15.30 2.50 -29.27
N PHE A 190 14.69 1.81 -30.23
CA PHE A 190 13.41 1.14 -30.00
C PHE A 190 13.56 -0.34 -29.67
N PHE A 191 14.66 -0.98 -30.06
CA PHE A 191 14.77 -2.43 -29.92
C PHE A 191 16.22 -2.85 -30.09
N VAL A 192 16.60 -3.90 -29.37
CA VAL A 192 17.95 -4.44 -29.41
C VAL A 192 17.86 -5.95 -29.60
N GLN A 193 18.48 -6.46 -30.67
CA GLN A 193 18.52 -7.88 -30.94
C GLN A 193 19.94 -8.37 -30.70
N MSE A 194 20.09 -9.37 -29.84
CA MSE A 194 21.40 -9.95 -29.58
C MSE A 194 21.57 -11.23 -30.36
O MSE A 194 20.70 -12.11 -30.34
CB MSE A 194 21.60 -10.20 -28.08
CG MSE A 194 21.52 -8.95 -27.23
SE MSE A 194 22.76 -7.56 -27.79
CE MSE A 194 24.43 -8.54 -27.58
N ALA A 195 22.69 -11.34 -31.08
CA ALA A 195 22.98 -12.53 -31.87
C ALA A 195 24.49 -12.70 -31.91
N ASP A 196 24.96 -13.87 -31.51
CA ASP A 196 26.37 -14.19 -31.57
C ASP A 196 26.67 -14.98 -32.85
N ALA A 197 27.95 -15.13 -33.14
CA ALA A 197 28.39 -15.84 -34.33
C ALA A 197 29.89 -16.09 -34.27
N PRO A 198 30.37 -17.16 -34.90
CA PRO A 198 31.82 -17.27 -35.12
C PRO A 198 32.25 -16.28 -36.17
N ILE A 199 33.48 -15.77 -36.04
CA ILE A 199 34.03 -14.90 -37.07
C ILE A 199 34.54 -15.77 -38.20
N LEU A 200 33.92 -15.61 -39.38
CA LEU A 200 34.23 -16.40 -40.55
C LEU A 200 34.44 -15.45 -41.72
N ALA A 201 35.41 -15.76 -42.56
CA ALA A 201 35.70 -14.94 -43.74
C ALA A 201 34.75 -15.32 -44.87
N MSE A 202 33.48 -14.96 -44.70
CA MSE A 202 32.48 -15.28 -45.70
C MSE A 202 31.46 -14.16 -45.93
O MSE A 202 31.38 -13.21 -45.14
CB MSE A 202 31.75 -16.58 -45.33
CG MSE A 202 30.47 -16.39 -44.54
SE MSE A 202 29.52 -18.07 -44.20
CE MSE A 202 30.99 -19.10 -43.46
N ASP A 203 30.71 -14.29 -47.01
CA ASP A 203 29.63 -13.36 -47.34
C ASP A 203 28.66 -13.20 -46.16
N VAL A 204 28.42 -11.95 -45.77
CA VAL A 204 27.68 -11.68 -44.54
C VAL A 204 26.24 -12.16 -44.63
N LEU A 205 25.66 -12.19 -45.84
CA LEU A 205 24.27 -12.64 -45.97
C LEU A 205 24.15 -14.11 -45.61
N GLU A 206 25.05 -14.94 -46.16
CA GLU A 206 25.07 -16.35 -45.81
C GLU A 206 25.62 -16.58 -44.40
N TRP A 207 26.58 -15.75 -43.99
CA TRP A 207 27.09 -15.81 -42.61
C TRP A 207 25.97 -15.60 -41.61
N SER A 208 25.10 -14.62 -41.86
CA SER A 208 23.98 -14.36 -40.95
C SER A 208 22.92 -15.45 -41.06
N ARG A 209 22.74 -15.99 -42.25
CA ARG A 209 21.67 -16.97 -42.49
C ARG A 209 21.90 -18.26 -41.72
N HIS A 210 23.15 -18.73 -41.64
CA HIS A 210 23.41 -20.07 -41.14
C HIS A 210 24.17 -20.15 -39.82
N PHE A 211 24.89 -19.10 -39.40
CA PHE A 211 25.81 -19.25 -38.27
C PHE A 211 25.48 -18.40 -37.06
N ARG A 212 24.32 -17.74 -37.02
CA ARG A 212 23.94 -17.02 -35.81
C ARG A 212 23.69 -18.01 -34.67
N CYS A 213 24.07 -17.61 -33.47
CA CYS A 213 23.84 -18.42 -32.28
C CYS A 213 23.62 -17.49 -31.10
N PHE A 214 23.35 -18.07 -29.94
CA PHE A 214 23.05 -17.30 -28.75
C PHE A 214 24.32 -16.66 -28.17
N PRO A 215 24.18 -15.51 -27.52
CA PRO A 215 25.35 -14.85 -26.91
C PRO A 215 26.16 -15.80 -26.03
N GLY A 216 27.46 -15.86 -26.30
CA GLY A 216 28.36 -16.75 -25.63
C GLY A 216 28.69 -18.01 -26.39
N GLN A 217 27.88 -18.38 -27.37
CA GLN A 217 28.13 -19.57 -28.18
C GLN A 217 29.00 -19.26 -29.39
N GLY A 218 29.22 -18.00 -29.70
CA GLY A 218 30.05 -17.61 -30.82
C GLY A 218 31.34 -16.95 -30.37
N GLU A 219 31.87 -16.02 -31.19
CA GLU A 219 33.16 -15.42 -30.91
C GLU A 219 33.11 -13.89 -30.89
N MSE A 220 31.92 -13.29 -30.94
CA MSE A 220 31.80 -11.84 -30.96
C MSE A 220 31.75 -11.25 -29.55
O MSE A 220 31.44 -11.94 -28.59
CB MSE A 220 30.56 -11.42 -31.75
CG MSE A 220 30.62 -11.77 -33.22
SE MSE A 220 28.90 -11.43 -34.08
CE MSE A 220 29.51 -11.38 -35.94
N ASP A 221 32.03 -9.94 -29.46
CA ASP A 221 32.08 -9.25 -28.17
C ASP A 221 30.69 -8.72 -27.85
N MSE A 222 29.86 -9.60 -27.29
CA MSE A 222 28.47 -9.29 -26.98
C MSE A 222 28.34 -8.19 -25.93
O MSE A 222 27.59 -7.24 -26.10
CB MSE A 222 27.72 -10.55 -26.52
CG MSE A 222 27.74 -11.70 -27.51
SE MSE A 222 26.49 -11.50 -29.01
CE MSE A 222 27.54 -10.40 -30.21
N ALA A 223 29.10 -8.33 -24.83
CA ALA A 223 29.04 -7.34 -23.77
C ALA A 223 29.52 -5.97 -24.24
N GLY A 224 30.51 -5.94 -25.14
CA GLY A 224 30.98 -4.68 -25.70
C GLY A 224 29.98 -4.01 -26.62
N PHE A 225 28.95 -4.72 -27.06
CA PHE A 225 27.89 -4.15 -27.87
C PHE A 225 26.74 -3.64 -27.00
N LEU A 226 26.40 -4.38 -25.95
CA LEU A 226 25.32 -3.98 -25.07
C LEU A 226 25.72 -2.84 -24.14
N ALA A 227 26.99 -2.77 -23.76
CA ALA A 227 27.44 -1.75 -22.82
C ALA A 227 27.18 -0.32 -23.31
N PRO A 228 27.54 0.07 -24.53
CA PRO A 228 27.19 1.42 -24.99
C PRO A 228 25.70 1.64 -25.08
N ILE A 229 24.93 0.59 -25.38
CA ILE A 229 23.47 0.72 -25.45
C ILE A 229 22.91 1.14 -24.09
N LEU A 230 23.32 0.44 -23.03
CA LEU A 230 22.82 0.77 -21.70
C LEU A 230 23.33 2.11 -21.21
N ALA A 231 24.49 2.57 -21.70
CA ALA A 231 24.99 3.87 -21.32
C ALA A 231 24.08 5.00 -21.76
N THR A 232 23.27 4.79 -22.80
CA THR A 232 22.35 5.81 -23.28
C THR A 232 21.14 5.98 -22.37
N GLY A 233 20.95 5.08 -21.41
CA GLY A 233 19.75 5.06 -20.60
C GLY A 233 18.69 4.11 -21.10
N TYR A 234 18.88 3.54 -22.29
CA TYR A 234 17.94 2.58 -22.85
C TYR A 234 17.69 1.44 -21.87
N ARG A 235 16.41 1.20 -21.57
CA ARG A 235 16.00 0.07 -20.74
C ARG A 235 14.90 -0.72 -21.41
N GLY A 236 14.78 -0.64 -22.73
CA GLY A 236 13.75 -1.32 -23.48
C GLY A 236 14.03 -2.80 -23.61
N PRO A 237 13.34 -3.44 -24.56
CA PRO A 237 13.47 -4.90 -24.70
C PRO A 237 14.87 -5.33 -25.09
N LEU A 238 15.29 -6.46 -24.53
CA LEU A 238 16.54 -7.13 -24.89
C LEU A 238 16.18 -8.48 -25.48
N SER A 239 16.51 -8.69 -26.75
CA SER A 239 15.95 -9.80 -27.52
C SER A 239 17.05 -10.63 -28.16
N LEU A 240 16.61 -11.73 -28.79
CA LEU A 240 17.49 -12.70 -29.43
C LEU A 240 16.97 -12.96 -30.84
N GLU A 241 17.86 -12.94 -31.83
CA GLU A 241 17.48 -13.26 -33.20
C GLU A 241 18.56 -14.13 -33.84
N ILE A 242 18.30 -15.44 -33.89
CA ILE A 242 19.09 -16.39 -34.67
C ILE A 242 18.15 -17.05 -35.66
N PHE A 243 18.71 -17.54 -36.77
CA PHE A 243 17.87 -18.08 -37.84
C PHE A 243 17.92 -19.60 -37.91
N ASN A 244 16.90 -20.23 -37.33
CA ASN A 244 16.58 -21.64 -37.52
C ASN A 244 15.35 -21.72 -38.44
N ASP A 245 15.37 -22.30 -39.64
CA ASP A 245 16.39 -23.04 -40.38
C ASP A 245 15.54 -23.74 -41.41
N GLY A 246 14.54 -24.45 -40.88
CA GLY A 246 13.63 -25.24 -41.67
C GLY A 246 13.89 -26.73 -41.51
N PHE A 247 15.15 -27.13 -41.63
CA PHE A 247 15.50 -28.54 -41.75
C PHE A 247 15.65 -29.18 -40.37
N ARG A 248 14.51 -29.31 -39.70
CA ARG A 248 14.23 -30.09 -38.51
C ARG A 248 15.18 -29.86 -37.34
N ALA A 249 15.22 -30.88 -36.48
CA ALA A 249 15.96 -30.85 -35.22
C ALA A 249 15.61 -29.60 -34.43
N ALA A 250 16.59 -29.04 -33.74
CA ALA A 250 16.44 -27.87 -32.88
C ALA A 250 15.33 -28.11 -31.87
N PRO A 251 15.64 -28.64 -30.70
CA PRO A 251 14.61 -28.87 -29.67
C PRO A 251 14.06 -27.53 -29.20
N THR A 252 12.76 -27.33 -29.43
CA THR A 252 12.16 -26.02 -29.20
C THR A 252 12.35 -25.54 -27.78
N ARG A 253 12.09 -26.42 -26.80
CA ARG A 253 12.12 -25.98 -25.41
C ARG A 253 13.55 -25.87 -24.87
N GLN A 254 14.45 -26.76 -25.28
CA GLN A 254 15.84 -26.61 -24.87
C GLN A 254 16.48 -25.40 -25.52
N ASN A 255 16.13 -25.10 -26.78
CA ASN A 255 16.63 -23.88 -27.42
C ASN A 255 16.14 -22.65 -26.69
N ALA A 256 14.85 -22.63 -26.31
CA ALA A 256 14.32 -21.49 -25.58
C ALA A 256 14.99 -21.33 -24.23
N ALA A 257 15.24 -22.44 -23.54
CA ALA A 257 15.93 -22.38 -22.25
C ALA A 257 17.36 -21.87 -22.41
N ASP A 258 18.06 -22.36 -23.43
CA ASP A 258 19.40 -21.85 -23.71
C ASP A 258 19.37 -20.36 -24.04
N GLY A 259 18.37 -19.93 -24.81
CA GLY A 259 18.26 -18.53 -25.14
C GLY A 259 18.15 -17.64 -23.91
N LEU A 260 17.26 -17.99 -22.99
CA LEU A 260 17.13 -17.22 -21.76
C LEU A 260 18.42 -17.26 -20.96
N ARG A 261 19.03 -18.44 -20.84
CA ARG A 261 20.31 -18.56 -20.15
C ARG A 261 21.36 -17.64 -20.76
N SER A 262 21.39 -17.54 -22.09
CA SER A 262 22.39 -16.68 -22.73
C SER A 262 22.13 -15.20 -22.44
N LEU A 263 20.87 -14.80 -22.29
CA LEU A 263 20.60 -13.41 -21.94
C LEU A 263 21.02 -13.12 -20.51
N LEU A 264 20.76 -14.06 -19.59
CA LEU A 264 21.23 -13.88 -18.22
C LEU A 264 22.74 -13.76 -18.16
N TYR A 265 23.45 -14.62 -18.87
CA TYR A 265 24.91 -14.55 -18.89
C TYR A 265 25.40 -13.27 -19.54
N LEU A 266 24.75 -12.83 -20.63
CA LEU A 266 25.11 -11.57 -21.26
C LEU A 266 24.93 -10.40 -20.30
N GLU A 267 23.85 -10.41 -19.53
CA GLU A 267 23.59 -9.32 -18.58
C GLU A 267 24.69 -9.22 -17.53
N GLU A 268 25.13 -10.37 -16.99
CA GLU A 268 26.19 -10.35 -16.00
C GLU A 268 27.50 -9.84 -16.60
N GLN A 269 27.87 -10.35 -17.78
CA GLN A 269 29.11 -9.91 -18.41
C GLN A 269 29.05 -8.44 -18.80
N THR A 270 27.87 -7.95 -19.19
CA THR A 270 27.74 -6.53 -19.50
C THR A 270 27.83 -5.69 -18.23
N ARG A 271 27.27 -6.19 -17.13
CA ARG A 271 27.40 -5.48 -15.86
C ARG A 271 28.86 -5.34 -15.46
N LEU A 272 29.62 -6.44 -15.55
CA LEU A 272 31.04 -6.38 -15.20
C LEU A 272 31.82 -5.46 -16.13
N ARG A 273 31.47 -5.44 -17.41
CA ARG A 273 32.16 -4.56 -18.34
C ARG A 273 31.95 -3.10 -18.00
N LEU A 274 30.71 -2.71 -17.66
CA LEU A 274 30.44 -1.34 -17.30
C LEU A 274 31.10 -0.97 -15.98
N GLU A 275 31.12 -1.90 -15.02
CA GLU A 275 31.84 -1.68 -13.77
C GLU A 275 33.33 -1.50 -14.02
N GLN A 276 33.89 -2.21 -15.00
CA GLN A 276 35.31 -2.07 -15.31
C GLN A 276 35.60 -0.81 -16.11
N GLU A 277 34.60 -0.23 -16.78
CA GLU A 277 34.76 1.02 -17.50
C GLU A 277 34.27 2.22 -16.70
N ASN A 278 34.09 2.03 -15.39
CA ASN A 278 33.62 3.09 -14.47
C ASN A 278 32.35 3.76 -14.97
N THR A 279 31.40 2.96 -15.46
CA THR A 279 30.06 3.44 -15.80
C THR A 279 29.03 2.44 -15.29
N PRO A 280 28.98 2.20 -13.98
CA PRO A 280 28.07 1.19 -13.46
C PRO A 280 26.61 1.58 -13.68
N ILE A 281 25.74 0.59 -13.54
CA ILE A 281 24.33 0.75 -13.80
C ILE A 281 23.58 0.67 -12.47
N GLU A 282 22.37 1.22 -12.44
CA GLU A 282 21.57 1.13 -11.24
C GLU A 282 21.28 -0.34 -10.93
N PRO A 283 21.30 -0.75 -9.67
CA PRO A 283 21.11 -2.16 -9.33
C PRO A 283 19.73 -2.65 -9.73
N GLY A 284 19.62 -3.97 -9.89
CA GLY A 284 18.36 -4.59 -10.20
C GLY A 284 18.01 -4.66 -11.67
N VAL A 285 18.87 -4.15 -12.55
CA VAL A 285 18.59 -4.19 -13.99
C VAL A 285 19.24 -5.44 -14.59
N LEU A 286 20.55 -5.59 -14.40
CA LEU A 286 21.31 -6.66 -15.02
C LEU A 286 21.44 -7.83 -14.03
N PHE A 287 21.21 -9.04 -14.54
CA PHE A 287 21.35 -10.27 -13.78
C PHE A 287 22.63 -10.25 -12.96
N SER A 288 22.51 -10.55 -11.66
CA SER A 288 23.63 -10.48 -10.73
C SER A 288 23.68 -11.77 -9.91
N PRO A 289 24.13 -12.87 -10.52
CA PRO A 289 24.21 -14.14 -9.80
C PRO A 289 25.45 -14.19 -8.95
N PRO A 290 25.59 -15.20 -8.08
CA PRO A 290 26.85 -15.36 -7.34
C PRO A 290 28.01 -15.59 -8.30
N PRO A 291 29.14 -14.90 -8.10
CA PRO A 291 30.31 -15.20 -8.92
C PRO A 291 30.75 -16.64 -8.75
N ALA A 292 31.39 -17.18 -9.78
CA ALA A 292 31.82 -18.56 -9.75
C ALA A 292 32.90 -18.77 -8.70
N SER A 293 32.87 -19.95 -8.08
CA SER A 293 33.94 -20.35 -7.17
C SER A 293 35.24 -20.54 -7.93
N ALA A 294 36.35 -20.36 -7.22
CA ALA A 294 37.64 -20.73 -7.76
C ALA A 294 37.78 -22.26 -7.76
N TYR A 295 38.58 -22.77 -8.70
CA TYR A 295 38.74 -24.20 -8.88
C TYR A 295 40.19 -24.60 -8.60
N ASP A 296 40.37 -25.85 -8.19
CA ASP A 296 41.68 -26.45 -7.99
C ASP A 296 41.75 -27.81 -8.70
N GLY A 297 41.37 -27.83 -9.97
CA GLY A 297 41.48 -29.04 -10.75
C GLY A 297 40.39 -30.05 -10.43
N VAL A 298 40.64 -31.27 -10.89
CA VAL A 298 39.69 -32.38 -10.74
C VAL A 298 39.98 -33.12 -9.45
N GLU A 299 38.94 -33.32 -8.62
CA GLU A 299 39.10 -34.13 -7.42
C GLU A 299 39.20 -35.61 -7.78
N PHE A 300 38.24 -36.12 -8.57
CA PHE A 300 38.34 -37.48 -9.08
C PHE A 300 37.49 -37.62 -10.33
N LEU A 301 37.83 -38.65 -11.12
CA LEU A 301 37.01 -39.08 -12.24
C LEU A 301 36.27 -40.35 -11.85
N GLU A 302 34.98 -40.40 -12.20
CA GLU A 302 34.14 -41.57 -11.91
C GLU A 302 33.74 -42.21 -13.23
N PHE A 303 34.16 -43.46 -13.41
CA PHE A 303 33.86 -44.23 -14.62
C PHE A 303 32.78 -45.25 -14.34
N ALA A 304 31.84 -45.39 -15.28
CA ALA A 304 30.77 -46.36 -15.19
C ALA A 304 31.20 -47.62 -15.94
N VAL A 305 31.27 -48.73 -15.22
CA VAL A 305 31.78 -49.99 -15.75
C VAL A 305 31.03 -51.13 -15.07
N ASP A 306 31.17 -52.33 -15.63
CA ASP A 306 30.84 -53.55 -14.91
C ASP A 306 32.15 -54.15 -14.41
N GLU A 307 32.05 -55.31 -13.75
CA GLU A 307 33.25 -55.86 -13.10
C GLU A 307 34.24 -56.36 -14.14
N ALA A 308 33.76 -56.91 -15.25
CA ALA A 308 34.66 -57.41 -16.30
C ALA A 308 35.42 -56.26 -16.94
N VAL A 309 34.71 -55.27 -17.49
CA VAL A 309 35.37 -54.16 -18.15
C VAL A 309 36.12 -53.30 -17.14
N GLY A 310 35.62 -53.20 -15.90
CA GLY A 310 36.28 -52.39 -14.91
C GLY A 310 37.66 -52.91 -14.54
N ALA A 311 37.80 -54.23 -14.47
CA ALA A 311 39.11 -54.81 -14.19
C ALA A 311 40.10 -54.54 -15.32
N ARG A 312 39.64 -54.64 -16.56
CA ARG A 312 40.53 -54.34 -17.69
C ARG A 312 40.92 -52.86 -17.71
N LEU A 313 39.98 -51.98 -17.36
CA LEU A 313 40.31 -50.56 -17.27
C LEU A 313 41.27 -50.30 -16.12
N GLY A 314 41.10 -51.01 -15.00
CA GLY A 314 42.06 -50.89 -13.91
C GLY A 314 43.45 -51.33 -14.30
N ASN A 315 43.55 -52.37 -15.13
CA ASN A 315 44.84 -52.82 -15.62
C ASN A 315 45.51 -51.75 -16.48
N TRP A 316 44.76 -51.12 -17.38
CA TRP A 316 45.28 -50.01 -18.17
C TRP A 316 45.87 -48.93 -17.28
N LEU A 317 45.15 -48.57 -16.22
CA LEU A 317 45.61 -47.48 -15.36
C LEU A 317 46.78 -47.92 -14.49
N LYS A 318 46.80 -49.18 -14.04
CA LYS A 318 47.98 -49.69 -13.36
C LYS A 318 49.22 -49.61 -14.25
N ARG A 319 49.12 -50.07 -15.50
CA ARG A 319 50.27 -49.96 -16.40
C ARG A 319 50.71 -48.52 -16.60
N LEU A 320 49.75 -47.58 -16.56
CA LEU A 320 50.05 -46.16 -16.63
C LEU A 320 50.53 -45.59 -15.30
N GLY A 321 50.74 -46.44 -14.29
CA GLY A 321 51.35 -46.01 -13.06
C GLY A 321 50.42 -45.81 -11.88
N PHE A 322 49.13 -46.13 -12.02
CA PHE A 322 48.20 -45.91 -10.93
C PHE A 322 48.29 -47.04 -9.90
N ALA A 323 48.15 -46.67 -8.63
CA ALA A 323 48.13 -47.64 -7.54
C ALA A 323 46.70 -47.90 -7.11
N GLU A 324 46.41 -49.14 -6.77
CA GLU A 324 45.11 -49.52 -6.18
C GLU A 324 45.03 -48.96 -4.77
N ALA A 325 44.37 -47.81 -4.63
CA ALA A 325 44.30 -47.10 -3.37
C ALA A 325 43.28 -47.68 -2.40
N GLY A 326 42.46 -48.63 -2.83
CA GLY A 326 41.50 -49.23 -1.93
C GLY A 326 40.12 -49.45 -2.52
N LYS A 327 39.30 -50.25 -1.84
CA LYS A 327 37.96 -50.60 -2.28
C LYS A 327 36.92 -49.94 -1.39
N HIS A 328 35.75 -49.66 -1.98
CA HIS A 328 34.62 -49.16 -1.23
C HIS A 328 34.23 -50.08 -0.09
N ARG A 329 33.65 -49.50 0.96
CA ARG A 329 33.36 -50.26 2.18
C ARG A 329 32.25 -51.26 1.95
N SER A 330 31.30 -50.93 1.07
CA SER A 330 30.13 -51.77 0.85
C SER A 330 29.80 -52.01 -0.63
N LYS A 331 30.22 -51.13 -1.54
CA LYS A 331 29.86 -51.20 -2.95
C LYS A 331 31.02 -51.73 -3.79
N GLU A 332 30.71 -52.11 -5.02
CA GLU A 332 31.71 -52.59 -5.99
C GLU A 332 32.35 -51.39 -6.69
N VAL A 333 33.16 -50.67 -5.91
CA VAL A 333 33.79 -49.43 -6.36
C VAL A 333 35.27 -49.48 -5.98
N GLN A 334 36.14 -49.29 -6.97
CA GLN A 334 37.59 -49.31 -6.77
C GLN A 334 38.17 -47.92 -6.94
N LEU A 335 39.13 -47.59 -6.07
CA LEU A 335 39.82 -46.32 -6.09
C LEU A 335 41.25 -46.53 -6.55
N LEU A 336 41.69 -45.73 -7.53
CA LEU A 336 43.05 -45.78 -8.05
C LEU A 336 43.68 -44.40 -7.99
N ARG A 337 44.99 -44.35 -7.73
CA ARG A 337 45.66 -43.10 -7.40
C ARG A 337 47.03 -43.02 -8.05
N GLN A 338 47.40 -41.81 -8.46
CA GLN A 338 48.75 -41.50 -8.91
C GLN A 338 48.92 -40.00 -8.84
N GLY A 339 49.90 -39.54 -8.05
CA GLY A 339 50.08 -38.11 -7.85
C GLY A 339 48.84 -37.51 -7.21
N ASP A 340 48.26 -36.50 -7.87
CA ASP A 340 47.00 -35.92 -7.41
C ASP A 340 45.83 -36.34 -8.30
N ILE A 341 45.98 -37.45 -9.04
CA ILE A 341 44.92 -37.99 -9.88
C ILE A 341 44.21 -39.07 -9.10
N ASN A 342 42.90 -38.94 -8.96
CA ASN A 342 42.05 -39.95 -8.34
C ASN A 342 41.07 -40.47 -9.39
N ILE A 343 40.99 -41.78 -9.54
CA ILE A 343 40.12 -42.42 -10.52
C ILE A 343 39.24 -43.43 -9.80
N VAL A 344 37.93 -43.29 -9.96
CA VAL A 344 36.95 -44.15 -9.31
C VAL A 344 36.31 -45.03 -10.38
N LEU A 345 36.44 -46.34 -10.21
CA LEU A 345 35.82 -47.33 -11.10
C LEU A 345 34.55 -47.83 -10.41
N ASN A 346 33.40 -47.40 -10.92
CA ASN A 346 32.10 -47.66 -10.29
C ASN A 346 31.42 -48.82 -11.01
N ALA A 347 31.43 -49.99 -10.37
CA ALA A 347 30.79 -51.19 -10.89
C ALA A 347 29.56 -51.59 -10.07
N GLU A 348 29.07 -50.71 -9.20
CA GLU A 348 27.91 -51.03 -8.38
C GLU A 348 26.66 -51.14 -9.25
N PRO A 349 25.97 -52.28 -9.26
CA PRO A 349 24.77 -52.43 -10.08
C PRO A 349 23.57 -51.77 -9.40
N TYR A 350 22.52 -51.59 -10.21
CA TYR A 350 21.24 -51.07 -9.73
C TYR A 350 21.44 -49.71 -9.05
N SER A 351 21.94 -48.77 -9.85
CA SER A 351 22.40 -47.48 -9.32
C SER A 351 22.49 -46.50 -10.48
N PHE A 352 22.86 -45.27 -10.15
CA PHE A 352 23.13 -44.25 -11.16
C PHE A 352 24.23 -44.71 -12.11
N GLY A 353 25.34 -45.21 -11.57
CA GLY A 353 26.43 -45.66 -12.41
C GLY A 353 26.03 -46.80 -13.32
N HIS A 354 25.27 -47.76 -12.80
CA HIS A 354 24.86 -48.90 -13.61
C HIS A 354 23.95 -48.49 -14.75
N ASN A 355 23.00 -47.58 -14.48
CA ASN A 355 22.18 -47.04 -15.56
C ASN A 355 23.04 -46.39 -16.63
N PHE A 356 24.03 -45.61 -16.21
CA PHE A 356 24.90 -44.94 -17.16
C PHE A 356 25.70 -45.94 -17.99
N PHE A 357 26.17 -47.03 -17.34
CA PHE A 357 26.94 -48.04 -18.05
C PHE A 357 26.09 -48.74 -19.10
N GLU A 358 24.84 -49.08 -18.76
CA GLU A 358 23.97 -49.75 -19.74
C GLU A 358 23.61 -48.81 -20.89
N ALA A 359 23.47 -47.52 -20.63
CA ALA A 359 23.09 -46.58 -21.68
C ALA A 359 24.25 -46.21 -22.59
N HIS A 360 25.47 -46.21 -22.10
CA HIS A 360 26.60 -45.69 -22.86
C HIS A 360 27.79 -46.65 -22.98
N GLY A 361 27.85 -47.73 -22.21
CA GLY A 361 29.02 -48.56 -22.18
C GLY A 361 30.04 -48.02 -21.20
N PRO A 362 31.29 -48.47 -21.32
CA PRO A 362 32.37 -47.92 -20.49
C PRO A 362 32.53 -46.43 -20.78
N SER A 363 32.38 -45.61 -19.73
CA SER A 363 32.27 -44.18 -19.94
C SER A 363 32.51 -43.46 -18.61
N LEU A 364 32.73 -42.15 -18.73
CA LEU A 364 32.84 -41.26 -17.58
C LEU A 364 31.44 -40.81 -17.21
N CYS A 365 30.95 -41.26 -16.05
CA CYS A 365 29.61 -40.90 -15.62
C CYS A 365 29.58 -39.69 -14.70
N ALA A 366 30.73 -39.26 -14.18
CA ALA A 366 30.75 -38.09 -13.30
C ALA A 366 32.18 -37.58 -13.15
N THR A 367 32.28 -36.29 -12.84
CA THR A 367 33.55 -35.63 -12.53
C THR A 367 33.36 -34.81 -11.27
N ALA A 368 34.20 -35.04 -10.27
CA ALA A 368 34.22 -34.22 -9.06
C ALA A 368 35.18 -33.06 -9.24
N LEU A 369 34.70 -31.84 -9.01
CA LEU A 369 35.52 -30.65 -9.13
C LEU A 369 35.98 -30.17 -7.76
N ARG A 370 37.23 -29.74 -7.69
CA ARG A 370 37.76 -29.10 -6.49
C ARG A 370 37.34 -27.64 -6.50
N VAL A 371 36.41 -27.27 -5.63
CA VAL A 371 35.89 -25.92 -5.55
C VAL A 371 36.28 -25.32 -4.20
N LYS A 372 36.67 -24.05 -4.21
CA LYS A 372 36.99 -23.36 -2.96
C LYS A 372 35.72 -23.08 -2.16
N ASP A 373 34.69 -22.57 -2.84
CA ASP A 373 33.42 -22.21 -2.20
C ASP A 373 32.33 -23.09 -2.80
N GLN A 374 31.95 -24.15 -2.06
CA GLN A 374 30.99 -25.11 -2.58
C GLN A 374 29.61 -24.49 -2.76
N GLN A 375 29.16 -23.68 -1.79
CA GLN A 375 27.84 -23.08 -1.89
C GLN A 375 27.78 -22.01 -2.98
N ALA A 376 28.87 -21.29 -3.22
CA ALA A 376 28.88 -20.32 -4.31
C ALA A 376 28.70 -21.00 -5.66
N ALA A 377 29.41 -22.12 -5.88
CA ALA A 377 29.24 -22.86 -7.12
C ALA A 377 27.82 -23.38 -7.26
N LEU A 378 27.26 -23.93 -6.17
CA LEU A 378 25.91 -24.47 -6.21
C LEU A 378 24.88 -23.39 -6.46
N LYS A 379 25.01 -22.24 -5.81
CA LYS A 379 24.02 -21.18 -5.96
C LYS A 379 24.10 -20.55 -7.35
N ARG A 380 25.30 -20.42 -7.90
CA ARG A 380 25.44 -19.88 -9.25
C ARG A 380 24.87 -20.85 -10.28
N ALA A 381 25.15 -22.14 -10.15
CA ALA A 381 24.61 -23.12 -11.09
C ALA A 381 23.09 -23.13 -11.05
N THR A 382 22.50 -23.00 -9.86
CA THR A 382 21.05 -22.90 -9.75
C THR A 382 20.54 -21.60 -10.33
N ALA A 383 21.27 -20.50 -10.12
CA ALA A 383 20.85 -19.21 -10.65
C ALA A 383 20.75 -19.22 -12.17
N PHE A 384 21.63 -19.98 -12.84
CA PHE A 384 21.56 -20.16 -14.27
C PHE A 384 20.67 -21.34 -14.67
N ARG A 385 19.85 -21.82 -13.73
CA ARG A 385 18.80 -22.80 -13.99
C ARG A 385 19.35 -24.15 -14.43
N GLY A 386 20.49 -24.52 -13.86
CA GLY A 386 20.92 -25.89 -13.93
C GLY A 386 20.15 -26.73 -12.94
N GLN A 387 20.25 -28.05 -13.08
CA GLN A 387 19.54 -28.93 -12.18
C GLN A 387 20.48 -29.41 -11.08
N PRO A 388 20.33 -28.95 -9.84
CA PRO A 388 21.17 -29.42 -8.75
C PRO A 388 20.57 -30.63 -8.05
N PHE A 389 21.45 -31.39 -7.41
CA PHE A 389 21.05 -32.49 -6.53
C PHE A 389 21.79 -32.37 -5.22
N ARG A 390 21.05 -32.27 -4.11
CA ARG A 390 21.66 -32.45 -2.81
C ARG A 390 22.23 -33.87 -2.73
N GLY A 391 23.14 -34.08 -1.77
CA GLY A 391 23.74 -35.39 -1.66
C GLY A 391 22.73 -36.45 -1.26
N LEU A 392 23.07 -37.69 -1.61
CA LEU A 392 22.18 -38.84 -1.44
C LEU A 392 20.76 -38.57 -1.94
N VAL A 393 20.62 -37.72 -2.95
CA VAL A 393 19.34 -37.45 -3.59
C VAL A 393 19.44 -37.79 -5.07
N GLY A 394 18.42 -38.46 -5.59
CA GLY A 394 18.36 -38.81 -7.00
C GLY A 394 19.55 -39.63 -7.46
N PRO A 395 20.16 -39.22 -8.57
CA PRO A 395 21.34 -39.95 -9.07
C PRO A 395 22.62 -39.66 -8.31
N ASN A 396 22.61 -38.69 -7.39
CA ASN A 396 23.80 -38.29 -6.66
C ASN A 396 23.98 -39.19 -5.44
N GLU A 397 24.94 -40.11 -5.50
CA GLU A 397 25.22 -41.00 -4.39
C GLU A 397 26.40 -40.55 -3.53
N CYS A 398 26.93 -39.37 -3.79
CA CYS A 398 27.92 -38.75 -2.91
C CYS A 398 27.21 -37.80 -1.94
N GLU A 399 27.95 -37.32 -0.95
CA GLU A 399 27.35 -36.44 0.05
C GLU A 399 27.56 -34.96 -0.21
N VAL A 400 28.36 -34.59 -1.20
CA VAL A 400 28.47 -33.19 -1.61
C VAL A 400 27.40 -32.92 -2.66
N PRO A 401 27.06 -31.65 -2.93
CA PRO A 401 26.07 -31.38 -3.98
C PRO A 401 26.62 -31.71 -5.36
N ALA A 402 25.70 -31.95 -6.29
CA ALA A 402 26.03 -32.28 -7.67
C ALA A 402 25.19 -31.43 -8.61
N VAL A 403 25.78 -31.12 -9.77
CA VAL A 403 25.09 -30.42 -10.83
C VAL A 403 25.01 -31.34 -12.04
N ARG A 404 23.83 -31.42 -12.65
CA ARG A 404 23.61 -32.29 -13.79
C ARG A 404 24.20 -31.69 -15.06
N ALA A 405 25.02 -32.46 -15.76
CA ALA A 405 25.53 -32.07 -17.05
C ALA A 405 24.49 -32.39 -18.13
N PRO A 406 24.59 -31.75 -19.30
CA PRO A 406 23.53 -31.92 -20.31
C PRO A 406 23.25 -33.36 -20.71
N ASP A 407 24.25 -34.25 -20.66
CA ASP A 407 24.06 -35.64 -21.05
C ASP A 407 23.54 -36.52 -19.91
N GLY A 408 23.39 -35.97 -18.70
CA GLY A 408 22.98 -36.75 -17.56
C GLY A 408 24.11 -37.08 -16.61
N SER A 409 25.36 -36.90 -17.03
CA SER A 409 26.49 -37.11 -16.14
C SER A 409 26.49 -36.03 -15.06
N LEU A 410 27.21 -36.31 -13.98
CA LEU A 410 27.16 -35.46 -12.80
C LEU A 410 28.47 -34.71 -12.61
N LEU A 411 28.39 -33.55 -11.98
CA LEU A 411 29.54 -32.76 -11.59
C LEU A 411 29.45 -32.55 -10.09
N TYR A 412 30.33 -33.21 -9.33
CA TYR A 412 30.34 -33.05 -7.89
C TYR A 412 31.15 -31.82 -7.49
N LEU A 413 30.62 -31.06 -6.53
CA LEU A 413 31.26 -29.85 -6.03
C LEU A 413 31.91 -30.20 -4.70
N VAL A 414 33.21 -30.52 -4.75
CA VAL A 414 33.94 -30.99 -3.58
C VAL A 414 34.74 -29.83 -3.01
N GLU A 415 34.49 -29.51 -1.75
CA GLU A 415 35.29 -28.51 -1.04
C GLU A 415 36.40 -29.23 -0.29
N GLN A 416 37.62 -28.71 -0.42
CA GLN A 416 38.82 -29.37 0.11
C GLN A 416 38.65 -29.69 1.59
N GLY A 417 39.00 -30.93 1.96
CA GLY A 417 38.90 -31.36 3.34
C GLY A 417 39.30 -32.81 3.53
N THR A 422 39.26 -36.18 3.14
CA THR A 422 38.35 -36.94 3.99
C THR A 422 37.32 -37.69 3.13
N LEU A 423 37.13 -37.21 1.90
CA LEU A 423 36.12 -37.79 1.03
C LEU A 423 36.29 -39.29 0.82
N TYR A 424 37.52 -39.73 0.59
CA TYR A 424 37.80 -41.15 0.45
C TYR A 424 38.08 -41.84 1.78
N ASP A 425 38.33 -41.07 2.84
CA ASP A 425 38.45 -41.64 4.16
C ASP A 425 37.14 -42.09 4.78
N THR A 426 36.01 -41.91 4.12
CA THR A 426 34.69 -42.28 4.63
C THR A 426 34.03 -43.43 3.86
N ASP A 427 34.13 -43.49 2.52
CA ASP A 427 33.46 -44.54 1.79
C ASP A 427 34.39 -45.63 1.27
N PHE A 428 35.70 -45.42 1.34
CA PHE A 428 36.68 -46.40 0.90
C PHE A 428 37.47 -46.94 2.09
N SER A 429 38.16 -48.05 1.84
CA SER A 429 39.01 -48.69 2.82
C SER A 429 40.41 -48.54 2.25
N LEU A 430 41.04 -47.41 2.56
CA LEU A 430 42.25 -46.98 1.88
C LEU A 430 43.45 -47.83 2.26
N ASP A 431 44.19 -48.24 1.24
CA ASP A 431 45.46 -48.93 1.42
C ASP A 431 46.53 -47.86 1.59
N ASN A 432 47.00 -47.70 2.83
CA ASN A 432 48.03 -46.72 3.14
C ASN A 432 49.32 -47.00 2.40
N ASN A 433 49.50 -48.21 1.89
CA ASN A 433 50.78 -48.63 1.32
C ASN A 433 50.84 -48.46 -0.19
N ALA A 434 49.72 -48.05 -0.82
CA ALA A 434 49.55 -47.84 -2.26
C ALA A 434 50.84 -47.54 -3.01
N THR A 435 51.22 -46.26 -3.03
CA THR A 435 52.29 -45.70 -3.85
C THR A 435 52.14 -46.02 -5.34
N ALA A 436 52.07 -44.98 -6.15
CA ALA A 436 51.99 -45.13 -7.59
C ALA A 436 53.34 -45.58 -8.16
N THR A 437 53.31 -46.09 -9.39
CA THR A 437 54.55 -46.46 -10.04
C THR A 437 54.97 -45.44 -11.09
N GLY A 438 54.10 -44.47 -11.38
CA GLY A 438 54.44 -43.26 -12.10
C GLY A 438 54.87 -42.20 -11.09
N GLY A 439 55.17 -40.98 -11.54
CA GLY A 439 55.07 -40.63 -12.94
C GLY A 439 54.12 -39.48 -13.23
N LEU A 440 52.87 -39.83 -13.48
CA LEU A 440 51.86 -38.84 -13.79
C LEU A 440 51.51 -38.04 -12.53
N ARG A 441 51.35 -36.73 -12.71
CA ARG A 441 51.11 -35.84 -11.60
C ARG A 441 49.74 -35.20 -11.50
N ARG A 442 49.13 -34.71 -12.56
CA ARG A 442 47.77 -34.21 -12.43
C ARG A 442 47.05 -34.35 -13.75
N ILE A 443 45.71 -34.28 -13.70
CA ILE A 443 44.92 -34.20 -14.91
C ILE A 443 45.09 -32.82 -15.52
N ASP A 444 45.63 -32.78 -16.74
CA ASP A 444 45.85 -31.49 -17.40
C ASP A 444 44.61 -31.01 -18.14
N HIS A 445 43.96 -31.90 -18.89
CA HIS A 445 42.72 -31.53 -19.57
C HIS A 445 41.93 -32.78 -19.89
N MSE A 446 40.69 -32.57 -20.30
CA MSE A 446 39.78 -33.64 -20.69
C MSE A 446 38.97 -33.21 -21.89
O MSE A 446 38.19 -32.25 -21.81
CB MSE A 446 38.85 -34.02 -19.56
CG MSE A 446 39.42 -34.98 -18.55
SE MSE A 446 38.00 -36.16 -18.00
CE MSE A 446 36.54 -34.86 -18.00
N ALA A 447 39.13 -33.89 -23.01
CA ALA A 447 38.37 -33.59 -24.21
C ALA A 447 37.09 -34.42 -24.23
N LEU A 448 36.00 -33.79 -24.67
CA LEU A 448 34.73 -34.46 -24.87
C LEU A 448 34.41 -34.53 -26.36
N ALA A 449 33.83 -35.64 -26.78
CA ALA A 449 33.30 -35.79 -28.13
C ALA A 449 31.78 -35.64 -28.02
N LEU A 450 31.25 -34.58 -28.64
CA LEU A 450 29.86 -34.21 -28.50
C LEU A 450 29.19 -34.14 -29.86
N PRO A 451 27.87 -34.37 -29.92
CA PRO A 451 27.16 -34.18 -31.20
C PRO A 451 27.26 -32.74 -31.67
N ALA A 452 27.38 -32.57 -32.98
CA ALA A 452 27.57 -31.24 -33.56
C ALA A 452 26.44 -30.31 -33.15
N GLU A 453 25.20 -30.82 -33.07
CA GLU A 453 24.04 -30.00 -32.77
C GLU A 453 23.90 -29.66 -31.30
N SER A 454 24.68 -30.29 -30.42
CA SER A 454 24.59 -30.06 -28.99
C SER A 454 25.77 -29.30 -28.43
N LEU A 455 26.79 -29.02 -29.24
CA LEU A 455 28.04 -28.48 -28.69
C LEU A 455 27.86 -27.03 -28.22
N ASP A 456 27.10 -26.23 -28.98
CA ASP A 456 26.86 -24.86 -28.57
C ASP A 456 26.15 -24.80 -27.22
N SER A 457 25.24 -25.74 -26.97
CA SER A 457 24.56 -25.79 -25.67
C SER A 457 25.55 -26.13 -24.56
N TRP A 458 26.47 -27.06 -24.81
CA TRP A 458 27.50 -27.38 -23.83
C TRP A 458 28.41 -26.18 -23.56
N VAL A 459 28.77 -25.44 -24.61
CA VAL A 459 29.63 -24.27 -24.45
C VAL A 459 28.96 -23.25 -23.53
N LEU A 460 27.69 -22.95 -23.79
CA LEU A 460 26.97 -22.01 -22.94
C LEU A 460 26.82 -22.55 -21.52
N PHE A 461 26.64 -23.87 -21.39
CA PHE A 461 26.50 -24.48 -20.08
C PHE A 461 27.73 -24.22 -19.20
N TYR A 462 28.93 -24.46 -19.73
CA TYR A 462 30.14 -24.28 -18.93
C TYR A 462 30.51 -22.81 -18.79
N LYS A 463 30.28 -22.01 -19.84
CA LYS A 463 30.61 -20.59 -19.77
C LYS A 463 29.77 -19.88 -18.70
N SER A 464 28.49 -20.23 -18.60
CA SER A 464 27.60 -19.50 -17.72
C SER A 464 27.58 -20.07 -16.30
N LEU A 465 27.33 -21.37 -16.16
CA LEU A 465 27.20 -21.95 -14.81
C LEU A 465 28.52 -21.91 -14.05
N PHE A 466 29.64 -22.13 -14.75
CA PHE A 466 30.93 -22.29 -14.09
C PHE A 466 31.95 -21.24 -14.51
N ASP A 467 31.55 -20.25 -15.31
CA ASP A 467 32.40 -19.14 -15.72
C ASP A 467 33.69 -19.61 -16.39
N PHE A 468 33.56 -20.62 -17.24
CA PHE A 468 34.68 -20.98 -18.09
C PHE A 468 34.82 -19.95 -19.21
N ALA A 469 35.99 -19.94 -19.85
CA ALA A 469 36.27 -19.00 -20.92
C ALA A 469 36.69 -19.75 -22.18
N ALA A 470 36.55 -19.07 -23.32
CA ALA A 470 36.98 -19.66 -24.58
C ALA A 470 38.49 -19.86 -24.58
N ASP A 471 38.93 -20.95 -25.21
CA ASP A 471 40.34 -21.30 -25.21
C ASP A 471 40.67 -22.07 -26.49
N ASP A 472 40.35 -21.48 -27.63
CA ASP A 472 40.46 -22.19 -28.90
C ASP A 472 41.86 -22.05 -29.50
N GLU A 473 42.13 -22.91 -30.48
CA GLU A 473 43.43 -23.01 -31.13
C GLU A 473 43.20 -23.03 -32.63
N VAL A 474 43.97 -22.22 -33.35
CA VAL A 474 43.90 -22.15 -34.81
C VAL A 474 45.19 -22.71 -35.38
N VAL A 475 45.09 -23.81 -36.13
CA VAL A 475 46.23 -24.41 -36.80
C VAL A 475 46.12 -24.17 -38.30
N LEU A 476 47.05 -24.74 -39.06
CA LEU A 476 47.02 -24.70 -40.52
C LEU A 476 47.14 -26.14 -41.02
N PRO A 477 46.22 -26.60 -41.86
CA PRO A 477 46.21 -28.00 -42.33
C PRO A 477 47.06 -28.20 -43.58
N GLY A 481 42.29 -29.87 -44.01
CA GLY A 481 41.17 -30.25 -43.18
C GLY A 481 40.96 -29.38 -41.96
N LEU A 482 41.18 -29.97 -40.78
CA LEU A 482 40.88 -29.30 -39.52
C LEU A 482 41.68 -28.00 -39.39
N VAL A 483 40.99 -26.92 -39.04
CA VAL A 483 41.67 -25.64 -38.86
C VAL A 483 41.47 -25.15 -37.43
N LYS A 484 40.21 -25.04 -37.00
CA LYS A 484 39.88 -24.48 -35.69
C LYS A 484 39.38 -25.59 -34.77
N SER A 485 40.01 -25.70 -33.60
CA SER A 485 39.65 -26.66 -32.57
C SER A 485 39.14 -25.91 -31.33
N ARG A 486 37.93 -26.26 -30.90
CA ARG A 486 37.26 -25.54 -29.82
C ARG A 486 37.68 -26.09 -28.46
N ALA A 487 37.76 -25.19 -27.47
CA ALA A 487 38.11 -25.60 -26.12
C ALA A 487 37.61 -24.56 -25.13
N LEU A 488 37.33 -25.02 -23.91
CA LEU A 488 36.97 -24.17 -22.78
C LEU A 488 38.00 -24.32 -21.67
N ARG A 489 38.00 -23.35 -20.76
CA ARG A 489 39.05 -23.28 -19.76
C ARG A 489 38.55 -22.48 -18.56
N SER A 490 38.80 -22.99 -17.36
CA SER A 490 38.54 -22.20 -16.17
C SER A 490 39.43 -20.96 -16.16
N GLN A 491 39.01 -19.95 -15.38
CA GLN A 491 39.69 -18.66 -15.40
C GLN A 491 41.17 -18.79 -15.09
N CYS A 492 41.53 -19.66 -14.15
CA CYS A 492 42.93 -19.85 -13.79
C CYS A 492 43.56 -21.06 -14.45
N GLY A 493 42.84 -21.78 -15.31
CA GLY A 493 43.42 -22.84 -16.09
C GLY A 493 43.49 -24.20 -15.42
N THR A 494 43.01 -24.33 -14.18
CA THR A 494 43.10 -25.61 -13.50
C THR A 494 42.12 -26.63 -14.08
N LEU A 495 41.12 -26.19 -14.83
CA LEU A 495 40.19 -27.07 -15.52
C LEU A 495 40.20 -26.70 -17.00
N ARG A 496 40.42 -27.68 -17.86
CA ARG A 496 40.53 -27.43 -19.30
C ARG A 496 39.71 -28.49 -20.02
N LEU A 497 38.92 -28.05 -21.00
CA LEU A 497 37.92 -28.91 -21.62
C LEU A 497 37.89 -28.68 -23.13
N PRO A 498 38.73 -29.40 -23.88
CA PRO A 498 38.59 -29.38 -25.34
C PRO A 498 37.29 -30.06 -25.76
N LEU A 499 36.71 -29.58 -26.86
CA LEU A 499 35.44 -30.07 -27.35
C LEU A 499 35.58 -30.50 -28.79
N ASN A 500 35.32 -31.77 -29.07
CA ASN A 500 35.38 -32.33 -30.41
C ASN A 500 33.97 -32.73 -30.85
N ILE A 501 33.84 -32.93 -32.17
CA ILE A 501 32.56 -33.33 -32.76
C ILE A 501 32.62 -34.83 -33.03
N SER A 502 31.74 -35.57 -32.35
CA SER A 502 31.61 -37.00 -32.59
C SER A 502 30.88 -37.26 -33.90
N GLU A 503 31.03 -38.48 -34.41
CA GLU A 503 30.35 -38.84 -35.64
C GLU A 503 28.88 -39.13 -35.37
N ASN A 504 28.01 -38.63 -36.25
CA ASN A 504 26.60 -38.97 -36.14
C ASN A 504 26.40 -40.43 -36.53
N ARG A 505 25.33 -41.03 -36.02
CA ARG A 505 25.11 -42.45 -36.26
C ARG A 505 24.83 -42.73 -37.73
N ASN A 506 24.14 -41.80 -38.40
CA ASN A 506 23.73 -42.02 -39.78
C ASN A 506 24.92 -42.06 -40.74
N THR A 507 26.10 -41.56 -40.33
CA THR A 507 27.29 -41.73 -41.15
C THR A 507 27.90 -43.12 -40.98
N ALA A 508 27.85 -43.67 -39.77
CA ALA A 508 28.23 -45.07 -39.59
C ALA A 508 27.30 -45.97 -40.36
N ILE A 509 26.04 -45.55 -40.52
CA ILE A 509 25.10 -46.28 -41.36
C ILE A 509 25.49 -46.09 -42.83
N ALA A 510 25.76 -44.85 -43.24
CA ALA A 510 26.03 -44.56 -44.65
C ALA A 510 27.21 -45.35 -45.18
N HIS A 511 28.20 -45.61 -44.33
CA HIS A 511 29.32 -46.47 -44.69
C HIS A 511 28.92 -47.91 -44.40
N ALA A 512 29.90 -48.73 -44.00
CA ALA A 512 29.65 -50.09 -43.58
C ALA A 512 30.26 -50.32 -42.23
N LEU A 513 30.19 -49.32 -41.36
CA LEU A 513 30.90 -49.44 -40.10
C LEU A 513 30.25 -50.47 -39.18
N SER A 514 31.09 -51.09 -38.37
CA SER A 514 30.69 -52.06 -37.38
C SER A 514 31.06 -51.68 -35.96
N SER A 515 31.96 -50.72 -35.78
CA SER A 515 32.31 -50.15 -34.48
C SER A 515 31.98 -48.65 -34.41
N TYR A 516 30.74 -48.33 -34.05
CA TYR A 516 30.34 -46.95 -33.80
C TYR A 516 30.07 -46.80 -32.31
N ARG A 517 30.71 -45.80 -31.69
CA ARG A 517 30.67 -45.69 -30.24
C ARG A 517 30.17 -44.34 -29.73
N GLY A 518 29.88 -43.39 -30.63
CA GLY A 518 29.06 -42.26 -30.24
C GLY A 518 29.81 -41.19 -29.45
N SER A 519 29.12 -40.60 -28.48
CA SER A 519 29.65 -39.49 -27.71
C SER A 519 30.16 -39.94 -26.34
N GLY A 520 30.83 -39.03 -25.65
CA GLY A 520 31.40 -39.28 -24.35
C GLY A 520 32.77 -38.62 -24.25
N VAL A 521 33.58 -39.14 -23.33
CA VAL A 521 34.93 -38.62 -23.13
C VAL A 521 35.77 -38.94 -24.36
N HIS A 522 36.41 -37.90 -24.91
CA HIS A 522 37.31 -38.11 -26.04
C HIS A 522 38.65 -38.65 -25.59
N HIS A 523 39.32 -37.97 -24.66
CA HIS A 523 40.55 -38.48 -24.07
C HIS A 523 40.84 -37.72 -22.78
N ILE A 524 41.69 -38.32 -21.95
CA ILE A 524 42.12 -37.73 -20.68
C ILE A 524 43.64 -37.59 -20.72
N ALA A 525 44.13 -36.41 -20.36
CA ALA A 525 45.55 -36.09 -20.45
C ALA A 525 46.13 -35.83 -19.07
N PHE A 526 47.21 -36.54 -18.74
CA PHE A 526 47.96 -36.37 -17.51
C PHE A 526 49.32 -35.74 -17.83
N ASP A 527 49.82 -34.89 -16.94
CA ASP A 527 51.11 -34.24 -17.14
C ASP A 527 52.20 -34.88 -16.26
N CYS A 528 53.46 -34.58 -16.59
CA CYS A 528 54.63 -35.11 -15.89
C CYS A 528 55.81 -34.13 -16.09
N ASP A 529 56.93 -34.39 -15.37
CA ASP A 529 58.15 -33.61 -15.55
C ASP A 529 58.97 -34.03 -16.74
N ASP A 530 59.06 -35.32 -16.96
CA ASP A 530 60.05 -35.85 -17.84
C ASP A 530 59.31 -36.79 -18.79
N ILE A 531 59.06 -36.30 -19.99
CA ILE A 531 58.30 -37.06 -20.96
C ILE A 531 59.08 -38.30 -21.37
N PHE A 532 60.41 -38.18 -21.48
CA PHE A 532 61.23 -39.30 -21.89
C PHE A 532 61.27 -40.38 -20.81
N ARG A 533 61.30 -39.98 -19.55
CA ARG A 533 61.26 -40.95 -18.46
C ARG A 533 59.93 -41.70 -18.44
N GLU A 534 58.82 -40.96 -18.57
CA GLU A 534 57.51 -41.60 -18.53
C GLU A 534 57.30 -42.54 -19.70
N VAL A 535 57.71 -42.12 -20.90
CA VAL A 535 57.59 -43.00 -22.06
C VAL A 535 58.38 -44.28 -21.84
N ALA A 536 59.60 -44.16 -21.34
CA ALA A 536 60.41 -45.33 -21.03
C ALA A 536 59.73 -46.20 -19.98
N ARG A 537 59.25 -45.58 -18.90
CA ARG A 537 58.57 -46.31 -17.84
C ARG A 537 57.30 -46.96 -18.37
N ALA A 538 56.52 -46.24 -19.17
CA ALA A 538 55.25 -46.76 -19.66
C ALA A 538 55.45 -47.91 -20.64
N LYS A 539 56.46 -47.81 -21.51
CA LYS A 539 56.71 -48.86 -22.48
C LYS A 539 57.06 -50.18 -21.79
N LEU A 540 57.81 -50.12 -20.69
CA LEU A 540 58.19 -51.35 -20.00
C LEU A 540 57.01 -51.94 -19.23
N ALA A 541 56.10 -51.10 -18.76
CA ALA A 541 54.90 -51.58 -18.08
C ALA A 541 53.83 -52.09 -19.03
N GLY A 542 53.97 -51.86 -20.33
CA GLY A 542 53.02 -52.37 -21.29
C GLY A 542 51.98 -51.39 -21.80
N VAL A 543 52.13 -50.11 -21.53
CA VAL A 543 51.17 -49.12 -22.04
C VAL A 543 51.27 -49.07 -23.56
N PRO A 544 50.15 -49.21 -24.28
CA PRO A 544 50.19 -49.24 -25.76
C PRO A 544 50.34 -47.86 -26.38
N LEU A 545 51.53 -47.29 -26.24
CA LEU A 545 51.82 -45.99 -26.85
C LEU A 545 51.92 -46.13 -28.37
N LEU A 546 51.57 -45.05 -29.06
CA LEU A 546 51.55 -45.06 -30.52
C LEU A 546 52.96 -44.92 -31.05
N GLU A 547 53.21 -45.57 -32.19
CA GLU A 547 54.46 -45.39 -32.90
C GLU A 547 54.25 -44.40 -34.04
N ILE A 548 55.08 -43.36 -34.07
CA ILE A 548 54.92 -42.25 -35.01
C ILE A 548 55.90 -42.43 -36.16
N PRO A 549 55.46 -42.35 -37.41
CA PRO A 549 56.35 -42.60 -38.54
C PRO A 549 57.39 -41.50 -38.69
N LEU A 550 58.46 -41.86 -39.41
CA LEU A 550 59.59 -40.93 -39.59
C LEU A 550 59.18 -39.66 -40.33
N ASN A 551 58.28 -39.78 -41.30
CA ASN A 551 57.90 -38.60 -42.09
C ASN A 551 57.34 -37.49 -41.22
N TYR A 552 56.80 -37.82 -40.05
CA TYR A 552 56.40 -36.78 -39.10
C TYR A 552 57.60 -35.98 -38.62
N TYR A 553 58.70 -36.66 -38.31
CA TYR A 553 59.88 -35.96 -37.80
C TYR A 553 60.69 -35.31 -38.91
N ASP A 554 60.65 -35.86 -40.12
CA ASP A 554 61.21 -35.13 -41.26
C ASP A 554 60.49 -33.81 -41.45
N ASP A 555 59.17 -33.79 -41.21
CA ASP A 555 58.43 -32.54 -41.33
C ASP A 555 58.80 -31.56 -40.24
N LEU A 556 58.99 -32.03 -39.00
CA LEU A 556 59.43 -31.14 -37.93
C LEU A 556 60.81 -30.56 -38.19
N ALA A 557 61.67 -31.30 -38.91
CA ALA A 557 62.99 -30.77 -39.22
C ALA A 557 62.88 -29.54 -40.10
N ALA A 558 61.97 -29.56 -41.07
CA ALA A 558 61.78 -28.42 -41.96
C ALA A 558 60.98 -27.30 -41.34
N ARG A 559 60.18 -27.60 -40.30
CA ARG A 559 59.34 -26.59 -39.67
C ARG A 559 60.08 -25.81 -38.59
N PHE A 560 60.82 -26.50 -37.73
CA PHE A 560 61.52 -25.88 -36.62
C PHE A 560 63.01 -26.21 -36.70
N ASP A 561 63.83 -25.33 -36.14
CA ASP A 561 65.25 -25.58 -36.00
C ASP A 561 65.52 -26.17 -34.62
N PHE A 562 66.33 -27.23 -34.57
CA PHE A 562 66.55 -28.00 -33.36
C PHE A 562 68.01 -27.96 -32.96
N ASP A 563 68.25 -27.79 -31.66
CA ASP A 563 69.53 -28.11 -31.09
C ASP A 563 69.76 -29.62 -31.18
N ASP A 564 70.87 -30.08 -30.62
CA ASP A 564 71.13 -31.51 -30.59
C ASP A 564 71.24 -32.14 -31.98
N GLU A 565 70.99 -33.44 -32.18
CA GLU A 565 70.65 -34.53 -31.23
C GLU A 565 69.19 -34.60 -30.77
N PHE A 566 68.49 -33.47 -30.66
CA PHE A 566 67.25 -33.50 -29.88
C PHE A 566 66.10 -34.13 -30.65
N LEU A 567 65.95 -33.80 -31.94
CA LEU A 567 64.82 -34.33 -32.70
C LEU A 567 64.95 -35.83 -32.93
N SER A 568 66.16 -36.35 -33.03
CA SER A 568 66.33 -37.79 -33.13
C SER A 568 65.89 -38.48 -31.84
N GLU A 569 66.01 -37.81 -30.70
CA GLU A 569 65.59 -38.40 -29.45
C GLU A 569 64.06 -38.42 -29.32
N LEU A 570 63.39 -37.38 -29.82
CA LEU A 570 61.93 -37.40 -29.85
C LEU A 570 61.42 -38.56 -30.72
N ALA A 571 62.06 -38.78 -31.86
CA ALA A 571 61.63 -39.85 -32.76
C ALA A 571 61.88 -41.22 -32.15
N TYR A 572 62.98 -41.39 -31.41
CA TYR A 572 63.31 -42.69 -30.86
C TYR A 572 62.32 -43.11 -29.78
N TYR A 573 61.77 -42.15 -29.05
CA TYR A 573 60.78 -42.40 -28.02
C TYR A 573 59.35 -42.12 -28.46
N ASN A 574 59.13 -41.92 -29.76
CA ASN A 574 57.79 -41.69 -30.33
C ASN A 574 57.06 -40.55 -29.62
N VAL A 575 57.79 -39.50 -29.30
CA VAL A 575 57.22 -38.34 -28.62
C VAL A 575 56.76 -37.34 -29.66
N LEU A 576 55.58 -36.77 -29.45
CA LEU A 576 55.08 -35.71 -30.32
C LEU A 576 55.43 -34.35 -29.73
N TYR A 577 55.56 -33.36 -30.61
CA TYR A 577 56.18 -32.09 -30.26
C TYR A 577 55.40 -30.93 -30.85
N ASP A 578 55.42 -29.81 -30.13
CA ASP A 578 54.87 -28.56 -30.64
C ASP A 578 55.60 -27.40 -29.97
N ARG A 579 55.64 -26.26 -30.67
CA ARG A 579 56.31 -25.06 -30.18
C ARG A 579 55.45 -23.84 -30.45
N ASP A 580 55.26 -23.01 -29.42
CA ASP A 580 54.53 -21.76 -29.60
C ASP A 580 55.49 -20.71 -30.17
N ALA A 581 55.07 -19.46 -30.24
CA ALA A 581 55.95 -18.39 -30.73
C ALA A 581 56.83 -17.80 -29.64
N GLN A 582 56.64 -18.18 -28.37
CA GLN A 582 57.41 -17.64 -27.26
C GLN A 582 58.43 -18.63 -26.70
N GLY A 583 58.84 -19.61 -27.49
CA GLY A 583 59.76 -20.63 -27.01
C GLY A 583 59.14 -21.70 -26.14
N GLY A 584 57.86 -21.57 -25.79
CA GLY A 584 57.19 -22.64 -25.07
C GLY A 584 57.08 -23.89 -25.91
N GLU A 585 57.18 -25.04 -25.24
CA GLU A 585 57.21 -26.32 -25.92
C GLU A 585 56.24 -27.30 -25.28
N LEU A 586 55.73 -28.22 -26.10
CA LEU A 586 54.85 -29.29 -25.65
C LEU A 586 55.46 -30.62 -26.05
N PHE A 587 55.51 -31.55 -25.11
CA PHE A 587 55.93 -32.92 -25.37
C PHE A 587 54.80 -33.83 -24.89
N HIS A 588 54.22 -34.60 -25.81
CA HIS A 588 53.09 -35.43 -25.44
C HIS A 588 53.07 -36.70 -26.27
N VAL A 589 52.49 -37.75 -25.69
CA VAL A 589 52.28 -39.03 -26.34
C VAL A 589 50.85 -39.49 -26.07
N TYR A 590 50.37 -40.38 -26.93
CA TYR A 590 49.02 -40.91 -26.81
C TYR A 590 49.07 -42.43 -26.69
N THR A 591 48.11 -42.99 -25.97
CA THR A 591 47.89 -44.42 -25.97
C THR A 591 46.87 -44.78 -27.04
N GLU A 592 46.78 -46.06 -27.34
CA GLU A 592 45.69 -46.54 -28.18
C GLU A 592 44.37 -46.38 -27.43
N PRO A 593 43.25 -46.34 -28.14
CA PRO A 593 41.95 -46.23 -27.47
C PRO A 593 41.65 -47.46 -26.62
N PHE A 594 41.09 -47.22 -25.44
CA PHE A 594 40.60 -48.30 -24.59
C PHE A 594 39.26 -48.78 -25.15
N GLU A 595 39.27 -49.96 -25.78
CA GLU A 595 38.08 -50.60 -26.35
C GLU A 595 37.24 -49.63 -27.18
N GLU A 596 37.90 -49.06 -28.21
CA GLU A 596 37.25 -48.27 -29.25
C GLU A 596 36.59 -46.99 -28.73
N ARG A 597 37.04 -46.49 -27.56
CA ARG A 597 36.55 -45.20 -27.09
C ARG A 597 37.66 -44.24 -26.76
N PHE A 598 37.64 -43.75 -25.52
CA PHE A 598 38.62 -42.77 -25.09
C PHE A 598 40.00 -43.40 -25.05
N PHE A 599 41.00 -42.56 -25.28
CA PHE A 599 42.40 -42.89 -25.13
C PHE A 599 43.00 -41.96 -24.07
N PHE A 600 44.26 -42.19 -23.75
CA PHE A 600 44.95 -41.41 -22.74
C PHE A 600 46.11 -40.65 -23.37
N GLU A 601 46.53 -39.60 -22.67
CA GLU A 601 47.60 -38.73 -23.15
C GLU A 601 48.50 -38.35 -21.97
N ILE A 602 49.81 -38.37 -22.21
CA ILE A 602 50.80 -37.91 -21.25
C ILE A 602 51.52 -36.72 -21.88
N ILE A 603 51.57 -35.60 -21.17
CA ILE A 603 52.11 -34.36 -21.71
C ILE A 603 53.18 -33.82 -20.78
N GLN A 604 54.08 -33.03 -21.36
CA GLN A 604 55.00 -32.19 -20.61
C GLN A 604 54.98 -30.79 -21.20
N ARG A 605 54.61 -29.81 -20.38
CA ARG A 605 54.65 -28.39 -20.73
C ARG A 605 55.95 -27.83 -20.18
N LYS A 606 56.66 -27.01 -20.97
CA LYS A 606 57.99 -26.57 -20.55
C LYS A 606 58.09 -25.05 -20.44
N ALA A 607 58.21 -24.31 -21.53
CA ALA A 607 58.40 -22.86 -21.42
C ALA A 607 57.09 -22.09 -21.54
N GLY A 608 56.09 -22.46 -20.73
CA GLY A 608 54.85 -21.71 -20.69
C GLY A 608 53.90 -22.02 -21.82
N TYR A 609 54.11 -23.11 -22.54
CA TYR A 609 53.19 -23.56 -23.57
C TYR A 609 51.80 -23.74 -23.00
N ALA A 610 50.79 -23.21 -23.70
CA ALA A 610 49.42 -23.19 -23.19
C ALA A 610 48.43 -23.91 -24.08
N GLY A 611 48.82 -24.35 -25.27
CA GLY A 611 47.90 -24.99 -26.19
C GLY A 611 47.70 -26.47 -25.89
N TYR A 612 47.18 -27.18 -26.90
CA TYR A 612 46.88 -28.60 -26.77
C TYR A 612 47.64 -29.46 -27.78
N GLY A 613 48.54 -28.87 -28.56
CA GLY A 613 49.21 -29.63 -29.61
C GLY A 613 48.29 -30.05 -30.72
N ALA A 614 47.35 -29.18 -31.10
CA ALA A 614 46.37 -29.52 -32.14
C ALA A 614 47.02 -29.81 -33.49
N ALA A 615 48.25 -29.33 -33.70
CA ALA A 615 48.94 -29.61 -34.96
C ALA A 615 49.19 -31.10 -35.18
N ASN A 616 49.10 -31.91 -34.12
CA ASN A 616 49.43 -33.32 -34.19
C ASN A 616 48.21 -34.23 -34.29
N VAL A 617 47.02 -33.67 -34.49
CA VAL A 617 45.81 -34.49 -34.53
C VAL A 617 45.83 -35.41 -35.75
N ALA A 618 46.25 -34.89 -36.89
CA ALA A 618 46.33 -35.72 -38.09
C ALA A 618 47.30 -36.88 -37.91
N VAL A 619 48.41 -36.64 -37.20
CA VAL A 619 49.40 -37.68 -37.00
C VAL A 619 48.87 -38.75 -36.05
N ARG A 620 48.17 -38.34 -34.99
CA ARG A 620 47.58 -39.31 -34.08
C ARG A 620 46.55 -40.18 -34.78
N LEU A 621 45.69 -39.57 -35.61
CA LEU A 621 44.66 -40.33 -36.29
C LEU A 621 45.26 -41.31 -37.29
N ALA A 622 46.31 -40.88 -38.01
CA ALA A 622 46.98 -41.78 -38.94
C ALA A 622 47.62 -42.95 -38.22
N ALA A 623 48.26 -42.69 -37.08
CA ALA A 623 48.91 -43.75 -36.33
C ALA A 623 47.89 -44.75 -35.78
N MSE A 624 46.75 -44.25 -35.29
CA MSE A 624 45.72 -45.13 -34.74
C MSE A 624 45.08 -45.98 -35.83
O MSE A 624 44.74 -47.14 -35.59
CB MSE A 624 44.64 -44.31 -34.03
CG MSE A 624 45.03 -43.86 -32.63
SE MSE A 624 43.67 -42.77 -31.77
CE MSE A 624 44.56 -42.44 -30.08
N ALA A 625 44.93 -45.41 -37.02
CA ALA A 625 44.36 -46.16 -38.14
C ALA A 625 45.30 -47.27 -38.58
N LYS A 626 46.61 -46.98 -38.66
CA LYS A 626 47.57 -48.01 -39.05
C LYS A 626 47.60 -49.14 -38.02
N ALA A 627 47.44 -48.81 -36.75
CA ALA A 627 47.35 -49.82 -35.69
C ALA A 627 46.11 -50.71 -35.80
N ARG A 628 45.38 -50.64 -36.92
CA ARG A 628 44.23 -51.50 -37.15
C ARG A 628 44.34 -52.17 -38.52
N ALA B 1 19.85 68.48 -28.93
CA ALA B 1 19.60 67.11 -28.49
C ALA B 1 18.82 67.07 -27.19
N LYS B 2 18.30 65.90 -26.84
CA LYS B 2 17.50 65.75 -25.63
C LYS B 2 18.41 65.76 -24.39
N MSE B 3 17.84 66.21 -23.27
CA MSE B 3 18.55 66.19 -22.00
C MSE B 3 18.78 64.78 -21.52
O MSE B 3 18.06 63.86 -21.88
CB MSE B 3 17.77 66.98 -20.93
CG MSE B 3 17.75 68.48 -21.14
SE MSE B 3 16.82 69.41 -19.69
CE MSE B 3 14.99 69.21 -20.32
N GLN B 4 19.81 64.61 -20.69
CA GLN B 4 20.13 63.33 -20.09
C GLN B 4 19.02 62.93 -19.12
N ARG B 5 18.20 61.95 -19.51
CA ARG B 5 17.06 61.52 -18.69
C ARG B 5 17.51 60.43 -17.73
N SER B 6 17.29 60.65 -16.44
CA SER B 6 17.69 59.72 -15.39
C SER B 6 16.53 59.45 -14.45
N ILE B 7 16.71 58.45 -13.60
CA ILE B 7 15.75 58.12 -12.55
C ILE B 7 16.53 57.54 -11.36
N ALA B 8 16.13 57.95 -10.16
CA ALA B 8 16.76 57.43 -8.94
C ALA B 8 16.31 56.00 -8.67
N THR B 9 17.24 55.17 -8.21
CA THR B 9 16.93 53.77 -7.95
C THR B 9 15.88 53.61 -6.86
N VAL B 10 15.77 54.59 -5.96
CA VAL B 10 14.76 54.52 -4.90
C VAL B 10 13.35 54.57 -5.47
N SER B 11 13.19 54.95 -6.73
CA SER B 11 11.89 55.00 -7.39
C SER B 11 11.37 53.62 -7.79
N LEU B 12 12.19 52.58 -7.68
CA LEU B 12 11.81 51.25 -8.11
C LEU B 12 11.99 50.26 -6.97
N SER B 13 11.42 49.08 -7.15
CA SER B 13 11.64 47.94 -6.27
C SER B 13 12.46 46.89 -7.02
N GLY B 14 13.02 45.96 -6.26
CA GLY B 14 13.80 44.87 -6.81
C GLY B 14 15.25 44.96 -6.40
N THR B 15 16.03 43.99 -6.88
CA THR B 15 17.47 44.03 -6.69
C THR B 15 18.08 45.16 -7.52
N LEU B 16 19.27 45.58 -7.11
CA LEU B 16 19.99 46.61 -7.88
C LEU B 16 20.23 46.21 -9.33
N PRO B 17 20.66 44.97 -9.64
CA PRO B 17 20.74 44.60 -11.06
C PRO B 17 19.41 44.68 -11.77
N GLU B 18 18.31 44.27 -11.11
CA GLU B 18 17.00 44.36 -11.73
C GLU B 18 16.61 45.80 -12.03
N LYS B 19 16.90 46.71 -11.10
CA LYS B 19 16.57 48.13 -11.31
C LYS B 19 17.34 48.69 -12.51
N LEU B 20 18.65 48.44 -12.56
CA LEU B 20 19.47 49.03 -13.62
C LEU B 20 19.06 48.52 -14.99
N GLU B 21 18.72 47.23 -15.08
CA GLU B 21 18.26 46.68 -16.35
C GLU B 21 16.93 47.29 -16.77
N ALA B 22 16.00 47.46 -15.81
CA ALA B 22 14.73 48.10 -16.13
C ALA B 22 14.93 49.53 -16.59
N ILE B 23 15.82 50.27 -15.91
CA ILE B 23 16.11 51.65 -16.27
C ILE B 23 16.68 51.73 -17.68
N ALA B 24 17.61 50.83 -18.01
CA ALA B 24 18.21 50.83 -19.34
C ALA B 24 17.17 50.42 -20.39
N ALA B 25 16.41 49.37 -20.12
CA ALA B 25 15.41 48.89 -21.09
C ALA B 25 14.35 49.94 -21.37
N ALA B 26 14.03 50.79 -20.39
CA ALA B 26 13.02 51.82 -20.58
C ALA B 26 13.50 52.99 -21.42
N GLY B 27 14.80 53.10 -21.67
CA GLY B 27 15.34 54.17 -22.48
C GLY B 27 15.92 55.35 -21.72
N PHE B 28 16.14 55.22 -20.42
CA PHE B 28 16.80 56.29 -19.68
C PHE B 28 18.26 56.40 -20.08
N ASP B 29 18.82 57.59 -19.92
CA ASP B 29 20.24 57.79 -20.16
C ASP B 29 21.07 57.60 -18.90
N GLY B 30 20.51 57.92 -17.73
CA GLY B 30 21.26 57.92 -16.50
C GLY B 30 20.45 57.36 -15.34
N VAL B 31 21.12 57.28 -14.19
CA VAL B 31 20.50 56.74 -12.97
C VAL B 31 21.14 57.43 -11.77
N GLU B 32 20.31 57.78 -10.79
CA GLU B 32 20.81 58.17 -9.48
C GLU B 32 20.93 56.93 -8.60
N ILE B 33 22.13 56.67 -8.10
CA ILE B 33 22.35 55.53 -7.21
C ILE B 33 21.96 55.96 -5.79
N PHE B 34 20.87 55.40 -5.28
CA PHE B 34 20.49 55.61 -3.89
C PHE B 34 21.36 54.72 -3.02
N GLU B 35 22.02 55.32 -2.02
CA GLU B 35 23.07 54.60 -1.30
C GLU B 35 22.55 53.33 -0.65
N ASN B 36 21.31 53.35 -0.15
CA ASN B 36 20.77 52.16 0.51
C ASN B 36 20.74 50.97 -0.44
N ASP B 37 20.53 51.20 -1.74
CA ASP B 37 20.55 50.10 -2.69
C ASP B 37 21.95 49.49 -2.83
N LEU B 38 23.00 50.31 -2.76
CA LEU B 38 24.35 49.77 -2.75
C LEU B 38 24.57 48.91 -1.52
N LEU B 39 24.03 49.33 -0.37
CA LEU B 39 24.29 48.63 0.88
C LEU B 39 23.74 47.21 0.84
N TYR B 40 22.62 47.00 0.14
CA TYR B 40 22.02 45.68 0.04
C TYR B 40 22.53 44.89 -1.16
N TYR B 41 23.30 45.50 -2.05
CA TYR B 41 23.82 44.78 -3.20
C TYR B 41 25.11 44.06 -2.81
N ALA B 42 25.16 42.75 -3.10
CA ALA B 42 26.27 41.93 -2.64
C ALA B 42 27.56 42.20 -3.41
N GLY B 43 27.47 42.78 -4.60
CA GLY B 43 28.67 43.07 -5.37
C GLY B 43 29.32 44.36 -4.92
N SER B 44 30.34 44.76 -5.67
CA SER B 44 31.14 45.92 -5.33
C SER B 44 30.64 47.15 -6.07
N PRO B 45 30.93 48.35 -5.57
CA PRO B 45 30.59 49.56 -6.32
C PRO B 45 31.20 49.57 -7.73
N ARG B 46 32.36 48.93 -7.88
CA ARG B 46 32.99 48.83 -9.19
C ARG B 46 32.18 47.93 -10.11
N GLN B 47 31.64 46.84 -9.59
CA GLN B 47 30.76 45.98 -10.37
C GLN B 47 29.49 46.72 -10.78
N VAL B 48 29.01 47.64 -9.93
CA VAL B 48 27.89 48.49 -10.32
C VAL B 48 28.28 49.39 -11.49
N ARG B 49 29.48 49.97 -11.45
CA ARG B 49 29.95 50.78 -12.57
C ARG B 49 30.00 49.97 -13.85
N GLN B 50 30.46 48.72 -13.76
CA GLN B 50 30.56 47.89 -14.95
C GLN B 50 29.18 47.54 -15.51
N MSE B 51 28.23 47.23 -14.63
CA MSE B 51 26.87 46.92 -15.07
C MSE B 51 26.26 48.06 -15.88
O MSE B 51 25.64 47.83 -16.91
CB MSE B 51 25.96 46.63 -13.87
CG MSE B 51 26.12 45.22 -13.29
SE MSE B 51 24.65 44.76 -12.09
CE MSE B 51 25.07 45.94 -10.60
N CYS B 52 26.47 49.30 -15.41
CA CYS B 52 25.89 50.44 -16.09
C CYS B 52 26.55 50.69 -17.44
N ALA B 53 27.87 50.48 -17.52
CA ALA B 53 28.55 50.61 -18.80
C ALA B 53 28.07 49.57 -19.79
N ASP B 54 27.88 48.33 -19.32
CA ASP B 54 27.36 47.27 -20.19
C ASP B 54 25.96 47.60 -20.68
N LEU B 55 25.14 48.22 -19.83
CA LEU B 55 23.77 48.57 -20.16
C LEU B 55 23.65 49.90 -20.90
N GLY B 56 24.73 50.68 -21.00
CA GLY B 56 24.69 51.93 -21.72
C GLY B 56 24.05 53.08 -20.98
N ILE B 57 24.03 53.04 -19.64
CA ILE B 57 23.49 54.13 -18.85
C ILE B 57 24.60 54.67 -17.95
N ALA B 58 24.58 55.99 -17.73
CA ALA B 58 25.55 56.63 -16.88
C ALA B 58 25.02 56.75 -15.45
N ILE B 59 25.94 56.80 -14.49
CA ILE B 59 25.59 57.10 -13.11
C ILE B 59 25.72 58.61 -12.96
N THR B 60 24.58 59.30 -13.00
CA THR B 60 24.56 60.75 -13.03
C THR B 60 24.55 61.40 -11.65
N LEU B 61 24.34 60.62 -10.60
CA LEU B 61 24.25 61.20 -9.26
C LEU B 61 24.38 60.09 -8.23
N PHE B 62 25.04 60.40 -7.13
CA PHE B 62 25.07 59.56 -5.94
C PHE B 62 24.38 60.31 -4.80
N GLN B 63 23.50 59.62 -4.09
CA GLN B 63 22.70 60.28 -3.05
C GLN B 63 22.13 59.26 -2.06
N PRO B 64 21.83 59.72 -0.83
CA PRO B 64 22.01 61.08 -0.33
C PRO B 64 23.15 61.23 0.66
N PHE B 65 23.52 62.48 0.94
CA PHE B 65 24.49 62.82 1.97
C PHE B 65 23.82 63.80 2.92
N ARG B 66 23.53 63.34 4.14
CA ARG B 66 22.64 64.05 5.04
C ARG B 66 23.41 64.84 6.09
N ASP B 67 22.76 65.92 6.56
CA ASP B 67 23.16 66.71 7.72
C ASP B 67 24.66 67.02 7.77
N PHE B 68 25.12 67.95 6.93
CA PHE B 68 26.51 68.39 6.96
C PHE B 68 26.65 69.81 7.50
N GLU B 69 26.10 70.81 6.80
CA GLU B 69 26.37 72.20 7.13
C GLU B 69 25.75 72.60 8.47
N GLY B 70 26.53 73.34 9.26
CA GLY B 70 26.04 73.89 10.51
C GLY B 70 26.06 72.94 11.69
N CYS B 71 26.72 71.80 11.58
CA CYS B 71 26.84 70.88 12.70
C CYS B 71 27.85 71.41 13.70
N ARG B 72 28.01 70.68 14.81
CA ARG B 72 28.91 71.08 15.87
C ARG B 72 30.35 71.06 15.39
N ARG B 73 31.15 72.01 15.89
CA ARG B 73 32.53 72.13 15.44
C ARG B 73 33.37 70.91 15.83
N ASP B 74 33.06 70.28 16.97
CA ASP B 74 33.81 69.11 17.40
C ASP B 74 33.47 67.84 16.62
N ARG B 75 32.68 67.96 15.55
CA ARG B 75 32.43 66.84 14.64
C ARG B 75 32.55 67.25 13.19
N LEU B 76 32.99 68.49 12.92
CA LEU B 76 33.29 68.90 11.56
C LEU B 76 34.24 67.92 10.89
N GLN B 77 35.30 67.54 11.60
CA GLN B 77 36.26 66.60 11.04
C GLN B 77 35.63 65.24 10.78
N LYS B 78 34.72 64.80 11.66
CA LYS B 78 34.07 63.51 11.45
C LYS B 78 33.15 63.54 10.24
N ASN B 79 32.49 64.67 10.00
CA ASN B 79 31.63 64.78 8.82
C ASN B 79 32.45 64.84 7.53
N LEU B 80 33.65 65.43 7.59
CA LEU B 80 34.52 65.42 6.41
C LEU B 80 35.06 64.03 6.13
N ASP B 81 35.39 63.27 7.18
CA ASP B 81 35.78 61.88 7.01
C ASP B 81 34.67 61.07 6.36
N ARG B 82 33.42 61.33 6.77
CA ARG B 82 32.27 60.68 6.13
C ARG B 82 32.15 61.12 4.68
N ALA B 83 32.37 62.40 4.40
CA ALA B 83 32.37 62.88 3.02
C ALA B 83 33.46 62.20 2.20
N GLU B 84 34.65 62.01 2.79
CA GLU B 84 35.74 61.39 2.05
C GLU B 84 35.43 59.95 1.70
N ARG B 85 34.75 59.23 2.60
CA ARG B 85 34.33 57.86 2.29
C ARG B 85 33.35 57.84 1.13
N LYS B 86 32.44 58.81 1.07
CA LYS B 86 31.54 58.90 -0.07
C LYS B 86 32.29 59.27 -1.34
N PHE B 87 33.28 60.17 -1.23
CA PHE B 87 34.14 60.46 -2.36
C PHE B 87 34.83 59.20 -2.89
N ASP B 88 35.39 58.39 -1.98
CA ASP B 88 35.98 57.11 -2.39
C ASP B 88 34.95 56.26 -3.11
N LEU B 89 33.73 56.22 -2.57
CA LEU B 89 32.69 55.36 -3.13
C LEU B 89 32.31 55.81 -4.54
N MSE B 90 32.22 57.12 -4.75
CA MSE B 90 31.84 57.68 -6.05
C MSE B 90 32.86 57.40 -7.14
O MSE B 90 32.50 57.22 -8.30
CB MSE B 90 31.61 59.18 -5.91
CG MSE B 90 30.43 59.55 -5.04
SE MSE B 90 30.60 61.33 -4.25
CE MSE B 90 30.54 62.39 -5.89
N GLN B 91 34.14 57.35 -6.76
CA GLN B 91 35.18 57.12 -7.77
C GLN B 91 35.19 55.68 -8.26
N GLU B 92 34.81 54.71 -7.41
CA GLU B 92 34.62 53.36 -7.91
C GLU B 92 33.33 53.24 -8.71
N LEU B 93 32.32 54.06 -8.40
CA LEU B 93 31.10 54.05 -9.18
C LEU B 93 31.26 54.75 -10.53
N GLY B 94 32.22 55.66 -10.64
CA GLY B 94 32.39 56.41 -11.87
C GLY B 94 31.48 57.61 -12.00
N THR B 95 31.04 58.18 -10.88
CA THR B 95 30.19 59.35 -10.89
C THR B 95 30.91 60.49 -10.17
N ASP B 96 30.51 61.72 -10.51
CA ASP B 96 31.22 62.90 -10.01
C ASP B 96 30.31 63.87 -9.27
N LEU B 97 29.06 63.50 -8.99
CA LEU B 97 28.12 64.39 -8.35
C LEU B 97 27.46 63.68 -7.18
N VAL B 98 27.40 64.36 -6.02
CA VAL B 98 26.75 63.84 -4.83
C VAL B 98 25.73 64.87 -4.35
N LEU B 99 24.55 64.40 -3.97
CA LEU B 99 23.50 65.27 -3.45
C LEU B 99 23.64 65.41 -1.93
N VAL B 100 23.72 66.65 -1.46
CA VAL B 100 23.72 66.97 -0.04
C VAL B 100 22.39 67.63 0.27
N CYS B 101 21.58 66.97 1.10
CA CYS B 101 20.28 67.51 1.48
C CYS B 101 20.40 68.27 2.79
N SER B 102 19.63 69.34 2.92
CA SER B 102 19.80 70.29 4.00
C SER B 102 19.60 69.62 5.37
N ASN B 103 20.28 70.18 6.37
CA ASN B 103 20.34 69.58 7.69
C ASN B 103 18.96 69.53 8.34
N VAL B 104 18.68 68.44 9.04
CA VAL B 104 17.44 68.29 9.79
C VAL B 104 17.67 68.12 11.29
N GLN B 105 18.92 67.98 11.74
CA GLN B 105 19.18 67.81 13.16
C GLN B 105 18.72 69.01 13.97
N ALA B 106 18.26 68.74 15.19
CA ALA B 106 17.73 69.81 16.04
C ALA B 106 18.84 70.71 16.57
N ASP B 107 20.02 70.18 16.84
CA ASP B 107 21.11 70.98 17.39
C ASP B 107 22.02 71.55 16.30
N ALA B 108 21.55 71.59 15.05
CA ALA B 108 22.33 72.17 13.96
C ALA B 108 22.14 73.68 13.93
N LEU B 109 23.21 74.41 13.66
CA LEU B 109 23.13 75.86 13.60
C LEU B 109 22.68 76.34 12.22
N GLY B 110 21.97 77.46 12.22
CA GLY B 110 21.46 78.09 11.01
C GLY B 110 22.14 79.39 10.65
N ASP B 111 23.25 79.73 11.31
CA ASP B 111 23.97 80.97 11.03
C ASP B 111 24.35 81.04 9.56
N GLU B 112 23.91 82.11 8.89
CA GLU B 112 24.03 82.20 7.44
C GLU B 112 25.48 82.10 6.98
N GLN B 113 26.37 82.91 7.55
CA GLN B 113 27.76 82.88 7.12
C GLN B 113 28.44 81.56 7.46
N LEU B 114 28.03 80.91 8.56
CA LEU B 114 28.59 79.63 8.91
C LEU B 114 28.21 78.55 7.89
N LEU B 115 26.97 78.59 7.41
CA LEU B 115 26.55 77.65 6.37
C LEU B 115 27.31 77.89 5.08
N VAL B 116 27.53 79.16 4.73
CA VAL B 116 28.33 79.49 3.55
C VAL B 116 29.73 78.90 3.68
N ASP B 117 30.35 79.09 4.84
CA ASP B 117 31.71 78.57 5.05
C ASP B 117 31.74 77.05 5.03
N ASP B 118 30.78 76.39 5.69
CA ASP B 118 30.77 74.93 5.71
C ASP B 118 30.57 74.37 4.30
N LEU B 119 29.62 74.93 3.56
CA LEU B 119 29.36 74.43 2.20
C LEU B 119 30.54 74.72 1.28
N ARG B 120 31.14 75.90 1.39
CA ARG B 120 32.35 76.16 0.61
C ARG B 120 33.45 75.16 0.95
N LEU B 121 33.63 74.86 2.25
CA LEU B 121 34.62 73.87 2.64
C LEU B 121 34.35 72.52 2.01
N LEU B 122 33.08 72.08 2.00
CA LEU B 122 32.74 70.82 1.36
C LEU B 122 33.03 70.88 -0.14
N GLY B 123 32.73 72.01 -0.78
CA GLY B 123 33.06 72.17 -2.18
C GLY B 123 34.56 72.07 -2.45
N GLU B 124 35.37 72.63 -1.55
CA GLU B 124 36.82 72.54 -1.70
C GLU B 124 37.30 71.09 -1.63
N HIS B 125 36.76 70.31 -0.67
CA HIS B 125 37.13 68.91 -0.59
C HIS B 125 36.69 68.13 -1.83
N ALA B 126 35.48 68.41 -2.33
CA ALA B 126 35.03 67.76 -3.55
C ALA B 126 35.85 68.20 -4.75
N GLY B 127 36.10 69.50 -4.86
CA GLY B 127 36.89 70.00 -5.98
C GLY B 127 38.30 69.41 -6.02
N LYS B 128 38.90 69.23 -4.85
CA LYS B 128 40.24 68.65 -4.79
C LYS B 128 40.29 67.28 -5.46
N ARG B 129 39.28 66.45 -5.22
CA ARG B 129 39.25 65.11 -5.77
C ARG B 129 38.59 65.04 -7.15
N GLY B 130 38.20 66.18 -7.71
CA GLY B 130 37.55 66.20 -9.00
C GLY B 130 36.09 65.84 -8.97
N LEU B 131 35.41 66.14 -7.87
CA LEU B 131 34.01 65.78 -7.67
C LEU B 131 33.20 67.05 -7.40
N ARG B 132 31.88 66.89 -7.36
CA ARG B 132 30.97 68.01 -7.28
C ARG B 132 29.94 67.79 -6.18
N ILE B 133 29.53 68.89 -5.55
CA ILE B 133 28.51 68.89 -4.52
C ILE B 133 27.25 69.54 -5.08
N GLY B 134 26.13 68.83 -4.99
CA GLY B 134 24.83 69.40 -5.32
C GLY B 134 23.97 69.57 -4.08
N TYR B 135 23.60 70.81 -3.75
CA TYR B 135 22.92 71.13 -2.51
C TYR B 135 21.42 71.19 -2.74
N GLU B 136 20.67 70.36 -2.02
CA GLU B 136 19.22 70.28 -2.15
C GLU B 136 18.57 70.63 -0.83
N ALA B 137 17.55 71.50 -0.88
CA ALA B 137 16.78 71.87 0.30
C ALA B 137 15.66 70.88 0.50
N LEU B 138 15.62 70.23 1.66
CA LEU B 138 14.45 69.47 2.06
C LEU B 138 13.36 70.41 2.54
N ALA B 139 12.12 70.13 2.14
CA ALA B 139 11.00 70.97 2.53
C ALA B 139 10.84 71.04 4.05
N TRP B 140 11.39 70.07 4.77
CA TRP B 140 11.36 70.07 6.23
C TRP B 140 12.74 70.34 6.81
N GLY B 141 13.60 70.99 6.04
CA GLY B 141 14.91 71.35 6.54
C GLY B 141 14.82 72.25 7.76
N ARG B 142 15.77 72.05 8.66
CA ARG B 142 15.77 72.75 9.93
C ARG B 142 15.97 74.25 9.75
N HIS B 143 16.93 74.62 8.92
CA HIS B 143 17.24 76.03 8.65
C HIS B 143 17.13 76.39 7.18
N VAL B 144 17.30 75.43 6.27
CA VAL B 144 17.21 75.67 4.83
C VAL B 144 16.16 74.73 4.29
N ASN B 145 15.07 75.30 3.76
CA ASN B 145 13.99 74.47 3.23
C ASN B 145 13.42 75.00 1.92
N THR B 146 14.09 75.95 1.25
CA THR B 146 13.64 76.47 -0.03
C THR B 146 14.84 76.57 -0.96
N TYR B 147 14.56 76.59 -2.27
CA TYR B 147 15.63 76.75 -3.25
C TYR B 147 16.26 78.14 -3.19
N GLN B 148 15.48 79.14 -2.79
CA GLN B 148 16.02 80.50 -2.66
C GLN B 148 17.13 80.53 -1.62
N GLN B 149 16.92 79.88 -0.48
CA GLN B 149 17.98 79.80 0.54
C GLN B 149 19.18 79.01 0.03
N VAL B 150 18.93 77.94 -0.73
CA VAL B 150 20.02 77.16 -1.30
C VAL B 150 20.86 78.02 -2.23
N TRP B 151 20.22 78.71 -3.16
CA TRP B 151 20.96 79.55 -4.10
C TRP B 151 21.67 80.69 -3.39
N ASN B 152 21.04 81.25 -2.34
CA ASN B 152 21.68 82.29 -1.55
C ASN B 152 23.00 81.79 -0.98
N LEU B 153 23.00 80.59 -0.41
CA LEU B 153 24.22 80.05 0.19
C LEU B 153 25.21 79.62 -0.88
N VAL B 154 24.74 78.98 -1.95
CA VAL B 154 25.63 78.52 -3.01
C VAL B 154 26.27 79.71 -3.70
N ARG B 155 25.51 80.78 -3.93
CA ARG B 155 26.05 81.96 -4.57
C ARG B 155 27.18 82.58 -3.73
N GLN B 156 26.95 82.73 -2.43
CA GLN B 156 27.97 83.31 -1.55
C GLN B 156 29.18 82.40 -1.41
N ALA B 157 28.97 81.08 -1.38
CA ALA B 157 30.09 80.16 -1.23
C ALA B 157 31.03 80.27 -2.43
N ASP B 158 30.47 80.45 -3.63
CA ASP B 158 31.21 80.85 -4.82
C ASP B 158 32.37 79.90 -5.13
N HIS B 159 32.03 78.63 -5.32
CA HIS B 159 33.00 77.60 -5.67
C HIS B 159 32.47 76.80 -6.85
N PRO B 160 33.29 76.55 -7.87
CA PRO B 160 32.77 75.87 -9.08
C PRO B 160 32.32 74.44 -8.84
N ALA B 161 32.76 73.78 -7.77
CA ALA B 161 32.38 72.41 -7.49
C ALA B 161 31.13 72.29 -6.62
N LEU B 162 30.49 73.40 -6.27
CA LEU B 162 29.30 73.40 -5.42
C LEU B 162 28.16 74.07 -6.17
N GLY B 163 27.05 73.34 -6.34
CA GLY B 163 25.93 73.82 -7.13
C GLY B 163 24.60 73.59 -6.45
N VAL B 164 23.54 73.92 -7.19
CA VAL B 164 22.17 73.83 -6.70
C VAL B 164 21.52 72.58 -7.28
N ILE B 165 20.78 71.87 -6.44
CA ILE B 165 19.93 70.76 -6.88
C ILE B 165 18.48 71.13 -6.60
N LEU B 166 17.63 71.00 -7.61
CA LEU B 166 16.23 71.37 -7.52
C LEU B 166 15.36 70.11 -7.50
N ASP B 167 14.35 70.12 -6.63
CA ASP B 167 13.42 69.01 -6.46
C ASP B 167 12.01 69.58 -6.48
N SER B 168 11.23 69.18 -7.50
CA SER B 168 9.93 69.79 -7.71
C SER B 168 8.99 69.59 -6.54
N PHE B 169 9.10 68.45 -5.84
CA PHE B 169 8.22 68.23 -4.69
C PHE B 169 8.56 69.17 -3.55
N HIS B 170 9.85 69.29 -3.22
CA HIS B 170 10.23 70.12 -2.08
C HIS B 170 9.82 71.57 -2.28
N THR B 171 9.81 72.06 -3.52
CA THR B 171 9.40 73.43 -3.77
C THR B 171 7.89 73.57 -3.80
N LEU B 172 7.20 72.72 -4.57
CA LEU B 172 5.77 72.89 -4.77
C LEU B 172 4.94 72.40 -3.59
N SER B 173 5.46 71.51 -2.75
CA SER B 173 4.71 71.08 -1.58
C SER B 173 4.56 72.22 -0.57
N LEU B 174 5.53 73.15 -0.55
CA LEU B 174 5.43 74.36 0.27
C LEU B 174 4.76 75.51 -0.46
N LYS B 175 4.15 75.24 -1.63
CA LYS B 175 3.56 76.28 -2.48
C LYS B 175 4.58 77.34 -2.87
N GLY B 176 5.84 76.92 -3.04
CA GLY B 176 6.88 77.85 -3.43
C GLY B 176 6.69 78.33 -4.86
N ASP B 177 7.17 79.55 -5.12
CA ASP B 177 7.09 80.14 -6.45
C ASP B 177 8.39 79.83 -7.18
N PRO B 178 8.37 79.03 -8.24
CA PRO B 178 9.60 78.70 -8.97
C PRO B 178 10.10 79.80 -9.89
N SER B 179 9.42 80.94 -9.93
CA SER B 179 9.73 81.96 -10.93
C SER B 179 11.15 82.52 -10.76
N ALA B 180 11.59 82.70 -9.51
CA ALA B 180 12.90 83.27 -9.26
C ALA B 180 14.05 82.35 -9.68
N ILE B 181 13.75 81.11 -10.11
CA ILE B 181 14.80 80.23 -10.64
C ILE B 181 15.42 80.83 -11.90
N ARG B 182 14.64 81.63 -12.64
CA ARG B 182 15.13 82.20 -13.90
C ARG B 182 16.38 83.05 -13.70
N ASP B 183 16.59 83.57 -12.49
CA ASP B 183 17.73 84.41 -12.18
C ASP B 183 18.96 83.63 -11.74
N ILE B 184 18.87 82.31 -11.63
CA ILE B 184 20.05 81.50 -11.26
C ILE B 184 20.83 81.19 -12.54
N PRO B 185 22.15 81.41 -12.55
CA PRO B 185 22.94 81.04 -13.73
C PRO B 185 22.80 79.56 -14.05
N GLY B 186 22.55 79.27 -15.33
CA GLY B 186 22.28 77.90 -15.74
C GLY B 186 23.33 76.90 -15.31
N ASP B 187 24.59 77.32 -15.29
CA ASP B 187 25.67 76.39 -14.96
C ASP B 187 25.83 76.15 -13.46
N LYS B 188 25.11 76.90 -12.62
CA LYS B 188 25.13 76.64 -11.18
C LYS B 188 24.06 75.66 -10.73
N ILE B 189 23.16 75.24 -11.63
CA ILE B 189 22.22 74.18 -11.35
C ILE B 189 22.85 72.86 -11.80
N PHE B 190 23.05 71.94 -10.85
CA PHE B 190 23.75 70.70 -11.13
C PHE B 190 22.81 69.53 -11.43
N PHE B 191 21.56 69.57 -10.96
CA PHE B 191 20.70 68.41 -11.09
C PHE B 191 19.25 68.84 -10.82
N VAL B 192 18.32 68.18 -11.50
CA VAL B 192 16.89 68.46 -11.37
C VAL B 192 16.17 67.13 -11.15
N GLN B 193 15.44 67.03 -10.05
CA GLN B 193 14.64 65.85 -9.75
C GLN B 193 13.17 66.23 -9.87
N MSE B 194 12.44 65.54 -10.74
CA MSE B 194 11.03 65.80 -10.91
C MSE B 194 10.21 64.80 -10.09
O MSE B 194 10.52 63.61 -10.06
CB MSE B 194 10.64 65.72 -12.39
CG MSE B 194 11.38 66.69 -13.28
SE MSE B 194 11.12 68.57 -12.76
CE MSE B 194 9.17 68.64 -12.82
N ALA B 195 9.17 65.30 -9.43
CA ALA B 195 8.29 64.46 -8.63
C ALA B 195 6.96 65.16 -8.47
N ASP B 196 5.88 64.51 -8.88
CA ASP B 196 4.53 65.02 -8.67
C ASP B 196 3.90 64.36 -7.46
N ALA B 197 2.76 64.91 -7.05
CA ALA B 197 2.03 64.41 -5.89
C ALA B 197 0.64 65.03 -5.86
N PRO B 198 -0.33 64.35 -5.26
CA PRO B 198 -1.59 65.01 -4.97
C PRO B 198 -1.40 66.07 -3.91
N ILE B 199 -2.23 67.11 -3.97
CA ILE B 199 -2.17 68.17 -2.97
C ILE B 199 -2.87 67.66 -1.71
N LEU B 200 -2.11 67.54 -0.62
CA LEU B 200 -2.64 67.00 0.61
C LEU B 200 -2.27 67.91 1.78
N ALA B 201 -3.22 68.09 2.69
CA ALA B 201 -3.01 68.89 3.91
C ALA B 201 -2.33 68.00 4.95
N MSE B 202 -1.06 67.73 4.69
CA MSE B 202 -0.32 66.71 5.43
C MSE B 202 1.10 67.18 5.74
O MSE B 202 1.64 68.02 5.02
CB MSE B 202 -0.31 65.40 4.62
CG MSE B 202 0.49 64.25 5.21
SE MSE B 202 0.48 62.69 4.05
CE MSE B 202 -1.40 62.20 4.15
N ASP B 203 1.67 66.65 6.82
CA ASP B 203 3.09 66.86 7.12
C ASP B 203 3.93 66.52 5.91
N VAL B 204 4.79 67.46 5.49
CA VAL B 204 5.47 67.34 4.20
C VAL B 204 6.39 66.12 4.17
N LEU B 205 6.97 65.75 5.30
CA LEU B 205 7.87 64.59 5.30
C LEU B 205 7.11 63.30 5.02
N GLU B 206 5.96 63.11 5.68
CA GLU B 206 5.15 61.93 5.38
C GLU B 206 4.49 62.07 4.01
N TRP B 207 4.12 63.29 3.64
CA TRP B 207 3.63 63.56 2.29
C TRP B 207 4.66 63.15 1.24
N SER B 208 5.93 63.50 1.46
CA SER B 208 6.99 63.14 0.53
C SER B 208 7.28 61.65 0.57
N ARG B 209 7.17 61.03 1.74
CA ARG B 209 7.54 59.63 1.90
C ARG B 209 6.64 58.71 1.09
N HIS B 210 5.33 58.99 1.04
CA HIS B 210 4.37 58.03 0.52
C HIS B 210 3.65 58.43 -0.75
N PHE B 211 3.58 59.72 -1.10
CA PHE B 211 2.66 60.13 -2.16
C PHE B 211 3.35 60.74 -3.38
N ARG B 212 4.67 60.66 -3.46
CA ARG B 212 5.33 61.11 -4.67
C ARG B 212 4.96 60.19 -5.83
N CYS B 213 4.78 60.77 -7.01
CA CYS B 213 4.48 60.00 -8.21
C CYS B 213 5.10 60.71 -9.40
N PHE B 214 4.95 60.11 -10.57
CA PHE B 214 5.56 60.62 -11.78
C PHE B 214 4.81 61.84 -12.29
N PRO B 215 5.51 62.77 -12.95
CA PRO B 215 4.84 63.95 -13.51
C PRO B 215 3.62 63.58 -14.34
N GLY B 216 2.49 64.19 -14.00
CA GLY B 216 1.22 63.89 -14.64
C GLY B 216 0.32 62.99 -13.82
N GLN B 217 0.87 62.25 -12.86
CA GLN B 217 0.07 61.39 -12.00
C GLN B 217 -0.44 62.09 -10.75
N GLY B 218 0.08 63.29 -10.44
CA GLY B 218 -0.38 64.04 -9.29
C GLY B 218 -1.11 65.30 -9.70
N GLU B 219 -1.01 66.34 -8.87
CA GLU B 219 -1.75 67.59 -9.09
C GLU B 219 -0.85 68.81 -9.15
N MSE B 220 0.47 68.64 -9.15
CA MSE B 220 1.37 69.79 -9.12
C MSE B 220 1.67 70.30 -10.53
O MSE B 220 1.62 69.56 -11.51
CB MSE B 220 2.66 69.44 -8.40
CG MSE B 220 2.48 69.10 -6.92
SE MSE B 220 4.10 68.42 -6.06
CE MSE B 220 3.61 68.77 -4.22
N ASP B 221 2.00 71.59 -10.62
CA ASP B 221 2.33 72.24 -11.89
C ASP B 221 3.78 71.93 -12.22
N MSE B 222 3.99 70.76 -12.82
CA MSE B 222 5.31 70.28 -13.19
C MSE B 222 5.93 71.13 -14.29
O MSE B 222 7.12 71.47 -14.23
CB MSE B 222 5.24 68.82 -13.65
CG MSE B 222 4.66 67.87 -12.60
SE MSE B 222 5.94 67.35 -11.21
CE MSE B 222 5.82 68.89 -10.03
N ALA B 223 5.13 71.48 -15.30
CA ALA B 223 5.63 72.29 -16.41
C ALA B 223 6.02 73.68 -15.92
N GLY B 224 5.28 74.22 -14.95
CA GLY B 224 5.63 75.52 -14.39
C GLY B 224 6.88 75.50 -13.55
N PHE B 225 7.36 74.32 -13.16
CA PHE B 225 8.63 74.21 -12.43
C PHE B 225 9.81 74.03 -13.37
N LEU B 226 9.64 73.24 -14.44
CA LEU B 226 10.73 73.02 -15.37
C LEU B 226 10.97 74.21 -16.30
N ALA B 227 9.92 74.96 -16.61
CA ALA B 227 10.06 76.10 -17.52
C ALA B 227 11.07 77.14 -17.03
N PRO B 228 11.02 77.62 -15.77
CA PRO B 228 12.06 78.56 -15.32
C PRO B 228 13.45 77.96 -15.33
N ILE B 229 13.57 76.66 -15.08
CA ILE B 229 14.88 76.01 -15.07
C ILE B 229 15.52 76.12 -16.45
N LEU B 230 14.77 75.78 -17.49
CA LEU B 230 15.31 75.82 -18.85
C LEU B 230 15.56 77.23 -19.34
N ALA B 231 14.86 78.23 -18.79
CA ALA B 231 15.11 79.62 -19.15
C ALA B 231 16.50 80.07 -18.75
N THR B 232 17.12 79.43 -17.76
CA THR B 232 18.46 79.79 -17.33
C THR B 232 19.53 79.31 -18.31
N GLY B 233 19.17 78.48 -19.28
CA GLY B 233 20.13 77.85 -20.15
C GLY B 233 20.53 76.46 -19.72
N TYR B 234 20.10 76.02 -18.54
CA TYR B 234 20.40 74.69 -18.03
C TYR B 234 19.96 73.61 -19.02
N ARG B 235 20.88 72.72 -19.36
CA ARG B 235 20.60 71.55 -20.18
C ARG B 235 21.14 70.27 -19.55
N GLY B 236 21.32 70.27 -18.23
CA GLY B 236 21.85 69.13 -17.53
C GLY B 236 20.82 68.02 -17.36
N PRO B 237 21.10 67.10 -16.44
CA PRO B 237 20.23 65.93 -16.29
C PRO B 237 18.82 66.30 -15.86
N LEU B 238 17.85 65.56 -16.39
CA LEU B 238 16.45 65.67 -16.00
C LEU B 238 16.06 64.31 -15.41
N SER B 239 15.71 64.29 -14.13
CA SER B 239 15.62 63.04 -13.40
C SER B 239 14.26 62.91 -12.71
N LEU B 240 14.07 61.74 -12.09
CA LEU B 240 12.84 61.39 -11.39
C LEU B 240 13.23 60.82 -10.03
N GLU B 241 12.56 61.29 -8.98
CA GLU B 241 12.82 60.78 -7.63
C GLU B 241 11.46 60.57 -6.95
N ILE B 242 11.04 59.31 -6.90
CA ILE B 242 9.88 58.89 -6.13
C ILE B 242 10.36 57.88 -5.10
N PHE B 243 9.67 57.81 -3.97
CA PHE B 243 10.05 56.94 -2.87
C PHE B 243 9.04 55.79 -2.83
N ASN B 244 9.46 54.63 -3.32
CA ASN B 244 8.67 53.41 -3.22
C ASN B 244 9.09 52.66 -1.96
N ASP B 245 8.10 52.36 -1.11
CA ASP B 245 8.29 51.65 0.14
C ASP B 245 9.01 50.32 -0.06
N GLY B 246 9.50 49.74 1.03
CA GLY B 246 10.07 48.41 0.92
C GLY B 246 9.04 47.32 0.76
N PHE B 247 7.78 47.59 1.11
CA PHE B 247 6.75 46.57 1.24
C PHE B 247 6.17 46.23 -0.14
N ARG B 248 6.90 45.39 -0.87
CA ARG B 248 6.39 44.77 -2.09
C ARG B 248 6.03 45.77 -3.17
N ALA B 249 4.95 45.46 -3.88
CA ALA B 249 4.39 46.28 -4.95
C ALA B 249 5.43 46.62 -6.01
N ALA B 250 5.15 47.67 -6.79
CA ALA B 250 6.07 48.31 -7.73
C ALA B 250 6.63 47.35 -8.77
N PRO B 251 5.94 47.16 -9.90
CA PRO B 251 6.53 46.36 -10.98
C PRO B 251 7.71 47.11 -11.57
N THR B 252 8.90 46.52 -11.44
CA THR B 252 10.14 47.24 -11.77
C THR B 252 10.15 47.73 -13.21
N ARG B 253 9.91 46.85 -14.17
CA ARG B 253 10.01 47.24 -15.57
C ARG B 253 8.90 48.21 -15.95
N GLN B 254 7.71 48.04 -15.41
CA GLN B 254 6.59 48.90 -15.80
C GLN B 254 6.69 50.28 -15.16
N ASN B 255 7.18 50.35 -13.92
CA ASN B 255 7.43 51.65 -13.30
C ASN B 255 8.47 52.45 -14.10
N ALA B 256 9.53 51.77 -14.55
CA ALA B 256 10.56 52.47 -15.33
C ALA B 256 9.99 52.98 -16.65
N ALA B 257 9.15 52.19 -17.31
CA ALA B 257 8.53 52.64 -18.55
C ALA B 257 7.61 53.83 -18.31
N ASP B 258 6.81 53.78 -17.25
CA ASP B 258 5.97 54.93 -16.88
C ASP B 258 6.82 56.16 -16.58
N GLY B 259 7.95 55.96 -15.90
CA GLY B 259 8.82 57.07 -15.58
C GLY B 259 9.30 57.80 -16.82
N LEU B 260 9.80 57.06 -17.81
CA LEU B 260 10.25 57.68 -19.05
C LEU B 260 9.09 58.35 -19.77
N ARG B 261 7.94 57.67 -19.86
CA ARG B 261 6.76 58.26 -20.48
C ARG B 261 6.40 59.59 -19.81
N SER B 262 6.49 59.64 -18.47
CA SER B 262 6.14 60.87 -17.77
C SER B 262 7.12 62.00 -18.08
N LEU B 263 8.39 61.68 -18.32
CA LEU B 263 9.35 62.71 -18.70
C LEU B 263 9.08 63.21 -20.12
N LEU B 264 8.75 62.29 -21.04
CA LEU B 264 8.37 62.71 -22.39
C LEU B 264 7.15 63.61 -22.34
N TYR B 265 6.14 63.23 -21.56
CA TYR B 265 4.95 64.06 -21.41
C TYR B 265 5.29 65.39 -20.74
N LEU B 266 6.14 65.37 -19.72
CA LEU B 266 6.56 66.61 -19.07
C LEU B 266 7.28 67.53 -20.05
N GLU B 267 8.14 66.95 -20.91
CA GLU B 267 8.87 67.77 -21.87
C GLU B 267 7.92 68.46 -22.84
N GLU B 268 6.90 67.75 -23.32
CA GLU B 268 5.94 68.35 -24.24
C GLU B 268 5.18 69.49 -23.58
N GLN B 269 4.67 69.25 -22.36
CA GLN B 269 3.92 70.28 -21.66
C GLN B 269 4.80 71.48 -21.30
N THR B 270 6.07 71.23 -21.00
CA THR B 270 6.97 72.35 -20.71
C THR B 270 7.25 73.15 -21.97
N ARG B 271 7.39 72.49 -23.11
CA ARG B 271 7.55 73.21 -24.37
C ARG B 271 6.33 74.08 -24.65
N LEU B 272 5.14 73.53 -24.47
CA LEU B 272 3.91 74.30 -24.68
C LEU B 272 3.84 75.49 -23.72
N ARG B 273 4.26 75.30 -22.46
CA ARG B 273 4.22 76.40 -21.50
C ARG B 273 5.16 77.52 -21.90
N LEU B 274 6.36 77.19 -22.38
CA LEU B 274 7.29 78.23 -22.81
C LEU B 274 6.78 78.96 -24.05
N GLU B 275 6.15 78.22 -24.98
CA GLU B 275 5.56 78.85 -26.15
C GLU B 275 4.45 79.81 -25.75
N GLN B 276 3.68 79.48 -24.72
CA GLN B 276 2.57 80.34 -24.29
C GLN B 276 3.06 81.56 -23.52
N GLU B 277 4.27 81.52 -23.00
CA GLU B 277 4.86 82.66 -22.30
C GLU B 277 5.80 83.44 -23.20
N ASN B 278 5.73 83.20 -24.52
CA ASN B 278 6.58 83.85 -25.51
C ASN B 278 8.06 83.80 -25.12
N THR B 279 8.50 82.64 -24.64
CA THR B 279 9.90 82.37 -24.36
C THR B 279 10.29 80.99 -24.87
N PRO B 280 10.20 80.78 -26.20
CA PRO B 280 10.43 79.43 -26.74
C PRO B 280 11.86 78.98 -26.55
N ILE B 281 12.06 77.68 -26.75
CA ILE B 281 13.35 77.02 -26.55
C ILE B 281 13.88 76.57 -27.91
N GLU B 282 15.20 76.36 -27.97
CA GLU B 282 15.81 75.89 -29.20
C GLU B 282 15.26 74.51 -29.56
N PRO B 283 15.04 74.22 -30.85
CA PRO B 283 14.46 72.92 -31.21
C PRO B 283 15.40 71.77 -30.87
N GLY B 284 14.81 70.59 -30.76
CA GLY B 284 15.56 69.37 -30.53
C GLY B 284 15.84 69.03 -29.08
N VAL B 285 15.40 69.86 -28.13
CA VAL B 285 15.64 69.58 -26.71
C VAL B 285 14.47 68.83 -26.11
N LEU B 286 13.27 69.41 -26.22
CA LEU B 286 12.07 68.88 -25.58
C LEU B 286 11.29 68.01 -26.54
N PHE B 287 10.85 66.85 -26.06
CA PHE B 287 10.00 65.94 -26.82
C PHE B 287 8.88 66.69 -27.51
N SER B 288 8.74 66.48 -28.82
CA SER B 288 7.79 67.21 -29.65
C SER B 288 6.97 66.23 -30.48
N PRO B 289 6.05 65.52 -29.86
CA PRO B 289 5.23 64.54 -30.58
C PRO B 289 4.09 65.23 -31.31
N PRO B 290 3.39 64.52 -32.20
CA PRO B 290 2.20 65.10 -32.83
C PRO B 290 1.14 65.45 -31.80
N PRO B 291 0.49 66.60 -31.95
CA PRO B 291 -0.64 66.91 -31.07
C PRO B 291 -1.73 65.87 -31.22
N ALA B 292 -2.48 65.65 -30.14
CA ALA B 292 -3.54 64.66 -30.16
C ALA B 292 -4.67 65.10 -31.10
N SER B 293 -5.29 64.11 -31.73
CA SER B 293 -6.48 64.38 -32.53
C SER B 293 -7.64 64.83 -31.66
N ALA B 294 -8.54 65.61 -32.24
CA ALA B 294 -9.80 65.94 -31.59
C ALA B 294 -10.72 64.73 -31.61
N TYR B 295 -11.61 64.66 -30.62
CA TYR B 295 -12.52 63.53 -30.46
C TYR B 295 -13.97 63.96 -30.64
N ASP B 296 -14.80 63.01 -31.03
CA ASP B 296 -16.25 63.18 -31.11
C ASP B 296 -16.96 62.02 -30.42
N GLY B 297 -16.55 61.74 -29.19
CA GLY B 297 -17.21 60.71 -28.40
C GLY B 297 -16.85 59.30 -28.82
N VAL B 298 -17.66 58.37 -28.35
CA VAL B 298 -17.44 56.94 -28.57
C VAL B 298 -18.14 56.51 -29.84
N GLU B 299 -17.41 55.85 -30.74
CA GLU B 299 -18.01 55.30 -31.95
C GLU B 299 -18.83 54.05 -31.61
N PHE B 300 -18.22 53.09 -30.91
CA PHE B 300 -18.98 51.96 -30.39
C PHE B 300 -18.25 51.36 -29.21
N LEU B 301 -19.01 50.64 -28.39
CA LEU B 301 -18.48 49.82 -27.31
C LEU B 301 -18.52 48.37 -27.73
N GLU B 302 -17.44 47.64 -27.47
CA GLU B 302 -17.36 46.22 -27.81
C GLU B 302 -17.30 45.41 -26.53
N PHE B 303 -18.30 44.55 -26.31
CA PHE B 303 -18.37 43.70 -25.14
C PHE B 303 -18.00 42.27 -25.52
N ALA B 304 -17.24 41.62 -24.66
CA ALA B 304 -16.85 40.23 -24.83
C ALA B 304 -17.81 39.36 -24.05
N VAL B 305 -18.49 38.46 -24.75
CA VAL B 305 -19.54 37.64 -24.17
C VAL B 305 -19.52 36.28 -24.85
N ASP B 306 -20.23 35.32 -24.26
CA ASP B 306 -20.58 34.10 -24.97
C ASP B 306 -22.02 34.22 -25.43
N GLU B 307 -22.52 33.16 -26.06
CA GLU B 307 -23.86 33.23 -26.63
C GLU B 307 -24.93 33.33 -25.55
N ALA B 308 -24.73 32.69 -24.39
CA ALA B 308 -25.73 32.72 -23.33
C ALA B 308 -25.76 34.08 -22.63
N VAL B 309 -24.62 34.54 -22.11
CA VAL B 309 -24.60 35.82 -21.42
C VAL B 309 -24.82 36.96 -22.41
N GLY B 310 -24.39 36.79 -23.66
CA GLY B 310 -24.61 37.84 -24.65
C GLY B 310 -26.07 38.07 -24.94
N ALA B 311 -26.86 36.99 -24.95
CA ALA B 311 -28.30 37.14 -25.15
C ALA B 311 -28.94 37.88 -23.98
N ARG B 312 -28.50 37.58 -22.76
CA ARG B 312 -29.05 38.29 -21.60
C ARG B 312 -28.63 39.75 -21.60
N LEU B 313 -27.39 40.03 -22.01
CA LEU B 313 -26.96 41.43 -22.09
C LEU B 313 -27.71 42.17 -23.18
N GLY B 314 -27.96 41.49 -24.32
CA GLY B 314 -28.78 42.08 -25.35
C GLY B 314 -30.19 42.37 -24.88
N ASN B 315 -30.74 41.49 -24.03
CA ASN B 315 -32.06 41.72 -23.46
C ASN B 315 -32.07 42.99 -22.61
N TRP B 316 -31.06 43.14 -21.76
CA TRP B 316 -30.92 44.37 -20.96
C TRP B 316 -30.93 45.61 -21.85
N LEU B 317 -30.18 45.58 -22.94
CA LEU B 317 -30.05 46.76 -23.78
C LEU B 317 -31.34 47.05 -24.54
N LYS B 318 -32.05 46.00 -24.96
CA LYS B 318 -33.39 46.18 -25.51
C LYS B 318 -34.33 46.85 -24.53
N ARG B 319 -34.41 46.31 -23.30
CA ARG B 319 -35.25 46.92 -22.30
C ARG B 319 -34.84 48.36 -22.04
N LEU B 320 -33.54 48.65 -22.19
CA LEU B 320 -33.03 50.01 -22.11
C LEU B 320 -33.27 50.81 -23.38
N GLY B 321 -33.95 50.26 -24.38
CA GLY B 321 -34.36 51.01 -25.55
C GLY B 321 -33.53 50.79 -26.80
N PHE B 322 -32.56 49.88 -26.78
CA PHE B 322 -31.72 49.66 -27.96
C PHE B 322 -32.41 48.76 -28.96
N ALA B 323 -32.19 49.06 -30.23
CA ALA B 323 -32.69 48.25 -31.34
C ALA B 323 -31.59 47.32 -31.85
N GLU B 324 -31.99 46.11 -32.24
CA GLU B 324 -31.07 45.18 -32.88
C GLU B 324 -30.76 45.68 -34.28
N ALA B 325 -29.61 46.35 -34.46
CA ALA B 325 -29.30 46.96 -35.74
C ALA B 325 -28.82 45.95 -36.77
N GLY B 326 -28.60 44.70 -36.39
CA GLY B 326 -28.18 43.69 -37.35
C GLY B 326 -27.08 42.78 -36.83
N LYS B 327 -26.87 41.68 -37.54
CA LYS B 327 -25.87 40.68 -37.17
C LYS B 327 -24.71 40.71 -38.14
N HIS B 328 -23.53 40.38 -37.64
CA HIS B 328 -22.36 40.24 -38.50
C HIS B 328 -22.60 39.18 -39.58
N ARG B 329 -21.96 39.39 -40.72
CA ARG B 329 -22.18 38.52 -41.88
C ARG B 329 -21.63 37.12 -41.67
N SER B 330 -20.55 36.99 -40.89
CA SER B 330 -19.90 35.69 -40.75
C SER B 330 -19.65 35.30 -39.30
N LYS B 331 -19.55 36.27 -38.40
CA LYS B 331 -19.23 36.00 -37.00
C LYS B 331 -20.47 36.12 -36.12
N GLU B 332 -20.36 35.57 -34.91
CA GLU B 332 -21.41 35.65 -33.90
C GLU B 332 -21.29 36.97 -33.16
N VAL B 333 -21.59 38.04 -33.88
CA VAL B 333 -21.42 39.41 -33.39
C VAL B 333 -22.71 40.18 -33.68
N GLN B 334 -23.32 40.74 -32.64
CA GLN B 334 -24.58 41.46 -32.76
C GLN B 334 -24.35 42.95 -32.52
N LEU B 335 -25.01 43.78 -33.32
CA LEU B 335 -24.93 45.23 -33.19
C LEU B 335 -26.24 45.78 -32.67
N LEU B 336 -26.17 46.62 -31.63
CA LEU B 336 -27.34 47.30 -31.08
C LEU B 336 -27.13 48.81 -31.09
N ARG B 337 -28.23 49.53 -31.27
CA ARG B 337 -28.17 50.97 -31.54
C ARG B 337 -29.31 51.71 -30.84
N GLN B 338 -29.00 52.91 -30.36
CA GLN B 338 -30.02 53.82 -29.85
C GLN B 338 -29.42 55.22 -29.88
N GLY B 339 -30.06 56.11 -30.64
CA GLY B 339 -29.50 57.45 -30.79
C GLY B 339 -28.13 57.38 -31.44
N ASP B 340 -27.12 57.90 -30.75
CA ASP B 340 -25.74 57.85 -31.21
C ASP B 340 -24.93 56.79 -30.43
N ILE B 341 -25.60 55.88 -29.77
CA ILE B 341 -24.93 54.83 -29.01
C ILE B 341 -24.88 53.57 -29.86
N ASN B 342 -23.68 53.07 -30.12
CA ASN B 342 -23.49 51.81 -30.83
C ASN B 342 -22.82 50.83 -29.88
N ILE B 343 -23.40 49.64 -29.75
CA ILE B 343 -22.90 48.61 -28.85
C ILE B 343 -22.77 47.32 -29.62
N VAL B 344 -21.57 46.74 -29.58
CA VAL B 344 -21.24 45.50 -30.29
C VAL B 344 -21.10 44.39 -29.26
N LEU B 345 -21.92 43.35 -29.40
CA LEU B 345 -21.85 42.16 -28.55
C LEU B 345 -21.10 41.07 -29.29
N ASN B 346 -19.87 40.80 -28.86
CA ASN B 346 -18.95 39.89 -29.56
C ASN B 346 -18.96 38.54 -28.85
N ALA B 347 -19.61 37.55 -29.45
CA ALA B 347 -19.62 36.19 -28.94
C ALA B 347 -18.86 35.22 -29.84
N GLU B 348 -18.07 35.73 -30.77
CA GLU B 348 -17.33 34.88 -31.69
C GLU B 348 -16.24 34.14 -30.93
N PRO B 349 -16.22 32.81 -30.97
CA PRO B 349 -15.21 32.04 -30.23
C PRO B 349 -13.87 32.01 -30.95
N TYR B 350 -12.85 31.58 -30.21
CA TYR B 350 -11.50 31.37 -30.75
C TYR B 350 -10.96 32.66 -31.38
N SER B 351 -10.87 33.69 -30.55
CA SER B 351 -10.57 35.03 -31.04
C SER B 351 -10.11 35.88 -29.86
N PHE B 352 -9.74 37.13 -30.16
CA PHE B 352 -9.41 38.10 -29.13
C PHE B 352 -10.56 38.29 -28.15
N GLY B 353 -11.77 38.49 -28.65
CA GLY B 353 -12.91 38.67 -27.77
C GLY B 353 -13.16 37.47 -26.88
N HIS B 354 -13.07 36.26 -27.45
CA HIS B 354 -13.29 35.06 -26.65
C HIS B 354 -12.23 34.91 -25.57
N ASN B 355 -10.97 35.20 -25.91
CA ASN B 355 -9.92 35.20 -24.89
C ASN B 355 -10.26 36.18 -23.78
N PHE B 356 -10.72 37.38 -24.14
CA PHE B 356 -11.07 38.38 -23.13
C PHE B 356 -12.24 37.91 -22.26
N PHE B 357 -13.23 37.24 -22.87
CA PHE B 357 -14.37 36.75 -22.11
C PHE B 357 -13.95 35.69 -21.11
N GLU B 358 -13.07 34.76 -21.52
CA GLU B 358 -12.63 33.71 -20.61
C GLU B 358 -11.78 34.28 -19.46
N ALA B 359 -11.01 35.33 -19.73
CA ALA B 359 -10.15 35.90 -18.69
C ALA B 359 -10.92 36.79 -17.71
N HIS B 360 -11.99 37.45 -18.16
CA HIS B 360 -12.65 38.46 -17.34
C HIS B 360 -14.15 38.26 -17.17
N GLY B 361 -14.79 37.38 -17.93
CA GLY B 361 -16.24 37.27 -17.92
C GLY B 361 -16.85 38.28 -18.87
N PRO B 362 -18.15 38.53 -18.74
CA PRO B 362 -18.79 39.57 -19.57
C PRO B 362 -18.21 40.94 -19.22
N SER B 363 -17.65 41.59 -20.23
CA SER B 363 -16.83 42.78 -19.96
C SER B 363 -16.67 43.57 -21.25
N LEU B 364 -16.21 44.81 -21.09
CA LEU B 364 -15.86 45.67 -22.22
C LEU B 364 -14.43 45.37 -22.66
N CYS B 365 -14.29 44.75 -23.82
CA CYS B 365 -12.97 44.37 -24.32
C CYS B 365 -12.37 45.41 -25.26
N ALA B 366 -13.15 46.37 -25.74
CA ALA B 366 -12.61 47.39 -26.62
C ALA B 366 -13.58 48.55 -26.72
N THR B 367 -13.02 49.72 -27.02
CA THR B 367 -13.79 50.93 -27.26
C THR B 367 -13.28 51.58 -28.54
N ALA B 368 -14.19 51.84 -29.47
CA ALA B 368 -13.87 52.61 -30.66
C ALA B 368 -14.10 54.08 -30.38
N LEU B 369 -13.08 54.90 -30.60
CA LEU B 369 -13.17 56.33 -30.40
C LEU B 369 -13.37 57.03 -31.74
N ARG B 370 -14.21 58.07 -31.73
CA ARG B 370 -14.38 58.92 -32.90
C ARG B 370 -13.23 59.91 -32.93
N VAL B 371 -12.32 59.74 -33.89
CA VAL B 371 -11.14 60.58 -34.01
C VAL B 371 -11.24 61.42 -35.28
N LYS B 372 -10.86 62.69 -35.16
CA LYS B 372 -10.82 63.57 -36.33
C LYS B 372 -9.63 63.25 -37.22
N ASP B 373 -8.48 62.92 -36.61
CA ASP B 373 -7.25 62.61 -37.33
C ASP B 373 -6.75 61.26 -36.83
N GLN B 374 -7.04 60.21 -37.59
CA GLN B 374 -6.68 58.86 -37.16
C GLN B 374 -5.17 58.68 -37.14
N GLN B 375 -4.47 59.19 -38.15
CA GLN B 375 -3.03 58.99 -38.22
C GLN B 375 -2.30 59.80 -37.13
N ALA B 376 -2.81 60.99 -36.80
CA ALA B 376 -2.21 61.74 -35.70
C ALA B 376 -2.38 61.01 -34.37
N ALA B 377 -3.57 60.46 -34.12
CA ALA B 377 -3.79 59.72 -32.89
C ALA B 377 -2.88 58.51 -32.79
N LEU B 378 -2.70 57.78 -33.90
CA LEU B 378 -1.84 56.60 -33.87
C LEU B 378 -0.38 56.98 -33.67
N LYS B 379 0.07 58.04 -34.35
CA LYS B 379 1.49 58.41 -34.26
C LYS B 379 1.84 58.96 -32.89
N ARG B 380 0.92 59.70 -32.26
CA ARG B 380 1.18 60.18 -30.91
C ARG B 380 1.23 59.02 -29.91
N ALA B 381 0.31 58.06 -30.05
CA ALA B 381 0.33 56.89 -29.18
C ALA B 381 1.63 56.11 -29.36
N THR B 382 2.12 56.02 -30.60
CA THR B 382 3.40 55.37 -30.83
C THR B 382 4.55 56.17 -30.23
N ALA B 383 4.49 57.51 -30.34
CA ALA B 383 5.55 58.36 -29.81
C ALA B 383 5.67 58.23 -28.30
N PHE B 384 4.55 58.02 -27.60
CA PHE B 384 4.58 57.79 -26.16
C PHE B 384 4.72 56.32 -25.82
N ARG B 385 5.14 55.50 -26.79
CA ARG B 385 5.56 54.11 -26.56
C ARG B 385 4.40 53.24 -26.09
N GLY B 386 3.21 53.53 -26.61
CA GLY B 386 2.12 52.58 -26.53
C GLY B 386 2.28 51.49 -27.56
N GLN B 387 1.51 50.42 -27.42
CA GLN B 387 1.61 49.32 -28.36
C GLN B 387 0.51 49.45 -29.40
N PRO B 388 0.84 49.77 -30.65
CA PRO B 388 -0.19 49.84 -31.69
C PRO B 388 -0.37 48.49 -32.38
N PHE B 389 -1.56 48.32 -32.94
CA PHE B 389 -1.88 47.18 -33.79
C PHE B 389 -2.53 47.71 -35.05
N ARG B 390 -1.86 47.55 -36.17
CA ARG B 390 -2.50 47.82 -37.45
C ARG B 390 -3.71 46.91 -37.61
N GLY B 391 -4.61 47.28 -38.53
CA GLY B 391 -5.83 46.51 -38.66
C GLY B 391 -5.54 45.08 -39.06
N LEU B 392 -6.48 44.20 -38.70
CA LEU B 392 -6.35 42.75 -38.93
C LEU B 392 -5.00 42.20 -38.50
N VAL B 393 -4.37 42.80 -37.49
CA VAL B 393 -3.10 42.32 -36.94
C VAL B 393 -3.28 42.04 -35.46
N GLY B 394 -2.74 40.90 -35.01
CA GLY B 394 -2.76 40.52 -33.61
C GLY B 394 -4.18 40.41 -33.07
N PRO B 395 -4.44 41.04 -31.92
CA PRO B 395 -5.79 41.00 -31.35
C PRO B 395 -6.76 41.95 -32.04
N ASN B 396 -6.29 42.79 -32.95
CA ASN B 396 -7.13 43.77 -33.62
C ASN B 396 -7.79 43.11 -34.83
N GLU B 397 -9.07 42.81 -34.69
CA GLU B 397 -9.84 42.19 -35.76
C GLU B 397 -10.68 43.22 -36.53
N CYS B 398 -10.48 44.50 -36.26
CA CYS B 398 -11.04 45.57 -37.05
C CYS B 398 -10.03 46.01 -38.11
N GLU B 399 -10.49 46.86 -39.03
CA GLU B 399 -9.62 47.32 -40.11
C GLU B 399 -8.98 48.67 -39.84
N VAL B 400 -9.39 49.36 -38.77
CA VAL B 400 -8.75 50.59 -38.34
C VAL B 400 -7.62 50.23 -37.38
N PRO B 401 -6.64 51.12 -37.15
CA PRO B 401 -5.60 50.82 -36.16
C PRO B 401 -6.16 50.80 -34.75
N ALA B 402 -5.44 50.09 -33.87
CA ALA B 402 -5.84 49.95 -32.48
C ALA B 402 -4.65 50.23 -31.57
N VAL B 403 -4.95 50.76 -30.38
CA VAL B 403 -3.96 50.99 -29.34
C VAL B 403 -4.32 50.11 -28.15
N ARG B 404 -3.31 49.43 -27.60
CA ARG B 404 -3.52 48.52 -26.48
C ARG B 404 -3.63 49.31 -25.19
N ALA B 405 -4.68 49.05 -24.42
CA ALA B 405 -4.84 49.63 -23.10
C ALA B 405 -4.08 48.79 -22.08
N PRO B 406 -3.79 49.35 -20.89
CA PRO B 406 -2.93 48.63 -19.93
C PRO B 406 -3.43 47.24 -19.54
N ASP B 407 -4.73 47.01 -19.54
CA ASP B 407 -5.26 45.71 -19.14
C ASP B 407 -5.25 44.70 -20.29
N GLY B 408 -5.38 45.16 -21.52
CA GLY B 408 -5.41 44.27 -22.66
C GLY B 408 -6.52 44.66 -23.61
N SER B 409 -7.41 45.52 -23.14
CA SER B 409 -8.48 46.02 -23.98
C SER B 409 -7.92 46.92 -25.07
N LEU B 410 -8.71 47.11 -26.12
CA LEU B 410 -8.25 47.83 -27.30
C LEU B 410 -8.97 49.16 -27.43
N LEU B 411 -8.31 50.11 -28.08
CA LEU B 411 -8.91 51.39 -28.44
C LEU B 411 -8.80 51.53 -29.96
N TYR B 412 -9.92 51.41 -30.64
CA TYR B 412 -9.93 51.58 -32.09
C TYR B 412 -10.00 53.06 -32.42
N LEU B 413 -9.20 53.47 -33.40
CA LEU B 413 -9.15 54.85 -33.85
C LEU B 413 -9.97 54.95 -35.12
N VAL B 414 -11.24 55.33 -34.98
CA VAL B 414 -12.18 55.35 -36.09
C VAL B 414 -12.33 56.79 -36.57
N GLU B 415 -11.97 57.02 -37.83
CA GLU B 415 -12.19 58.28 -38.50
C GLU B 415 -13.51 58.19 -39.26
N GLN B 416 -14.50 58.98 -38.84
CA GLN B 416 -15.81 58.94 -39.52
C GLN B 416 -15.69 59.61 -40.89
N GLY B 417 -15.33 58.83 -41.90
CA GLY B 417 -15.13 59.35 -43.24
C GLY B 417 -16.40 59.87 -43.90
N THR B 422 -19.66 54.32 -42.71
CA THR B 422 -19.95 52.96 -43.14
C THR B 422 -19.57 51.95 -42.05
N LEU B 423 -18.45 51.25 -42.24
CA LEU B 423 -17.93 50.29 -41.27
C LEU B 423 -18.99 49.26 -40.87
N TYR B 424 -20.04 49.71 -40.17
CA TYR B 424 -21.17 48.83 -39.89
C TYR B 424 -21.80 48.33 -41.18
N ASP B 425 -21.77 49.14 -42.24
CA ASP B 425 -22.30 48.72 -43.53
C ASP B 425 -21.53 47.52 -44.07
N THR B 426 -20.20 47.54 -43.94
CA THR B 426 -19.37 46.50 -44.56
C THR B 426 -19.42 45.19 -43.80
N ASP B 427 -19.37 45.23 -42.46
CA ASP B 427 -19.27 44.00 -41.69
C ASP B 427 -20.59 43.47 -41.14
N PHE B 428 -21.64 44.29 -41.13
CA PHE B 428 -22.93 43.86 -40.63
C PHE B 428 -23.96 43.88 -41.74
N SER B 429 -25.07 43.21 -41.50
CA SER B 429 -26.18 43.13 -42.43
C SER B 429 -27.32 43.85 -41.73
N LEU B 430 -27.39 45.16 -41.96
CA LEU B 430 -28.18 46.05 -41.13
C LEU B 430 -29.67 45.85 -41.41
N ASP B 431 -30.45 45.83 -40.33
CA ASP B 431 -31.90 45.74 -40.42
C ASP B 431 -32.41 47.17 -40.66
N ASN B 432 -32.77 47.45 -41.91
CA ASN B 432 -33.19 48.80 -42.29
C ASN B 432 -34.44 49.21 -41.52
N ASN B 433 -35.35 48.27 -41.27
CA ASN B 433 -36.56 48.50 -40.50
C ASN B 433 -36.36 48.33 -38.99
N ALA B 434 -35.13 48.42 -38.49
CA ALA B 434 -34.88 48.37 -37.06
C ALA B 434 -34.95 49.79 -36.50
N THR B 435 -35.71 49.96 -35.41
CA THR B 435 -35.89 51.27 -34.79
C THR B 435 -35.78 51.14 -33.28
N ALA B 436 -35.07 52.08 -32.66
CA ALA B 436 -34.95 52.07 -31.21
C ALA B 436 -36.28 52.41 -30.56
N THR B 437 -36.43 52.00 -29.30
CA THR B 437 -37.65 52.28 -28.54
C THR B 437 -37.49 53.29 -27.43
N GLY B 438 -36.27 53.77 -27.15
CA GLY B 438 -36.06 54.80 -26.16
C GLY B 438 -35.47 56.08 -26.72
N GLY B 439 -35.19 57.01 -25.81
CA GLY B 439 -34.67 58.30 -26.17
C GLY B 439 -33.28 58.61 -25.65
N LEU B 440 -32.50 57.56 -25.34
CA LEU B 440 -31.11 57.78 -24.98
C LEU B 440 -30.35 58.30 -26.19
N ARG B 441 -29.50 59.30 -25.97
CA ARG B 441 -28.91 60.07 -27.06
C ARG B 441 -27.45 59.75 -27.31
N ARG B 442 -26.62 59.77 -26.27
CA ARG B 442 -25.21 59.48 -26.43
C ARG B 442 -24.65 58.96 -25.12
N ILE B 443 -23.47 58.34 -25.21
CA ILE B 443 -22.73 57.99 -24.00
C ILE B 443 -22.17 59.27 -23.40
N ASP B 444 -22.59 59.58 -22.18
CA ASP B 444 -22.12 60.80 -21.55
C ASP B 444 -20.79 60.59 -20.83
N HIS B 445 -20.66 59.50 -20.09
CA HIS B 445 -19.39 59.17 -19.46
C HIS B 445 -19.37 57.67 -19.17
N MSE B 446 -18.20 57.19 -18.75
CA MSE B 446 -18.02 55.78 -18.45
C MSE B 446 -16.93 55.61 -17.40
O MSE B 446 -15.78 55.92 -17.64
CB MSE B 446 -17.69 55.00 -19.72
CG MSE B 446 -17.46 53.52 -19.51
SE MSE B 446 -17.59 52.54 -21.19
CE MSE B 446 -16.39 53.64 -22.27
N ALA B 447 -17.31 55.13 -16.23
CA ALA B 447 -16.38 54.96 -15.12
C ALA B 447 -15.70 53.60 -15.20
N LEU B 448 -14.43 53.56 -14.82
CA LEU B 448 -13.68 52.32 -14.72
C LEU B 448 -13.37 52.05 -13.25
N ALA B 449 -13.41 50.77 -12.87
CA ALA B 449 -12.96 50.32 -11.56
C ALA B 449 -11.59 49.66 -11.74
N LEU B 450 -10.56 50.26 -11.14
CA LEU B 450 -9.19 49.85 -11.35
C LEU B 450 -8.52 49.49 -10.03
N PRO B 451 -7.52 48.60 -10.07
CA PRO B 451 -6.74 48.34 -8.85
C PRO B 451 -6.04 49.60 -8.38
N ALA B 452 -5.97 49.75 -7.05
CA ALA B 452 -5.38 50.97 -6.47
C ALA B 452 -3.95 51.21 -6.95
N GLU B 453 -3.17 50.15 -7.11
CA GLU B 453 -1.77 50.24 -7.48
C GLU B 453 -1.52 50.53 -8.96
N SER B 454 -2.54 50.40 -9.79
CA SER B 454 -2.39 50.58 -11.23
C SER B 454 -3.07 51.85 -11.73
N LEU B 455 -3.75 52.59 -10.86
CA LEU B 455 -4.57 53.71 -11.29
C LEU B 455 -3.70 54.86 -11.80
N ASP B 456 -2.58 55.13 -11.13
CA ASP B 456 -1.68 56.18 -11.60
C ASP B 456 -1.16 55.89 -13.00
N SER B 457 -0.87 54.62 -13.29
CA SER B 457 -0.40 54.25 -14.63
C SER B 457 -1.48 54.49 -15.68
N TRP B 458 -2.74 54.18 -15.35
CA TRP B 458 -3.83 54.46 -16.28
C TRP B 458 -3.98 55.95 -16.51
N VAL B 459 -3.83 56.75 -15.45
CA VAL B 459 -3.96 58.20 -15.57
C VAL B 459 -2.91 58.75 -16.54
N LEU B 460 -1.65 58.35 -16.35
CA LEU B 460 -0.60 58.83 -17.24
C LEU B 460 -0.81 58.33 -18.66
N PHE B 461 -1.33 57.11 -18.81
CA PHE B 461 -1.59 56.54 -20.12
C PHE B 461 -2.54 57.43 -20.92
N TYR B 462 -3.65 57.84 -20.31
CA TYR B 462 -4.64 58.64 -21.02
C TYR B 462 -4.21 60.09 -21.16
N LYS B 463 -3.54 60.63 -20.14
CA LYS B 463 -3.09 62.02 -20.21
C LYS B 463 -2.07 62.23 -21.32
N SER B 464 -1.15 61.28 -21.49
CA SER B 464 -0.06 61.47 -22.45
C SER B 464 -0.43 60.98 -23.86
N LEU B 465 -0.87 59.72 -23.98
CA LEU B 465 -1.14 59.17 -25.31
C LEU B 465 -2.30 59.88 -25.98
N PHE B 466 -3.32 60.28 -25.21
CA PHE B 466 -4.54 60.82 -25.79
C PHE B 466 -4.84 62.24 -25.32
N ASP B 467 -3.94 62.86 -24.57
CA ASP B 467 -4.07 64.26 -24.15
C ASP B 467 -5.38 64.52 -23.41
N PHE B 468 -5.77 63.58 -22.54
CA PHE B 468 -6.86 63.85 -21.63
C PHE B 468 -6.40 64.76 -20.50
N ALA B 469 -7.36 65.38 -19.82
CA ALA B 469 -7.08 66.29 -18.72
C ALA B 469 -7.80 65.84 -17.46
N ALA B 470 -7.27 66.31 -16.33
CA ALA B 470 -7.87 66.02 -15.03
C ALA B 470 -9.27 66.64 -14.93
N ASP B 471 -10.14 65.96 -14.20
CA ASP B 471 -11.53 66.40 -14.05
C ASP B 471 -12.04 65.99 -12.67
N ASP B 472 -11.32 66.36 -11.62
CA ASP B 472 -11.66 65.90 -10.29
C ASP B 472 -12.61 66.88 -9.59
N GLU B 473 -13.29 66.33 -8.57
CA GLU B 473 -14.29 66.89 -7.66
C GLU B 473 -14.10 66.45 -6.21
N VAL B 474 -14.32 67.41 -5.32
CA VAL B 474 -14.27 67.21 -3.88
C VAL B 474 -15.72 67.20 -3.40
N VAL B 475 -16.11 66.10 -2.74
CA VAL B 475 -17.49 65.90 -2.30
C VAL B 475 -17.60 66.26 -0.81
N LEU B 476 -18.66 65.80 -0.15
CA LEU B 476 -18.81 65.97 1.28
C LEU B 476 -17.73 65.20 2.02
N PRO B 477 -17.31 65.67 3.21
CA PRO B 477 -16.42 64.89 4.08
C PRO B 477 -17.14 63.71 4.72
N GLY B 481 -16.17 59.65 5.08
CA GLY B 481 -16.67 59.73 3.72
C GLY B 481 -15.59 59.91 2.67
N LEU B 482 -15.90 59.56 1.43
CA LEU B 482 -14.98 59.67 0.31
C LEU B 482 -15.14 61.07 -0.29
N VAL B 483 -14.16 61.93 -0.07
CA VAL B 483 -14.29 63.34 -0.44
C VAL B 483 -13.85 63.58 -1.89
N LYS B 484 -12.72 63.04 -2.32
CA LYS B 484 -12.17 63.31 -3.64
C LYS B 484 -12.43 62.12 -4.56
N SER B 485 -13.11 62.38 -5.68
CA SER B 485 -13.38 61.39 -6.71
C SER B 485 -12.62 61.76 -7.96
N ARG B 486 -11.76 60.85 -8.43
CA ARG B 486 -10.86 61.12 -9.54
C ARG B 486 -11.57 60.84 -10.87
N ALA B 487 -11.27 61.67 -11.88
CA ALA B 487 -11.85 61.49 -13.20
C ALA B 487 -10.97 62.17 -14.23
N LEU B 488 -11.06 61.68 -15.46
CA LEU B 488 -10.37 62.27 -16.60
C LEU B 488 -11.40 62.73 -17.63
N ARG B 489 -10.93 63.56 -18.55
CA ARG B 489 -11.81 64.24 -19.49
C ARG B 489 -11.00 64.64 -20.71
N SER B 490 -11.52 64.36 -21.90
CA SER B 490 -10.88 64.86 -23.11
C SER B 490 -11.02 66.38 -23.16
N GLN B 491 -10.13 67.01 -23.94
CA GLN B 491 -10.11 68.47 -24.00
C GLN B 491 -11.48 69.02 -24.40
N CYS B 492 -12.15 68.32 -25.32
CA CYS B 492 -13.46 68.73 -25.82
C CYS B 492 -14.60 68.37 -24.90
N GLY B 493 -14.40 67.41 -24.00
CA GLY B 493 -15.45 66.91 -23.14
C GLY B 493 -16.29 65.80 -23.72
N THR B 494 -15.99 65.35 -24.95
CA THR B 494 -16.77 64.28 -25.56
C THR B 494 -16.44 62.91 -24.99
N LEU B 495 -15.32 62.77 -24.29
CA LEU B 495 -14.94 61.53 -23.62
C LEU B 495 -14.69 61.82 -22.15
N ARG B 496 -15.37 61.09 -21.27
CA ARG B 496 -15.31 61.33 -19.83
C ARG B 496 -15.21 60.03 -19.06
N LEU B 497 -14.34 60.02 -18.04
CA LEU B 497 -14.00 58.81 -17.27
C LEU B 497 -14.02 59.15 -15.78
N LEU B 499 -12.75 57.46 -12.70
CA LEU B 499 -11.90 56.36 -12.26
C LEU B 499 -12.10 56.03 -10.79
N ASN B 500 -12.55 54.81 -10.52
CA ASN B 500 -12.75 54.29 -9.18
C ASN B 500 -11.78 53.15 -8.89
N ILE B 501 -11.67 52.83 -7.60
CA ILE B 501 -10.79 51.77 -7.14
C ILE B 501 -11.63 50.53 -6.88
N SER B 502 -11.34 49.45 -7.59
CA SER B 502 -11.98 48.18 -7.31
C SER B 502 -11.41 47.57 -6.04
N GLU B 503 -12.14 46.61 -5.48
CA GLU B 503 -11.69 45.94 -4.27
C GLU B 503 -10.59 44.95 -4.60
N ASN B 504 -9.56 44.91 -3.76
CA ASN B 504 -8.49 43.96 -3.96
C ASN B 504 -8.98 42.56 -3.58
N ARG B 505 -8.35 41.54 -4.17
CA ARG B 505 -8.82 40.17 -3.95
C ARG B 505 -8.62 39.70 -2.52
N ASN B 506 -7.52 40.11 -1.87
CA ASN B 506 -7.25 39.65 -0.52
C ASN B 506 -8.23 40.19 0.51
N THR B 507 -8.94 41.27 0.19
CA THR B 507 -10.01 41.73 1.07
C THR B 507 -11.28 40.90 0.87
N ALA B 508 -11.55 40.48 -0.37
CA ALA B 508 -12.68 39.58 -0.61
C ALA B 508 -12.51 38.25 0.13
N ILE B 509 -11.27 37.81 0.33
CA ILE B 509 -11.04 36.59 1.11
C ILE B 509 -11.29 36.86 2.59
N ALA B 510 -10.79 37.99 3.09
CA ALA B 510 -10.88 38.28 4.51
C ALA B 510 -12.33 38.43 4.96
N HIS B 511 -13.18 39.02 4.11
CA HIS B 511 -14.62 39.10 4.36
C HIS B 511 -15.39 37.93 3.75
N ALA B 512 -14.71 37.09 2.98
CA ALA B 512 -15.26 35.86 2.41
C ALA B 512 -16.54 36.07 1.61
N LEU B 513 -16.65 37.18 0.90
CA LEU B 513 -17.92 37.27 0.20
C LEU B 513 -17.60 36.80 -1.21
N SER B 514 -18.61 36.34 -1.92
CA SER B 514 -18.36 35.65 -3.17
C SER B 514 -18.76 36.38 -4.43
N SER B 515 -19.43 37.55 -4.42
CA SER B 515 -19.61 38.16 -5.76
C SER B 515 -18.53 39.15 -6.06
N TYR B 516 -17.30 38.82 -5.72
CA TYR B 516 -16.17 39.59 -6.13
C TYR B 516 -15.92 39.32 -7.60
N ARG B 517 -15.79 40.38 -8.41
CA ARG B 517 -15.62 40.22 -9.85
C ARG B 517 -14.44 41.03 -10.37
N GLY B 518 -13.64 41.63 -9.50
CA GLY B 518 -12.41 42.30 -9.92
C GLY B 518 -12.60 43.66 -10.57
N SER B 519 -11.77 43.95 -11.55
CA SER B 519 -11.75 45.25 -12.22
C SER B 519 -12.48 45.20 -13.56
N GLY B 520 -12.64 46.37 -14.15
CA GLY B 520 -13.32 46.54 -15.42
C GLY B 520 -14.17 47.78 -15.41
N VAL B 521 -15.15 47.82 -16.31
CA VAL B 521 -16.05 48.96 -16.40
C VAL B 521 -16.89 49.05 -15.14
N HIS B 522 -16.89 50.24 -14.53
CA HIS B 522 -17.71 50.48 -13.34
C HIS B 522 -19.17 50.72 -13.72
N HIS B 523 -19.41 51.69 -14.60
CA HIS B 523 -20.75 51.92 -15.12
C HIS B 523 -20.67 52.76 -16.39
N ILE B 524 -21.73 52.70 -17.19
CA ILE B 524 -21.85 53.45 -18.42
C ILE B 524 -23.09 54.33 -18.32
N ALA B 525 -22.94 55.61 -18.65
CA ALA B 525 -23.99 56.60 -18.47
C ALA B 525 -24.48 57.13 -19.80
N PHE B 526 -25.79 57.04 -20.03
CA PHE B 526 -26.42 57.60 -21.21
C PHE B 526 -27.25 58.82 -20.82
N ASP B 527 -27.31 59.80 -21.71
CA ASP B 527 -28.10 60.99 -21.46
C ASP B 527 -29.39 60.95 -22.28
N CYS B 528 -30.33 61.80 -21.89
CA CYS B 528 -31.62 61.89 -22.55
C CYS B 528 -32.20 63.28 -22.33
N ASP B 529 -33.28 63.58 -23.06
CA ASP B 529 -33.94 64.87 -22.92
C ASP B 529 -34.91 64.90 -21.76
N ASP B 530 -35.59 63.78 -21.49
CA ASP B 530 -36.68 63.75 -20.52
C ASP B 530 -36.46 62.55 -19.60
N ILE B 531 -36.03 62.83 -18.36
CA ILE B 531 -35.70 61.75 -17.43
C ILE B 531 -36.96 60.97 -17.04
N PHE B 532 -38.09 61.65 -16.86
CA PHE B 532 -39.29 60.98 -16.41
C PHE B 532 -39.84 60.04 -17.47
N ARG B 533 -39.79 60.46 -18.74
CA ARG B 533 -40.29 59.62 -19.82
C ARG B 533 -39.41 58.39 -20.02
N GLU B 534 -38.09 58.54 -19.90
CA GLU B 534 -37.21 57.40 -20.09
C GLU B 534 -37.32 56.42 -18.93
N VAL B 535 -37.42 56.93 -17.69
CA VAL B 535 -37.61 56.07 -16.53
C VAL B 535 -38.91 55.28 -16.65
N ALA B 536 -39.99 55.95 -17.08
CA ALA B 536 -41.27 55.27 -17.21
C ALA B 536 -41.18 54.12 -18.20
N ARG B 537 -40.62 54.37 -19.38
CA ARG B 537 -40.48 53.32 -20.39
C ARG B 537 -39.54 52.22 -19.92
N ALA B 538 -38.42 52.61 -19.28
CA ALA B 538 -37.43 51.61 -18.85
C ALA B 538 -37.98 50.75 -17.72
N LYS B 539 -38.67 51.36 -16.76
CA LYS B 539 -39.23 50.60 -15.64
C LYS B 539 -40.24 49.56 -16.12
N LEU B 540 -41.07 49.94 -17.10
CA LEU B 540 -42.12 49.05 -17.58
C LEU B 540 -41.58 47.96 -18.49
N ALA B 541 -40.47 48.22 -19.19
CA ALA B 541 -39.85 47.21 -20.02
C ALA B 541 -39.07 46.18 -19.22
N GLY B 542 -38.91 46.38 -17.92
CA GLY B 542 -38.23 45.44 -17.06
C GLY B 542 -36.82 45.80 -16.66
N VAL B 543 -36.38 47.02 -16.92
CA VAL B 543 -35.04 47.43 -16.46
C VAL B 543 -35.05 47.50 -14.94
N PRO B 544 -34.10 46.87 -14.26
CA PRO B 544 -34.10 46.86 -12.78
C PRO B 544 -33.55 48.15 -12.20
N LEU B 545 -34.32 49.23 -12.34
CA LEU B 545 -33.91 50.51 -11.76
C LEU B 545 -33.96 50.43 -10.24
N LEU B 546 -33.11 51.23 -9.59
CA LEU B 546 -33.01 51.17 -8.14
C LEU B 546 -34.21 51.84 -7.49
N GLU B 547 -34.60 51.30 -6.34
CA GLU B 547 -35.65 51.89 -5.52
C GLU B 547 -35.00 52.80 -4.49
N ILE B 548 -35.41 54.06 -4.47
CA ILE B 548 -34.81 55.09 -3.62
C ILE B 548 -35.69 55.31 -2.40
N PRO B 549 -35.14 55.28 -1.19
CA PRO B 549 -35.98 55.37 0.01
C PRO B 549 -36.63 56.73 0.16
N LEU B 550 -37.72 56.74 0.93
CA LEU B 550 -38.49 57.97 1.13
C LEU B 550 -37.67 59.03 1.86
N ASN B 551 -36.85 58.62 2.83
CA ASN B 551 -36.08 59.59 3.61
C ASN B 551 -35.16 60.42 2.73
N TYR B 552 -34.76 59.89 1.57
CA TYR B 552 -33.97 60.69 0.63
C TYR B 552 -34.76 61.89 0.14
N TYR B 553 -36.04 61.69 -0.18
CA TYR B 553 -36.86 62.78 -0.69
C TYR B 553 -37.35 63.69 0.42
N ASP B 554 -37.51 63.15 1.64
CA ASP B 554 -37.73 64.02 2.79
C ASP B 554 -36.54 64.94 2.99
N ASP B 555 -35.33 64.43 2.73
CA ASP B 555 -34.13 65.25 2.87
C ASP B 555 -34.07 66.33 1.80
N LEU B 556 -34.47 65.99 0.57
CA LEU B 556 -34.49 67.00 -0.50
C LEU B 556 -35.49 68.11 -0.19
N ALA B 557 -36.58 67.79 0.50
CA ALA B 557 -37.56 68.82 0.86
C ALA B 557 -36.96 69.83 1.83
N ALA B 558 -36.21 69.35 2.82
CA ALA B 558 -35.61 70.23 3.82
C ALA B 558 -34.37 70.95 3.32
N ARG B 559 -33.92 70.68 2.10
CA ARG B 559 -32.74 71.33 1.55
C ARG B 559 -33.01 72.17 0.32
N PHE B 560 -34.15 71.97 -0.35
CA PHE B 560 -34.52 72.76 -1.52
C PHE B 560 -36.00 73.10 -1.46
N ASP B 561 -36.35 74.24 -2.05
CA ASP B 561 -37.74 74.66 -2.18
C ASP B 561 -38.26 74.10 -3.49
N PHE B 562 -38.76 72.87 -3.45
CA PHE B 562 -39.37 72.22 -4.60
C PHE B 562 -40.87 72.48 -4.61
N ASP B 563 -41.46 72.33 -5.80
CA ASP B 563 -42.89 72.54 -6.00
C ASP B 563 -43.71 71.79 -4.96
N ASP B 564 -43.90 70.49 -5.20
CA ASP B 564 -44.56 69.51 -4.34
C ASP B 564 -45.04 68.38 -5.22
N GLU B 565 -45.77 68.73 -6.28
CA GLU B 565 -46.07 67.75 -7.32
C GLU B 565 -44.78 67.28 -8.00
N PHE B 566 -43.82 68.19 -8.20
CA PHE B 566 -42.59 67.82 -8.89
C PHE B 566 -41.75 66.87 -8.04
N LEU B 567 -41.58 67.18 -6.75
CA LEU B 567 -40.74 66.31 -5.94
C LEU B 567 -41.45 65.00 -5.63
N SER B 568 -42.78 65.01 -5.54
CA SER B 568 -43.51 63.75 -5.42
C SER B 568 -43.41 62.93 -6.70
N GLU B 569 -43.22 63.61 -7.84
CA GLU B 569 -42.91 62.90 -9.08
C GLU B 569 -41.52 62.30 -9.03
N LEU B 570 -40.54 63.05 -8.48
CA LEU B 570 -39.20 62.50 -8.32
C LEU B 570 -39.22 61.29 -7.42
N ALA B 571 -39.98 61.34 -6.33
CA ALA B 571 -40.04 60.21 -5.41
C ALA B 571 -40.73 59.02 -6.06
N TYR B 572 -41.79 59.25 -6.85
CA TYR B 572 -42.47 58.14 -7.49
C TYR B 572 -41.64 57.51 -8.61
N TYR B 573 -40.84 58.31 -9.30
CA TYR B 573 -40.02 57.79 -10.39
C TYR B 573 -38.62 57.40 -9.94
N ASN B 574 -38.36 57.40 -8.64
CA ASN B 574 -37.07 56.99 -8.08
C ASN B 574 -35.92 57.74 -8.75
N VAL B 575 -36.11 59.03 -9.00
CA VAL B 575 -35.10 59.86 -9.64
C VAL B 575 -34.20 60.46 -8.58
N LEU B 576 -32.90 60.43 -8.83
CA LEU B 576 -31.91 61.07 -7.97
C LEU B 576 -31.61 62.46 -8.51
N TYR B 577 -31.21 63.36 -7.62
CA TYR B 577 -31.19 64.78 -7.94
C TYR B 577 -29.90 65.43 -7.45
N ASP B 578 -29.45 66.42 -8.21
CA ASP B 578 -28.33 67.25 -7.80
C ASP B 578 -28.46 68.62 -8.45
N ARG B 579 -27.94 69.63 -7.76
CA ARG B 579 -27.93 71.03 -8.18
C ARG B 579 -26.58 71.64 -7.89
N ASP B 580 -26.00 72.33 -8.88
CA ASP B 580 -24.74 73.02 -8.68
C ASP B 580 -24.99 74.39 -8.05
N ALA B 581 -23.96 75.22 -7.96
CA ALA B 581 -24.11 76.55 -7.39
C ALA B 581 -24.58 77.59 -8.40
N GLN B 582 -24.71 77.22 -9.68
CA GLN B 582 -25.13 78.15 -10.73
C GLN B 582 -26.53 77.84 -11.26
N GLY B 583 -27.29 77.01 -10.54
CA GLY B 583 -28.63 76.65 -10.97
C GLY B 583 -28.73 75.49 -11.92
N GLY B 584 -27.60 74.97 -12.40
CA GLY B 584 -27.64 73.75 -13.19
C GLY B 584 -28.14 72.57 -12.38
N GLU B 585 -28.85 71.66 -13.03
CA GLU B 585 -29.48 70.55 -12.35
C GLU B 585 -29.18 69.23 -13.03
N LEU B 586 -29.15 68.17 -12.24
CA LEU B 586 -28.94 66.81 -12.73
C LEU B 586 -30.08 65.92 -12.27
N PHE B 587 -30.63 65.14 -13.20
CA PHE B 587 -31.60 64.10 -12.91
C PHE B 587 -31.05 62.79 -13.46
N HIS B 588 -30.84 61.81 -12.58
CA HIS B 588 -30.25 60.57 -13.03
C HIS B 588 -30.78 59.39 -12.21
N VAL B 589 -30.76 58.22 -12.84
CA VAL B 589 -31.17 56.96 -12.21
C VAL B 589 -30.14 55.90 -12.54
N TYR B 590 -30.11 54.86 -11.71
CA TYR B 590 -29.18 53.75 -11.88
C TYR B 590 -29.94 52.44 -12.01
N THR B 591 -29.37 51.52 -12.78
CA THR B 591 -29.82 50.13 -12.80
C THR B 591 -29.03 49.32 -11.77
N GLU B 592 -29.53 48.14 -11.48
CA GLU B 592 -28.73 47.18 -10.73
C GLU B 592 -27.56 46.72 -11.60
N PRO B 593 -26.51 46.18 -11.00
CA PRO B 593 -25.39 45.67 -11.80
C PRO B 593 -25.84 44.51 -12.67
N PHE B 594 -25.33 44.49 -13.91
CA PHE B 594 -25.56 43.36 -14.79
C PHE B 594 -24.68 42.21 -14.34
N GLU B 595 -25.29 41.21 -13.70
CA GLU B 595 -24.60 40.01 -13.23
C GLU B 595 -23.33 40.37 -12.48
N GLU B 596 -23.49 41.29 -11.52
CA GLU B 596 -22.50 41.61 -10.49
C GLU B 596 -21.27 42.33 -11.03
N ARG B 597 -21.35 42.93 -12.21
CA ARG B 597 -20.23 43.71 -12.72
C ARG B 597 -20.65 45.16 -12.95
N PHE B 598 -20.74 45.59 -14.20
CA PHE B 598 -21.08 46.97 -14.50
C PHE B 598 -22.58 47.20 -14.41
N PHE B 599 -22.95 48.44 -14.09
CA PHE B 599 -24.34 48.87 -14.13
C PHE B 599 -24.48 50.03 -15.12
N PHE B 600 -25.72 50.45 -15.35
CA PHE B 600 -26.01 51.51 -16.29
C PHE B 600 -26.62 52.71 -15.58
N GLU B 601 -26.52 53.87 -16.23
CA GLU B 601 -27.03 55.11 -15.68
C GLU B 601 -27.67 55.92 -16.80
N ILE B 602 -28.84 56.51 -16.51
CA ILE B 602 -29.52 57.42 -17.41
C ILE B 602 -29.59 58.78 -16.75
N ILE B 603 -29.14 59.82 -17.45
CA ILE B 603 -29.03 61.16 -16.90
C ILE B 603 -29.75 62.16 -17.80
N GLN B 604 -30.16 63.27 -17.18
CA GLN B 604 -30.62 64.46 -17.89
C GLN B 604 -29.89 65.65 -17.28
N ARG B 605 -29.14 66.38 -18.11
CA ARG B 605 -28.42 67.57 -17.68
C ARG B 605 -29.20 68.82 -18.03
N LYS B 606 -29.35 69.71 -17.04
CA LYS B 606 -30.14 70.93 -17.22
C LYS B 606 -29.34 72.18 -16.87
N ALA B 607 -29.51 73.20 -17.71
CA ALA B 607 -28.88 74.51 -17.54
C ALA B 607 -27.40 74.40 -17.20
N GLY B 608 -26.67 73.64 -18.01
CA GLY B 608 -25.22 73.62 -17.91
C GLY B 608 -24.63 72.83 -16.77
N TYR B 609 -25.40 71.96 -16.13
CA TYR B 609 -24.82 71.08 -15.12
C TYR B 609 -23.72 70.24 -15.76
N ALA B 610 -22.56 70.20 -15.10
CA ALA B 610 -21.37 69.58 -15.67
C ALA B 610 -20.75 68.47 -14.84
N GLY B 611 -21.21 68.26 -13.61
CA GLY B 611 -20.62 67.27 -12.72
C GLY B 611 -21.14 65.86 -12.98
N TYR B 612 -20.94 65.01 -11.98
CA TYR B 612 -21.37 63.61 -12.07
C TYR B 612 -22.42 63.24 -11.04
N GLY B 613 -22.90 64.19 -10.24
CA GLY B 613 -23.83 63.85 -9.19
C GLY B 613 -23.23 62.98 -8.11
N ALA B 614 -21.96 63.24 -7.77
CA ALA B 614 -21.26 62.42 -6.78
C ALA B 614 -21.92 62.48 -5.41
N ALA B 615 -22.73 63.50 -5.13
CA ALA B 615 -23.39 63.61 -3.84
C ALA B 615 -24.34 62.44 -3.56
N ASN B 616 -24.73 61.68 -4.59
CA ASN B 616 -25.70 60.60 -4.43
C ASN B 616 -25.06 59.22 -4.39
N VAL B 617 -23.74 59.14 -4.28
CA VAL B 617 -23.07 57.83 -4.33
C VAL B 617 -23.47 56.98 -3.12
N ALA B 618 -23.58 57.59 -1.95
CA ALA B 618 -23.97 56.83 -0.76
C ALA B 618 -25.35 56.23 -0.92
N VAL B 619 -26.27 56.96 -1.53
CA VAL B 619 -27.64 56.47 -1.70
C VAL B 619 -27.66 55.32 -2.72
N ARG B 620 -26.89 55.44 -3.80
CA ARG B 620 -26.82 54.36 -4.77
C ARG B 620 -26.28 53.08 -4.14
N LEU B 621 -25.22 53.20 -3.34
CA LEU B 621 -24.62 52.03 -2.71
C LEU B 621 -25.58 51.40 -1.70
N ALA B 622 -26.30 52.23 -0.94
CA ALA B 622 -27.25 51.71 0.03
C ALA B 622 -28.39 50.96 -0.66
N ALA B 623 -28.88 51.49 -1.78
CA ALA B 623 -29.96 50.83 -2.50
C ALA B 623 -29.51 49.49 -3.09
N MSE B 624 -28.35 49.47 -3.75
CA MSE B 624 -27.82 48.24 -4.33
C MSE B 624 -27.57 47.19 -3.25
O MSE B 624 -27.77 46.00 -3.48
CB MSE B 624 -26.53 48.52 -5.10
CG MSE B 624 -26.74 49.22 -6.44
SE MSE B 624 -25.06 49.57 -7.38
CE MSE B 624 -25.78 50.45 -8.96
N ALA B 625 -27.14 47.65 -2.07
CA ALA B 625 -26.94 46.74 -0.95
C ALA B 625 -28.27 46.15 -0.49
N LYS B 626 -29.29 46.99 -0.32
CA LYS B 626 -30.60 46.49 0.08
C LYS B 626 -31.20 45.56 -0.97
N ALA B 627 -30.91 45.82 -2.25
CA ALA B 627 -31.39 44.93 -3.31
C ALA B 627 -30.86 43.51 -3.14
N ARG B 628 -29.66 43.35 -2.61
CA ARG B 628 -29.09 42.03 -2.33
C ARG B 628 -29.71 41.51 -1.05
N SER B 629 -30.55 40.48 -1.16
CA SER B 629 -31.22 39.90 -0.01
C SER B 629 -31.69 38.48 -0.31
N ALA C 1 -12.16 -50.81 -31.55
CA ALA C 1 -11.34 -49.95 -30.71
C ALA C 1 -9.85 -50.16 -31.00
N LYS C 2 -9.11 -49.06 -31.10
CA LYS C 2 -7.69 -49.15 -31.37
C LYS C 2 -6.95 -49.64 -30.12
N MSE C 3 -5.78 -50.22 -30.34
CA MSE C 3 -4.94 -50.63 -29.22
C MSE C 3 -4.43 -49.44 -28.44
O MSE C 3 -4.39 -48.31 -28.95
CB MSE C 3 -3.76 -51.46 -29.71
CG MSE C 3 -4.03 -52.93 -29.85
SE MSE C 3 -2.65 -53.78 -30.90
CE MSE C 3 -2.36 -55.35 -29.82
N GLN C 4 -4.06 -49.68 -27.18
CA GLN C 4 -3.46 -48.66 -26.34
C GLN C 4 -2.05 -48.37 -26.84
N ARG C 5 -1.85 -47.21 -27.47
CA ARG C 5 -0.57 -46.84 -28.03
C ARG C 5 0.27 -46.14 -26.98
N SER C 6 1.46 -46.66 -26.71
CA SER C 6 2.34 -46.09 -25.71
C SER C 6 3.73 -45.91 -26.30
N ILE C 7 4.59 -45.21 -25.56
CA ILE C 7 5.98 -45.03 -25.94
C ILE C 7 6.81 -44.91 -24.67
N ALA C 8 7.98 -45.54 -24.66
CA ALA C 8 8.87 -45.45 -23.51
C ALA C 8 9.52 -44.07 -23.44
N THR C 9 9.65 -43.55 -22.22
CA THR C 9 10.24 -42.22 -22.06
C THR C 9 11.70 -42.19 -22.51
N VAL C 10 12.39 -43.34 -22.49
CA VAL C 10 13.77 -43.39 -22.95
C VAL C 10 13.87 -43.08 -24.44
N SER C 11 12.75 -43.12 -25.18
CA SER C 11 12.75 -42.81 -26.60
C SER C 11 12.84 -41.32 -26.88
N LEU C 12 12.73 -40.47 -25.86
CA LEU C 12 12.74 -39.03 -26.04
C LEU C 12 13.82 -38.42 -25.16
N SER C 13 14.11 -37.15 -25.41
CA SER C 13 14.97 -36.35 -24.56
C SER C 13 14.15 -35.28 -23.84
N GLY C 14 14.73 -34.71 -22.80
CA GLY C 14 14.09 -33.65 -22.04
C GLY C 14 13.80 -34.07 -20.62
N THR C 15 13.20 -33.14 -19.88
CA THR C 15 12.73 -33.45 -18.53
C THR C 15 11.54 -34.39 -18.61
N LEU C 16 11.29 -35.09 -17.51
CA LEU C 16 10.12 -35.98 -17.46
C LEU C 16 8.81 -35.25 -17.73
N PRO C 17 8.53 -34.07 -17.15
CA PRO C 17 7.30 -33.37 -17.53
C PRO C 17 7.24 -33.01 -19.01
N GLU C 18 8.38 -32.59 -19.60
CA GLU C 18 8.39 -32.28 -21.02
C GLU C 18 8.06 -33.50 -21.86
N LYS C 19 8.61 -34.66 -21.49
CA LYS C 19 8.32 -35.89 -22.22
C LYS C 19 6.85 -36.25 -22.12
N LEU C 20 6.29 -36.21 -20.91
CA LEU C 20 4.90 -36.61 -20.71
C LEU C 20 3.94 -35.69 -21.46
N GLU C 21 4.22 -34.38 -21.47
CA GLU C 21 3.38 -33.47 -22.24
C GLU C 21 3.49 -33.73 -23.73
N ALA C 22 4.70 -33.96 -24.23
CA ALA C 22 4.87 -34.27 -25.65
C ALA C 22 4.17 -35.57 -26.02
N ILE C 23 4.28 -36.59 -25.16
CA ILE C 23 3.64 -37.88 -25.42
C ILE C 23 2.14 -37.71 -25.52
N ALA C 24 1.54 -36.95 -24.59
CA ALA C 24 0.11 -36.72 -24.64
C ALA C 24 -0.28 -35.87 -25.84
N ALA C 25 0.48 -34.80 -26.11
CA ALA C 25 0.16 -33.92 -27.23
C ALA C 25 0.22 -34.64 -28.56
N ALA C 26 1.07 -35.67 -28.68
CA ALA C 26 1.18 -36.43 -29.91
C ALA C 26 0.02 -37.38 -30.13
N GLY C 27 -0.81 -37.62 -29.11
CA GLY C 27 -1.94 -38.50 -29.24
C GLY C 27 -1.74 -39.91 -28.71
N PHE C 28 -0.69 -40.16 -27.93
CA PHE C 28 -0.51 -41.47 -27.33
C PHE C 28 -1.55 -41.70 -26.23
N ASP C 29 -1.84 -42.97 -25.98
CA ASP C 29 -2.70 -43.35 -24.87
C ASP C 29 -1.92 -43.65 -23.59
N GLY C 30 -0.70 -44.14 -23.72
CA GLY C 30 0.05 -44.61 -22.57
C GLY C 30 1.53 -44.25 -22.69
N VAL C 31 2.27 -44.57 -21.63
CA VAL C 31 3.69 -44.29 -21.55
C VAL C 31 4.36 -45.36 -20.70
N GLU C 32 5.52 -45.81 -21.14
CA GLU C 32 6.40 -46.62 -20.30
C GLU C 32 7.32 -45.69 -19.52
N ILE C 33 7.28 -45.78 -18.20
CA ILE C 33 8.15 -44.97 -17.36
C ILE C 33 9.50 -45.68 -17.25
N PHE C 34 10.53 -45.10 -17.86
CA PHE C 34 11.88 -45.60 -17.73
C PHE C 34 12.42 -45.15 -16.37
N GLU C 35 12.93 -46.10 -15.58
CA GLU C 35 13.25 -45.81 -14.19
C GLU C 35 14.27 -44.69 -14.06
N ASN C 36 15.26 -44.64 -14.97
CA ASN C 36 16.28 -43.60 -14.90
C ASN C 36 15.66 -42.21 -15.02
N ASP C 37 14.56 -42.09 -15.76
CA ASP C 37 13.88 -40.80 -15.87
C ASP C 37 13.28 -40.36 -14.53
N LEU C 38 12.76 -41.31 -13.74
CA LEU C 38 12.29 -40.98 -12.40
C LEU C 38 13.44 -40.51 -11.52
N LEU C 39 14.62 -41.10 -11.69
CA LEU C 39 15.75 -40.79 -10.82
C LEU C 39 16.16 -39.33 -10.95
N TYR C 40 16.03 -38.76 -12.14
CA TYR C 40 16.39 -37.38 -12.39
C TYR C 40 15.22 -36.41 -12.19
N TYR C 41 14.02 -36.91 -11.97
CA TYR C 41 12.87 -36.04 -11.73
C TYR C 41 12.81 -35.66 -10.26
N ALA C 42 12.75 -34.36 -10.00
CA ALA C 42 12.82 -33.87 -8.63
C ALA C 42 11.55 -34.13 -7.85
N GLY C 43 10.43 -34.36 -8.52
CA GLY C 43 9.17 -34.61 -7.86
C GLY C 43 9.03 -36.05 -7.41
N SER C 44 7.85 -36.37 -6.94
CA SER C 44 7.54 -37.67 -6.36
C SER C 44 6.93 -38.61 -7.40
N PRO C 45 7.05 -39.93 -7.18
CA PRO C 45 6.34 -40.88 -8.06
C PRO C 45 4.85 -40.65 -8.13
N ARG C 46 4.24 -40.18 -7.05
CA ARG C 46 2.82 -39.89 -7.09
C ARG C 46 2.53 -38.62 -7.89
N GLN C 47 3.44 -37.66 -7.85
CA GLN C 47 3.30 -36.48 -8.72
C GLN C 47 3.40 -36.88 -10.20
N VAL C 48 4.19 -37.90 -10.52
CA VAL C 48 4.19 -38.43 -11.88
C VAL C 48 2.83 -39.01 -12.22
N ARG C 49 2.25 -39.77 -11.29
CA ARG C 49 0.91 -40.31 -11.50
C ARG C 49 -0.10 -39.20 -11.73
N GLN C 50 0.03 -38.10 -10.99
CA GLN C 50 -0.91 -36.98 -11.16
C GLN C 50 -0.74 -36.31 -12.51
N MSE C 51 0.50 -36.14 -12.97
CA MSE C 51 0.76 -35.54 -14.27
C MSE C 51 0.12 -36.35 -15.41
O MSE C 51 -0.48 -35.80 -16.32
CB MSE C 51 2.26 -35.39 -14.53
CG MSE C 51 2.92 -34.27 -13.75
SE MSE C 51 4.72 -33.84 -14.38
CE MSE C 51 5.64 -35.48 -13.82
N CYS C 52 0.26 -37.68 -15.33
CA CYS C 52 -0.30 -38.54 -16.38
C CYS C 52 -1.83 -38.51 -16.35
N ALA C 53 -2.42 -38.49 -15.16
CA ALA C 53 -3.87 -38.39 -15.07
C ALA C 53 -4.37 -37.06 -15.61
N ASP C 54 -3.67 -35.97 -15.28
CA ASP C 54 -4.05 -34.65 -15.80
C ASP C 54 -3.91 -34.57 -17.31
N LEU C 55 -2.89 -35.23 -17.87
CA LEU C 55 -2.70 -35.19 -19.31
C LEU C 55 -3.54 -36.22 -20.06
N GLY C 56 -4.20 -37.12 -19.35
CA GLY C 56 -5.04 -38.11 -19.99
C GLY C 56 -4.31 -39.30 -20.58
N ILE C 57 -3.12 -39.62 -20.09
CA ILE C 57 -2.38 -40.78 -20.55
C ILE C 57 -2.16 -41.71 -19.36
N ALA C 58 -2.18 -43.02 -19.64
CA ALA C 58 -1.95 -44.03 -18.62
C ALA C 58 -0.48 -44.43 -18.58
N ILE C 59 -0.05 -44.88 -17.41
CA ILE C 59 1.28 -45.47 -17.26
C ILE C 59 1.13 -46.96 -17.49
N THR C 60 1.50 -47.43 -18.67
CA THR C 60 1.23 -48.80 -19.08
C THR C 60 2.34 -49.78 -18.69
N LEU C 61 3.50 -49.30 -18.25
CA LEU C 61 4.61 -50.18 -17.92
C LEU C 61 5.67 -49.42 -17.14
N PHE C 62 6.28 -50.09 -16.19
CA PHE C 62 7.46 -49.60 -15.49
C PHE C 62 8.63 -50.52 -15.86
N GLN C 63 9.77 -49.92 -16.20
CA GLN C 63 10.91 -50.69 -16.69
C GLN C 63 12.21 -49.90 -16.53
N PRO C 64 13.35 -50.61 -16.47
CA PRO C 64 13.49 -52.07 -16.47
C PRO C 64 13.85 -52.67 -15.13
N PHE C 65 13.74 -53.99 -15.01
CA PHE C 65 14.19 -54.75 -13.84
C PHE C 65 15.16 -55.80 -14.32
N ARG C 66 16.43 -55.63 -13.99
CA ARG C 66 17.51 -56.40 -14.59
C ARG C 66 17.95 -57.54 -13.68
N ASP C 67 18.48 -58.59 -14.32
CA ASP C 67 19.18 -59.69 -13.65
C ASP C 67 18.48 -60.20 -12.40
N PHE C 68 17.38 -60.93 -12.56
CA PHE C 68 16.70 -61.57 -11.44
C PHE C 68 16.89 -63.08 -11.49
N GLU C 69 16.35 -63.75 -12.51
CA GLU C 69 16.34 -65.21 -12.52
C GLU C 69 17.75 -65.76 -12.65
N GLY C 70 18.05 -66.77 -11.85
CA GLY C 70 19.32 -67.47 -11.95
C GLY C 70 20.48 -66.79 -11.26
N CYS C 71 20.24 -65.75 -10.47
CA CYS C 71 21.34 -65.19 -9.70
C CYS C 71 21.63 -66.09 -8.50
N ARG C 72 22.81 -65.90 -7.93
CA ARG C 72 23.29 -66.80 -6.88
C ARG C 72 22.30 -66.86 -5.71
N ARG C 73 22.28 -68.02 -5.05
CA ARG C 73 21.24 -68.29 -4.07
C ARG C 73 21.36 -67.41 -2.82
N ASP C 74 22.58 -67.06 -2.43
CA ASP C 74 22.73 -66.21 -1.25
C ASP C 74 22.38 -64.75 -1.51
N ARG C 75 22.00 -64.41 -2.74
CA ARG C 75 21.47 -63.09 -3.06
C ARG C 75 20.02 -63.12 -3.49
N LEU C 76 19.38 -64.30 -3.48
CA LEU C 76 18.00 -64.41 -3.93
C LEU C 76 17.08 -63.51 -3.11
N GLN C 77 17.22 -63.53 -1.79
CA GLN C 77 16.38 -62.69 -0.95
C GLN C 77 16.63 -61.21 -1.21
N LYS C 78 17.89 -60.84 -1.47
CA LYS C 78 18.19 -59.45 -1.78
C LYS C 78 17.53 -59.01 -3.08
N ASN C 79 17.46 -59.92 -4.05
CA ASN C 79 16.78 -59.60 -5.31
C ASN C 79 15.28 -59.47 -5.11
N LEU C 80 14.71 -60.25 -4.19
CA LEU C 80 13.29 -60.11 -3.89
C LEU C 80 13.00 -58.80 -3.16
N ASP C 81 13.89 -58.40 -2.26
CA ASP C 81 13.78 -57.10 -1.61
C ASP C 81 13.80 -55.96 -2.63
N ARG C 82 14.65 -56.08 -3.65
CA ARG C 82 14.66 -55.11 -4.73
C ARG C 82 13.35 -55.13 -5.51
N ALA C 83 12.81 -56.33 -5.76
CA ALA C 83 11.52 -56.42 -6.45
C ALA C 83 10.41 -55.76 -5.64
N GLU C 84 10.41 -55.96 -4.31
CA GLU C 84 9.37 -55.36 -3.49
C GLU C 84 9.45 -53.84 -3.49
N ARG C 85 10.68 -53.29 -3.52
CA ARG C 85 10.82 -51.84 -3.63
C ARG C 85 10.26 -51.33 -4.95
N LYS C 86 10.48 -52.07 -6.04
CA LYS C 86 9.90 -51.67 -7.31
C LYS C 86 8.38 -51.77 -7.28
N PHE C 87 7.84 -52.82 -6.64
CA PHE C 87 6.41 -52.93 -6.43
C PHE C 87 5.86 -51.70 -5.69
N ASP C 88 6.55 -51.30 -4.61
CA ASP C 88 6.15 -50.08 -3.91
C ASP C 88 6.12 -48.88 -4.84
N LEU C 89 7.13 -48.77 -5.70
CA LEU C 89 7.22 -47.64 -6.61
C LEU C 89 6.08 -47.65 -7.61
N MSE C 90 5.73 -48.82 -8.13
CA MSE C 90 4.67 -48.96 -9.13
C MSE C 90 3.31 -48.56 -8.59
O MSE C 90 2.51 -47.94 -9.29
CB MSE C 90 4.63 -50.39 -9.65
CG MSE C 90 5.88 -50.78 -10.41
SE MSE C 90 6.10 -52.71 -10.48
CE MSE C 90 4.51 -53.16 -11.52
N GLN C 91 3.03 -48.92 -7.34
CA GLN C 91 1.75 -48.56 -6.73
C GLN C 91 1.65 -47.07 -6.51
N GLU C 92 2.76 -46.38 -6.27
CA GLU C 92 2.71 -44.92 -6.22
C GLU C 92 2.56 -44.31 -7.61
N LEU C 93 3.07 -44.99 -8.64
CA LEU C 93 2.89 -44.54 -10.02
C LEU C 93 1.51 -44.84 -10.57
N GLY C 94 0.82 -45.85 -10.02
CA GLY C 94 -0.47 -46.23 -10.56
C GLY C 94 -0.39 -47.18 -11.74
N THR C 95 0.67 -47.96 -11.84
CA THR C 95 0.84 -48.94 -12.90
C THR C 95 0.94 -50.33 -12.27
N ASP C 96 0.63 -51.36 -13.05
CA ASP C 96 0.57 -52.72 -12.53
C ASP C 96 1.48 -53.69 -13.27
N LEU C 97 2.33 -53.21 -14.18
CA LEU C 97 3.15 -54.09 -14.99
C LEU C 97 4.59 -53.60 -14.97
N VAL C 98 5.52 -54.52 -14.74
CA VAL C 98 6.95 -54.23 -14.73
C VAL C 98 7.64 -55.18 -15.70
N LEU C 99 8.58 -54.64 -16.47
CA LEU C 99 9.35 -55.43 -17.42
C LEU C 99 10.59 -55.99 -16.74
N VAL C 100 10.76 -57.31 -16.83
CA VAL C 100 11.96 -57.99 -16.35
C VAL C 100 12.71 -58.49 -17.57
N CYS C 101 13.90 -57.95 -17.79
CA CYS C 101 14.72 -58.37 -18.92
C CYS C 101 15.68 -59.46 -18.49
N SER C 102 15.95 -60.39 -19.41
CA SER C 102 16.68 -61.60 -19.07
C SER C 102 18.07 -61.27 -18.54
N ASN C 103 18.57 -62.17 -17.68
CA ASN C 103 19.83 -61.94 -16.98
C ASN C 103 20.98 -61.85 -17.98
N VAL C 104 21.91 -60.94 -17.71
CA VAL C 104 23.10 -60.78 -18.53
C VAL C 104 24.40 -61.09 -17.78
N GLN C 105 24.34 -61.31 -16.47
CA GLN C 105 25.55 -61.58 -15.71
C GLN C 105 26.22 -62.86 -16.21
N ALA C 106 27.55 -62.85 -16.18
CA ALA C 106 28.31 -64.01 -16.67
C ALA C 106 28.18 -65.21 -15.73
N ASP C 107 28.06 -64.95 -14.43
CA ASP C 107 27.97 -65.99 -13.41
C ASP C 107 26.52 -66.37 -13.09
N ALA C 108 25.59 -66.09 -14.00
CA ALA C 108 24.18 -66.38 -13.78
C ALA C 108 23.90 -67.86 -14.00
N LEU C 109 22.99 -68.42 -13.21
CA LEU C 109 22.68 -69.84 -13.31
C LEU C 109 21.76 -70.06 -14.51
N GLY C 110 21.97 -71.17 -15.22
CA GLY C 110 21.17 -71.44 -16.40
C GLY C 110 20.29 -72.67 -16.38
N ASP C 111 20.20 -73.36 -15.24
CA ASP C 111 19.35 -74.56 -15.17
C ASP C 111 17.91 -74.20 -15.46
N GLU C 112 17.30 -74.90 -16.42
CA GLU C 112 15.96 -74.55 -16.89
C GLU C 112 14.96 -74.55 -15.74
N GLN C 113 14.94 -75.63 -14.95
CA GLN C 113 13.97 -75.72 -13.87
C GLN C 113 14.19 -74.66 -12.81
N LEU C 114 15.44 -74.27 -12.58
CA LEU C 114 15.71 -73.21 -11.60
C LEU C 114 15.19 -71.86 -12.09
N LEU C 115 15.33 -71.59 -13.39
CA LEU C 115 14.76 -70.37 -13.95
C LEU C 115 13.24 -70.38 -13.84
N VAL C 116 12.62 -71.54 -14.08
CA VAL C 116 11.17 -71.66 -13.91
C VAL C 116 10.79 -71.33 -12.48
N ASP C 117 11.52 -71.89 -11.50
CA ASP C 117 11.22 -71.63 -10.10
C ASP C 117 11.39 -70.15 -9.75
N ASP C 118 12.48 -69.54 -10.22
CA ASP C 118 12.72 -68.13 -9.94
C ASP C 118 11.64 -67.24 -10.54
N LEU C 119 11.27 -67.50 -11.80
CA LEU C 119 10.25 -66.67 -12.45
C LEU C 119 8.88 -66.85 -11.81
N ARG C 120 8.51 -68.09 -11.48
CA ARG C 120 7.24 -68.30 -10.79
C ARG C 120 7.24 -67.63 -9.42
N LEU C 121 8.37 -67.73 -8.69
CA LEU C 121 8.46 -67.07 -7.39
C LEU C 121 8.24 -65.57 -7.53
N LEU C 122 8.86 -64.95 -8.54
CA LEU C 122 8.63 -63.53 -8.77
C LEU C 122 7.18 -63.27 -9.16
N GLY C 123 6.59 -64.16 -9.97
CA GLY C 123 5.19 -64.04 -10.30
C GLY C 123 4.28 -64.14 -9.09
N GLU C 124 4.63 -65.04 -8.16
CA GLU C 124 3.86 -65.14 -6.91
C GLU C 124 3.95 -63.86 -6.10
N HIS C 125 5.15 -63.29 -5.98
CA HIS C 125 5.30 -62.03 -5.26
C HIS C 125 4.53 -60.91 -5.93
N ALA C 126 4.60 -60.82 -7.26
CA ALA C 126 3.84 -59.79 -7.96
C ALA C 126 2.34 -60.03 -7.87
N GLY C 127 1.91 -61.28 -8.07
CA GLY C 127 0.49 -61.57 -7.98
C GLY C 127 -0.09 -61.27 -6.61
N LYS C 128 0.67 -61.55 -5.55
CA LYS C 128 0.21 -61.28 -4.20
C LYS C 128 -0.14 -59.81 -4.02
N ARG C 129 0.67 -58.92 -4.57
CA ARG C 129 0.45 -57.48 -4.44
C ARG C 129 -0.48 -56.92 -5.52
N GLY C 130 -1.01 -57.77 -6.38
CA GLY C 130 -1.88 -57.31 -7.45
C GLY C 130 -1.16 -56.72 -8.63
N LEU C 131 0.04 -57.20 -8.92
CA LEU C 131 0.89 -56.69 -10.00
C LEU C 131 1.25 -57.83 -10.94
N ARG C 132 1.89 -57.46 -12.06
CA ARG C 132 2.18 -58.39 -13.14
C ARG C 132 3.64 -58.28 -13.54
N ILE C 133 4.22 -59.42 -13.93
CA ILE C 133 5.60 -59.50 -14.41
C ILE C 133 5.56 -59.77 -15.91
N GLY C 134 6.24 -58.93 -16.68
CA GLY C 134 6.44 -59.18 -18.09
C GLY C 134 7.90 -59.52 -18.39
N TYR C 135 8.16 -60.72 -18.90
CA TYR C 135 9.51 -61.23 -19.07
C TYR C 135 9.96 -60.98 -20.51
N GLU C 136 11.06 -60.26 -20.67
CA GLU C 136 11.61 -59.91 -21.98
C GLU C 136 13.01 -60.49 -22.13
N ALA C 137 13.26 -61.11 -23.28
CA ALA C 137 14.59 -61.63 -23.60
C ALA C 137 15.42 -60.53 -24.25
N LEU C 138 16.56 -60.22 -23.65
CA LEU C 138 17.56 -59.41 -24.34
C LEU C 138 18.31 -60.27 -25.34
N ALA C 139 18.58 -59.72 -26.51
CA ALA C 139 19.29 -60.46 -27.55
C ALA C 139 20.67 -60.92 -27.09
N TRP C 140 21.23 -60.31 -26.06
CA TRP C 140 22.52 -60.69 -25.51
C TRP C 140 22.39 -61.33 -24.13
N GLY C 141 21.22 -61.89 -23.81
CA GLY C 141 21.06 -62.57 -22.54
C GLY C 141 22.00 -63.75 -22.40
N ARG C 142 22.45 -63.98 -21.16
CA ARG C 142 23.40 -65.06 -20.90
C ARG C 142 22.80 -66.44 -21.17
N HIS C 143 21.57 -66.67 -20.73
CA HIS C 143 20.91 -67.96 -20.93
C HIS C 143 19.62 -67.85 -21.72
N VAL C 144 18.93 -66.70 -21.68
CA VAL C 144 17.66 -66.51 -22.37
C VAL C 144 17.82 -65.30 -23.28
N ASN C 145 17.76 -65.55 -24.60
CA ASN C 145 17.93 -64.46 -25.55
C ASN C 145 16.95 -64.52 -26.72
N THR C 146 15.90 -65.34 -26.64
CA THR C 146 14.89 -65.42 -27.69
C THR C 146 13.51 -65.45 -27.03
N TYR C 147 12.49 -65.06 -27.81
CA TYR C 147 11.14 -65.11 -27.27
C TYR C 147 10.68 -66.55 -27.07
N GLN C 148 11.19 -67.49 -27.87
CA GLN C 148 10.81 -68.89 -27.69
C GLN C 148 11.22 -69.40 -26.32
N GLN C 149 12.43 -69.07 -25.87
CA GLN C 149 12.87 -69.47 -24.54
C GLN C 149 12.04 -68.78 -23.46
N VAL C 150 11.68 -67.52 -23.68
CA VAL C 150 10.84 -66.80 -22.72
C VAL C 150 9.51 -67.51 -22.55
N TRP C 151 8.84 -67.84 -23.66
CA TRP C 151 7.55 -68.51 -23.58
C TRP C 151 7.71 -69.90 -22.97
N ASN C 152 8.81 -70.58 -23.25
CA ASN C 152 9.06 -71.89 -22.64
C ASN C 152 9.06 -71.77 -21.12
N LEU C 153 9.76 -70.77 -20.58
CA LEU C 153 9.84 -70.63 -19.13
C LEU C 153 8.53 -70.09 -18.57
N VAL C 154 7.91 -69.12 -19.25
CA VAL C 154 6.65 -68.55 -18.76
C VAL C 154 5.56 -69.60 -18.75
N ARG C 155 5.51 -70.44 -19.78
CA ARG C 155 4.51 -71.50 -19.85
C ARG C 155 4.67 -72.49 -18.70
N GLN C 156 5.91 -72.92 -18.46
CA GLN C 156 6.15 -73.89 -17.38
C GLN C 156 5.88 -73.28 -16.01
N ALA C 157 6.19 -72.00 -15.82
CA ALA C 157 5.93 -71.36 -14.54
C ALA C 157 4.43 -71.29 -14.26
N ASP C 158 3.62 -71.03 -15.29
CA ASP C 158 2.16 -71.19 -15.24
C ASP C 158 1.55 -70.38 -14.10
N HIS C 159 1.74 -69.07 -14.16
CA HIS C 159 1.17 -68.16 -13.17
C HIS C 159 0.49 -67.01 -13.91
N PRO C 160 -0.75 -66.67 -13.58
CA PRO C 160 -1.46 -65.63 -14.34
C PRO C 160 -0.83 -64.26 -14.24
N ALA C 161 0.01 -64.00 -13.23
CA ALA C 161 0.66 -62.72 -13.07
C ALA C 161 2.01 -62.64 -13.79
N LEU C 162 2.40 -63.68 -14.52
CA LEU C 162 3.67 -63.72 -15.22
C LEU C 162 3.41 -63.93 -16.71
N GLY C 163 3.88 -63.01 -17.53
CA GLY C 163 3.61 -63.07 -18.96
C GLY C 163 4.83 -62.78 -19.82
N VAL C 164 4.61 -62.72 -21.13
CA VAL C 164 5.67 -62.51 -22.11
C VAL C 164 5.62 -61.06 -22.58
N ILE C 165 6.80 -60.44 -22.71
CA ILE C 165 6.95 -59.14 -23.34
C ILE C 165 7.79 -59.34 -24.60
N LEU C 166 7.29 -58.84 -25.73
CA LEU C 166 7.93 -59.00 -27.02
C LEU C 166 8.54 -57.68 -27.47
N ASP C 167 9.76 -57.75 -28.01
CA ASP C 167 10.51 -56.59 -28.48
C ASP C 167 11.01 -56.90 -29.88
N SER C 168 10.54 -56.13 -30.86
CA SER C 168 10.82 -56.44 -32.26
C SER C 168 12.31 -56.42 -32.56
N PHE C 169 13.07 -55.53 -31.92
CA PHE C 169 14.50 -55.49 -32.20
C PHE C 169 15.20 -56.74 -31.68
N HIS C 170 14.93 -57.14 -30.43
CA HIS C 170 15.62 -58.28 -29.86
C HIS C 170 15.36 -59.55 -30.65
N THR C 171 14.18 -59.66 -31.26
CA THR C 171 13.87 -60.84 -32.07
C THR C 171 14.48 -60.74 -33.46
N LEU C 172 14.28 -59.62 -34.15
CA LEU C 172 14.70 -59.49 -35.55
C LEU C 172 16.19 -59.22 -35.69
N SER C 173 16.86 -58.68 -34.67
CA SER C 173 18.31 -58.47 -34.77
C SER C 173 19.06 -59.79 -34.81
N LEU C 174 18.51 -60.83 -34.20
CA LEU C 174 19.06 -62.17 -34.27
C LEU C 174 18.48 -62.96 -35.44
N LYS C 175 17.77 -62.31 -36.34
CA LYS C 175 17.09 -62.96 -37.47
C LYS C 175 16.11 -64.03 -36.99
N GLY C 176 15.50 -63.80 -35.83
CA GLY C 176 14.54 -64.77 -35.32
C GLY C 176 13.28 -64.82 -36.16
N ASP C 177 12.63 -65.98 -36.16
CA ASP C 177 11.41 -66.19 -36.91
C ASP C 177 10.24 -65.89 -35.99
N PRO C 178 9.46 -64.83 -36.24
CA PRO C 178 8.34 -64.49 -35.35
C PRO C 178 7.11 -65.36 -35.53
N SER C 179 7.16 -66.35 -36.44
CA SER C 179 5.95 -67.08 -36.81
C SER C 179 5.39 -67.88 -35.63
N ALA C 180 6.26 -68.46 -34.80
CA ALA C 180 5.80 -69.26 -33.67
C ALA C 180 5.09 -68.45 -32.59
N ILE C 181 5.05 -67.13 -32.71
CA ILE C 181 4.31 -66.33 -31.74
C ILE C 181 2.82 -66.67 -31.74
N ARG C 182 2.27 -67.05 -32.91
CA ARG C 182 0.85 -67.36 -32.98
C ARG C 182 0.45 -68.53 -32.08
N ASP C 183 1.39 -69.39 -31.68
CA ASP C 183 1.05 -70.50 -30.80
C ASP C 183 1.03 -70.09 -29.33
N ILE C 184 1.38 -68.84 -29.01
CA ILE C 184 1.30 -68.33 -27.65
C ILE C 184 -0.10 -67.82 -27.39
N PRO C 185 -0.75 -68.23 -26.30
CA PRO C 185 -2.08 -67.67 -25.99
C PRO C 185 -2.04 -66.16 -25.86
N GLY C 186 -2.99 -65.50 -26.52
CA GLY C 186 -3.02 -64.05 -26.55
C GLY C 186 -2.94 -63.40 -25.17
N ASP C 187 -3.53 -64.04 -24.16
CA ASP C 187 -3.54 -63.46 -22.82
C ASP C 187 -2.24 -63.65 -22.06
N LYS C 188 -1.31 -64.48 -22.58
CA LYS C 188 0.00 -64.62 -21.96
C LYS C 188 1.03 -63.63 -22.50
N ILE C 189 0.68 -62.86 -23.53
CA ILE C 189 1.52 -61.77 -24.00
C ILE C 189 1.06 -60.51 -23.28
N PHE C 190 1.96 -59.90 -22.50
CA PHE C 190 1.61 -58.74 -21.69
C PHE C 190 1.94 -57.40 -22.33
N PHE C 191 2.89 -57.35 -23.26
CA PHE C 191 3.35 -56.07 -23.76
C PHE C 191 4.15 -56.29 -25.04
N VAL C 192 4.06 -55.33 -25.95
CA VAL C 192 4.76 -55.38 -27.23
C VAL C 192 5.49 -54.06 -27.43
N GLN C 193 6.80 -54.15 -27.63
CA GLN C 193 7.63 -52.99 -27.93
C GLN C 193 8.08 -53.07 -29.38
N MSE C 194 7.73 -52.06 -30.17
CA MSE C 194 8.21 -51.98 -31.54
C MSE C 194 9.46 -51.12 -31.62
O MSE C 194 9.49 -50.02 -31.06
CB MSE C 194 7.13 -51.44 -32.47
CG MSE C 194 5.82 -52.20 -32.44
SE MSE C 194 5.99 -54.11 -32.85
CE MSE C 194 6.69 -53.99 -34.66
N ALA C 195 10.49 -51.61 -32.29
CA ALA C 195 11.71 -50.85 -32.50
C ALA C 195 12.32 -51.28 -33.82
N ASP C 196 12.50 -50.33 -34.74
CA ASP C 196 13.12 -50.60 -36.03
C ASP C 196 14.61 -50.25 -35.97
N ALA C 197 15.34 -50.69 -37.00
CA ALA C 197 16.78 -50.47 -37.06
C ALA C 197 17.33 -50.81 -38.44
N PRO C 198 18.44 -50.20 -38.85
CA PRO C 198 19.14 -50.69 -40.04
C PRO C 198 19.78 -52.03 -39.77
N ILE C 199 19.88 -52.85 -40.80
CA ILE C 199 20.54 -54.15 -40.69
C ILE C 199 22.04 -53.92 -40.72
N LEU C 200 22.72 -54.24 -39.61
CA LEU C 200 24.14 -54.00 -39.47
C LEU C 200 24.83 -55.24 -38.94
N ALA C 201 26.02 -55.53 -39.47
CA ALA C 201 26.84 -56.64 -38.98
C ALA C 201 27.62 -56.13 -37.77
N MSE C 202 26.89 -55.99 -36.67
CA MSE C 202 27.38 -55.28 -35.51
C MSE C 202 27.07 -56.04 -34.23
O MSE C 202 26.12 -56.82 -34.20
CB MSE C 202 26.75 -53.89 -35.46
CG MSE C 202 27.30 -52.94 -34.41
SE MSE C 202 26.37 -51.25 -34.53
CE MSE C 202 27.37 -50.24 -33.22
N ASP C 203 27.89 -55.84 -33.21
CA ASP C 203 27.56 -56.36 -31.88
C ASP C 203 26.16 -55.92 -31.50
N VAL C 204 25.30 -56.89 -31.18
CA VAL C 204 23.88 -56.61 -31.04
C VAL C 204 23.62 -55.65 -29.89
N LEU C 205 24.45 -55.67 -28.86
CA LEU C 205 24.29 -54.74 -27.75
C LEU C 205 24.53 -53.30 -28.19
N GLU C 206 25.60 -53.07 -28.95
CA GLU C 206 25.86 -51.73 -29.47
C GLU C 206 24.87 -51.38 -30.59
N TRP C 207 24.47 -52.37 -31.37
CA TRP C 207 23.44 -52.18 -32.38
C TRP C 207 22.14 -51.68 -31.76
N SER C 208 21.74 -52.27 -30.63
CA SER C 208 20.52 -51.84 -29.95
C SER C 208 20.69 -50.49 -29.28
N ARG C 209 21.89 -50.21 -28.77
CA ARG C 209 22.12 -48.99 -28.00
C ARG C 209 21.96 -47.74 -28.85
N HIS C 210 22.45 -47.78 -30.09
CA HIS C 210 22.59 -46.56 -30.88
C HIS C 210 21.70 -46.46 -32.11
N PHE C 211 21.18 -47.56 -32.64
CA PHE C 211 20.56 -47.52 -33.96
C PHE C 211 19.08 -47.88 -33.98
N ARG C 212 18.42 -48.01 -32.83
CA ARG C 212 16.98 -48.20 -32.86
C ARG C 212 16.30 -46.95 -33.40
N CYS C 213 15.24 -47.14 -34.18
CA CYS C 213 14.44 -46.04 -34.71
C CYS C 213 12.99 -46.49 -34.82
N PHE C 214 12.14 -45.57 -35.25
CA PHE C 214 10.71 -45.85 -35.30
C PHE C 214 10.38 -46.77 -36.48
N PRO C 215 9.33 -47.57 -36.37
CA PRO C 215 8.91 -48.46 -37.47
C PRO C 215 8.79 -47.71 -38.79
N GLY C 216 9.46 -48.24 -39.81
CA GLY C 216 9.49 -47.63 -41.12
C GLY C 216 10.74 -46.84 -41.40
N GLN C 217 11.48 -46.43 -40.36
CA GLN C 217 12.72 -45.69 -40.53
C GLN C 217 13.94 -46.59 -40.68
N GLY C 218 13.80 -47.88 -40.39
CA GLY C 218 14.90 -48.81 -40.59
C GLY C 218 14.57 -49.78 -41.69
N GLU C 219 15.14 -51.00 -41.64
CA GLU C 219 14.90 -51.98 -42.69
C GLU C 219 14.43 -53.32 -42.13
N MSE C 220 13.95 -53.35 -40.90
CA MSE C 220 13.37 -54.56 -40.32
C MSE C 220 11.90 -54.69 -40.72
O MSE C 220 11.24 -53.70 -41.01
CB MSE C 220 13.52 -54.56 -38.80
CG MSE C 220 14.94 -54.79 -38.33
SE MSE C 220 15.13 -54.61 -36.40
CE MSE C 220 16.92 -55.36 -36.21
N ASP C 221 11.41 -55.92 -40.72
CA ASP C 221 10.03 -56.22 -41.15
C ASP C 221 9.12 -56.11 -39.95
N MSE C 222 8.67 -54.90 -39.66
CA MSE C 222 7.81 -54.61 -38.51
C MSE C 222 6.46 -55.31 -38.61
O MSE C 222 5.99 -55.93 -37.66
CB MSE C 222 7.60 -53.10 -38.39
CG MSE C 222 8.89 -52.33 -38.26
SE MSE C 222 9.49 -52.19 -36.43
CE MSE C 222 10.88 -53.50 -36.34
N ALA C 223 5.83 -55.19 -39.79
CA ALA C 223 4.52 -55.79 -39.99
C ALA C 223 4.59 -57.31 -39.87
N GLY C 224 5.69 -57.91 -40.33
CA GLY C 224 5.87 -59.34 -40.20
C GLY C 224 6.09 -59.79 -38.78
N PHE C 225 6.41 -58.86 -37.87
CA PHE C 225 6.55 -59.16 -36.45
C PHE C 225 5.24 -58.97 -35.70
N LEU C 226 4.49 -57.92 -36.04
CA LEU C 226 3.21 -57.66 -35.38
C LEU C 226 2.12 -58.61 -35.85
N ALA C 227 2.20 -59.07 -37.10
CA ALA C 227 1.16 -59.95 -37.63
C ALA C 227 0.97 -61.22 -36.81
N PRO C 228 2.01 -62.00 -36.49
CA PRO C 228 1.79 -63.18 -35.63
C PRO C 228 1.28 -62.81 -34.24
N ILE C 229 1.65 -61.63 -33.72
CA ILE C 229 1.18 -61.21 -32.42
C ILE C 229 -0.34 -61.05 -32.42
N LEU C 230 -0.87 -60.35 -33.42
CA LEU C 230 -2.31 -60.13 -33.49
C LEU C 230 -3.09 -61.39 -33.78
N ALA C 231 -2.46 -62.39 -34.43
CA ALA C 231 -3.14 -63.65 -34.69
C ALA C 231 -3.47 -64.39 -33.40
N THR C 232 -2.76 -64.13 -32.31
CA THR C 232 -3.03 -64.78 -31.03
C THR C 232 -4.29 -64.24 -30.36
N GLY C 233 -4.83 -63.13 -30.84
CA GLY C 233 -5.91 -62.45 -30.17
C GLY C 233 -5.47 -61.29 -29.28
N TYR C 234 -4.16 -61.15 -29.07
CA TYR C 234 -3.63 -60.06 -28.25
C TYR C 234 -4.11 -58.71 -28.74
N ARG C 235 -4.71 -57.93 -27.83
CA ARG C 235 -5.13 -56.57 -28.12
C ARG C 235 -4.62 -55.59 -27.08
N GLY C 236 -3.54 -55.94 -26.37
CA GLY C 236 -2.97 -55.10 -25.36
C GLY C 236 -2.19 -53.94 -25.92
N PRO C 237 -1.35 -53.32 -25.10
CA PRO C 237 -0.63 -52.12 -25.53
C PRO C 237 0.33 -52.40 -26.67
N LEU C 238 0.42 -51.43 -27.58
CA LEU C 238 1.39 -51.42 -28.68
C LEU C 238 2.32 -50.23 -28.48
N SER C 239 3.59 -50.48 -28.24
CA SER C 239 4.49 -49.44 -27.74
C SER C 239 5.73 -49.31 -28.61
N LEU C 240 6.54 -48.31 -28.25
CA LEU C 240 7.77 -47.97 -28.96
C LEU C 240 8.90 -47.84 -27.93
N GLU C 241 10.05 -48.43 -28.23
CA GLU C 241 11.21 -48.33 -27.34
C GLU C 241 12.44 -48.03 -28.19
N ILE C 242 12.88 -46.78 -28.16
CA ILE C 242 14.12 -46.34 -28.76
C ILE C 242 15.01 -45.83 -27.63
N PHE C 243 16.32 -45.94 -27.81
CA PHE C 243 17.26 -45.50 -26.79
C PHE C 243 17.97 -44.27 -27.33
N ASN C 244 17.47 -43.09 -26.96
CA ASN C 244 18.14 -41.83 -27.26
C ASN C 244 18.87 -41.32 -26.01
N ASP C 245 19.49 -40.15 -26.15
CA ASP C 245 20.16 -39.51 -25.04
C ASP C 245 21.40 -40.21 -24.54
N GLY C 246 22.17 -39.55 -23.68
CA GLY C 246 21.90 -38.19 -23.27
C GLY C 246 22.42 -37.19 -24.28
N PHE C 247 23.12 -37.72 -25.28
CA PHE C 247 23.57 -36.94 -26.43
C PHE C 247 22.64 -37.19 -27.61
N ARG C 248 21.95 -36.16 -28.09
CA ARG C 248 22.04 -34.83 -27.52
C ARG C 248 21.09 -33.84 -28.19
N ALA C 249 20.10 -33.37 -27.45
CA ALA C 249 19.18 -32.37 -27.95
C ALA C 249 18.22 -32.87 -29.02
N ALA C 250 17.55 -33.97 -28.74
CA ALA C 250 16.54 -34.53 -29.64
C ALA C 250 15.21 -33.81 -29.46
N PRO C 251 14.61 -33.28 -30.53
CA PRO C 251 13.35 -32.54 -30.37
C PRO C 251 12.24 -33.42 -29.82
N THR C 252 11.81 -33.10 -28.59
CA THR C 252 10.87 -33.93 -27.87
C THR C 252 9.54 -34.06 -28.60
N ARG C 253 8.98 -32.93 -29.05
CA ARG C 253 7.64 -32.95 -29.62
C ARG C 253 7.61 -33.64 -30.98
N GLN C 254 8.58 -33.34 -31.85
CA GLN C 254 8.59 -33.96 -33.17
C GLN C 254 8.91 -35.44 -33.07
N ASN C 255 9.78 -35.83 -32.14
CA ASN C 255 10.02 -37.26 -31.94
C ASN C 255 8.76 -37.96 -31.48
N ALA C 256 8.00 -37.35 -30.58
CA ALA C 256 6.76 -37.96 -30.12
C ALA C 256 5.74 -38.04 -31.26
N ALA C 257 5.64 -36.99 -32.07
CA ALA C 257 4.73 -37.01 -33.21
C ALA C 257 5.15 -38.06 -34.23
N ASP C 258 6.45 -38.15 -34.52
CA ASP C 258 6.94 -39.18 -35.42
C ASP C 258 6.64 -40.58 -34.88
N GLY C 259 6.79 -40.77 -33.57
CA GLY C 259 6.47 -42.05 -32.98
C GLY C 259 5.04 -42.48 -33.20
N LEU C 260 4.10 -41.59 -32.90
CA LEU C 260 2.69 -41.90 -33.13
C LEU C 260 2.42 -42.15 -34.61
N ARG C 261 2.98 -41.29 -35.48
CA ARG C 261 2.84 -41.50 -36.92
C ARG C 261 3.37 -42.86 -37.34
N SER C 262 4.50 -43.29 -36.78
CA SER C 262 5.06 -44.59 -37.14
C SER C 262 4.16 -45.74 -36.70
N LEU C 263 3.47 -45.59 -35.57
CA LEU C 263 2.54 -46.62 -35.12
C LEU C 263 1.31 -46.69 -36.03
N LEU C 264 0.82 -45.54 -36.46
CA LEU C 264 -0.29 -45.52 -37.43
C LEU C 264 0.11 -46.21 -38.72
N TYR C 265 1.31 -45.90 -39.23
CA TYR C 265 1.79 -46.53 -40.45
C TYR C 265 2.02 -48.02 -40.23
N LEU C 266 2.55 -48.40 -39.07
CA LEU C 266 2.75 -49.82 -38.76
C LEU C 266 1.43 -50.57 -38.74
N GLU C 267 0.38 -49.97 -38.17
CA GLU C 267 -0.90 -50.65 -38.09
C GLU C 267 -1.48 -50.92 -39.48
N GLU C 268 -1.40 -49.93 -40.38
CA GLU C 268 -1.93 -50.11 -41.73
C GLU C 268 -1.14 -51.19 -42.47
N GLN C 269 0.19 -51.12 -42.41
CA GLN C 269 1.01 -52.12 -43.07
C GLN C 269 0.80 -53.49 -42.45
N THR C 270 0.56 -53.55 -41.15
CA THR C 270 0.28 -54.84 -40.54
C THR C 270 -1.08 -55.35 -41.00
N ARG C 271 -2.07 -54.46 -41.08
CA ARG C 271 -3.40 -54.87 -41.55
C ARG C 271 -3.32 -55.44 -42.95
N LEU C 272 -2.61 -54.76 -43.84
CA LEU C 272 -2.47 -55.25 -45.22
C LEU C 272 -1.77 -56.60 -45.24
N ARG C 273 -0.81 -56.80 -44.34
CA ARG C 273 -0.11 -58.09 -44.29
C ARG C 273 -1.06 -59.21 -43.91
N LEU C 274 -1.96 -58.97 -42.94
CA LEU C 274 -2.92 -60.01 -42.58
C LEU C 274 -3.90 -60.27 -43.70
N GLU C 275 -4.32 -59.22 -44.42
CA GLU C 275 -5.26 -59.42 -45.52
C GLU C 275 -4.64 -60.31 -46.61
N GLN C 276 -3.34 -60.15 -46.84
CA GLN C 276 -2.65 -60.91 -47.89
C GLN C 276 -2.36 -62.35 -47.48
N GLU C 277 -2.39 -62.64 -46.18
CA GLU C 277 -2.16 -64.00 -45.68
C GLU C 277 -3.49 -64.69 -45.36
N ASN C 278 -4.60 -64.15 -45.87
CA ASN C 278 -5.94 -64.68 -45.66
C ASN C 278 -6.24 -64.96 -44.18
N THR C 279 -5.78 -64.05 -43.32
CA THR C 279 -6.13 -64.07 -41.89
C THR C 279 -6.43 -62.66 -41.42
N PRO C 280 -7.44 -62.01 -41.97
CA PRO C 280 -7.72 -60.61 -41.62
C PRO C 280 -8.14 -60.47 -40.16
N ILE C 281 -8.13 -59.22 -39.70
CA ILE C 281 -8.44 -58.89 -38.32
C ILE C 281 -9.79 -58.19 -38.32
N GLU C 282 -10.45 -58.19 -37.17
CA GLU C 282 -11.74 -57.53 -37.06
C GLU C 282 -11.57 -56.04 -37.33
N PRO C 283 -12.52 -55.40 -38.02
CA PRO C 283 -12.36 -53.97 -38.32
C PRO C 283 -12.36 -53.13 -37.05
N GLY C 284 -11.80 -51.94 -37.17
CA GLY C 284 -11.76 -50.99 -36.07
C GLY C 284 -10.58 -51.11 -35.15
N VAL C 285 -9.67 -52.06 -35.37
CA VAL C 285 -8.50 -52.21 -34.52
C VAL C 285 -7.33 -51.44 -35.13
N LEU C 286 -6.98 -51.77 -36.36
CA LEU C 286 -5.79 -51.22 -37.01
C LEU C 286 -6.16 -50.01 -37.86
N PHE C 287 -5.38 -48.93 -37.71
CA PHE C 287 -5.54 -47.72 -38.51
C PHE C 287 -5.70 -48.07 -39.98
N SER C 288 -6.74 -47.53 -40.60
CA SER C 288 -7.09 -47.82 -42.01
C SER C 288 -7.34 -46.50 -42.73
N PRO C 289 -6.28 -45.76 -43.07
CA PRO C 289 -6.47 -44.49 -43.75
C PRO C 289 -6.74 -44.70 -45.23
N PRO C 290 -7.11 -43.66 -45.96
CA PRO C 290 -7.29 -43.79 -47.41
C PRO C 290 -6.00 -44.24 -48.08
N PRO C 291 -6.08 -45.18 -49.02
CA PRO C 291 -4.88 -45.55 -49.78
C PRO C 291 -4.31 -44.35 -50.52
N ALA C 292 -3.00 -44.38 -50.73
CA ALA C 292 -2.33 -43.29 -51.43
C ALA C 292 -2.80 -43.20 -52.87
N SER C 293 -2.89 -41.97 -53.38
CA SER C 293 -3.19 -41.76 -54.78
C SER C 293 -2.05 -42.27 -55.66
N ALA C 294 -2.40 -42.65 -56.88
CA ALA C 294 -1.39 -42.96 -57.89
C ALA C 294 -0.76 -41.67 -58.39
N TYR C 295 0.50 -41.77 -58.83
CA TYR C 295 1.26 -40.61 -59.26
C TYR C 295 1.62 -40.73 -60.74
N ASP C 296 1.80 -39.59 -61.38
CA ASP C 296 2.29 -39.48 -62.75
C ASP C 296 3.43 -38.47 -62.83
N GLY C 297 4.42 -38.63 -61.94
CA GLY C 297 5.58 -37.77 -61.95
C GLY C 297 5.31 -36.39 -61.36
N VAL C 298 6.24 -35.48 -61.64
CA VAL C 298 6.21 -34.13 -61.13
C VAL C 298 5.45 -33.23 -62.10
N GLU C 299 4.47 -32.49 -61.59
CA GLU C 299 3.78 -31.52 -62.43
C GLU C 299 4.66 -30.30 -62.70
N PHE C 300 5.20 -29.68 -61.65
CA PHE C 300 6.17 -28.62 -61.85
C PHE C 300 7.04 -28.46 -60.61
N LEU C 301 8.20 -27.85 -60.82
CA LEU C 301 9.08 -27.42 -59.75
C LEU C 301 8.94 -25.91 -59.57
N GLU C 302 8.87 -25.47 -58.32
CA GLU C 302 8.77 -24.05 -57.99
C GLU C 302 10.03 -23.63 -57.25
N PHE C 303 10.78 -22.70 -57.83
CA PHE C 303 12.00 -22.19 -57.23
C PHE C 303 11.77 -20.80 -56.64
N ALA C 304 12.33 -20.56 -55.45
CA ALA C 304 12.27 -19.27 -54.80
C ALA C 304 13.52 -18.50 -55.13
N VAL C 305 13.36 -17.34 -55.78
CA VAL C 305 14.47 -16.54 -56.28
C VAL C 305 14.06 -15.07 -56.20
N ASP C 306 15.05 -14.19 -56.38
CA ASP C 306 14.79 -12.79 -56.67
C ASP C 306 15.02 -12.56 -58.16
N GLU C 307 14.90 -11.30 -58.60
CA GLU C 307 14.96 -11.03 -60.03
C GLU C 307 16.36 -11.27 -60.58
N ALA C 308 17.39 -10.98 -59.79
CA ALA C 308 18.77 -11.15 -60.27
C ALA C 308 19.12 -12.63 -60.39
N VAL C 309 18.98 -13.39 -59.30
CA VAL C 309 19.30 -14.81 -59.35
C VAL C 309 18.28 -15.57 -60.20
N GLY C 310 17.02 -15.12 -60.21
CA GLY C 310 16.02 -15.79 -61.02
C GLY C 310 16.32 -15.70 -62.51
N ALA C 311 16.81 -14.54 -62.95
CA ALA C 311 17.23 -14.40 -64.34
C ALA C 311 18.44 -15.28 -64.62
N ARG C 312 19.36 -15.36 -63.66
CA ARG C 312 20.54 -16.20 -63.82
C ARG C 312 20.16 -17.67 -63.88
N LEU C 313 19.20 -18.08 -63.04
CA LEU C 313 18.74 -19.46 -63.09
C LEU C 313 17.98 -19.74 -64.38
N GLY C 314 17.19 -18.77 -64.84
CA GLY C 314 16.52 -18.92 -66.12
C GLY C 314 17.48 -19.09 -67.27
N ASN C 315 18.62 -18.38 -67.23
CA ASN C 315 19.63 -18.54 -68.27
C ASN C 315 20.16 -19.97 -68.29
N TRP C 316 20.48 -20.52 -67.12
CA TRP C 316 20.88 -21.91 -67.01
C TRP C 316 19.86 -22.82 -67.68
N LEU C 317 18.58 -22.54 -67.46
CA LEU C 317 17.56 -23.41 -68.00
C LEU C 317 17.36 -23.25 -69.51
N LYS C 318 17.43 -22.06 -70.07
CA LYS C 318 17.47 -22.04 -71.56
C LYS C 318 18.74 -22.68 -72.14
N ARG C 319 19.92 -22.47 -71.53
CA ARG C 319 21.07 -23.21 -72.05
C ARG C 319 20.86 -24.72 -71.96
N LEU C 320 20.13 -25.19 -70.94
CA LEU C 320 19.77 -26.61 -70.84
C LEU C 320 18.60 -26.99 -71.72
N GLY C 321 18.10 -26.08 -72.55
CA GLY C 321 17.09 -26.41 -73.54
C GLY C 321 15.67 -25.99 -73.21
N PHE C 322 15.45 -25.29 -72.10
CA PHE C 322 14.10 -24.90 -71.72
C PHE C 322 13.68 -23.66 -72.48
N ALA C 323 12.40 -23.59 -72.82
CA ALA C 323 11.81 -22.45 -73.48
C ALA C 323 11.08 -21.57 -72.47
N GLU C 324 11.14 -20.26 -72.68
CA GLU C 324 10.36 -19.33 -71.87
C GLU C 324 8.89 -19.47 -72.26
N ALA C 325 8.14 -20.23 -71.47
CA ALA C 325 6.77 -20.51 -71.83
C ALA C 325 5.83 -19.35 -71.53
N GLY C 326 6.29 -18.32 -70.83
CA GLY C 326 5.45 -17.18 -70.53
C GLY C 326 5.59 -16.67 -69.11
N LYS C 327 5.05 -15.47 -68.87
CA LYS C 327 5.13 -14.82 -67.57
C LYS C 327 3.75 -14.83 -66.91
N HIS C 328 3.75 -14.85 -65.58
CA HIS C 328 2.51 -14.71 -64.83
C HIS C 328 1.83 -13.40 -65.19
N ARG C 329 0.49 -13.40 -65.14
CA ARG C 329 -0.26 -12.23 -65.60
C ARG C 329 -0.12 -11.05 -64.64
N SER C 330 0.10 -11.31 -63.34
CA SER C 330 0.12 -10.22 -62.38
C SER C 330 1.37 -10.25 -61.49
N LYS C 331 1.96 -11.42 -61.31
CA LYS C 331 3.10 -11.59 -60.42
C LYS C 331 4.40 -11.73 -61.20
N GLU C 332 5.52 -11.57 -60.49
CA GLU C 332 6.85 -11.74 -61.06
C GLU C 332 7.22 -13.22 -61.04
N VAL C 333 6.54 -13.98 -61.89
CA VAL C 333 6.63 -15.42 -61.94
C VAL C 333 6.86 -15.85 -63.39
N GLN C 334 7.94 -16.58 -63.63
CA GLN C 334 8.29 -17.05 -64.96
C GLN C 334 8.12 -18.56 -65.06
N LEU C 335 7.56 -19.01 -66.17
CA LEU C 335 7.37 -20.43 -66.44
C LEU C 335 8.31 -20.85 -67.56
N LEU C 336 9.05 -21.92 -67.34
CA LEU C 336 9.90 -22.50 -68.37
C LEU C 336 9.52 -23.96 -68.57
N ARG C 337 9.65 -24.42 -69.81
CA ARG C 337 9.07 -25.68 -70.21
C ARG C 337 10.01 -26.41 -71.16
N GLN C 338 10.07 -27.74 -71.03
CA GLN C 338 10.78 -28.58 -71.98
C GLN C 338 10.27 -30.00 -71.83
N GLY C 339 9.72 -30.55 -72.90
CA GLY C 339 9.14 -31.88 -72.83
C GLY C 339 7.99 -31.92 -71.83
N ASP C 340 8.11 -32.80 -70.84
CA ASP C 340 7.12 -32.90 -69.77
C ASP C 340 7.63 -32.25 -68.49
N ILE C 341 8.66 -31.43 -68.58
CA ILE C 341 9.24 -30.73 -67.44
C ILE C 341 8.71 -29.30 -67.42
N ASN C 342 8.09 -28.92 -66.30
CA ASN C 342 7.64 -27.55 -66.07
C ASN C 342 8.37 -27.00 -64.86
N ILE C 343 8.97 -25.81 -65.01
CA ILE C 343 9.72 -25.17 -63.94
C ILE C 343 9.21 -23.75 -63.77
N VAL C 344 8.84 -23.41 -62.53
CA VAL C 344 8.28 -22.10 -62.20
C VAL C 344 9.32 -21.32 -61.42
N LEU C 345 9.70 -20.15 -61.93
CA LEU C 345 10.64 -19.26 -61.25
C LEU C 345 9.84 -18.18 -60.53
N ASN C 346 9.78 -18.26 -59.21
CA ASN C 346 8.94 -17.39 -58.40
C ASN C 346 9.83 -16.29 -57.81
N ALA C 347 9.71 -15.08 -58.36
CA ALA C 347 10.44 -13.93 -57.86
C ALA C 347 9.51 -12.88 -57.26
N GLU C 348 8.26 -13.23 -57.01
CA GLU C 348 7.30 -12.29 -56.43
C GLU C 348 7.67 -12.00 -54.98
N PRO C 349 7.90 -10.74 -54.61
CA PRO C 349 8.27 -10.42 -53.22
C PRO C 349 7.06 -10.42 -52.30
N TYR C 350 7.36 -10.42 -51.00
CA TYR C 350 6.36 -10.32 -49.93
C TYR C 350 5.35 -11.44 -50.04
N SER C 351 5.86 -12.67 -49.95
CA SER C 351 5.05 -13.84 -50.23
C SER C 351 5.71 -15.06 -49.60
N PHE C 352 5.06 -16.21 -49.77
CA PHE C 352 5.63 -17.47 -49.32
C PHE C 352 6.99 -17.70 -49.97
N GLY C 353 7.07 -17.53 -51.29
CA GLY C 353 8.34 -17.72 -51.98
C GLY C 353 9.42 -16.77 -51.51
N HIS C 354 9.08 -15.50 -51.32
CA HIS C 354 10.08 -14.52 -50.92
C HIS C 354 10.65 -14.83 -49.54
N ASN C 355 9.80 -15.21 -48.59
CA ASN C 355 10.29 -15.66 -47.29
C ASN C 355 11.24 -16.84 -47.44
N PHE C 356 10.87 -17.81 -48.27
CA PHE C 356 11.71 -18.99 -48.48
C PHE C 356 13.05 -18.60 -49.11
N PHE C 357 13.03 -17.66 -50.05
CA PHE C 357 14.27 -17.21 -50.66
C PHE C 357 15.16 -16.50 -49.65
N GLU C 358 14.57 -15.64 -48.82
CA GLU C 358 15.37 -14.95 -47.81
C GLU C 358 15.89 -15.92 -46.75
N ALA C 359 15.11 -16.96 -46.43
CA ALA C 359 15.50 -17.92 -45.41
C ALA C 359 16.54 -18.93 -45.92
N HIS C 360 16.54 -19.24 -47.23
CA HIS C 360 17.40 -20.29 -47.75
C HIS C 360 18.25 -19.88 -48.95
N GLY C 361 17.98 -18.75 -49.59
CA GLY C 361 18.61 -18.41 -50.85
C GLY C 361 17.87 -19.03 -52.01
N PRO C 362 18.50 -19.08 -53.19
CA PRO C 362 17.86 -19.75 -54.33
C PRO C 362 17.69 -21.24 -54.05
N SER C 363 16.45 -21.70 -54.11
CA SER C 363 16.13 -23.02 -53.59
C SER C 363 14.79 -23.47 -54.16
N LEU C 364 14.53 -24.77 -54.01
CA LEU C 364 13.23 -25.33 -54.36
C LEU C 364 12.28 -25.14 -53.18
N CYS C 365 11.29 -24.27 -53.35
CA CYS C 365 10.35 -23.98 -52.29
C CYS C 365 9.08 -24.83 -52.38
N ALA C 366 8.84 -25.50 -53.51
CA ALA C 366 7.65 -26.33 -53.63
C ALA C 366 7.79 -27.26 -54.82
N THR C 367 7.08 -28.38 -54.75
CA THR C 367 6.98 -29.34 -55.84
C THR C 367 5.52 -29.71 -56.02
N ALA C 368 5.01 -29.54 -57.24
CA ALA C 368 3.68 -30.02 -57.59
C ALA C 368 3.79 -31.44 -58.11
N LEU C 369 3.03 -32.35 -57.50
CA LEU C 369 3.01 -33.75 -57.89
C LEU C 369 1.75 -34.03 -58.71
N ARG C 370 1.91 -34.82 -59.76
CA ARG C 370 0.76 -35.26 -60.56
C ARG C 370 0.11 -36.45 -59.85
N VAL C 371 -1.06 -36.23 -59.27
CA VAL C 371 -1.79 -37.27 -58.55
C VAL C 371 -3.07 -37.57 -59.31
N LYS C 372 -3.43 -38.86 -59.37
CA LYS C 372 -4.66 -39.24 -60.06
C LYS C 372 -5.89 -38.91 -59.22
N ASP C 373 -5.84 -39.17 -57.93
CA ASP C 373 -6.95 -38.93 -57.01
C ASP C 373 -6.49 -37.85 -56.03
N GLN C 374 -6.88 -36.61 -56.29
CA GLN C 374 -6.41 -35.49 -55.48
C GLN C 374 -6.97 -35.57 -54.06
N GLN C 375 -8.25 -35.90 -53.91
CA GLN C 375 -8.85 -35.93 -52.59
C GLN C 375 -8.32 -37.09 -51.74
N ALA C 376 -8.01 -38.23 -52.38
CA ALA C 376 -7.42 -39.34 -51.65
C ALA C 376 -6.04 -38.98 -51.11
N ALA C 377 -5.23 -38.29 -51.92
CA ALA C 377 -3.92 -37.87 -51.46
C ALA C 377 -4.04 -36.90 -50.29
N LEU C 378 -4.97 -35.95 -50.38
CA LEU C 378 -5.14 -34.97 -49.31
C LEU C 378 -5.65 -35.63 -48.04
N LYS C 379 -6.61 -36.54 -48.16
CA LYS C 379 -7.18 -37.15 -46.95
C LYS C 379 -6.19 -38.08 -46.28
N ARG C 380 -5.36 -38.78 -47.05
CA ARG C 380 -4.34 -39.63 -46.44
C ARG C 380 -3.28 -38.81 -45.72
N ALA C 381 -2.82 -37.71 -46.34
CA ALA C 381 -1.84 -36.85 -45.67
C ALA C 381 -2.40 -36.28 -44.38
N THR C 382 -3.68 -35.93 -44.37
CA THR C 382 -4.33 -35.46 -43.14
C THR C 382 -4.46 -36.59 -42.13
N ALA C 383 -4.79 -37.80 -42.58
CA ALA C 383 -4.94 -38.92 -41.67
C ALA C 383 -3.64 -39.24 -40.95
N PHE C 384 -2.50 -39.06 -41.62
CA PHE C 384 -1.20 -39.21 -40.98
C PHE C 384 -0.71 -37.91 -40.37
N ARG C 385 -1.61 -36.94 -40.20
CA ARG C 385 -1.36 -35.73 -39.42
C ARG C 385 -0.29 -34.84 -40.05
N GLY C 386 -0.26 -34.78 -41.38
CA GLY C 386 0.47 -33.73 -42.04
C GLY C 386 -0.34 -32.45 -42.00
N GLN C 387 0.31 -31.34 -42.32
CA GLN C 387 -0.38 -30.07 -42.28
C GLN C 387 -0.85 -29.71 -43.67
N PRO C 388 -2.16 -29.74 -43.95
CA PRO C 388 -2.65 -29.33 -45.26
C PRO C 388 -2.99 -27.85 -45.30
N PHE C 389 -2.95 -27.31 -46.52
CA PHE C 389 -3.43 -25.97 -46.80
C PHE C 389 -4.35 -26.06 -48.00
N ARG C 390 -5.63 -25.78 -47.80
CA ARG C 390 -6.51 -25.60 -48.94
C ARG C 390 -6.02 -24.42 -49.77
N GLY C 391 -6.41 -24.41 -51.04
CA GLY C 391 -5.83 -23.43 -51.94
C GLY C 391 -6.09 -22.01 -51.49
N LEU C 392 -5.24 -21.11 -51.97
CA LEU C 392 -5.25 -19.70 -51.60
C LEU C 392 -5.36 -19.47 -50.09
N VAL C 393 -4.84 -20.40 -49.28
CA VAL C 393 -4.80 -20.22 -47.83
C VAL C 393 -3.37 -20.34 -47.35
N GLY C 394 -2.97 -19.44 -46.44
CA GLY C 394 -1.65 -19.45 -45.86
C GLY C 394 -0.54 -19.32 -46.89
N PRO C 395 0.45 -20.20 -46.81
CA PRO C 395 1.56 -20.15 -47.79
C PRO C 395 1.20 -20.72 -49.15
N ASN C 396 0.03 -21.33 -49.29
CA ASN C 396 -0.38 -21.96 -50.54
C ASN C 396 -1.04 -20.90 -51.42
N GLU C 397 -0.32 -20.47 -52.45
CA GLU C 397 -0.84 -19.49 -53.40
C GLU C 397 -1.35 -20.13 -54.68
N CYS C 398 -1.42 -21.46 -54.72
CA CYS C 398 -2.10 -22.16 -55.79
C CYS C 398 -3.54 -22.46 -55.39
N GLU C 399 -4.33 -22.93 -56.36
CA GLU C 399 -5.73 -23.24 -56.11
C GLU C 399 -5.97 -24.72 -55.82
N VAL C 400 -4.96 -25.57 -55.97
CA VAL C 400 -5.05 -26.98 -55.58
C VAL C 400 -4.62 -27.09 -54.12
N PRO C 401 -4.97 -28.17 -53.42
CA PRO C 401 -4.48 -28.33 -52.05
C PRO C 401 -2.99 -28.58 -52.00
N ALA C 402 -2.40 -28.26 -50.85
CA ALA C 402 -0.97 -28.42 -50.62
C ALA C 402 -0.73 -29.12 -49.29
N VAL C 403 0.37 -29.88 -49.22
CA VAL C 403 0.81 -30.54 -48.01
C VAL C 403 2.18 -29.99 -47.63
N ARG C 404 2.35 -29.64 -46.36
CA ARG C 404 3.60 -29.05 -45.89
C ARG C 404 4.64 -30.16 -45.68
N ALA C 405 5.82 -29.97 -46.26
CA ALA C 405 6.94 -30.88 -46.06
C ALA C 405 7.64 -30.54 -44.75
N PRO C 406 8.48 -31.44 -44.22
CA PRO C 406 9.05 -31.20 -42.88
C PRO C 406 9.74 -29.85 -42.75
N ASP C 407 10.32 -29.33 -43.82
CA ASP C 407 10.92 -28.00 -43.80
C ASP C 407 9.79 -27.01 -44.10
N GLY C 408 10.09 -25.92 -44.79
CA GLY C 408 9.02 -24.99 -45.08
C GLY C 408 8.34 -25.22 -46.41
N SER C 409 8.93 -26.05 -47.28
CA SER C 409 8.42 -26.28 -48.62
C SER C 409 7.07 -26.99 -48.62
N LEU C 410 6.37 -26.83 -49.74
CA LEU C 410 5.01 -27.31 -49.96
C LEU C 410 4.99 -28.40 -51.03
N LEU C 411 3.98 -29.25 -50.96
CA LEU C 411 3.71 -30.26 -51.98
C LEU C 411 2.30 -30.03 -52.51
N TYR C 412 2.19 -29.56 -53.75
CA TYR C 412 0.88 -29.33 -54.36
C TYR C 412 0.34 -30.63 -54.93
N LEU C 413 -0.95 -30.86 -54.74
CA LEU C 413 -1.64 -32.05 -55.24
C LEU C 413 -2.42 -31.64 -56.48
N VAL C 414 -1.82 -31.85 -57.65
CA VAL C 414 -2.38 -31.39 -58.92
C VAL C 414 -3.05 -32.58 -59.60
N GLU C 415 -4.34 -32.47 -59.83
CA GLU C 415 -5.11 -33.44 -60.60
C GLU C 415 -5.24 -32.98 -62.04
N GLN C 416 -4.74 -33.79 -62.96
CA GLN C 416 -4.99 -33.69 -64.40
C GLN C 416 -6.48 -33.45 -64.71
N GLY C 417 -6.78 -32.46 -65.54
CA GLY C 417 -5.80 -31.62 -66.20
C GLY C 417 -6.46 -30.73 -67.24
N THR C 418 -7.77 -30.92 -67.43
CA THR C 418 -8.55 -30.09 -68.31
C THR C 418 -8.22 -30.21 -69.78
N ALA C 419 -7.34 -29.34 -70.27
CA ALA C 419 -7.04 -29.19 -71.68
C ALA C 419 -7.43 -27.84 -72.23
N GLY C 420 -8.42 -27.20 -71.61
CA GLY C 420 -8.78 -25.82 -71.92
C GLY C 420 -9.23 -25.04 -70.70
N HIS C 421 -8.29 -24.71 -69.80
CA HIS C 421 -6.88 -24.99 -70.04
C HIS C 421 -6.00 -25.09 -68.81
N THR C 422 -5.76 -26.34 -68.38
CA THR C 422 -4.68 -26.66 -67.43
C THR C 422 -4.65 -25.77 -66.19
N LEU C 423 -3.47 -25.67 -65.58
CA LEU C 423 -3.19 -24.69 -64.54
C LEU C 423 -2.44 -23.48 -65.09
N TYR C 424 -1.71 -23.66 -66.19
CA TYR C 424 -0.85 -22.60 -66.72
C TYR C 424 -1.63 -21.65 -67.61
N ASP C 425 -2.57 -22.16 -68.41
CA ASP C 425 -3.37 -21.28 -69.25
C ASP C 425 -4.20 -20.30 -68.43
N THR C 426 -4.44 -20.59 -67.16
CA THR C 426 -5.28 -19.73 -66.34
C THR C 426 -4.52 -18.60 -65.69
N ASP C 427 -3.32 -18.86 -65.13
CA ASP C 427 -2.61 -17.83 -64.39
C ASP C 427 -1.46 -17.21 -65.18
N PHE C 428 -1.07 -17.80 -66.30
CA PHE C 428 0.05 -17.31 -67.09
C PHE C 428 -0.44 -16.80 -68.45
N SER C 429 0.41 -16.05 -69.11
CA SER C 429 0.16 -15.53 -70.45
C SER C 429 1.18 -16.24 -71.33
N LEU C 430 0.81 -17.42 -71.78
CA LEU C 430 1.73 -18.34 -72.43
C LEU C 430 2.05 -17.87 -73.84
N ASP C 431 3.33 -17.88 -74.18
CA ASP C 431 3.80 -17.55 -75.53
C ASP C 431 3.72 -18.82 -76.36
N ASN C 432 2.69 -18.91 -77.21
CA ASN C 432 2.45 -20.11 -78.01
C ASN C 432 3.42 -20.20 -79.19
N ASN C 433 4.50 -19.42 -79.13
CA ASN C 433 5.64 -19.59 -80.03
C ASN C 433 6.91 -20.03 -79.32
N ALA C 434 6.81 -20.49 -78.07
CA ALA C 434 7.99 -20.91 -77.31
C ALA C 434 8.77 -22.00 -78.06
N THR C 435 8.28 -23.25 -77.90
CA THR C 435 8.95 -24.53 -78.19
C THR C 435 10.31 -24.63 -77.52
N ALA C 436 10.64 -25.76 -76.89
CA ALA C 436 11.97 -25.94 -76.33
C ALA C 436 12.98 -26.16 -77.45
N THR C 437 14.27 -26.00 -77.11
CA THR C 437 15.37 -26.22 -78.05
C THR C 437 16.14 -27.51 -77.77
N GLY C 438 15.82 -28.24 -76.70
CA GLY C 438 16.46 -29.51 -76.42
C GLY C 438 15.51 -30.68 -76.34
N GLY C 439 16.08 -31.84 -75.99
CA GLY C 439 15.33 -33.07 -75.91
C GLY C 439 15.31 -33.72 -74.55
N LEU C 440 15.26 -32.92 -73.48
CA LEU C 440 14.97 -33.44 -72.15
C LEU C 440 13.48 -33.64 -72.03
N ARG C 441 13.07 -34.78 -71.50
CA ARG C 441 11.66 -35.11 -71.58
C ARG C 441 10.96 -35.16 -70.23
N ARG C 442 11.57 -35.74 -69.21
CA ARG C 442 10.91 -35.75 -67.91
C ARG C 442 11.93 -35.72 -66.79
N ILE C 443 11.47 -35.32 -65.61
CA ILE C 443 12.27 -35.45 -64.40
C ILE C 443 12.33 -36.92 -64.01
N ASP C 444 13.54 -37.48 -64.01
CA ASP C 444 13.71 -38.88 -63.68
C ASP C 444 13.84 -39.10 -62.17
N HIS C 445 14.65 -38.27 -61.51
CA HIS C 445 14.78 -38.34 -60.07
C HIS C 445 15.29 -37.02 -59.54
N MSE C 446 15.08 -36.80 -58.26
CA MSE C 446 15.54 -35.59 -57.61
C MSE C 446 16.05 -35.91 -56.21
O MSE C 446 15.34 -36.48 -55.38
CB MSE C 446 14.41 -34.56 -57.54
CG MSE C 446 14.85 -33.21 -57.01
SE MSE C 446 13.49 -31.81 -57.23
CE MSE C 446 12.06 -32.62 -56.16
N ALA C 447 17.31 -35.55 -55.95
CA ALA C 447 17.98 -35.88 -54.71
C ALA C 447 17.88 -34.73 -53.72
N LEU C 448 17.70 -35.07 -52.45
CA LEU C 448 17.71 -34.09 -51.37
C LEU C 448 18.93 -34.29 -50.50
N ALA C 449 19.52 -33.19 -50.05
CA ALA C 449 20.57 -33.21 -49.03
C ALA C 449 19.94 -32.76 -47.72
N LEU C 450 19.92 -33.66 -46.73
CA LEU C 450 19.21 -33.40 -45.49
C LEU C 450 20.14 -33.52 -44.29
N PRO C 451 19.86 -32.81 -43.20
CA PRO C 451 20.64 -33.00 -41.98
C PRO C 451 20.51 -34.43 -41.47
N ALA C 452 21.61 -34.96 -40.95
CA ALA C 452 21.62 -36.36 -40.49
C ALA C 452 20.54 -36.63 -39.45
N GLU C 453 20.28 -35.65 -38.57
CA GLU C 453 19.34 -35.86 -37.47
C GLU C 453 17.88 -35.79 -37.91
N SER C 454 17.60 -35.31 -39.11
CA SER C 454 16.22 -35.17 -39.57
C SER C 454 15.85 -36.14 -40.68
N LEU C 455 16.80 -36.97 -41.14
CA LEU C 455 16.56 -37.80 -42.31
C LEU C 455 15.52 -38.89 -42.05
N ASP C 456 15.59 -39.53 -40.88
CA ASP C 456 14.62 -40.56 -40.55
C ASP C 456 13.21 -39.99 -40.49
N SER C 457 13.08 -38.75 -40.02
CA SER C 457 11.76 -38.10 -40.01
C SER C 457 11.25 -37.88 -41.43
N TRP C 458 12.13 -37.47 -42.34
CA TRP C 458 11.73 -37.32 -43.75
C TRP C 458 11.36 -38.66 -44.36
N VAL C 459 12.12 -39.71 -44.01
CA VAL C 459 11.83 -41.04 -44.56
C VAL C 459 10.42 -41.48 -44.16
N LEU C 460 10.10 -41.36 -42.86
CA LEU C 460 8.77 -41.73 -42.40
C LEU C 460 7.70 -40.82 -43.00
N PHE C 461 8.02 -39.54 -43.19
CA PHE C 461 7.07 -38.61 -43.80
C PHE C 461 6.62 -39.09 -45.17
N TYR C 462 7.58 -39.48 -46.02
CA TYR C 462 7.24 -39.91 -47.38
C TYR C 462 6.69 -41.32 -47.41
N LYS C 463 7.19 -42.21 -46.55
CA LYS C 463 6.67 -43.58 -46.52
C LYS C 463 5.21 -43.62 -46.09
N SER C 464 4.83 -42.80 -45.11
CA SER C 464 3.48 -42.90 -44.58
C SER C 464 2.49 -42.02 -45.34
N LEU C 465 2.77 -40.73 -45.49
CA LEU C 465 1.81 -39.84 -46.12
C LEU C 465 1.60 -40.16 -47.59
N PHE C 466 2.64 -40.60 -48.29
CA PHE C 466 2.58 -40.79 -49.73
C PHE C 466 2.87 -42.23 -50.16
N ASP C 467 3.03 -43.14 -49.21
CA ASP C 467 3.23 -44.57 -49.50
C ASP C 467 4.42 -44.80 -50.43
N PHE C 468 5.50 -44.07 -50.18
CA PHE C 468 6.76 -44.37 -50.87
C PHE C 468 7.41 -45.62 -50.27
N ALA C 469 8.33 -46.21 -51.04
CA ALA C 469 9.02 -47.41 -50.63
C ALA C 469 10.54 -47.18 -50.70
N ALA C 470 11.26 -48.02 -49.96
CA ALA C 470 12.72 -47.95 -49.96
C ALA C 470 13.29 -48.31 -51.32
N ASP C 471 14.41 -47.69 -51.66
CA ASP C 471 15.05 -47.88 -52.96
C ASP C 471 16.56 -47.67 -52.83
N ASP C 472 17.18 -48.39 -51.91
CA ASP C 472 18.58 -48.16 -51.56
C ASP C 472 19.54 -48.96 -52.45
N GLU C 473 20.81 -48.55 -52.44
CA GLU C 473 21.86 -49.10 -53.30
C GLU C 473 23.11 -49.31 -52.47
N VAL C 474 23.80 -50.43 -52.69
CA VAL C 474 25.04 -50.71 -51.99
C VAL C 474 26.19 -50.64 -52.99
N VAL C 475 27.07 -49.65 -52.81
CA VAL C 475 28.28 -49.53 -53.63
C VAL C 475 29.50 -49.77 -52.74
N GLY C 481 35.26 -45.57 -48.07
CA GLY C 481 34.28 -44.72 -48.72
C GLY C 481 32.84 -45.11 -48.41
N LEU C 482 31.90 -44.37 -48.98
CA LEU C 482 30.48 -44.64 -48.79
C LEU C 482 30.06 -45.82 -49.63
N VAL C 483 29.42 -46.80 -49.01
CA VAL C 483 28.90 -47.96 -49.71
C VAL C 483 27.40 -47.81 -49.94
N LYS C 484 26.68 -47.30 -48.94
CA LYS C 484 25.22 -47.27 -48.96
C LYS C 484 24.70 -45.85 -49.22
N SER C 485 23.90 -45.68 -50.27
CA SER C 485 23.21 -44.42 -50.52
C SER C 485 21.70 -44.66 -50.50
N ARG C 486 20.98 -43.95 -49.63
CA ARG C 486 19.55 -44.19 -49.47
C ARG C 486 18.72 -43.40 -50.46
N ALA C 487 17.57 -43.98 -50.83
CA ALA C 487 16.65 -43.35 -51.76
C ALA C 487 15.26 -43.91 -51.50
N LEU C 488 14.26 -43.11 -51.88
CA LEU C 488 12.86 -43.54 -51.82
C LEU C 488 12.26 -43.50 -53.23
N ARG C 489 11.07 -44.08 -53.34
CA ARG C 489 10.49 -44.36 -54.65
C ARG C 489 8.99 -44.53 -54.50
N SER C 490 8.22 -43.85 -55.34
CA SER C 490 6.80 -44.12 -55.41
C SER C 490 6.58 -45.54 -55.90
N GLN C 491 5.39 -46.08 -55.61
CA GLN C 491 5.12 -47.49 -55.89
C GLN C 491 5.37 -47.84 -57.35
N CYS C 492 4.95 -46.99 -58.27
CA CYS C 492 5.11 -47.26 -59.70
C CYS C 492 6.30 -46.53 -60.30
N GLY C 493 7.17 -45.93 -59.48
CA GLY C 493 8.45 -45.44 -59.93
C GLY C 493 8.45 -44.11 -60.63
N THR C 494 7.30 -43.44 -60.78
CA THR C 494 7.28 -42.15 -61.47
C THR C 494 7.89 -41.05 -60.63
N LEU C 495 8.05 -41.28 -59.32
CA LEU C 495 8.71 -40.34 -58.42
C LEU C 495 9.85 -41.06 -57.70
N ARG C 496 11.04 -40.50 -57.78
CA ARG C 496 12.23 -41.08 -57.17
C ARG C 496 12.98 -39.99 -56.43
N LEU C 497 13.36 -40.28 -55.19
CA LEU C 497 13.86 -39.27 -54.27
C LEU C 497 15.05 -39.82 -53.49
N PRO C 498 16.24 -39.80 -54.08
CA PRO C 498 17.43 -40.13 -53.29
C PRO C 498 17.69 -39.07 -52.24
N LEU C 499 18.32 -39.50 -51.15
CA LEU C 499 18.49 -38.66 -49.97
C LEU C 499 19.92 -38.74 -49.49
N ASN C 500 20.60 -37.59 -49.46
CA ASN C 500 21.97 -37.47 -49.01
C ASN C 500 22.02 -36.70 -47.70
N ILE C 501 23.17 -36.77 -47.05
CA ILE C 501 23.39 -36.14 -45.75
C ILE C 501 24.12 -34.81 -45.98
N SER C 502 23.50 -33.73 -45.54
CA SER C 502 24.14 -32.42 -45.61
C SER C 502 25.26 -32.30 -44.58
N GLU C 503 26.14 -31.35 -44.83
CA GLU C 503 27.23 -31.06 -43.92
C GLU C 503 26.70 -30.21 -42.77
N ASN C 504 27.18 -30.48 -41.55
CA ASN C 504 26.75 -29.69 -40.42
C ASN C 504 27.32 -28.29 -40.52
N ARG C 505 26.72 -27.35 -39.79
CA ARG C 505 27.30 -26.02 -39.77
C ARG C 505 28.63 -26.00 -38.99
N ASN C 506 28.73 -26.80 -37.92
CA ASN C 506 29.92 -26.77 -37.05
C ASN C 506 31.18 -27.34 -37.70
N THR C 507 31.04 -28.17 -38.75
CA THR C 507 32.18 -28.63 -39.54
C THR C 507 32.61 -27.58 -40.55
N ALA C 508 31.66 -26.83 -41.10
CA ALA C 508 32.02 -25.69 -41.94
C ALA C 508 32.81 -24.67 -41.14
N ILE C 509 32.51 -24.51 -39.86
CA ILE C 509 33.31 -23.64 -39.00
C ILE C 509 34.65 -24.29 -38.70
N ALA C 510 34.62 -25.58 -38.33
CA ALA C 510 35.83 -26.26 -37.90
C ALA C 510 36.87 -26.35 -39.02
N HIS C 511 36.44 -26.57 -40.26
CA HIS C 511 37.36 -26.58 -41.37
C HIS C 511 37.48 -25.20 -42.03
N ALA C 512 37.16 -24.14 -41.30
CA ALA C 512 37.32 -22.77 -41.76
C ALA C 512 36.83 -22.52 -43.18
N LEU C 513 35.72 -23.14 -43.58
CA LEU C 513 35.19 -22.91 -44.92
C LEU C 513 34.62 -21.48 -44.97
N SER C 514 34.01 -21.11 -46.09
CA SER C 514 33.44 -19.77 -46.22
C SER C 514 32.35 -19.93 -47.24
N SER C 515 32.33 -21.10 -47.79
CA SER C 515 31.32 -21.64 -48.72
C SER C 515 30.49 -22.71 -48.02
N TYR C 516 29.49 -22.31 -47.22
CA TYR C 516 28.57 -23.29 -46.65
C TYR C 516 27.13 -22.90 -46.96
N ARG C 517 26.47 -23.76 -47.71
CA ARG C 517 25.04 -23.70 -47.93
C ARG C 517 24.39 -24.91 -47.28
N GLY C 518 23.26 -24.67 -46.60
CA GLY C 518 22.57 -25.69 -45.82
C GLY C 518 22.02 -26.85 -46.63
N SER C 519 20.80 -27.24 -46.28
CA SER C 519 20.14 -28.37 -46.90
C SER C 519 19.22 -27.89 -48.00
N GLY C 520 18.65 -28.83 -48.74
CA GLY C 520 17.81 -28.50 -49.87
C GLY C 520 18.04 -29.47 -51.00
N VAL C 521 17.72 -29.02 -52.22
CA VAL C 521 17.87 -29.87 -53.39
C VAL C 521 19.33 -30.20 -53.62
N HIS C 522 19.64 -31.49 -53.72
CA HIS C 522 20.99 -31.92 -54.03
C HIS C 522 21.23 -31.82 -55.53
N HIS C 523 20.37 -32.44 -56.34
CA HIS C 523 20.43 -32.30 -57.79
C HIS C 523 19.12 -32.76 -58.40
N ILE C 524 18.89 -32.31 -59.62
CA ILE C 524 17.70 -32.67 -60.40
C ILE C 524 18.17 -33.33 -61.69
N ALA C 525 17.57 -34.48 -62.01
CA ALA C 525 18.02 -35.30 -63.12
C ALA C 525 16.93 -35.38 -64.18
N PHE C 526 17.29 -35.02 -65.42
CA PHE C 526 16.41 -35.13 -66.57
C PHE C 526 16.91 -36.24 -67.48
N ASP C 527 15.98 -36.95 -68.12
CA ASP C 527 16.33 -38.01 -69.04
C ASP C 527 16.17 -37.52 -70.48
N CYS C 528 16.77 -38.27 -71.40
CA CYS C 528 16.72 -37.94 -72.82
C CYS C 528 16.90 -39.21 -73.62
N ASP C 529 16.68 -39.11 -74.93
CA ASP C 529 16.84 -40.27 -75.80
C ASP C 529 18.29 -40.46 -76.23
N ASP C 530 19.02 -39.36 -76.45
CA ASP C 530 20.36 -39.41 -77.03
C ASP C 530 21.28 -38.57 -76.16
N ILE C 531 22.14 -39.24 -75.39
CA ILE C 531 23.02 -38.52 -74.47
C ILE C 531 24.01 -37.65 -75.24
N PHE C 532 24.50 -38.14 -76.39
CA PHE C 532 25.50 -37.39 -77.14
C PHE C 532 24.90 -36.14 -77.77
N ARG C 533 23.68 -36.23 -78.29
CA ARG C 533 23.06 -35.06 -78.89
C ARG C 533 22.77 -34.00 -77.84
N GLU C 534 22.40 -34.41 -76.64
CA GLU C 534 22.08 -33.42 -75.59
C GLU C 534 23.35 -32.79 -75.03
N VAL C 535 24.40 -33.59 -74.81
CA VAL C 535 25.66 -33.03 -74.34
C VAL C 535 26.22 -32.01 -75.33
N ALA C 536 26.17 -32.34 -76.63
CA ALA C 536 26.68 -31.42 -77.64
C ALA C 536 25.92 -30.10 -77.62
N ARG C 537 24.59 -30.17 -77.61
CA ARG C 537 23.79 -28.95 -77.59
C ARG C 537 24.01 -28.17 -76.28
N ALA C 538 24.07 -28.88 -75.15
CA ALA C 538 24.23 -28.21 -73.86
C ALA C 538 25.61 -27.58 -73.72
N LYS C 539 26.65 -28.31 -74.13
CA LYS C 539 28.02 -27.78 -74.01
C LYS C 539 28.20 -26.53 -74.85
N LEU C 540 27.60 -26.52 -76.04
CA LEU C 540 27.76 -25.39 -76.95
C LEU C 540 26.92 -24.20 -76.53
N ALA C 541 25.79 -24.43 -75.85
CA ALA C 541 24.96 -23.34 -75.35
C ALA C 541 25.52 -22.70 -74.09
N GLY C 542 26.58 -23.26 -73.52
CA GLY C 542 27.22 -22.69 -72.35
C GLY C 542 26.93 -23.36 -71.03
N VAL C 543 26.30 -24.53 -71.03
CA VAL C 543 26.07 -25.27 -69.78
C VAL C 543 27.42 -25.74 -69.24
N PRO C 544 27.76 -25.44 -67.96
CA PRO C 544 29.07 -25.83 -67.41
C PRO C 544 29.13 -27.29 -66.97
N LEU C 545 29.08 -28.19 -67.96
CA LEU C 545 29.21 -29.60 -67.68
C LEU C 545 30.64 -29.94 -67.26
N LEU C 546 30.77 -31.00 -66.46
CA LEU C 546 32.05 -31.34 -65.86
C LEU C 546 33.03 -31.94 -66.87
N GLU C 547 34.30 -31.69 -66.65
CA GLU C 547 35.38 -32.34 -67.40
C GLU C 547 35.81 -33.59 -66.66
N ILE C 548 35.79 -34.72 -67.36
CA ILE C 548 36.10 -36.02 -66.79
C ILE C 548 37.53 -36.39 -67.18
N PRO C 549 38.38 -36.78 -66.23
CA PRO C 549 39.79 -37.03 -66.56
C PRO C 549 39.95 -38.24 -67.45
N LEU C 550 41.09 -38.27 -68.14
CA LEU C 550 41.36 -39.34 -69.11
C LEU C 550 41.44 -40.70 -68.42
N ASN C 551 42.03 -40.75 -67.23
CA ASN C 551 42.20 -42.02 -66.52
C ASN C 551 40.88 -42.72 -66.24
N TYR C 552 39.77 -41.96 -66.17
CA TYR C 552 38.46 -42.59 -66.01
C TYR C 552 38.12 -43.45 -67.22
N TYR C 553 38.40 -42.94 -68.42
CA TYR C 553 38.08 -43.68 -69.63
C TYR C 553 39.10 -44.76 -69.94
N ASP C 554 40.35 -44.56 -69.51
CA ASP C 554 41.32 -45.66 -69.54
C ASP C 554 40.84 -46.80 -68.66
N ASP C 555 40.23 -46.48 -67.53
CA ASP C 555 39.70 -47.51 -66.64
C ASP C 555 38.52 -48.25 -67.28
N LEU C 556 37.65 -47.52 -67.98
CA LEU C 556 36.55 -48.18 -68.66
C LEU C 556 37.04 -49.10 -69.77
N ALA C 557 38.16 -48.76 -70.40
CA ALA C 557 38.72 -49.61 -71.44
C ALA C 557 39.18 -50.95 -70.88
N ALA C 558 39.80 -50.93 -69.70
CA ALA C 558 40.31 -52.15 -69.09
C ALA C 558 39.23 -52.99 -68.43
N ARG C 559 38.00 -52.50 -68.33
CA ARG C 559 36.94 -53.20 -67.62
C ARG C 559 35.77 -53.61 -68.51
N PHE C 560 35.39 -52.78 -69.47
CA PHE C 560 34.20 -53.02 -70.28
C PHE C 560 34.50 -53.68 -71.62
N ASP C 561 35.55 -53.26 -72.30
CA ASP C 561 35.92 -53.85 -73.58
C ASP C 561 34.87 -53.65 -74.66
N PHE C 562 34.67 -52.41 -75.09
CA PHE C 562 33.72 -52.10 -76.12
C PHE C 562 34.36 -51.51 -77.37
N ASP C 563 33.55 -51.07 -78.31
CA ASP C 563 34.04 -50.48 -79.55
C ASP C 563 34.99 -49.33 -79.26
N ASP C 564 36.17 -49.37 -79.87
CA ASP C 564 37.18 -48.35 -79.62
C ASP C 564 36.71 -46.97 -80.09
N GLU C 565 36.01 -46.93 -81.23
CA GLU C 565 35.48 -45.68 -81.73
C GLU C 565 34.40 -45.11 -80.82
N PHE C 566 33.69 -45.98 -80.11
CA PHE C 566 32.63 -45.53 -79.20
C PHE C 566 33.18 -44.90 -77.93
N LEU C 567 34.20 -45.51 -77.33
CA LEU C 567 34.68 -45.02 -76.05
C LEU C 567 35.38 -43.67 -76.20
N SER C 568 36.06 -43.46 -77.33
CA SER C 568 36.69 -42.17 -77.56
C SER C 568 35.68 -41.06 -77.72
N GLU C 569 34.46 -41.40 -78.14
CA GLU C 569 33.39 -40.40 -78.18
C GLU C 569 32.92 -40.06 -76.76
N LEU C 570 32.75 -41.07 -75.91
CA LEU C 570 32.41 -40.81 -74.51
C LEU C 570 33.44 -39.92 -73.85
N ALA C 571 34.73 -40.16 -74.12
CA ALA C 571 35.78 -39.34 -73.53
C ALA C 571 35.71 -37.91 -74.07
N TYR C 572 35.38 -37.76 -75.35
CA TYR C 572 35.27 -36.41 -75.92
C TYR C 572 34.04 -35.68 -75.40
N TYR C 573 32.96 -36.40 -75.11
CA TYR C 573 31.72 -35.79 -74.64
C TYR C 573 31.60 -35.80 -73.13
N ASN C 574 32.66 -36.19 -72.42
CA ASN C 574 32.69 -36.19 -70.95
C ASN C 574 31.48 -36.91 -70.37
N VAL C 575 31.10 -38.01 -71.00
CA VAL C 575 29.95 -38.80 -70.56
C VAL C 575 30.43 -39.85 -69.57
N LEU C 576 29.70 -40.01 -68.47
CA LEU C 576 29.96 -41.02 -67.46
C LEU C 576 29.09 -42.24 -67.74
N TYR C 577 29.55 -43.41 -67.29
CA TYR C 577 29.00 -44.67 -67.74
C TYR C 577 28.81 -45.63 -66.58
N ASP C 578 27.78 -46.46 -66.68
CA ASP C 578 27.53 -47.56 -65.75
C ASP C 578 26.76 -48.64 -66.49
N ARG C 579 26.94 -49.89 -66.04
CA ARG C 579 26.27 -51.04 -66.65
C ARG C 579 25.80 -51.97 -65.54
N ASP C 580 24.56 -52.43 -65.62
CA ASP C 580 24.05 -53.38 -64.63
C ASP C 580 24.52 -54.79 -65.01
N ALA C 581 23.98 -55.80 -64.31
CA ALA C 581 24.33 -57.18 -64.60
C ALA C 581 23.51 -57.79 -65.72
N GLN C 582 22.39 -57.16 -66.11
CA GLN C 582 21.52 -57.68 -67.15
C GLN C 582 21.61 -56.86 -68.44
N GLY C 583 22.77 -56.27 -68.70
CA GLY C 583 23.03 -55.57 -69.95
C GLY C 583 22.48 -54.16 -70.03
N GLY C 584 21.69 -53.71 -69.07
CA GLY C 584 21.27 -52.32 -69.06
C GLY C 584 22.45 -51.38 -68.84
N GLU C 585 22.36 -50.21 -69.48
CA GLU C 585 23.45 -49.25 -69.45
C GLU C 585 22.92 -47.87 -69.10
N LEU C 586 23.79 -47.07 -68.46
CA LEU C 586 23.48 -45.70 -68.11
C LEU C 586 24.53 -44.77 -68.70
N PHE C 587 24.06 -43.70 -69.33
CA PHE C 587 24.91 -42.63 -69.83
C PHE C 587 24.40 -41.34 -69.19
N HIS C 588 25.25 -40.67 -68.42
CA HIS C 588 24.82 -39.49 -67.70
C HIS C 588 25.98 -38.51 -67.56
N VAL C 589 25.63 -37.22 -67.46
CA VAL C 589 26.58 -36.14 -67.25
C VAL C 589 26.03 -35.23 -66.17
N TYR C 590 26.94 -34.47 -65.56
CA TYR C 590 26.59 -33.53 -64.49
C TYR C 590 27.05 -32.13 -64.86
N THR C 591 26.27 -31.14 -64.41
CA THR C 591 26.71 -29.75 -64.45
C THR C 591 27.42 -29.39 -63.15
N GLU C 592 28.10 -28.24 -63.18
CA GLU C 592 28.60 -27.66 -61.94
C GLU C 592 27.42 -27.20 -61.10
N PRO C 593 27.61 -27.05 -59.78
CA PRO C 593 26.52 -26.55 -58.95
C PRO C 593 26.12 -25.14 -59.35
N PHE C 594 24.81 -24.88 -59.35
CA PHE C 594 24.31 -23.54 -59.58
C PHE C 594 24.51 -22.73 -58.31
N GLU C 595 25.50 -21.82 -58.35
CA GLU C 595 25.82 -20.94 -57.24
C GLU C 595 25.91 -21.70 -55.91
N GLU C 596 26.71 -22.77 -55.94
CA GLU C 596 27.10 -23.53 -54.75
C GLU C 596 25.93 -24.21 -54.05
N ARG C 597 24.88 -24.55 -54.80
CA ARG C 597 23.78 -25.31 -54.25
C ARG C 597 23.53 -26.57 -55.07
N PHE C 598 22.38 -26.63 -55.73
CA PHE C 598 22.02 -27.77 -56.54
C PHE C 598 22.71 -27.72 -57.89
N PHE C 599 22.95 -28.91 -58.46
CA PHE C 599 23.41 -29.05 -59.83
C PHE C 599 22.38 -29.85 -60.61
N PHE C 600 22.62 -30.00 -61.91
CA PHE C 600 21.71 -30.72 -62.77
C PHE C 600 22.40 -31.94 -63.36
N GLU C 601 21.58 -32.89 -63.80
CA GLU C 601 22.05 -34.14 -64.38
C GLU C 601 21.19 -34.49 -65.58
N ILE C 602 21.85 -34.95 -66.64
CA ILE C 602 21.18 -35.46 -67.84
C ILE C 602 21.56 -36.92 -67.99
N ILE C 603 20.55 -37.78 -68.14
CA ILE C 603 20.77 -39.22 -68.18
C ILE C 603 20.09 -39.81 -69.42
N GLN C 604 20.62 -40.96 -69.84
CA GLN C 604 19.99 -41.82 -70.83
C GLN C 604 19.97 -43.24 -70.27
N ARG C 605 18.79 -43.81 -70.12
CA ARG C 605 18.64 -45.18 -69.64
C ARG C 605 18.48 -46.11 -70.83
N LYS C 606 19.27 -47.19 -70.85
CA LYS C 606 19.24 -48.12 -71.97
C LYS C 606 19.04 -49.55 -71.50
N ALA C 607 18.18 -50.27 -72.22
CA ALA C 607 17.84 -51.67 -71.95
C ALA C 607 17.55 -51.92 -70.47
N GLY C 608 16.69 -51.09 -69.90
CA GLY C 608 16.16 -51.35 -68.57
C GLY C 608 17.08 -51.04 -67.41
N TYR C 609 18.14 -50.26 -67.60
CA TYR C 609 18.95 -49.82 -66.48
C TYR C 609 18.08 -49.06 -65.48
N ALA C 610 18.21 -49.41 -64.20
CA ALA C 610 17.32 -48.89 -63.17
C ALA C 610 18.01 -48.14 -62.04
N GLY C 611 19.33 -48.15 -61.97
CA GLY C 611 20.05 -47.52 -60.88
C GLY C 611 20.24 -46.02 -61.08
N TYR C 612 21.19 -45.47 -60.31
CA TYR C 612 21.51 -44.06 -60.37
C TYR C 612 22.94 -43.79 -60.80
N GLY C 613 23.70 -44.82 -61.15
CA GLY C 613 25.11 -44.62 -61.48
C GLY C 613 25.93 -44.18 -60.29
N ALA C 614 25.62 -44.73 -59.10
CA ALA C 614 26.33 -44.34 -57.89
C ALA C 614 27.81 -44.68 -57.95
N ALA C 615 28.22 -45.61 -58.82
CA ALA C 615 29.62 -45.98 -58.94
C ALA C 615 30.48 -44.81 -59.39
N ASN C 616 29.88 -43.77 -59.96
CA ASN C 616 30.62 -42.63 -60.49
C ASN C 616 30.60 -41.42 -59.56
N VAL C 617 30.10 -41.58 -58.34
CA VAL C 617 30.00 -40.44 -57.43
C VAL C 617 31.38 -39.92 -57.06
N ALA C 618 32.33 -40.83 -56.81
CA ALA C 618 33.68 -40.41 -56.48
C ALA C 618 34.30 -39.62 -57.63
N VAL C 619 34.01 -40.03 -58.87
CA VAL C 619 34.55 -39.32 -60.03
C VAL C 619 33.91 -37.95 -60.15
N ARG C 620 32.59 -37.86 -59.89
CA ARG C 620 31.91 -36.57 -59.92
C ARG C 620 32.47 -35.61 -58.87
N LEU C 621 32.69 -36.11 -57.65
CA LEU C 621 33.20 -35.25 -56.59
C LEU C 621 34.59 -34.72 -56.91
N ALA C 622 35.45 -35.57 -57.48
CA ALA C 622 36.78 -35.13 -57.87
C ALA C 622 36.71 -34.06 -58.95
N ALA C 623 35.78 -34.21 -59.89
CA ALA C 623 35.64 -33.23 -60.97
C ALA C 623 35.16 -31.88 -60.42
N MSE C 624 34.15 -31.89 -59.57
CA MSE C 624 33.64 -30.65 -58.98
C MSE C 624 34.68 -30.01 -58.05
O MSE C 624 34.64 -28.80 -57.83
CB MSE C 624 32.34 -30.92 -58.21
CG MSE C 624 31.14 -31.21 -59.09
SE MSE C 624 29.49 -31.50 -58.10
CE MSE C 624 28.27 -31.76 -59.59
N ALA C 625 35.58 -30.84 -57.52
CA ALA C 625 36.61 -30.32 -56.63
C ALA C 625 37.52 -29.35 -57.35
N LYS C 626 37.90 -29.66 -58.59
CA LYS C 626 38.75 -28.78 -59.39
C LYS C 626 37.94 -27.56 -59.81
N ALA C 627 37.85 -26.59 -58.90
CA ALA C 627 37.12 -25.35 -59.14
C ALA C 627 37.65 -24.24 -58.24
N ALA D 1 11.08 5.13 38.56
CA ALA D 1 10.57 6.30 37.84
C ALA D 1 9.04 6.32 37.82
N LYS D 2 8.39 5.17 37.65
CA LYS D 2 6.94 5.17 37.66
C LYS D 2 6.43 5.32 39.09
N MSE D 3 5.18 5.76 39.22
CA MSE D 3 4.60 6.01 40.54
C MSE D 3 4.32 4.73 41.33
O MSE D 3 4.14 3.66 40.75
CB MSE D 3 3.31 6.81 40.40
CG MSE D 3 3.51 8.27 40.06
SE MSE D 3 1.80 9.19 39.80
CE MSE D 3 1.37 8.48 38.02
N GLN D 4 4.25 4.87 42.65
CA GLN D 4 3.85 3.79 43.53
C GLN D 4 2.40 3.40 43.30
N ARG D 5 2.15 2.23 42.72
CA ARG D 5 0.80 1.78 42.42
C ARG D 5 0.24 1.02 43.62
N SER D 6 -0.92 1.46 44.11
CA SER D 6 -1.55 0.89 45.28
C SER D 6 -2.99 0.53 44.99
N ILE D 7 -3.58 -0.24 45.90
CA ILE D 7 -5.00 -0.57 45.85
C ILE D 7 -5.48 -0.76 47.29
N ALA D 8 -6.65 -0.21 47.59
CA ALA D 8 -7.23 -0.35 48.93
C ALA D 8 -7.78 -1.75 49.10
N THR D 9 -7.60 -2.32 50.30
CA THR D 9 -8.07 -3.68 50.55
C THR D 9 -9.59 -3.78 50.43
N VAL D 10 -10.31 -2.68 50.63
CA VAL D 10 -11.75 -2.69 50.49
C VAL D 10 -12.18 -3.00 49.06
N SER D 11 -11.26 -2.88 48.10
CA SER D 11 -11.54 -3.19 46.70
C SER D 11 -11.60 -4.69 46.41
N LEU D 12 -11.23 -5.54 47.36
CA LEU D 12 -11.17 -6.98 47.13
C LEU D 12 -12.00 -7.70 48.19
N SER D 13 -12.23 -8.99 47.93
CA SER D 13 -12.83 -9.90 48.88
C SER D 13 -11.78 -10.89 49.38
N GLY D 14 -12.09 -11.54 50.50
CA GLY D 14 -11.22 -12.54 51.07
C GLY D 14 -10.68 -12.11 52.42
N THR D 15 -9.87 -13.00 53.00
CA THR D 15 -9.13 -12.67 54.21
C THR D 15 -8.04 -11.65 53.90
N LEU D 16 -7.59 -10.94 54.94
CA LEU D 16 -6.51 -9.99 54.76
C LEU D 16 -5.25 -10.63 54.18
N PRO D 17 -4.78 -11.80 54.65
CA PRO D 17 -3.63 -12.43 53.98
C PRO D 17 -3.89 -12.75 52.52
N GLU D 18 -5.09 -13.21 52.18
CA GLU D 18 -5.41 -13.48 50.78
C GLU D 18 -5.37 -12.21 49.95
N LYS D 19 -5.90 -11.11 50.49
CA LYS D 19 -5.87 -9.85 49.77
C LYS D 19 -4.44 -9.38 49.54
N LEU D 20 -3.61 -9.45 50.58
CA LEU D 20 -2.23 -8.96 50.47
C LEU D 20 -1.42 -9.79 49.48
N GLU D 21 -1.62 -11.11 49.47
CA GLU D 21 -0.90 -11.93 48.51
C GLU D 21 -1.35 -11.65 47.08
N ALA D 22 -2.66 -11.48 46.87
CA ALA D 22 -3.17 -11.15 45.54
C ALA D 22 -2.65 -9.81 45.08
N ILE D 23 -2.62 -8.82 45.97
CA ILE D 23 -2.11 -7.49 45.62
C ILE D 23 -0.64 -7.58 45.23
N ALA D 24 0.15 -8.33 45.99
CA ALA D 24 1.57 -8.49 45.65
C ALA D 24 1.74 -9.28 44.36
N ALA D 25 0.99 -10.38 44.20
CA ALA D 25 1.13 -11.19 43.00
C ALA D 25 0.74 -10.42 41.75
N ALA D 26 -0.19 -9.47 41.86
CA ALA D 26 -0.62 -8.69 40.72
C ALA D 26 0.39 -7.64 40.28
N GLY D 27 1.40 -7.36 41.10
CA GLY D 27 2.41 -6.38 40.75
C GLY D 27 2.22 -5.01 41.35
N PHE D 28 1.35 -4.85 42.34
CA PHE D 28 1.20 -3.57 43.02
C PHE D 28 2.44 -3.29 43.86
N ASP D 29 2.69 -2.00 44.10
CA ASP D 29 3.77 -1.60 45.00
C ASP D 29 3.29 -1.40 46.42
N GLY D 30 2.03 -0.98 46.60
CA GLY D 30 1.53 -0.62 47.91
C GLY D 30 0.09 -1.04 48.10
N VAL D 31 -0.41 -0.81 49.31
CA VAL D 31 -1.77 -1.17 49.68
C VAL D 31 -2.28 -0.17 50.71
N GLU D 32 -3.54 0.24 50.56
CA GLU D 32 -4.23 0.97 51.62
C GLU D 32 -4.91 -0.06 52.52
N ILE D 33 -4.58 -0.03 53.81
CA ILE D 33 -5.22 -0.92 54.76
C ILE D 33 -6.54 -0.29 55.19
N PHE D 34 -7.66 -0.89 54.79
CA PHE D 34 -8.97 -0.48 55.26
C PHE D 34 -9.17 -1.01 56.67
N GLU D 35 -9.53 -0.13 57.61
CA GLU D 35 -9.48 -0.49 59.03
C GLU D 35 -10.37 -1.69 59.34
N ASN D 36 -11.51 -1.81 58.67
CA ASN D 36 -12.41 -2.93 58.95
C ASN D 36 -11.74 -4.27 58.67
N ASP D 37 -10.81 -4.31 57.70
CA ASP D 37 -10.10 -5.55 57.42
C ASP D 37 -9.18 -5.94 58.57
N LEU D 38 -8.57 -4.96 59.23
CA LEU D 38 -7.78 -5.26 60.43
C LEU D 38 -8.65 -5.87 61.51
N LEU D 39 -9.88 -5.37 61.64
CA LEU D 39 -10.75 -5.80 62.73
C LEU D 39 -11.08 -7.28 62.63
N TYR D 40 -11.23 -7.81 61.41
CA TYR D 40 -11.56 -9.21 61.21
C TYR D 40 -10.35 -10.13 61.11
N TYR D 41 -9.14 -9.57 61.05
CA TYR D 41 -7.93 -10.36 60.98
C TYR D 41 -7.49 -10.75 62.39
N ALA D 42 -7.26 -12.04 62.61
CA ALA D 42 -6.97 -12.53 63.96
C ALA D 42 -5.58 -12.15 64.44
N GLY D 43 -4.67 -11.82 63.54
CA GLY D 43 -3.32 -11.45 63.92
C GLY D 43 -3.21 -10.00 64.35
N SER D 44 -1.97 -9.59 64.59
CA SER D 44 -1.66 -8.26 65.09
C SER D 44 -1.29 -7.33 63.96
N PRO D 45 -1.41 -6.01 64.17
CA PRO D 45 -0.96 -5.06 63.14
C PRO D 45 0.50 -5.25 62.75
N ARG D 46 1.35 -5.66 63.69
CA ARG D 46 2.76 -5.90 63.36
C ARG D 46 2.91 -7.11 62.44
N GLN D 47 2.08 -8.13 62.63
CA GLN D 47 2.10 -9.27 61.71
C GLN D 47 1.64 -8.87 60.32
N VAL D 48 0.72 -7.90 60.23
CA VAL D 48 0.37 -7.35 58.92
C VAL D 48 1.57 -6.64 58.30
N ARG D 49 2.29 -5.86 59.11
CA ARG D 49 3.51 -5.22 58.63
C ARG D 49 4.53 -6.26 58.17
N GLN D 50 4.64 -7.37 58.92
CA GLN D 50 5.60 -8.40 58.57
C GLN D 50 5.22 -9.09 57.26
N MSE D 51 3.93 -9.39 57.09
CA MSE D 51 3.42 -9.98 55.84
C MSE D 51 3.75 -9.11 54.63
O MSE D 51 4.22 -9.61 53.61
CB MSE D 51 1.91 -10.20 55.92
CG MSE D 51 1.48 -11.41 56.72
SE MSE D 51 -0.42 -11.84 56.48
CE MSE D 51 -1.21 -10.33 57.43
N CYS D 52 3.48 -7.80 54.74
CA CYS D 52 3.72 -6.92 53.61
C CYS D 52 5.20 -6.81 53.29
N ALA D 53 6.06 -6.78 54.32
CA ALA D 53 7.49 -6.77 54.09
C ALA D 53 7.94 -8.05 53.39
N ASP D 54 7.40 -9.19 53.81
CA ASP D 54 7.73 -10.45 53.15
C ASP D 54 7.26 -10.47 51.70
N LEU D 55 6.12 -9.83 51.42
CA LEU D 55 5.57 -9.79 50.07
C LEU D 55 6.16 -8.68 49.22
N GLY D 56 6.93 -7.77 49.82
CA GLY D 56 7.54 -6.70 49.05
C GLY D 56 6.61 -5.55 48.70
N ILE D 57 5.53 -5.36 49.46
CA ILE D 57 4.62 -4.26 49.23
C ILE D 57 4.61 -3.36 50.45
N ALA D 58 4.44 -2.07 50.21
CA ALA D 58 4.40 -1.09 51.27
C ALA D 58 2.96 -0.83 51.69
N ILE D 59 2.78 -0.44 52.94
CA ILE D 59 1.48 0.02 53.43
C ILE D 59 1.48 1.53 53.21
N THR D 60 0.82 1.98 52.16
CA THR D 60 0.89 3.36 51.74
C THR D 60 -0.15 4.25 52.39
N LEU D 61 -1.15 3.67 53.06
CA LEU D 61 -2.21 4.47 53.64
C LEU D 61 -3.00 3.63 54.63
N PHE D 62 -3.43 4.26 55.72
CA PHE D 62 -4.39 3.69 56.65
C PHE D 62 -5.67 4.51 56.58
N GLN D 63 -6.80 3.84 56.49
CA GLN D 63 -8.06 4.55 56.28
C GLN D 63 -9.25 3.68 56.69
N PRO D 64 -10.38 4.33 57.05
CA PRO D 64 -10.56 5.79 57.12
C PRO D 64 -10.60 6.33 58.54
N PHE D 65 -10.52 7.66 58.66
CA PHE D 65 -10.72 8.34 59.93
C PHE D 65 -11.84 9.35 59.72
N ARG D 66 -12.99 9.08 60.32
CA ARG D 66 -14.22 9.77 59.99
C ARG D 66 -14.54 10.87 61.00
N ASP D 67 -15.25 11.90 60.52
CA ASP D 67 -15.85 12.95 61.35
C ASP D 67 -14.92 13.51 62.42
N PHE D 68 -13.92 14.30 62.03
CA PHE D 68 -13.06 14.97 62.99
C PHE D 68 -13.32 16.47 63.05
N GLU D 69 -13.06 17.18 61.96
CA GLU D 69 -13.14 18.65 62.00
C GLU D 69 -14.58 19.10 62.20
N GLY D 70 -14.76 20.10 63.06
CA GLY D 70 -16.06 20.68 63.27
C GLY D 70 -16.97 19.93 64.23
N CYS D 71 -16.43 18.96 64.96
CA CYS D 71 -17.21 18.26 65.97
C CYS D 71 -17.46 19.16 67.17
N ARG D 72 -18.25 18.64 68.12
CA ARG D 72 -18.59 19.40 69.31
C ARG D 72 -17.35 19.64 70.17
N ARG D 73 -17.29 20.81 70.83
CA ARG D 73 -16.11 21.13 71.64
C ARG D 73 -15.97 20.18 72.82
N ASP D 74 -17.08 19.70 73.37
CA ASP D 74 -16.98 18.79 74.50
C ASP D 74 -16.53 17.40 74.08
N ARG D 75 -16.34 17.17 72.78
CA ARG D 75 -15.83 15.90 72.26
C ARG D 75 -14.46 16.04 71.63
N LEU D 76 -13.91 17.25 71.57
CA LEU D 76 -12.64 17.47 70.86
C LEU D 76 -11.52 16.63 71.47
N GLN D 77 -11.42 16.62 72.80
CA GLN D 77 -10.37 15.83 73.43
C GLN D 77 -10.57 14.35 73.17
N LYS D 78 -11.83 13.89 73.16
CA LYS D 78 -12.09 12.49 72.87
C LYS D 78 -11.70 12.14 71.44
N ASN D 79 -12.00 13.03 70.49
CA ASN D 79 -11.63 12.80 69.09
C ASN D 79 -10.12 12.81 68.91
N LEU D 80 -9.39 13.61 69.69
CA LEU D 80 -7.94 13.57 69.62
C LEU D 80 -7.40 12.27 70.22
N ASP D 81 -8.02 11.78 71.29
CA ASP D 81 -7.66 10.47 71.83
C ASP D 81 -7.89 9.36 70.81
N ARG D 82 -8.98 9.46 70.05
CA ARG D 82 -9.24 8.49 68.98
C ARG D 82 -8.17 8.58 67.91
N ALA D 83 -7.75 9.80 67.54
CA ALA D 83 -6.67 9.97 66.58
C ALA D 83 -5.37 9.38 67.10
N GLU D 84 -5.08 9.58 68.40
CA GLU D 84 -3.84 9.04 68.97
C GLU D 84 -3.84 7.52 68.96
N ARG D 85 -4.99 6.89 69.19
CA ARG D 85 -5.06 5.43 69.09
C ARG D 85 -4.76 4.95 67.67
N LYS D 86 -5.28 5.66 66.66
CA LYS D 86 -4.97 5.30 65.28
C LYS D 86 -3.49 5.52 64.98
N PHE D 87 -2.92 6.60 65.51
CA PHE D 87 -1.47 6.80 65.40
C PHE D 87 -0.70 5.61 65.97
N ASP D 88 -1.12 5.11 67.14
CA ASP D 88 -0.53 3.89 67.67
C ASP D 88 -0.64 2.74 66.68
N LEU D 89 -1.80 2.60 66.05
CA LEU D 89 -2.04 1.48 65.16
C LEU D 89 -1.14 1.56 63.92
N MSE D 90 -1.01 2.74 63.33
CA MSE D 90 -0.22 2.93 62.13
C MSE D 90 1.28 2.72 62.34
O MSE D 90 1.98 2.21 61.46
CB MSE D 90 -0.49 4.31 61.57
CG MSE D 90 -1.95 4.58 61.40
SE MSE D 90 -2.28 6.52 61.46
CE MSE D 90 -1.30 6.97 59.99
N GLN D 91 1.76 3.12 63.52
CA GLN D 91 3.17 2.89 63.83
C GLN D 91 3.48 1.41 63.97
N GLU D 92 2.51 0.61 64.43
CA GLU D 92 2.69 -0.83 64.43
C GLU D 92 2.56 -1.41 63.03
N LEU D 93 1.76 -0.77 62.17
CA LEU D 93 1.65 -1.17 60.78
C LEU D 93 2.84 -0.75 59.93
N GLY D 94 3.56 0.29 60.35
CA GLY D 94 4.66 0.79 59.55
C GLY D 94 4.25 1.73 58.44
N THR D 95 3.14 2.45 58.61
CA THR D 95 2.67 3.42 57.63
C THR D 95 2.64 4.80 58.28
N ASP D 96 2.72 5.83 57.44
CA ASP D 96 2.84 7.20 57.94
C ASP D 96 1.75 8.13 57.43
N LEU D 97 0.73 7.61 56.75
CA LEU D 97 -0.32 8.46 56.19
C LEU D 97 -1.69 7.90 56.56
N VAL D 98 -2.58 8.76 57.04
CA VAL D 98 -3.94 8.39 57.37
C VAL D 98 -4.89 9.30 56.60
N LEU D 99 -5.94 8.71 56.04
CA LEU D 99 -6.96 9.48 55.33
C LEU D 99 -8.02 9.92 56.33
N VAL D 100 -8.29 11.22 56.36
CA VAL D 100 -9.36 11.81 57.15
C VAL D 100 -10.41 12.30 56.16
N CYS D 101 -11.59 11.69 56.19
CA CYS D 101 -12.66 12.09 55.28
C CYS D 101 -13.55 13.11 55.97
N SER D 102 -14.06 14.06 55.18
CA SER D 102 -14.76 15.21 55.73
C SER D 102 -15.99 14.79 56.50
N ASN D 103 -16.36 15.61 57.49
CA ASN D 103 -17.43 15.26 58.41
C ASN D 103 -18.76 15.15 57.67
N VAL D 104 -19.55 14.16 58.06
CA VAL D 104 -20.89 13.96 57.50
C VAL D 104 -22.00 14.10 58.53
N GLN D 105 -21.66 14.23 59.82
CA GLN D 105 -22.66 14.36 60.86
C GLN D 105 -23.52 15.61 60.65
N ALA D 106 -24.78 15.51 61.04
CA ALA D 106 -25.70 16.63 60.85
C ALA D 106 -25.38 17.80 61.78
N ASP D 107 -24.88 17.51 62.98
CA ASP D 107 -24.55 18.55 63.95
C ASP D 107 -23.10 19.04 63.85
N ALA D 108 -22.45 18.82 62.71
CA ALA D 108 -21.07 19.25 62.56
C ALA D 108 -21.00 20.73 62.25
N LEU D 109 -20.01 21.41 62.83
CA LEU D 109 -19.85 22.84 62.64
C LEU D 109 -19.12 23.13 61.33
N GLY D 110 -19.53 24.20 60.66
CA GLY D 110 -18.95 24.57 59.38
C GLY D 110 -18.17 25.86 59.33
N ASP D 111 -17.95 26.53 60.46
CA ASP D 111 -17.20 27.77 60.47
C ASP D 111 -15.78 27.55 59.93
N GLU D 112 -15.42 28.33 58.90
CA GLU D 112 -14.17 28.10 58.18
C GLU D 112 -12.97 28.14 59.12
N GLN D 113 -12.86 29.19 59.92
CA GLN D 113 -11.69 29.32 60.80
C GLN D 113 -11.65 28.21 61.85
N LEU D 114 -12.81 27.74 62.30
CA LEU D 114 -12.81 26.63 63.25
C LEU D 114 -12.33 25.34 62.61
N LEU D 115 -12.73 25.10 61.35
CA LEU D 115 -12.22 23.94 60.63
C LEU D 115 -10.72 24.04 60.41
N VAL D 116 -10.23 25.24 60.07
CA VAL D 116 -8.79 25.44 59.91
C VAL D 116 -8.07 25.13 61.22
N ASP D 117 -8.59 25.63 62.34
CA ASP D 117 -7.96 25.39 63.63
C ASP D 117 -7.98 23.91 63.98
N ASP D 118 -9.11 23.23 63.77
CA ASP D 118 -9.19 21.81 64.07
C ASP D 118 -8.22 21.01 63.21
N LEU D 119 -8.19 21.29 61.90
CA LEU D 119 -7.30 20.57 61.01
C LEU D 119 -5.83 20.85 61.33
N ARG D 120 -5.50 22.12 61.61
CA ARG D 120 -4.14 22.45 62.01
C ARG D 120 -3.75 21.70 63.28
N LEU D 121 -4.67 21.64 64.25
CA LEU D 121 -4.37 20.93 65.49
C LEU D 121 -4.09 19.46 65.23
N LEU D 122 -4.90 18.82 64.38
CA LEU D 122 -4.66 17.42 64.03
C LEU D 122 -3.33 17.25 63.30
N GLY D 123 -3.01 18.20 62.41
CA GLY D 123 -1.71 18.14 61.73
C GLY D 123 -0.55 18.25 62.70
N GLU D 124 -0.68 19.11 63.71
CA GLU D 124 0.36 19.22 64.72
C GLU D 124 0.52 17.92 65.50
N HIS D 125 -0.60 17.29 65.86
CA HIS D 125 -0.53 16.00 66.55
C HIS D 125 0.13 14.94 65.68
N ALA D 126 -0.22 14.90 64.39
CA ALA D 126 0.40 13.95 63.49
C ALA D 126 1.87 14.28 63.29
N GLY D 127 2.19 15.56 63.13
CA GLY D 127 3.58 15.96 62.95
C GLY D 127 4.47 15.54 64.12
N LYS D 128 3.96 15.67 65.34
CA LYS D 128 4.77 15.29 66.49
C LYS D 128 5.11 13.80 66.47
N ARG D 129 4.15 12.98 66.08
CA ARG D 129 4.39 11.55 66.07
C ARG D 129 5.11 11.10 64.82
N GLY D 130 5.43 12.01 63.91
CA GLY D 130 6.09 11.63 62.67
C GLY D 130 5.16 11.04 61.64
N LEU D 131 3.90 11.48 61.65
CA LEU D 131 2.87 10.97 60.77
C LEU D 131 2.25 12.11 59.95
N ARG D 132 1.41 11.74 58.99
CA ARG D 132 0.80 12.72 58.10
C ARG D 132 -0.71 12.52 58.03
N ILE D 133 -1.41 13.63 57.85
CA ILE D 133 -2.86 13.64 57.70
C ILE D 133 -3.19 13.92 56.24
N GLY D 134 -3.97 13.05 55.62
CA GLY D 134 -4.49 13.31 54.31
C GLY D 134 -5.98 13.58 54.35
N TYR D 135 -6.38 14.79 53.96
CA TYR D 135 -7.76 15.24 54.10
C TYR D 135 -8.49 15.03 52.78
N GLU D 136 -9.57 14.25 52.81
CA GLU D 136 -10.35 13.90 51.64
C GLU D 136 -11.78 14.40 51.81
N ALA D 137 -12.30 15.05 50.77
CA ALA D 137 -13.69 15.49 50.76
C ALA D 137 -14.58 14.36 50.27
N LEU D 138 -15.54 13.96 51.10
CA LEU D 138 -16.61 13.09 50.64
C LEU D 138 -17.62 13.93 49.87
N ALA D 139 -18.12 13.37 48.76
CA ALA D 139 -19.10 14.09 47.95
C ALA D 139 -20.37 14.43 48.72
N TRP D 140 -20.63 13.73 49.83
CA TRP D 140 -21.78 14.02 50.68
C TRP D 140 -21.38 14.64 52.02
N GLY D 141 -20.21 15.27 52.08
CA GLY D 141 -19.80 15.93 53.30
C GLY D 141 -20.76 17.04 53.68
N ARG D 142 -20.93 17.22 54.99
CA ARG D 142 -21.88 18.22 55.48
C ARG D 142 -21.45 19.63 55.10
N HIS D 143 -20.17 19.96 55.29
CA HIS D 143 -19.67 21.29 54.99
C HIS D 143 -18.57 21.31 53.95
N VAL D 144 -17.81 20.24 53.81
CA VAL D 144 -16.70 20.16 52.85
C VAL D 144 -16.98 18.96 51.95
N ASN D 145 -17.24 19.22 50.66
CA ASN D 145 -17.52 18.14 49.74
C ASN D 145 -16.82 18.30 48.40
N THR D 146 -15.84 19.20 48.30
CA THR D 146 -15.07 19.38 47.08
C THR D 146 -13.60 19.50 47.43
N TYR D 147 -12.74 19.20 46.45
CA TYR D 147 -11.31 19.34 46.68
C TYR D 147 -10.91 20.80 46.83
N GLN D 148 -11.64 21.72 46.19
CA GLN D 148 -11.35 23.14 46.37
C GLN D 148 -11.51 23.56 47.83
N GLN D 149 -12.57 23.10 48.49
CA GLN D 149 -12.75 23.39 49.90
C GLN D 149 -11.65 22.74 50.74
N VAL D 150 -11.25 21.51 50.38
CA VAL D 150 -10.17 20.83 51.11
C VAL D 150 -8.89 21.64 51.01
N TRP D 151 -8.50 22.01 49.79
CA TRP D 151 -7.25 22.76 49.62
C TRP D 151 -7.34 24.13 50.29
N ASN D 152 -8.51 24.76 50.26
CA ASN D 152 -8.68 26.03 50.97
C ASN D 152 -8.33 25.90 52.44
N LEU D 153 -8.83 24.85 53.08
CA LEU D 153 -8.59 24.65 54.51
C LEU D 153 -7.16 24.19 54.77
N VAL D 154 -6.65 23.29 53.93
CA VAL D 154 -5.30 22.78 54.12
C VAL D 154 -4.28 23.90 53.95
N ARG D 155 -4.49 24.77 52.97
CA ARG D 155 -3.57 25.89 52.73
C ARG D 155 -3.54 26.82 53.94
N GLN D 156 -4.71 27.17 54.48
CA GLN D 156 -4.76 28.07 55.62
C GLN D 156 -4.15 27.43 56.87
N ALA D 157 -4.36 26.12 57.05
CA ALA D 157 -3.79 25.45 58.22
C ALA D 157 -2.26 25.47 58.17
N ASP D 158 -1.68 25.32 56.97
CA ASP D 158 -0.27 25.57 56.73
C ASP D 158 0.64 24.75 57.65
N HIS D 159 0.52 23.43 57.54
CA HIS D 159 1.35 22.54 58.32
C HIS D 159 1.92 21.46 57.40
N PRO D 160 3.22 21.18 57.47
CA PRO D 160 3.80 20.20 56.54
C PRO D 160 3.26 18.80 56.69
N ALA D 161 2.66 18.47 57.83
CA ALA D 161 2.11 17.14 58.06
C ALA D 161 0.65 17.00 57.64
N LEU D 162 0.07 18.04 57.05
CA LEU D 162 -1.33 18.04 56.64
C LEU D 162 -1.43 18.34 55.15
N GLY D 163 -2.02 17.41 54.39
CA GLY D 163 -2.08 17.53 52.94
C GLY D 163 -3.44 17.17 52.39
N VAL D 164 -3.52 17.17 51.07
CA VAL D 164 -4.74 16.92 50.33
C VAL D 164 -4.73 15.50 49.79
N ILE D 165 -5.88 14.82 49.89
CA ILE D 165 -6.09 13.54 49.24
C ILE D 165 -7.19 13.72 48.20
N LEU D 166 -6.93 13.27 46.98
CA LEU D 166 -7.86 13.42 45.87
C LEU D 166 -8.48 12.07 45.52
N ASP D 167 -9.79 12.09 45.27
CA ASP D 167 -10.57 10.90 44.93
C ASP D 167 -11.36 11.22 43.69
N SER D 168 -11.07 10.49 42.60
CA SER D 168 -11.67 10.83 41.30
C SER D 168 -13.19 10.71 41.33
N PHE D 169 -13.73 9.77 42.11
CA PHE D 169 -15.18 9.63 42.17
C PHE D 169 -15.83 10.82 42.86
N HIS D 170 -15.30 11.21 44.02
CA HIS D 170 -15.93 12.30 44.77
C HIS D 170 -15.95 13.60 43.97
N THR D 171 -14.94 13.81 43.11
CA THR D 171 -14.92 15.01 42.29
C THR D 171 -15.83 14.88 41.09
N LEU D 172 -15.72 13.78 40.34
CA LEU D 172 -16.44 13.64 39.08
C LEU D 172 -17.91 13.29 39.26
N SER D 173 -18.29 12.70 40.40
CA SER D 173 -19.71 12.41 40.62
C SER D 173 -20.51 13.70 40.79
N LEU D 174 -19.89 14.75 41.29
CA LEU D 174 -20.51 16.08 41.34
C LEU D 174 -20.23 16.89 40.09
N LYS D 175 -19.68 16.27 39.05
CA LYS D 175 -19.27 16.97 37.84
C LYS D 175 -18.27 18.08 38.13
N GLY D 176 -17.42 17.86 39.13
CA GLY D 176 -16.44 18.86 39.47
C GLY D 176 -15.38 19.01 38.39
N ASP D 177 -14.82 20.22 38.31
CA ASP D 177 -13.78 20.53 37.32
C ASP D 177 -12.42 20.30 37.94
N PRO D 178 -11.64 19.32 37.49
CA PRO D 178 -10.32 19.06 38.09
C PRO D 178 -9.23 20.05 37.68
N SER D 179 -9.54 21.05 36.85
CA SER D 179 -8.49 21.89 36.30
C SER D 179 -7.78 22.70 37.38
N ALA D 180 -8.51 23.15 38.40
CA ALA D 180 -7.89 23.93 39.45
C ALA D 180 -6.92 23.12 40.29
N ILE D 181 -6.84 21.80 40.09
CA ILE D 181 -5.82 21.00 40.76
C ILE D 181 -4.43 21.47 40.35
N ARG D 182 -4.29 21.96 39.11
CA ARG D 182 -2.99 22.42 38.63
C ARG D 182 -2.39 23.52 39.50
N ASP D 183 -3.21 24.27 40.22
CA ASP D 183 -2.71 25.33 41.08
C ASP D 183 -2.34 24.85 42.48
N ILE D 184 -2.54 23.58 42.79
CA ILE D 184 -2.14 23.05 44.11
C ILE D 184 -0.67 22.65 44.03
N PRO D 185 0.17 23.07 44.98
CA PRO D 185 1.56 22.63 44.99
C PRO D 185 1.65 21.11 45.04
N GLY D 186 2.49 20.55 44.17
CA GLY D 186 2.60 19.11 44.05
C GLY D 186 2.88 18.41 45.38
N ASP D 187 3.66 19.05 46.26
CA ASP D 187 4.02 18.41 47.51
C ASP D 187 2.92 18.49 48.57
N LYS D 188 1.86 19.26 48.31
CA LYS D 188 0.72 19.31 49.23
C LYS D 188 -0.35 18.27 48.91
N ILE D 189 -0.22 17.54 47.80
CA ILE D 189 -1.08 16.41 47.51
C ILE D 189 -0.42 15.16 48.07
N PHE D 190 -1.08 14.49 49.01
CA PHE D 190 -0.48 13.35 49.69
C PHE D 190 -0.88 12.01 49.10
N PHE D 191 -2.01 11.93 48.40
CA PHE D 191 -2.51 10.64 47.96
C PHE D 191 -3.57 10.85 46.90
N VAL D 192 -3.64 9.91 45.96
CA VAL D 192 -4.59 9.97 44.86
C VAL D 192 -5.28 8.61 44.77
N GLN D 193 -6.61 8.61 44.89
CA GLN D 193 -7.41 7.40 44.73
C GLN D 193 -8.20 7.50 43.43
N MSE D 194 -7.93 6.60 42.47
CA MSE D 194 -8.74 6.55 41.25
C MSE D 194 -9.88 5.56 41.38
O MSE D 194 -9.71 4.45 41.88
CB MSE D 194 -7.92 6.20 40.01
CG MSE D 194 -6.64 6.98 39.85
SE MSE D 194 -6.98 8.87 40.14
CE MSE D 194 -7.54 9.53 38.47
N ALA D 195 -11.04 5.98 40.90
CA ALA D 195 -12.24 5.14 40.91
C ALA D 195 -13.12 5.59 39.77
N ASP D 196 -13.50 4.66 38.91
CA ASP D 196 -14.42 4.93 37.82
C ASP D 196 -15.83 4.52 38.23
N ALA D 197 -16.80 4.92 37.41
CA ALA D 197 -18.19 4.60 37.67
C ALA D 197 -19.04 4.96 36.46
N PRO D 198 -20.16 4.28 36.24
CA PRO D 198 -21.14 4.79 35.28
C PRO D 198 -21.82 6.02 35.85
N ILE D 199 -22.21 6.94 34.96
CA ILE D 199 -22.94 8.12 35.39
C ILE D 199 -24.40 7.74 35.61
N LEU D 200 -24.86 7.89 36.85
CA LEU D 200 -26.20 7.51 37.24
C LEU D 200 -26.86 8.67 37.98
N ALA D 201 -28.15 8.86 37.73
CA ALA D 201 -28.92 9.90 38.42
C ALA D 201 -29.32 9.33 39.78
N MSE D 202 -28.34 9.30 40.67
CA MSE D 202 -28.48 8.58 41.94
C MSE D 202 -27.86 9.35 43.09
O MSE D 202 -26.93 10.14 42.89
CB MSE D 202 -27.82 7.20 41.81
CG MSE D 202 -27.97 6.28 43.00
SE MSE D 202 -27.09 4.56 42.73
CE MSE D 202 -28.08 3.95 41.17
N ASP D 203 -28.40 9.15 44.29
CA ASP D 203 -27.77 9.64 45.51
C ASP D 203 -26.31 9.24 45.52
N VAL D 204 -25.42 10.24 45.71
CA VAL D 204 -24.00 10.01 45.52
C VAL D 204 -23.46 9.00 46.53
N LEU D 205 -24.03 8.93 47.72
CA LEU D 205 -23.60 7.97 48.72
C LEU D 205 -23.89 6.54 48.27
N GLU D 206 -25.10 6.30 47.77
CA GLU D 206 -25.44 4.97 47.27
C GLU D 206 -24.71 4.69 45.95
N TRP D 207 -24.55 5.72 45.13
CA TRP D 207 -23.77 5.61 43.90
C TRP D 207 -22.33 5.18 44.18
N SER D 208 -21.70 5.80 45.19
CA SER D 208 -20.33 5.43 45.54
C SER D 208 -20.25 4.06 46.19
N ARG D 209 -21.27 3.69 46.96
CA ARG D 209 -21.24 2.44 47.70
C ARG D 209 -21.25 1.24 46.77
N HIS D 210 -22.02 1.30 45.69
CA HIS D 210 -22.31 0.10 44.90
C HIS D 210 -21.74 0.08 43.50
N PHE D 211 -21.40 1.22 42.91
CA PHE D 211 -21.08 1.27 41.47
C PHE D 211 -19.67 1.71 41.13
N ARG D 212 -18.78 1.85 42.10
CA ARG D 212 -17.39 2.14 41.77
C ARG D 212 -16.78 0.96 41.02
N CYS D 213 -15.92 1.26 40.04
CA CYS D 213 -15.21 0.22 39.31
C CYS D 213 -13.84 0.78 38.91
N PHE D 214 -13.05 -0.07 38.27
CA PHE D 214 -11.69 0.33 37.92
C PHE D 214 -11.68 1.27 36.72
N PRO D 215 -10.69 2.15 36.63
CA PRO D 215 -10.58 3.05 35.48
C PRO D 215 -10.69 2.31 34.16
N GLY D 216 -11.60 2.77 33.30
CA GLY D 216 -11.88 2.15 32.04
C GLY D 216 -13.13 1.28 32.03
N GLN D 217 -13.58 0.86 33.21
CA GLN D 217 -14.80 0.06 33.32
C GLN D 217 -16.05 0.91 33.48
N GLY D 218 -15.89 2.21 33.74
CA GLY D 218 -17.03 3.10 33.87
C GLY D 218 -17.09 4.12 32.74
N GLU D 219 -17.66 5.29 33.04
CA GLU D 219 -17.86 6.33 32.03
C GLU D 219 -17.30 7.67 32.44
N MSE D 220 -16.45 7.73 33.46
CA MSE D 220 -15.89 9.00 33.91
C MSE D 220 -14.56 9.28 33.22
O MSE D 220 -13.88 8.38 32.75
CB MSE D 220 -15.69 8.98 35.44
CG MSE D 220 -16.99 8.97 36.21
SE MSE D 220 -16.73 8.78 38.13
CE MSE D 220 -18.53 9.21 38.73
N ASP D 221 -14.22 10.57 33.15
CA ASP D 221 -13.01 11.02 32.45
C ASP D 221 -11.81 10.88 33.38
N MSE D 222 -11.31 9.64 33.46
CA MSE D 222 -10.21 9.31 34.37
C MSE D 222 -8.90 10.01 33.99
O MSE D 222 -8.22 10.56 34.85
CB MSE D 222 -9.98 7.79 34.39
CG MSE D 222 -11.21 6.98 34.81
SE MSE D 222 -11.49 6.91 36.74
CE MSE D 222 -12.42 8.61 37.03
N ALA D 223 -8.57 9.98 32.70
CA ALA D 223 -7.36 10.64 32.23
C ALA D 223 -7.43 12.14 32.46
N GLY D 224 -8.62 12.73 32.32
CA GLY D 224 -8.79 14.15 32.57
C GLY D 224 -8.67 14.54 34.03
N PHE D 225 -8.74 13.57 34.95
CA PHE D 225 -8.56 13.85 36.36
C PHE D 225 -7.11 13.71 36.78
N LEU D 226 -6.40 12.71 36.24
CA LEU D 226 -5.01 12.50 36.60
C LEU D 226 -4.08 13.51 35.96
N ALA D 227 -4.41 14.01 34.76
CA ALA D 227 -3.54 14.96 34.07
C ALA D 227 -3.27 16.23 34.88
N PRO D 228 -4.27 16.92 35.43
CA PRO D 228 -3.96 18.09 36.26
C PRO D 228 -3.15 17.75 37.50
N ILE D 229 -3.36 16.54 38.06
CA ILE D 229 -2.57 16.13 39.22
C ILE D 229 -1.09 16.06 38.87
N LEU D 230 -0.77 15.40 37.76
CA LEU D 230 0.62 15.24 37.36
C LEU D 230 1.24 16.57 36.92
N ALA D 231 0.41 17.52 36.47
CA ALA D 231 0.92 18.84 36.10
C ALA D 231 1.50 19.58 37.30
N THR D 232 1.06 19.26 38.52
CA THR D 232 1.57 19.92 39.72
C THR D 232 2.98 19.46 40.09
N GLY D 233 3.50 18.42 39.46
CA GLY D 233 4.74 17.81 39.88
C GLY D 233 4.56 16.61 40.78
N TYR D 234 3.33 16.35 41.24
CA TYR D 234 3.04 15.21 42.10
C TYR D 234 3.51 13.91 41.46
N ARG D 235 4.30 13.15 42.21
CA ARG D 235 4.74 11.82 41.79
C ARG D 235 4.51 10.81 42.90
N GLY D 236 3.57 11.07 43.80
CA GLY D 236 3.28 10.17 44.90
C GLY D 236 2.46 8.97 44.47
N PRO D 237 1.86 8.29 45.45
CA PRO D 237 1.15 7.04 45.16
C PRO D 237 -0.05 7.25 44.25
N LEU D 238 -0.27 6.26 43.38
CA LEU D 238 -1.47 6.19 42.54
C LEU D 238 -2.23 4.93 42.91
N SER D 239 -3.45 5.10 43.43
CA SER D 239 -4.14 4.01 44.09
C SER D 239 -5.53 3.81 43.49
N LEU D 240 -6.21 2.77 43.98
CA LEU D 240 -7.53 2.39 43.52
C LEU D 240 -8.42 2.18 44.72
N GLU D 241 -9.63 2.75 44.70
CA GLU D 241 -10.58 2.54 45.79
C GLU D 241 -11.97 2.31 45.21
N ILE D 242 -12.38 1.05 45.17
CA ILE D 242 -13.75 0.67 44.90
C ILE D 242 -14.23 -0.11 46.12
N PHE D 243 -15.54 -0.11 46.32
CA PHE D 243 -16.13 -0.69 47.53
C PHE D 243 -16.82 -2.01 47.20
N ASN D 244 -16.18 -3.12 47.57
CA ASN D 244 -16.79 -4.44 47.53
C ASN D 244 -17.39 -4.74 48.89
N ASP D 245 -18.70 -4.97 48.92
CA ASP D 245 -19.37 -5.29 50.19
C ASP D 245 -19.00 -6.70 50.60
N GLY D 246 -19.68 -7.22 51.63
CA GLY D 246 -19.32 -8.52 52.16
C GLY D 246 -19.89 -9.71 51.45
N PHE D 247 -20.88 -9.52 50.58
CA PHE D 247 -21.66 -10.65 50.06
C PHE D 247 -20.90 -11.40 48.96
N ARG D 248 -19.77 -11.96 49.38
CA ARG D 248 -18.99 -13.01 48.71
C ARG D 248 -18.70 -12.64 47.25
N ALA D 249 -18.59 -13.66 46.41
CA ALA D 249 -18.21 -13.54 44.99
C ALA D 249 -16.85 -12.84 44.92
N ALA D 250 -16.59 -12.16 43.81
CA ALA D 250 -15.39 -11.40 43.49
C ALA D 250 -14.11 -12.21 43.67
N PRO D 251 -13.49 -12.65 42.58
CA PRO D 251 -12.21 -13.38 42.66
C PRO D 251 -11.09 -12.44 43.08
N THR D 252 -10.49 -12.73 44.24
CA THR D 252 -9.49 -11.83 44.81
C THR D 252 -8.34 -11.59 43.84
N ARG D 253 -7.84 -12.67 43.23
CA ARG D 253 -6.66 -12.56 42.36
C ARG D 253 -7.00 -11.87 41.05
N GLN D 254 -8.15 -12.21 40.44
CA GLN D 254 -8.51 -11.60 39.17
C GLN D 254 -8.87 -10.13 39.34
N ASN D 255 -9.54 -9.78 40.45
CA ASN D 255 -9.82 -8.38 40.72
C ASN D 255 -8.54 -7.59 40.88
N ALA D 256 -7.54 -8.15 41.58
CA ALA D 256 -6.27 -7.45 41.76
C ALA D 256 -5.54 -7.29 40.43
N ALA D 257 -5.58 -8.32 39.59
CA ALA D 257 -4.94 -8.21 38.27
C ALA D 257 -5.64 -7.16 37.41
N ASP D 258 -6.98 -7.17 37.41
CA ASP D 258 -7.71 -6.13 36.69
C ASP D 258 -7.38 -4.75 37.21
N GLY D 259 -7.24 -4.62 38.53
CA GLY D 259 -6.89 -3.33 39.11
C GLY D 259 -5.56 -2.81 38.59
N LEU D 260 -4.53 -3.65 38.62
CA LEU D 260 -3.23 -3.23 38.12
C LEU D 260 -3.29 -2.91 36.63
N ARG D 261 -3.97 -3.76 35.85
CA ARG D 261 -4.15 -3.48 34.43
C ARG D 261 -4.82 -2.14 34.19
N SER D 262 -5.84 -1.82 34.99
CA SER D 262 -6.55 -0.56 34.79
C SER D 262 -5.66 0.63 35.08
N LEU D 263 -4.72 0.50 36.02
CA LEU D 263 -3.78 1.58 36.29
C LEU D 263 -2.80 1.73 35.14
N LEU D 264 -2.33 0.61 34.57
CA LEU D 264 -1.48 0.69 33.39
C LEU D 264 -2.20 1.39 32.25
N TYR D 265 -3.46 1.00 32.01
CA TYR D 265 -4.24 1.65 30.95
C TYR D 265 -4.50 3.11 31.27
N LEU D 266 -4.77 3.44 32.53
CA LEU D 266 -4.95 4.84 32.91
C LEU D 266 -3.69 5.65 32.65
N GLU D 267 -2.52 5.09 32.97
CA GLU D 267 -1.28 5.81 32.75
C GLU D 267 -1.06 6.12 31.27
N GLU D 268 -1.34 5.15 30.40
CA GLU D 268 -1.16 5.39 28.97
C GLU D 268 -2.12 6.47 28.48
N GLN D 269 -3.39 6.37 28.83
CA GLN D 269 -4.37 7.36 28.38
C GLN D 269 -4.09 8.73 28.95
N THR D 270 -3.58 8.81 30.18
CA THR D 270 -3.21 10.11 30.73
C THR D 270 -1.98 10.68 30.04
N ARG D 271 -1.01 9.82 29.70
CA ARG D 271 0.15 10.30 28.95
C ARG D 271 -0.27 10.87 27.61
N LEU D 272 -1.14 10.17 26.88
CA LEU D 272 -1.61 10.67 25.60
C LEU D 272 -2.37 11.97 25.76
N ARG D 273 -3.15 12.10 26.84
CA ARG D 273 -3.89 13.34 27.07
C ARG D 273 -2.94 14.53 27.27
N LEU D 274 -1.86 14.33 28.03
CA LEU D 274 -0.90 15.40 28.23
C LEU D 274 -0.18 15.75 26.93
N GLU D 275 0.13 14.74 26.11
CA GLU D 275 0.73 15.00 24.81
C GLU D 275 -0.21 15.80 23.92
N GLN D 276 -1.51 15.54 24.01
CA GLN D 276 -2.47 16.25 23.18
C GLN D 276 -2.73 17.67 23.68
N GLU D 277 -2.39 17.95 24.93
CA GLU D 277 -2.49 19.29 25.49
C GLU D 277 -1.13 19.99 25.52
N ASN D 278 -0.14 19.45 24.82
CA ASN D 278 1.22 19.99 24.76
C ASN D 278 1.78 20.30 26.15
N THR D 279 1.54 19.39 27.10
CA THR D 279 2.18 19.45 28.42
C THR D 279 2.65 18.05 28.79
N PRO D 280 3.55 17.47 28.00
CA PRO D 280 3.98 16.09 28.28
C PRO D 280 4.75 16.00 29.59
N ILE D 281 4.91 14.78 30.04
CA ILE D 281 5.55 14.48 31.32
C ILE D 281 6.90 13.86 31.01
N GLU D 282 7.80 13.92 31.99
CA GLU D 282 9.11 13.33 31.76
C GLU D 282 8.97 11.84 31.47
N PRO D 283 9.73 11.30 30.52
CA PRO D 283 9.55 9.89 30.16
C PRO D 283 9.89 8.97 31.31
N GLY D 284 9.37 7.75 31.25
CA GLY D 284 9.63 6.75 32.25
C GLY D 284 8.71 6.75 33.45
N VAL D 285 7.75 7.68 33.51
CA VAL D 285 6.81 7.74 34.62
C VAL D 285 5.54 6.96 34.28
N LEU D 286 4.92 7.31 33.17
CA LEU D 286 3.63 6.73 32.77
C LEU D 286 3.84 5.56 31.82
N PHE D 287 3.13 4.47 32.07
CA PHE D 287 3.16 3.28 31.23
C PHE D 287 3.09 3.65 29.76
N SER D 288 4.03 3.12 28.97
CA SER D 288 4.17 3.47 27.56
C SER D 288 4.26 2.19 26.74
N PRO D 289 3.15 1.49 26.56
CA PRO D 289 3.17 0.24 25.80
C PRO D 289 3.15 0.51 24.30
N PRO D 290 3.38 -0.50 23.48
CA PRO D 290 3.24 -0.32 22.03
C PRO D 290 1.82 0.09 21.68
N PRO D 291 1.66 1.07 20.79
CA PRO D 291 0.31 1.42 20.34
C PRO D 291 -0.36 0.23 19.68
N ALA D 292 -1.70 0.20 19.79
CA ALA D 292 -2.45 -0.91 19.21
C ALA D 292 -2.33 -0.92 17.69
N SER D 293 -2.31 -2.11 17.13
CA SER D 293 -2.33 -2.26 15.68
C SER D 293 -3.67 -1.81 15.11
N ALA D 294 -3.64 -1.37 13.85
CA ALA D 294 -4.87 -1.13 13.13
C ALA D 294 -5.51 -2.46 12.71
N TYR D 295 -6.83 -2.45 12.59
CA TYR D 295 -7.58 -3.65 12.27
C TYR D 295 -8.31 -3.50 10.94
N ASP D 296 -8.57 -4.63 10.30
CA ASP D 296 -9.39 -4.71 9.10
C ASP D 296 -10.43 -5.80 9.26
N GLY D 297 -11.17 -5.74 10.37
CA GLY D 297 -12.27 -6.68 10.58
C GLY D 297 -11.81 -8.07 10.98
N VAL D 298 -12.75 -9.01 10.86
CA VAL D 298 -12.55 -10.40 11.27
C VAL D 298 -11.98 -11.19 10.11
N GLU D 299 -10.88 -11.91 10.36
CA GLU D 299 -10.35 -12.81 9.34
C GLU D 299 -11.20 -14.07 9.22
N PHE D 300 -11.46 -14.74 10.34
CA PHE D 300 -12.42 -15.85 10.33
C PHE D 300 -12.96 -16.09 11.73
N LEU D 301 -14.10 -16.77 11.77
CA LEU D 301 -14.69 -17.28 13.00
C LEU D 301 -14.43 -18.78 13.07
N GLU D 302 -14.02 -19.25 14.24
CA GLU D 302 -13.77 -20.67 14.46
C GLU D 302 -14.78 -21.20 15.47
N PHE D 303 -15.61 -22.14 15.04
CA PHE D 303 -16.62 -22.74 15.89
C PHE D 303 -16.19 -24.14 16.33
N ALA D 304 -16.45 -24.45 17.60
CA ALA D 304 -16.17 -25.76 18.16
C ALA D 304 -17.45 -26.58 18.09
N VAL D 305 -17.39 -27.70 17.39
CA VAL D 305 -18.56 -28.55 17.13
C VAL D 305 -18.09 -30.00 17.07
N ASP D 306 -19.04 -30.92 17.10
CA ASP D 306 -18.77 -32.31 16.74
C ASP D 306 -19.28 -32.56 15.32
N GLU D 307 -19.19 -33.80 14.86
CA GLU D 307 -19.60 -34.13 13.51
C GLU D 307 -21.08 -33.83 13.29
N ALA D 308 -21.93 -34.24 14.22
CA ALA D 308 -23.38 -34.13 14.03
C ALA D 308 -23.83 -32.67 14.06
N VAL D 309 -23.52 -31.96 15.15
CA VAL D 309 -23.95 -30.56 15.25
C VAL D 309 -23.21 -29.69 14.25
N GLY D 310 -21.97 -30.05 13.90
CA GLY D 310 -21.22 -29.28 12.93
C GLY D 310 -21.84 -29.31 11.54
N ALA D 311 -22.38 -30.46 11.14
CA ALA D 311 -23.05 -30.58 9.85
C ALA D 311 -24.31 -29.74 9.80
N ARG D 312 -25.08 -29.72 10.91
CA ARG D 312 -26.30 -28.92 10.94
C ARG D 312 -25.97 -27.43 10.90
N LEU D 313 -24.89 -27.03 11.57
CA LEU D 313 -24.47 -25.63 11.51
C LEU D 313 -24.01 -25.27 10.10
N GLY D 314 -23.32 -26.19 9.43
CA GLY D 314 -22.96 -25.97 8.03
C GLY D 314 -24.18 -25.82 7.15
N ASN D 315 -25.25 -26.56 7.45
CA ASN D 315 -26.49 -26.43 6.71
C ASN D 315 -27.08 -25.04 6.88
N TRP D 316 -27.15 -24.56 8.13
CA TRP D 316 -27.59 -23.19 8.39
C TRP D 316 -26.81 -22.19 7.56
N LEU D 317 -25.49 -22.34 7.50
CA LEU D 317 -24.67 -21.37 6.79
C LEU D 317 -24.82 -21.50 5.29
N LYS D 318 -24.99 -22.73 4.79
CA LYS D 318 -25.33 -22.91 3.38
C LYS D 318 -26.64 -22.21 3.04
N ARG D 319 -27.69 -22.45 3.82
CA ARG D 319 -28.96 -21.77 3.59
C ARG D 319 -28.82 -20.26 3.68
N LEU D 320 -27.89 -19.77 4.52
CA LEU D 320 -27.60 -18.36 4.62
C LEU D 320 -26.70 -17.87 3.48
N GLY D 321 -26.38 -18.72 2.52
CA GLY D 321 -25.66 -18.30 1.33
C GLY D 321 -24.19 -18.62 1.30
N PHE D 322 -23.67 -19.31 2.30
CA PHE D 322 -22.24 -19.61 2.36
C PHE D 322 -21.92 -20.80 1.47
N ALA D 323 -20.77 -20.76 0.84
CA ALA D 323 -20.29 -21.86 0.02
C ALA D 323 -19.30 -22.71 0.82
N GLU D 324 -19.40 -24.02 0.62
CA GLU D 324 -18.42 -24.95 1.20
C GLU D 324 -17.11 -24.79 0.46
N ALA D 325 -16.19 -24.02 1.02
CA ALA D 325 -14.95 -23.68 0.33
C ALA D 325 -13.91 -24.79 0.38
N GLY D 326 -14.15 -25.85 1.14
CA GLY D 326 -13.20 -26.94 1.19
C GLY D 326 -12.95 -27.50 2.58
N LYS D 327 -12.30 -28.66 2.64
CA LYS D 327 -12.02 -29.34 3.90
C LYS D 327 -10.53 -29.25 4.20
N HIS D 328 -10.22 -29.26 5.50
CA HIS D 328 -8.83 -29.32 5.95
C HIS D 328 -8.14 -30.56 5.38
N ARG D 329 -6.83 -30.44 5.15
CA ARG D 329 -6.13 -31.54 4.49
C ARG D 329 -6.01 -32.77 5.38
N SER D 330 -5.97 -32.59 6.70
CA SER D 330 -5.76 -33.68 7.63
C SER D 330 -6.75 -33.74 8.78
N LYS D 331 -7.37 -32.62 9.16
CA LYS D 331 -8.27 -32.57 10.30
C LYS D 331 -9.72 -32.52 9.86
N GLU D 332 -10.62 -32.80 10.81
CA GLU D 332 -12.06 -32.74 10.56
C GLU D 332 -12.53 -31.30 10.72
N VAL D 333 -12.13 -30.47 9.75
CA VAL D 333 -12.35 -29.03 9.79
C VAL D 333 -12.91 -28.62 8.44
N GLN D 334 -14.07 -27.95 8.46
CA GLN D 334 -14.72 -27.49 7.24
C GLN D 334 -14.67 -25.97 7.17
N LEU D 335 -14.40 -25.45 5.97
CA LEU D 335 -14.33 -24.01 5.72
C LEU D 335 -15.53 -23.58 4.89
N LEU D 336 -16.20 -22.52 5.34
CA LEU D 336 -17.31 -21.94 4.60
C LEU D 336 -17.03 -20.46 4.34
N ARG D 337 -17.50 -19.97 3.20
CA ARG D 337 -17.07 -18.65 2.73
C ARG D 337 -18.22 -17.92 2.06
N GLN D 338 -18.28 -16.61 2.28
CA GLN D 338 -19.20 -15.73 1.57
C GLN D 338 -18.71 -14.30 1.73
N GLY D 339 -18.42 -13.62 0.62
CA GLY D 339 -17.87 -12.27 0.68
C GLY D 339 -16.53 -12.26 1.39
N ASP D 340 -16.43 -11.45 2.45
CA ASP D 340 -15.24 -11.45 3.29
C ASP D 340 -15.46 -12.21 4.58
N ILE D 341 -16.48 -13.05 4.65
CA ILE D 341 -16.78 -13.83 5.83
C ILE D 341 -16.18 -15.22 5.65
N ASN D 342 -15.29 -15.60 6.55
CA ASN D 342 -14.74 -16.94 6.59
C ASN D 342 -15.15 -17.57 7.90
N ILE D 343 -15.71 -18.77 7.83
CA ILE D 343 -16.18 -19.49 9.01
C ILE D 343 -15.55 -20.88 9.00
N VAL D 344 -14.87 -21.21 10.09
CA VAL D 344 -14.18 -22.48 10.25
C VAL D 344 -14.97 -23.31 11.23
N LEU D 345 -15.44 -24.48 10.79
CA LEU D 345 -16.16 -25.42 11.63
C LEU D 345 -15.17 -26.51 12.05
N ASN D 346 -14.77 -26.47 13.32
CA ASN D 346 -13.71 -27.33 13.85
C ASN D 346 -14.35 -28.49 14.59
N ALA D 347 -14.32 -29.67 13.97
CA ALA D 347 -14.82 -30.90 14.58
C ALA D 347 -13.72 -31.89 14.92
N GLU D 348 -12.46 -31.44 14.90
CA GLU D 348 -11.34 -32.32 15.20
C GLU D 348 -11.34 -32.73 16.67
N PRO D 349 -11.35 -34.03 16.98
CA PRO D 349 -11.34 -34.46 18.37
C PRO D 349 -9.94 -34.38 18.97
N TYR D 350 -9.89 -34.48 20.30
CA TYR D 350 -8.63 -34.56 21.06
C TYR D 350 -7.75 -33.34 20.76
N SER D 351 -8.30 -32.16 21.05
CA SER D 351 -7.68 -30.91 20.65
C SER D 351 -8.27 -29.78 21.48
N PHE D 352 -7.76 -28.58 21.27
CA PHE D 352 -8.32 -27.38 21.90
C PHE D 352 -9.80 -27.23 21.55
N GLY D 353 -10.13 -27.35 20.26
CA GLY D 353 -11.52 -27.20 19.85
C GLY D 353 -12.42 -28.23 20.50
N HIS D 354 -11.97 -29.47 20.59
CA HIS D 354 -12.79 -30.53 21.18
C HIS D 354 -13.06 -30.25 22.65
N ASN D 355 -12.04 -29.81 23.39
CA ASN D 355 -12.24 -29.43 24.79
C ASN D 355 -13.28 -28.32 24.90
N PHE D 356 -13.17 -27.30 24.04
CA PHE D 356 -14.10 -26.18 24.09
C PHE D 356 -15.52 -26.65 23.79
N PHE D 357 -15.68 -27.57 22.84
CA PHE D 357 -17.01 -28.08 22.52
C PHE D 357 -17.60 -28.85 23.71
N GLU D 358 -16.79 -29.69 24.36
CA GLU D 358 -17.29 -30.42 25.51
C GLU D 358 -17.60 -29.50 26.67
N ALA D 359 -16.83 -28.42 26.83
CA ALA D 359 -17.06 -27.52 27.94
C ALA D 359 -18.26 -26.60 27.71
N HIS D 360 -18.56 -26.26 26.44
CA HIS D 360 -19.56 -25.25 26.15
C HIS D 360 -20.64 -25.67 25.16
N GLY D 361 -20.48 -26.77 24.43
CA GLY D 361 -21.37 -27.12 23.37
C GLY D 361 -20.97 -26.44 22.07
N PRO D 362 -21.88 -26.37 21.09
CA PRO D 362 -21.59 -25.63 19.86
C PRO D 362 -21.39 -24.15 20.18
N SER D 363 -20.21 -23.63 19.85
CA SER D 363 -19.84 -22.32 20.35
C SER D 363 -18.68 -21.77 19.55
N LEU D 364 -18.44 -20.47 19.70
CA LEU D 364 -17.30 -19.79 19.11
C LEU D 364 -16.10 -19.97 20.03
N CYS D 365 -15.12 -20.75 19.59
CA CYS D 365 -13.93 -21.00 20.39
C CYS D 365 -12.77 -20.08 20.05
N ALA D 366 -12.84 -19.36 18.93
CA ALA D 366 -11.75 -18.47 18.56
C ALA D 366 -12.22 -17.49 17.48
N THR D 367 -11.55 -16.34 17.43
CA THR D 367 -11.75 -15.35 16.40
C THR D 367 -10.39 -14.91 15.88
N ALA D 368 -10.19 -14.99 14.57
CA ALA D 368 -8.99 -14.45 13.95
C ALA D 368 -9.24 -13.01 13.57
N LEU D 369 -8.36 -12.12 14.02
CA LEU D 369 -8.47 -10.70 13.70
C LEU D 369 -7.52 -10.34 12.57
N ARG D 370 -8.00 -9.50 11.65
CA ARG D 370 -7.16 -8.93 10.62
C ARG D 370 -6.43 -7.73 11.23
N VAL D 371 -5.14 -7.86 11.49
CA VAL D 371 -4.35 -6.79 12.08
C VAL D 371 -3.31 -6.34 11.06
N LYS D 372 -3.06 -5.02 11.03
CA LYS D 372 -2.04 -4.51 10.13
C LYS D 372 -0.63 -4.80 10.65
N ASP D 373 -0.44 -4.79 11.97
CA ASP D 373 0.87 -5.03 12.58
C ASP D 373 0.71 -6.13 13.63
N GLN D 374 1.07 -7.36 13.25
CA GLN D 374 0.90 -8.51 14.13
C GLN D 374 1.79 -8.42 15.37
N GLN D 375 3.05 -8.03 15.19
CA GLN D 375 3.97 -7.98 16.32
C GLN D 375 3.62 -6.87 17.29
N ALA D 376 3.13 -5.72 16.78
CA ALA D 376 2.68 -4.67 17.67
C ALA D 376 1.47 -5.12 18.49
N ALA D 377 0.52 -5.81 17.85
CA ALA D 377 -0.65 -6.30 18.58
C ALA D 377 -0.24 -7.30 19.66
N LEU D 378 0.70 -8.20 19.35
CA LEU D 378 1.13 -9.19 20.32
C LEU D 378 1.88 -8.52 21.48
N LYS D 379 2.73 -7.55 21.18
CA LYS D 379 3.55 -6.92 22.21
C LYS D 379 2.70 -6.06 23.15
N ARG D 380 1.68 -5.40 22.61
CA ARG D 380 0.78 -4.62 23.47
C ARG D 380 -0.04 -5.53 24.37
N ALA D 381 -0.56 -6.63 23.81
CA ALA D 381 -1.32 -7.58 24.62
C ALA D 381 -0.47 -8.14 25.75
N THR D 382 0.81 -8.42 25.47
CA THR D 382 1.71 -8.90 26.51
C THR D 382 2.00 -7.81 27.53
N ALA D 383 2.18 -6.56 27.07
CA ALA D 383 2.47 -5.47 27.99
C ALA D 383 1.36 -5.26 29.01
N PHE D 384 0.12 -5.49 28.61
CA PHE D 384 -1.02 -5.43 29.52
C PHE D 384 -1.28 -6.76 30.22
N ARG D 385 -0.31 -7.67 30.21
CA ARG D 385 -0.32 -8.89 31.02
C ARG D 385 -1.42 -9.85 30.59
N GLY D 386 -1.74 -9.87 29.29
CA GLY D 386 -2.52 -10.96 28.74
C GLY D 386 -1.66 -12.19 28.52
N GLN D 387 -2.31 -13.32 28.25
CA GLN D 387 -1.56 -14.54 28.03
C GLN D 387 -1.41 -14.80 26.55
N PRO D 388 -0.21 -14.68 25.99
CA PRO D 388 -0.01 -14.99 24.58
C PRO D 388 0.38 -16.45 24.38
N PHE D 389 0.10 -16.95 23.18
CA PHE D 389 0.57 -18.25 22.73
C PHE D 389 1.18 -18.10 21.35
N ARG D 390 2.49 -18.34 21.24
CA ARG D 390 3.10 -18.48 19.93
C ARG D 390 2.40 -19.58 19.16
N GLY D 391 2.65 -19.63 17.85
CA GLY D 391 1.94 -20.59 17.04
C GLY D 391 2.27 -22.02 17.44
N LEU D 392 1.31 -22.91 17.22
CA LEU D 392 1.47 -24.33 17.54
C LEU D 392 1.98 -24.57 18.96
N VAL D 393 1.65 -23.66 19.88
CA VAL D 393 1.98 -23.81 21.30
C VAL D 393 0.69 -23.82 22.11
N GLY D 394 0.61 -24.73 23.07
CA GLY D 394 -0.53 -24.83 23.96
C GLY D 394 -1.82 -25.05 23.18
N PRO D 395 -2.84 -24.26 23.50
CA PRO D 395 -4.12 -24.39 22.79
C PRO D 395 -4.12 -23.77 21.41
N ASN D 396 -3.05 -23.08 21.02
CA ASN D 396 -2.99 -22.39 19.74
C ASN D 396 -2.52 -23.36 18.67
N GLU D 397 -3.44 -23.81 17.82
CA GLU D 397 -3.13 -24.74 16.75
C GLU D 397 -2.95 -24.04 15.41
N CYS D 398 -2.93 -22.71 15.39
CA CYS D 398 -2.57 -21.94 14.22
C CYS D 398 -1.08 -21.62 14.25
N GLU D 399 -0.58 -21.07 13.15
CA GLU D 399 0.83 -20.71 13.06
C GLU D 399 1.08 -19.24 13.37
N VAL D 400 0.03 -18.43 13.50
CA VAL D 400 0.16 -17.05 13.94
C VAL D 400 0.04 -17.01 15.46
N PRO D 401 0.51 -15.95 16.14
CA PRO D 401 0.32 -15.87 17.59
C PRO D 401 -1.14 -15.68 17.95
N ALA D 402 -1.46 -16.06 19.18
CA ALA D 402 -2.81 -15.97 19.71
C ALA D 402 -2.79 -15.31 21.09
N VAL D 403 -3.88 -14.62 21.41
CA VAL D 403 -4.08 -14.01 22.72
C VAL D 403 -5.28 -14.68 23.36
N ARG D 404 -5.14 -15.07 24.63
CA ARG D 404 -6.20 -15.76 25.35
C ARG D 404 -7.25 -14.76 25.83
N ALA D 405 -8.51 -15.03 25.51
CA ALA D 405 -9.61 -14.24 26.04
C ALA D 405 -9.97 -14.74 27.43
N PRO D 406 -10.68 -13.93 28.22
CA PRO D 406 -10.91 -14.32 29.64
C PRO D 406 -11.57 -15.68 29.82
N ASP D 407 -12.43 -16.12 28.91
CA ASP D 407 -13.11 -17.40 29.05
C ASP D 407 -12.29 -18.57 28.52
N GLY D 408 -11.11 -18.33 27.97
CA GLY D 408 -10.32 -19.38 27.38
C GLY D 408 -10.34 -19.42 25.87
N SER D 409 -11.26 -18.70 25.23
CA SER D 409 -11.28 -18.62 23.78
C SER D 409 -10.04 -17.84 23.30
N LEU D 410 -9.71 -18.02 22.03
CA LEU D 410 -8.47 -17.49 21.48
C LEU D 410 -8.76 -16.37 20.48
N LEU D 411 -7.80 -15.45 20.36
CA LEU D 411 -7.82 -14.40 19.35
C LEU D 411 -6.54 -14.49 18.55
N TYR D 412 -6.65 -14.91 17.29
CA TYR D 412 -5.49 -15.01 16.41
C TYR D 412 -5.17 -13.64 15.82
N LEU D 413 -3.87 -13.32 15.77
CA LEU D 413 -3.39 -12.06 15.21
C LEU D 413 -2.87 -12.38 13.81
N VAL D 414 -3.74 -12.23 12.82
CA VAL D 414 -3.44 -12.63 11.45
C VAL D 414 -3.13 -11.40 10.60
N GLU D 415 -1.92 -11.37 10.05
CA GLU D 415 -1.55 -10.45 8.99
C GLU D 415 -1.76 -11.19 7.67
N GLN D 416 -1.38 -10.57 6.56
CA GLN D 416 -1.37 -11.32 5.30
C GLN D 416 -0.26 -10.81 4.39
N GLY D 417 0.65 -11.70 4.02
CA GLY D 417 1.68 -11.43 3.04
C GLY D 417 1.19 -11.61 1.61
N THR D 418 1.46 -12.76 1.01
CA THR D 418 1.02 -13.03 -0.36
C THR D 418 0.06 -14.21 -0.47
N HIS D 421 -0.30 -19.88 -0.83
CA HIS D 421 -0.48 -18.52 -0.36
C HIS D 421 -0.92 -18.46 1.10
N THR D 422 -1.38 -17.26 1.48
CA THR D 422 -2.01 -16.90 2.75
C THR D 422 -2.08 -17.99 3.81
N LEU D 423 -3.31 -18.38 4.17
CA LEU D 423 -3.56 -19.24 5.31
C LEU D 423 -4.46 -20.40 4.89
N TYR D 424 -5.56 -20.08 4.22
CA TYR D 424 -6.49 -21.12 3.77
C TYR D 424 -5.91 -21.97 2.65
N ASP D 425 -4.91 -21.46 1.92
CA ASP D 425 -4.28 -22.28 0.90
C ASP D 425 -3.40 -23.36 1.51
N THR D 426 -2.78 -23.08 2.66
CA THR D 426 -1.80 -23.99 3.22
C THR D 426 -2.45 -25.17 3.93
N ASP D 427 -3.50 -24.93 4.74
CA ASP D 427 -4.10 -25.99 5.54
C ASP D 427 -5.36 -26.59 4.92
N PHE D 428 -5.93 -25.96 3.90
CA PHE D 428 -7.14 -26.48 3.30
C PHE D 428 -6.89 -26.92 1.86
N SER D 429 -7.83 -27.69 1.34
CA SER D 429 -7.79 -28.19 -0.02
C SER D 429 -8.97 -27.54 -0.71
N LEU D 430 -8.73 -26.36 -1.26
CA LEU D 430 -9.83 -25.45 -1.59
C LEU D 430 -10.58 -25.95 -2.81
N ASP D 431 -11.90 -25.93 -2.72
CA ASP D 431 -12.78 -26.29 -3.82
C ASP D 431 -13.02 -25.00 -4.63
N ASN D 432 -12.28 -24.85 -5.72
CA ASN D 432 -12.44 -23.68 -6.59
C ASN D 432 -13.69 -23.76 -7.47
N ASN D 433 -14.47 -24.83 -7.36
CA ASN D 433 -15.82 -24.91 -7.90
C ASN D 433 -16.86 -24.41 -6.89
N ALA D 434 -16.43 -23.94 -5.72
CA ALA D 434 -17.38 -23.46 -4.73
C ALA D 434 -17.67 -21.99 -4.98
N THR D 435 -18.95 -21.64 -5.00
CA THR D 435 -19.39 -20.28 -5.23
C THR D 435 -20.47 -19.97 -4.22
N ALA D 436 -20.40 -18.79 -3.59
CA ALA D 436 -21.44 -18.44 -2.64
C ALA D 436 -22.73 -18.15 -3.39
N THR D 437 -23.85 -18.30 -2.68
CA THR D 437 -25.15 -18.01 -3.25
C THR D 437 -25.77 -16.73 -2.71
N GLY D 438 -25.15 -16.10 -1.71
CA GLY D 438 -25.48 -14.76 -1.29
C GLY D 438 -24.42 -13.83 -1.88
N GLY D 439 -24.47 -12.55 -1.56
CA GLY D 439 -25.42 -11.98 -0.63
C GLY D 439 -24.76 -11.15 0.47
N LEU D 440 -24.21 -11.85 1.45
CA LEU D 440 -23.62 -11.22 2.63
C LEU D 440 -22.18 -10.83 2.34
N ARG D 441 -21.79 -9.65 2.82
CA ARG D 441 -20.50 -9.07 2.44
C ARG D 441 -19.45 -9.16 3.54
N ARG D 442 -19.81 -8.79 4.77
CA ARG D 442 -18.83 -8.84 5.86
C ARG D 442 -19.56 -8.98 7.19
N ILE D 443 -18.80 -9.39 8.20
CA ILE D 443 -19.29 -9.37 9.57
C ILE D 443 -19.34 -7.92 10.03
N ASP D 444 -20.54 -7.44 10.34
CA ASP D 444 -20.68 -6.05 10.77
C ASP D 444 -20.43 -5.88 12.27
N HIS D 445 -21.01 -6.76 13.07
CA HIS D 445 -20.76 -6.74 14.51
C HIS D 445 -21.07 -8.12 15.06
N MSE D 446 -20.61 -8.34 16.29
CA MSE D 446 -20.85 -9.60 16.98
C MSE D 446 -21.06 -9.37 18.46
O MSE D 446 -20.20 -8.82 19.14
CB MSE D 446 -19.70 -10.56 16.77
CG MSE D 446 -19.86 -11.84 17.55
SE MSE D 446 -18.33 -12.99 17.31
CE MSE D 446 -18.84 -13.79 15.67
N ALA D 447 -22.23 -9.79 18.96
CA ALA D 447 -22.59 -9.56 20.35
C ALA D 447 -22.20 -10.77 21.20
N LEU D 448 -21.75 -10.48 22.41
CA LEU D 448 -21.45 -11.50 23.41
C LEU D 448 -22.45 -11.42 24.54
N ALA D 449 -22.85 -12.59 25.05
CA ALA D 449 -23.63 -12.67 26.28
C ALA D 449 -22.70 -13.11 27.40
N LEU D 450 -22.50 -12.24 28.38
CA LEU D 450 -21.53 -12.46 29.43
C LEU D 450 -22.19 -12.43 30.80
N PRO D 451 -21.63 -13.13 31.79
CA PRO D 451 -22.17 -13.03 33.16
C PRO D 451 -22.04 -11.61 33.67
N ALA D 452 -23.06 -11.16 34.41
CA ALA D 452 -23.08 -9.79 34.90
C ALA D 452 -21.82 -9.45 35.70
N GLU D 453 -21.31 -10.40 36.47
CA GLU D 453 -20.16 -10.17 37.33
C GLU D 453 -18.84 -10.16 36.58
N SER D 454 -18.82 -10.55 35.29
CA SER D 454 -17.58 -10.61 34.53
C SER D 454 -17.49 -9.55 33.44
N LEU D 455 -18.53 -8.76 33.23
CA LEU D 455 -18.57 -7.92 32.04
C LEU D 455 -17.57 -6.78 32.13
N ASP D 456 -17.41 -6.18 33.31
CA ASP D 456 -16.43 -5.12 33.48
C ASP D 456 -15.02 -5.60 33.16
N SER D 457 -14.71 -6.86 33.53
CA SER D 457 -13.40 -7.42 33.21
C SER D 457 -13.20 -7.56 31.70
N TRP D 458 -14.24 -8.00 30.99
CA TRP D 458 -14.15 -8.10 29.53
C TRP D 458 -13.98 -6.72 28.90
N VAL D 459 -14.69 -5.72 29.43
CA VAL D 459 -14.57 -4.36 28.90
C VAL D 459 -13.14 -3.85 29.03
N LEU D 460 -12.56 -4.00 30.22
CA LEU D 460 -11.18 -3.57 30.43
C LEU D 460 -10.22 -4.36 29.56
N PHE D 461 -10.51 -5.64 29.36
CA PHE D 461 -9.66 -6.49 28.53
C PHE D 461 -9.56 -5.93 27.11
N TYR D 462 -10.70 -5.59 26.50
CA TYR D 462 -10.68 -5.11 25.13
C TYR D 462 -10.21 -3.66 25.03
N LYS D 463 -10.58 -2.82 26.01
CA LYS D 463 -10.16 -1.42 25.97
C LYS D 463 -8.63 -1.28 26.08
N SER D 464 -8.00 -2.08 26.92
CA SER D 464 -6.58 -1.91 27.16
C SER D 464 -5.72 -2.71 26.17
N LEU D 465 -5.96 -4.03 26.07
CA LEU D 465 -5.11 -4.85 25.22
C LEU D 465 -5.26 -4.49 23.75
N PHE D 466 -6.47 -4.14 23.32
CA PHE D 466 -6.76 -3.93 21.91
C PHE D 466 -7.26 -2.52 21.60
N ASP D 467 -7.29 -1.63 22.59
CA ASP D 467 -7.64 -0.21 22.39
C ASP D 467 -9.01 -0.05 21.74
N PHE D 468 -9.99 -0.86 22.19
CA PHE D 468 -11.37 -0.60 21.81
C PHE D 468 -11.89 0.60 22.58
N ALA D 469 -12.99 1.15 22.08
CA ALA D 469 -13.62 2.32 22.69
C ALA D 469 -15.08 2.00 22.99
N ALA D 470 -15.66 2.76 23.92
CA ALA D 470 -17.07 2.61 24.26
C ALA D 470 -17.95 2.96 23.07
N ASP D 471 -19.08 2.27 22.97
CA ASP D 471 -20.01 2.44 21.87
C ASP D 471 -21.43 2.12 22.35
N ASP D 472 -21.85 2.79 23.41
CA ASP D 472 -23.10 2.47 24.11
C ASP D 472 -24.30 3.20 23.50
N GLU D 473 -25.49 2.74 23.88
CA GLU D 473 -26.71 3.27 23.30
C GLU D 473 -27.79 3.51 24.36
N VAL D 474 -28.44 4.68 24.27
CA VAL D 474 -29.58 5.10 25.08
C VAL D 474 -30.89 5.11 24.31
N VAL D 475 -31.80 4.25 24.75
CA VAL D 475 -33.18 4.27 24.32
C VAL D 475 -34.02 4.64 25.55
N LEU D 476 -35.30 4.91 25.31
CA LEU D 476 -36.22 5.19 26.41
C LEU D 476 -37.21 4.05 26.57
N PRO D 477 -37.53 3.62 27.80
CA PRO D 477 -38.38 2.45 28.00
C PRO D 477 -39.86 2.72 27.73
N GLY D 481 -38.04 -2.54 30.11
CA GLY D 481 -37.54 -1.32 30.69
C GLY D 481 -36.07 -1.07 30.41
N LEU D 482 -35.51 -1.84 29.49
CA LEU D 482 -34.11 -1.70 29.10
C LEU D 482 -33.90 -0.36 28.41
N VAL D 483 -33.02 0.48 28.96
CA VAL D 483 -32.75 1.80 28.41
C VAL D 483 -31.36 1.86 27.79
N LYS D 484 -30.37 1.37 28.53
CA LYS D 484 -28.96 1.49 28.18
C LYS D 484 -28.43 0.13 27.71
N SER D 485 -27.92 0.08 26.48
CA SER D 485 -27.34 -1.13 25.90
C SER D 485 -25.86 -0.89 25.63
N ARG D 486 -25.00 -1.74 26.22
CA ARG D 486 -23.55 -1.55 26.18
C ARG D 486 -22.90 -2.21 24.97
N ALA D 487 -21.86 -1.56 24.43
CA ALA D 487 -21.14 -2.11 23.30
C ALA D 487 -19.74 -1.48 23.26
N LEU D 488 -18.81 -2.21 22.65
CA LEU D 488 -17.46 -1.73 22.38
C LEU D 488 -17.21 -1.71 20.88
N ARG D 489 -16.14 -1.00 20.50
CA ARG D 489 -15.90 -0.70 19.10
C ARG D 489 -14.43 -0.37 18.92
N SER D 490 -13.81 -0.95 17.91
CA SER D 490 -12.44 -0.59 17.59
C SER D 490 -12.39 0.82 17.00
N GLN D 491 -11.22 1.44 17.09
CA GLN D 491 -11.08 2.81 16.61
C GLN D 491 -11.50 2.91 15.15
N CYS D 492 -11.03 1.94 14.35
CA CYS D 492 -11.38 1.86 12.94
C CYS D 492 -12.87 1.65 12.68
N GLY D 493 -13.60 1.09 13.64
CA GLY D 493 -14.97 0.67 13.43
C GLY D 493 -15.15 -0.65 12.71
N THR D 494 -14.05 -1.30 12.30
CA THR D 494 -14.14 -2.58 11.60
C THR D 494 -14.46 -3.74 12.54
N LEU D 495 -14.28 -3.58 13.84
CA LEU D 495 -14.64 -4.59 14.83
C LEU D 495 -15.60 -3.97 15.82
N ARG D 496 -16.75 -4.62 16.02
CA ARG D 496 -17.80 -4.07 16.88
C ARG D 496 -18.36 -5.18 17.74
N LEU D 497 -18.53 -4.89 19.03
CA LEU D 497 -18.83 -5.91 20.04
C LEU D 497 -19.89 -5.43 21.01
N PRO D 498 -21.16 -5.66 20.70
CA PRO D 498 -22.19 -5.48 21.73
C PRO D 498 -22.01 -6.48 22.85
N LEU D 499 -22.30 -6.04 24.06
CA LEU D 499 -22.11 -6.87 25.26
C LEU D 499 -23.45 -6.95 25.99
N ASN D 500 -23.98 -8.16 26.09
CA ASN D 500 -25.22 -8.42 26.79
C ASN D 500 -24.95 -9.27 28.02
N ILE D 501 -25.93 -9.29 28.92
CA ILE D 501 -25.83 -10.02 30.17
C ILE D 501 -26.59 -11.32 30.02
N SER D 502 -25.88 -12.45 30.11
CA SER D 502 -26.57 -13.72 30.13
C SER D 502 -27.24 -13.91 31.48
N GLU D 503 -28.25 -14.77 31.52
CA GLU D 503 -28.96 -14.99 32.77
C GLU D 503 -28.15 -15.90 33.67
N ASN D 504 -28.16 -15.62 34.96
CA ASN D 504 -27.44 -16.42 35.92
C ASN D 504 -28.10 -17.80 36.08
N ARG D 505 -27.29 -18.79 36.48
CA ARG D 505 -27.78 -20.16 36.58
C ARG D 505 -28.82 -20.31 37.69
N ASN D 506 -28.67 -19.61 38.81
CA ASN D 506 -29.60 -19.77 39.92
C ASN D 506 -30.99 -19.20 39.61
N THR D 507 -31.11 -18.31 38.62
CA THR D 507 -32.45 -17.92 38.19
C THR D 507 -33.04 -18.98 37.27
N ALA D 508 -32.19 -19.62 36.46
CA ALA D 508 -32.65 -20.75 35.67
C ALA D 508 -33.16 -21.87 36.56
N ILE D 509 -32.58 -22.01 37.75
CA ILE D 509 -33.06 -23.00 38.71
C ILE D 509 -34.36 -22.54 39.37
N ALA D 510 -34.43 -21.25 39.75
CA ALA D 510 -35.56 -20.78 40.53
C ALA D 510 -36.88 -20.98 39.79
N HIS D 511 -36.90 -20.75 38.48
CA HIS D 511 -38.07 -21.13 37.72
C HIS D 511 -37.77 -22.53 37.15
N ALA D 512 -38.81 -23.28 36.79
CA ALA D 512 -38.64 -24.63 36.23
C ALA D 512 -38.03 -24.64 34.83
N LEU D 513 -37.06 -23.77 34.63
CA LEU D 513 -36.48 -23.52 33.33
C LEU D 513 -35.60 -24.70 32.94
N SER D 514 -35.70 -25.11 31.68
CA SER D 514 -35.00 -26.31 31.20
C SER D 514 -34.01 -26.04 30.08
N SER D 515 -34.08 -24.89 29.44
CA SER D 515 -33.11 -24.45 28.46
C SER D 515 -32.26 -23.31 29.00
N TYR D 516 -31.18 -23.65 29.70
CA TYR D 516 -30.20 -22.67 30.12
C TYR D 516 -28.88 -23.02 29.44
N ARG D 517 -28.38 -22.14 28.57
CA ARG D 517 -27.18 -22.46 27.81
C ARG D 517 -25.98 -21.58 28.20
N GLY D 518 -26.15 -20.71 29.18
CA GLY D 518 -25.04 -19.97 29.74
C GLY D 518 -24.58 -18.82 28.87
N SER D 519 -23.28 -18.59 28.86
CA SER D 519 -22.68 -17.47 28.16
C SER D 519 -22.08 -17.91 26.83
N GLY D 520 -21.67 -16.93 26.04
CA GLY D 520 -21.09 -17.17 24.74
C GLY D 520 -21.57 -16.14 23.75
N VAL D 521 -21.49 -16.49 22.46
CA VAL D 521 -21.90 -15.57 21.41
C VAL D 521 -23.40 -15.34 21.49
N HIS D 522 -23.79 -14.06 21.53
CA HIS D 522 -25.21 -13.72 21.52
C HIS D 522 -25.76 -13.77 20.10
N HIS D 523 -25.13 -13.04 19.17
CA HIS D 523 -25.51 -13.14 17.76
C HIS D 523 -24.41 -12.57 16.89
N ILE D 524 -24.45 -12.95 15.61
CA ILE D 524 -23.51 -12.52 14.60
C ILE D 524 -24.29 -11.83 13.49
N ALA D 525 -23.83 -10.64 13.09
CA ALA D 525 -24.55 -9.82 12.12
C ALA D 525 -23.74 -9.67 10.85
N PHE D 526 -24.37 -9.99 9.73
CA PHE D 526 -23.79 -9.79 8.40
C PHE D 526 -24.53 -8.67 7.69
N ASP D 527 -23.79 -7.90 6.89
CA ASP D 527 -24.39 -6.81 6.13
C ASP D 527 -24.55 -7.20 4.66
N CYS D 528 -25.37 -6.43 3.95
CA CYS D 528 -25.64 -6.68 2.54
C CYS D 528 -26.05 -5.36 1.90
N ASP D 529 -26.14 -5.39 0.56
CA ASP D 529 -26.53 -4.19 -0.17
C ASP D 529 -28.05 -4.01 -0.21
N ASP D 530 -28.80 -5.11 -0.36
CA ASP D 530 -30.25 -5.09 -0.54
C ASP D 530 -30.89 -6.11 0.39
N ILE D 531 -31.55 -5.62 1.44
CA ILE D 531 -32.16 -6.50 2.44
C ILE D 531 -33.26 -7.35 1.83
N PHE D 532 -34.03 -6.80 0.89
CA PHE D 532 -35.16 -7.54 0.34
C PHE D 532 -34.69 -8.72 -0.50
N ARG D 533 -33.65 -8.52 -1.30
CA ARG D 533 -33.09 -9.61 -2.10
C ARG D 533 -32.55 -10.71 -1.21
N GLU D 534 -31.96 -10.34 -0.07
CA GLU D 534 -31.36 -11.35 0.82
C GLU D 534 -32.43 -12.09 1.61
N VAL D 535 -33.44 -11.38 2.11
CA VAL D 535 -34.54 -12.04 2.81
C VAL D 535 -35.24 -13.04 1.90
N ALA D 536 -35.48 -12.65 0.64
CA ALA D 536 -36.14 -13.53 -0.30
C ALA D 536 -35.36 -14.81 -0.52
N ARG D 537 -34.06 -14.68 -0.79
CA ARG D 537 -33.23 -15.86 -1.00
C ARG D 537 -33.14 -16.71 0.25
N ALA D 538 -32.95 -16.08 1.42
CA ALA D 538 -32.79 -16.83 2.66
C ALA D 538 -34.08 -17.51 3.08
N LYS D 539 -35.22 -16.82 2.96
CA LYS D 539 -36.49 -17.42 3.35
C LYS D 539 -36.83 -18.63 2.50
N LEU D 540 -36.51 -18.58 1.22
CA LEU D 540 -36.82 -19.69 0.32
C LEU D 540 -35.85 -20.85 0.50
N ALA D 541 -34.60 -20.57 0.91
CA ALA D 541 -33.62 -21.62 1.16
C ALA D 541 -33.84 -22.35 2.48
N GLY D 542 -34.76 -21.87 3.32
CA GLY D 542 -35.07 -22.53 4.57
C GLY D 542 -34.49 -21.89 5.81
N VAL D 543 -33.93 -20.69 5.72
CA VAL D 543 -33.43 -20.01 6.92
C VAL D 543 -34.61 -19.65 7.81
N PRO D 544 -34.60 -20.02 9.05
CA PRO D 544 -35.78 -19.76 9.91
C PRO D 544 -35.85 -18.32 10.39
N LEU D 545 -36.14 -17.41 9.45
CA LEU D 545 -36.31 -16.02 9.79
C LEU D 545 -37.57 -15.80 10.61
N LEU D 546 -37.57 -14.74 11.42
CA LEU D 546 -38.65 -14.46 12.34
C LEU D 546 -39.86 -13.88 11.62
N GLU D 547 -41.04 -14.16 12.16
CA GLU D 547 -42.26 -13.50 11.72
C GLU D 547 -42.48 -12.28 12.62
N ILE D 548 -42.64 -11.13 12.00
CA ILE D 548 -42.81 -9.87 12.73
C ILE D 548 -44.31 -9.56 12.76
N PRO D 549 -44.89 -9.27 13.92
CA PRO D 549 -46.34 -9.14 14.00
C PRO D 549 -46.86 -7.94 13.22
N LEU D 550 -48.14 -8.02 12.89
CA LEU D 550 -48.77 -6.97 12.09
C LEU D 550 -48.74 -5.62 12.80
N ASN D 551 -48.98 -5.63 14.11
CA ASN D 551 -49.04 -4.39 14.88
C ASN D 551 -47.72 -3.62 14.86
N TYR D 552 -46.59 -4.30 14.63
CA TYR D 552 -45.32 -3.58 14.51
C TYR D 552 -45.33 -2.63 13.33
N TYR D 553 -45.88 -3.08 12.20
CA TYR D 553 -45.91 -2.25 11.00
C TYR D 553 -47.02 -1.20 11.05
N ASP D 554 -48.12 -1.49 11.77
CA ASP D 554 -49.11 -0.45 12.02
C ASP D 554 -48.51 0.70 12.83
N ASP D 555 -47.62 0.38 13.78
CA ASP D 555 -46.99 1.41 14.59
C ASP D 555 -46.04 2.26 13.76
N LEU D 556 -45.30 1.63 12.83
CA LEU D 556 -44.40 2.36 11.96
C LEU D 556 -45.15 3.32 11.05
N ALA D 557 -46.40 2.99 10.69
CA ALA D 557 -47.20 3.87 9.86
C ALA D 557 -47.48 5.20 10.56
N ALA D 558 -47.75 5.16 11.87
CA ALA D 558 -48.06 6.37 12.62
C ALA D 558 -46.81 7.20 12.96
N ARG D 559 -45.63 6.60 12.93
CA ARG D 559 -44.41 7.30 13.32
C ARG D 559 -43.55 7.74 12.15
N PHE D 560 -43.87 7.30 10.93
CA PHE D 560 -43.04 7.60 9.78
C PHE D 560 -43.92 7.87 8.57
N ASP D 561 -43.44 8.73 7.67
CA ASP D 561 -44.15 9.04 6.45
C ASP D 561 -44.48 7.79 5.66
N PHE D 562 -43.47 7.18 5.05
CA PHE D 562 -43.59 5.92 4.33
C PHE D 562 -44.56 6.00 3.16
N ASP D 563 -44.02 5.98 1.94
CA ASP D 563 -44.81 6.19 0.74
C ASP D 563 -45.77 5.04 0.43
N ASP D 564 -46.23 4.35 1.48
CA ASP D 564 -47.06 3.15 1.35
C ASP D 564 -46.37 2.14 0.44
N GLU D 565 -47.07 1.06 0.09
CA GLU D 565 -46.50 0.00 -0.75
C GLU D 565 -45.17 -0.51 -0.18
N PHE D 566 -44.18 0.39 -0.11
CA PHE D 566 -42.94 0.10 0.59
C PHE D 566 -43.18 -0.45 1.99
N LEU D 567 -44.12 0.15 2.74
CA LEU D 567 -44.36 -0.31 4.09
C LEU D 567 -45.01 -1.69 4.10
N SER D 568 -45.87 -1.97 3.12
CA SER D 568 -46.42 -3.31 2.97
C SER D 568 -45.36 -4.29 2.48
N GLU D 569 -44.31 -3.80 1.83
CA GLU D 569 -43.18 -4.65 1.47
C GLU D 569 -42.42 -5.09 2.72
N LEU D 570 -42.21 -4.17 3.67
CA LEU D 570 -41.55 -4.53 4.92
C LEU D 570 -42.36 -5.56 5.68
N ALA D 571 -43.68 -5.41 5.69
CA ALA D 571 -44.53 -6.36 6.42
C ALA D 571 -44.49 -7.74 5.78
N TYR D 572 -44.45 -7.81 4.45
CA TYR D 572 -44.40 -9.12 3.80
C TYR D 572 -43.05 -9.79 3.96
N TYR D 573 -41.97 -9.02 4.02
CA TYR D 573 -40.63 -9.57 4.16
C TYR D 573 -40.16 -9.63 5.60
N ASN D 574 -41.04 -9.32 6.57
CA ASN D 574 -40.71 -9.39 7.99
C ASN D 574 -39.41 -8.63 8.31
N VAL D 575 -39.24 -7.48 7.66
CA VAL D 575 -38.07 -6.65 7.86
C VAL D 575 -38.31 -5.68 9.00
N LEU D 576 -37.32 -5.54 9.87
CA LEU D 576 -37.37 -4.58 10.96
C LEU D 576 -36.68 -3.29 10.53
N TYR D 577 -37.11 -2.19 11.15
CA TYR D 577 -36.76 -0.86 10.65
C TYR D 577 -36.36 0.03 11.80
N ASP D 578 -35.43 0.94 11.51
CA ASP D 578 -35.04 1.99 12.43
C ASP D 578 -34.56 3.16 11.59
N ARG D 579 -34.67 4.36 12.14
CA ARG D 579 -34.30 5.56 11.40
C ARG D 579 -33.46 6.46 12.30
N ASP D 580 -32.44 7.06 11.71
CA ASP D 580 -31.54 7.95 12.42
C ASP D 580 -32.19 9.30 12.66
N ALA D 581 -31.41 10.22 13.24
CA ALA D 581 -31.83 11.60 13.39
C ALA D 581 -31.45 12.41 12.17
N GLN D 582 -30.50 11.89 11.41
CA GLN D 582 -30.00 12.49 10.18
C GLN D 582 -30.62 11.84 8.94
N GLY D 583 -31.67 11.04 9.13
CA GLY D 583 -32.25 10.37 7.99
C GLY D 583 -31.61 9.04 7.64
N GLY D 584 -30.56 8.66 8.33
CA GLY D 584 -30.01 7.33 8.14
C GLY D 584 -31.01 6.27 8.54
N GLU D 585 -30.96 5.14 7.85
CA GLU D 585 -31.95 4.09 8.02
C GLU D 585 -31.27 2.73 8.20
N LEU D 586 -31.94 1.85 8.95
CA LEU D 586 -31.49 0.48 9.18
C LEU D 586 -32.60 -0.48 8.78
N PHE D 587 -32.23 -1.50 8.01
CA PHE D 587 -33.13 -2.59 7.67
C PHE D 587 -32.45 -3.89 8.06
N HIS D 588 -33.07 -4.65 8.96
CA HIS D 588 -32.43 -5.86 9.46
C HIS D 588 -33.47 -6.92 9.79
N VAL D 589 -33.04 -8.19 9.73
CA VAL D 589 -33.85 -9.34 10.09
C VAL D 589 -33.02 -10.28 10.95
N TYR D 590 -33.71 -11.12 11.71
CA TYR D 590 -33.08 -12.09 12.59
C TYR D 590 -33.57 -13.50 12.26
N THR D 591 -32.68 -14.47 12.46
CA THR D 591 -33.04 -15.87 12.44
C THR D 591 -33.42 -16.33 13.84
N GLU D 592 -34.03 -17.52 13.91
CA GLU D 592 -34.18 -18.18 15.19
C GLU D 592 -32.81 -18.59 15.72
N PRO D 593 -32.68 -18.80 17.02
CA PRO D 593 -31.39 -19.25 17.55
C PRO D 593 -31.02 -20.62 17.01
N PHE D 594 -29.73 -20.79 16.71
CA PHE D 594 -29.21 -22.09 16.32
C PHE D 594 -29.11 -22.97 17.55
N GLU D 595 -30.04 -23.93 17.67
CA GLU D 595 -30.09 -24.87 18.77
C GLU D 595 -29.96 -24.17 20.12
N GLU D 596 -30.86 -23.21 20.33
CA GLU D 596 -31.05 -22.52 21.60
C GLU D 596 -29.83 -21.75 22.04
N ARG D 597 -28.94 -21.41 21.11
CA ARG D 597 -27.80 -20.59 21.46
C ARG D 597 -27.76 -19.31 20.63
N PHE D 598 -26.65 -19.06 19.92
CA PHE D 598 -26.55 -17.82 19.15
C PHE D 598 -27.54 -17.84 17.98
N PHE D 599 -27.95 -16.64 17.56
CA PHE D 599 -28.74 -16.46 16.35
C PHE D 599 -27.97 -15.59 15.36
N PHE D 600 -28.52 -15.44 14.16
CA PHE D 600 -27.89 -14.66 13.12
C PHE D 600 -28.75 -13.45 12.76
N GLU D 601 -28.09 -12.43 12.19
CA GLU D 601 -28.73 -11.19 11.80
C GLU D 601 -28.18 -10.73 10.46
N ILE D 602 -29.06 -10.24 9.60
CA ILE D 602 -28.68 -9.67 8.32
C ILE D 602 -29.14 -8.21 8.30
N ILE D 603 -28.23 -7.30 7.99
CA ILE D 603 -28.53 -5.87 8.05
C ILE D 603 -28.22 -5.20 6.73
N GLN D 604 -28.90 -4.08 6.49
CA GLN D 604 -28.57 -3.14 5.42
C GLN D 604 -28.50 -1.75 6.04
N ARG D 605 -27.35 -1.12 5.95
CA ARG D 605 -27.18 0.25 6.44
C ARG D 605 -27.33 1.23 5.29
N LYS D 606 -28.17 2.25 5.50
CA LYS D 606 -28.40 3.24 4.47
C LYS D 606 -28.15 4.61 5.09
N ALA D 607 -28.12 5.64 4.23
CA ALA D 607 -27.74 7.02 4.56
C ALA D 607 -26.99 7.20 5.88
N GLY D 608 -25.93 6.41 6.08
CA GLY D 608 -25.02 6.64 7.20
C GLY D 608 -25.48 6.18 8.56
N TYR D 609 -26.51 5.35 8.65
CA TYR D 609 -26.93 4.79 9.93
C TYR D 609 -25.79 4.02 10.58
N ALA D 610 -25.56 4.29 11.88
CA ALA D 610 -24.41 3.73 12.58
C ALA D 610 -24.75 2.89 13.80
N GLY D 611 -26.01 2.85 14.23
CA GLY D 611 -26.40 2.14 15.43
C GLY D 611 -26.61 0.66 15.18
N TYR D 612 -27.34 0.03 16.12
CA TYR D 612 -27.62 -1.40 16.06
C TYR D 612 -29.11 -1.71 15.98
N GLY D 613 -29.97 -0.70 15.89
CA GLY D 613 -31.40 -0.96 15.91
C GLY D 613 -31.91 -1.52 17.22
N ALA D 614 -31.38 -1.02 18.34
CA ALA D 614 -31.78 -1.52 19.65
C ALA D 614 -33.26 -1.31 19.94
N ALA D 615 -33.91 -0.37 19.23
CA ALA D 615 -35.33 -0.12 19.45
C ALA D 615 -36.21 -1.33 19.15
N ASN D 616 -35.67 -2.33 18.44
CA ASN D 616 -36.45 -3.49 18.03
C ASN D 616 -36.21 -4.71 18.90
N VAL D 617 -35.51 -4.55 20.03
CA VAL D 617 -35.17 -5.69 20.88
C VAL D 617 -36.43 -6.31 21.48
N ALA D 618 -37.40 -5.48 21.90
CA ALA D 618 -38.64 -6.03 22.45
C ALA D 618 -39.38 -6.84 21.40
N VAL D 619 -39.37 -6.36 20.15
CA VAL D 619 -40.05 -7.08 19.08
C VAL D 619 -39.31 -8.37 18.75
N ARG D 620 -37.98 -8.33 18.71
CA ARG D 620 -37.20 -9.54 18.47
C ARG D 620 -37.45 -10.57 19.57
N LEU D 621 -37.42 -10.12 20.83
CA LEU D 621 -37.63 -11.05 21.93
C LEU D 621 -39.04 -11.60 21.93
N ALA D 622 -40.04 -10.75 21.66
CA ALA D 622 -41.42 -11.22 21.59
C ALA D 622 -41.61 -12.19 20.45
N ALA D 623 -41.00 -11.92 19.29
CA ALA D 623 -41.11 -12.84 18.17
C ALA D 623 -40.42 -14.16 18.47
N MSE D 624 -39.22 -14.11 19.05
CA MSE D 624 -38.53 -15.33 19.46
C MSE D 624 -39.30 -16.02 20.58
O MSE D 624 -39.30 -17.24 20.66
CB MSE D 624 -37.10 -15.01 19.92
CG MSE D 624 -36.15 -14.66 18.78
SE MSE D 624 -34.31 -14.51 19.37
CE MSE D 624 -33.48 -14.09 17.65
N ALA D 625 -39.94 -15.22 21.43
CA ALA D 625 -40.81 -15.77 22.48
C ALA D 625 -41.97 -16.51 21.85
N LYS D 626 -42.87 -15.78 21.16
CA LYS D 626 -44.04 -16.40 20.54
C LYS D 626 -43.68 -17.66 19.76
N ALA D 627 -42.45 -17.77 19.29
CA ALA D 627 -41.96 -18.99 18.65
C ALA D 627 -41.73 -20.11 19.68
N ARG D 628 -42.27 -19.96 20.89
CA ARG D 628 -42.36 -21.06 21.85
C ARG D 628 -43.72 -21.72 21.66
N SER D 629 -43.78 -22.66 20.73
CA SER D 629 -45.02 -23.38 20.47
C SER D 629 -45.40 -24.24 21.66
N ALA E 1 -7.76 -43.64 59.62
CA ALA E 1 -7.32 -42.44 58.91
C ALA E 1 -8.36 -42.01 57.88
N LYS E 2 -8.41 -40.71 57.60
CA LYS E 2 -9.39 -40.18 56.66
C LYS E 2 -9.00 -40.57 55.23
N MSE E 3 -9.99 -40.60 54.36
CA MSE E 3 -9.73 -40.83 52.94
C MSE E 3 -8.97 -39.66 52.34
O MSE E 3 -8.98 -38.55 52.88
CB MSE E 3 -11.03 -41.07 52.18
CG MSE E 3 -11.56 -42.48 52.31
SE MSE E 3 -13.28 -42.70 51.41
CE MSE E 3 -14.32 -41.45 52.49
N GLN E 4 -8.30 -39.92 51.23
CA GLN E 4 -7.56 -38.89 50.50
C GLN E 4 -8.55 -37.97 49.81
N ARG E 5 -8.68 -36.74 50.30
CA ARG E 5 -9.65 -35.79 49.78
C ARG E 5 -9.05 -35.01 48.61
N SER E 6 -9.73 -35.05 47.46
CA SER E 6 -9.25 -34.42 46.24
C SER E 6 -10.34 -33.53 45.66
N ILE E 7 -9.93 -32.71 44.69
CA ILE E 7 -10.84 -31.88 43.91
C ILE E 7 -10.24 -31.73 42.52
N ALA E 8 -11.10 -31.82 41.50
CA ALA E 8 -10.64 -31.65 40.13
C ALA E 8 -10.37 -30.18 39.85
N THR E 9 -9.30 -29.90 39.11
CA THR E 9 -8.96 -28.51 38.81
C THR E 9 -10.04 -27.84 37.97
N VAL E 10 -10.80 -28.63 37.21
CA VAL E 10 -11.90 -28.09 36.42
C VAL E 10 -12.99 -27.50 37.31
N SER E 11 -12.97 -27.80 38.61
CA SER E 11 -13.92 -27.26 39.56
C SER E 11 -13.64 -25.81 39.96
N LEU E 12 -12.48 -25.27 39.58
CA LEU E 12 -12.09 -23.93 39.98
C LEU E 12 -11.75 -23.12 38.74
N SER E 13 -11.62 -21.81 38.93
CA SER E 13 -11.12 -20.91 37.90
C SER E 13 -9.74 -20.39 38.31
N GLY E 14 -9.04 -19.84 37.34
CA GLY E 14 -7.72 -19.28 37.54
C GLY E 14 -6.65 -20.04 36.77
N THR E 15 -5.42 -19.58 36.94
CA THR E 15 -4.28 -20.31 36.40
C THR E 15 -4.06 -21.60 37.19
N LEU E 16 -3.35 -22.54 36.57
CA LEU E 16 -3.04 -23.79 37.25
C LEU E 16 -2.28 -23.58 38.57
N PRO E 17 -1.26 -22.73 38.64
CA PRO E 17 -0.64 -22.48 39.96
C PRO E 17 -1.61 -21.91 40.98
N GLU E 18 -2.49 -21.01 40.57
CA GLU E 18 -3.47 -20.46 41.50
C GLU E 18 -4.41 -21.54 42.03
N LYS E 19 -4.84 -22.45 41.16
CA LYS E 19 -5.71 -23.54 41.59
C LYS E 19 -5.01 -24.45 42.59
N LEU E 20 -3.77 -24.85 42.28
CA LEU E 20 -3.06 -25.79 43.15
C LEU E 20 -2.77 -25.17 44.50
N GLU E 21 -2.42 -23.88 44.54
CA GLU E 21 -2.21 -23.21 45.81
C GLU E 21 -3.50 -23.14 46.61
N ALA E 22 -4.61 -22.80 45.95
CA ALA E 22 -5.90 -22.77 46.64
C ALA E 22 -6.29 -24.14 47.16
N ILE E 23 -6.06 -25.19 46.35
CA ILE E 23 -6.39 -26.55 46.76
C ILE E 23 -5.57 -26.94 47.99
N ALA E 24 -4.27 -26.62 47.99
CA ALA E 24 -3.43 -26.93 49.14
C ALA E 24 -3.84 -26.10 50.35
N ALA E 25 -4.08 -24.80 50.16
CA ALA E 25 -4.44 -23.93 51.27
C ALA E 25 -5.77 -24.34 51.90
N ALA E 26 -6.68 -24.90 51.11
CA ALA E 26 -7.98 -25.32 51.62
C ALA E 26 -7.92 -26.59 52.45
N GLY E 27 -6.82 -27.33 52.41
CA GLY E 27 -6.67 -28.54 53.18
C GLY E 27 -6.93 -29.83 52.43
N PHE E 28 -6.98 -29.80 51.11
CA PHE E 28 -7.12 -31.03 50.35
C PHE E 28 -5.83 -31.84 50.42
N ASP E 29 -5.97 -33.16 50.24
CA ASP E 29 -4.81 -34.04 50.15
C ASP E 29 -4.34 -34.25 48.72
N GLY E 30 -5.26 -34.20 47.75
CA GLY E 30 -4.95 -34.52 46.38
C GLY E 30 -5.68 -33.61 45.41
N VAL E 31 -5.37 -33.80 44.13
CA VAL E 31 -5.95 -32.99 43.06
C VAL E 31 -6.06 -33.86 41.82
N GLU E 32 -7.19 -33.74 41.11
CA GLU E 32 -7.33 -34.31 39.78
C GLU E 32 -6.88 -33.25 38.77
N ILE E 33 -5.88 -33.60 37.96
CA ILE E 33 -5.39 -32.68 36.94
C ILE E 33 -6.28 -32.81 35.71
N PHE E 34 -7.07 -31.77 35.45
CA PHE E 34 -7.85 -31.69 34.23
C PHE E 34 -6.94 -31.28 33.08
N GLU E 35 -6.97 -32.07 32.00
CA GLU E 35 -5.96 -31.92 30.95
C GLU E 35 -5.98 -30.53 30.34
N ASN E 36 -7.16 -29.92 30.19
CA ASN E 36 -7.24 -28.60 29.58
C ASN E 36 -6.44 -27.57 30.38
N ASP E 37 -6.36 -27.74 31.70
CA ASP E 37 -5.57 -26.82 32.52
C ASP E 37 -4.08 -26.94 32.20
N LEU E 38 -3.61 -28.16 31.91
CA LEU E 38 -2.21 -28.34 31.49
C LEU E 38 -1.95 -27.64 30.17
N LEU E 39 -2.92 -27.68 29.24
CA LEU E 39 -2.70 -27.12 27.91
C LEU E 39 -2.47 -25.62 27.98
N TYR E 40 -3.13 -24.93 28.90
CA TYR E 40 -2.98 -23.50 29.03
C TYR E 40 -1.84 -23.10 29.96
N TYR E 41 -1.23 -24.05 30.66
CA TYR E 41 -0.11 -23.76 31.57
C TYR E 41 1.19 -23.78 30.78
N ALA E 42 1.97 -22.70 30.90
CA ALA E 42 3.18 -22.54 30.10
C ALA E 42 4.32 -23.45 30.55
N GLY E 43 4.29 -23.93 31.79
CA GLY E 43 5.34 -24.79 32.30
C GLY E 43 5.17 -26.23 31.86
N SER E 44 6.04 -27.08 32.40
CA SER E 44 6.11 -28.49 32.05
C SER E 44 5.29 -29.33 33.02
N PRO E 45 4.91 -30.55 32.60
CA PRO E 45 4.24 -31.45 33.56
C PRO E 45 5.05 -31.71 34.82
N ARG E 46 6.36 -31.82 34.67
CA ARG E 46 7.22 -32.05 35.81
C ARG E 46 7.27 -30.84 36.76
N GLN E 47 7.19 -29.62 36.21
CA GLN E 47 7.05 -28.45 37.06
C GLN E 47 5.73 -28.47 37.80
N VAL E 48 4.67 -29.01 37.18
CA VAL E 48 3.41 -29.22 37.88
C VAL E 48 3.61 -30.21 39.02
N ARG E 49 4.34 -31.29 38.75
CA ARG E 49 4.66 -32.26 39.80
C ARG E 49 5.45 -31.61 40.94
N GLN E 50 6.41 -30.74 40.60
CA GLN E 50 7.20 -30.09 41.62
C GLN E 50 6.37 -29.14 42.46
N MSE E 51 5.41 -28.45 41.84
CA MSE E 51 4.52 -27.56 42.58
C MSE E 51 3.69 -28.33 43.61
O MSE E 51 3.57 -27.91 44.76
CB MSE E 51 3.58 -26.80 41.63
CG MSE E 51 4.24 -25.62 40.94
SE MSE E 51 2.94 -24.50 40.00
CE MSE E 51 2.47 -25.71 38.54
N CYS E 52 3.14 -29.47 43.19
CA CYS E 52 2.33 -30.27 44.12
C CYS E 52 3.18 -30.83 45.26
N ALA E 53 4.42 -31.23 44.97
CA ALA E 53 5.31 -31.68 46.02
C ALA E 53 5.64 -30.55 46.99
N ASP E 54 5.88 -29.34 46.46
CA ASP E 54 6.15 -28.20 47.33
C ASP E 54 4.94 -27.87 48.19
N LEU E 55 3.73 -28.02 47.64
CA LEU E 55 2.50 -27.70 48.34
C LEU E 55 2.00 -28.84 49.20
N GLY E 56 2.58 -30.03 49.10
CA GLY E 56 2.16 -31.14 49.92
C GLY E 56 0.90 -31.84 49.46
N ILE E 57 0.55 -31.75 48.18
CA ILE E 57 -0.63 -32.42 47.66
C ILE E 57 -0.21 -33.42 46.60
N ALA E 58 -0.93 -34.53 46.54
CA ALA E 58 -0.67 -35.57 45.56
C ALA E 58 -1.55 -35.36 44.33
N ILE E 59 -1.06 -35.82 43.19
CA ILE E 59 -1.85 -35.86 41.97
C ILE E 59 -2.51 -37.23 41.94
N THR E 60 -3.79 -37.26 42.31
CA THR E 60 -4.53 -38.51 42.48
C THR E 60 -5.20 -39.01 41.21
N LEU E 61 -5.25 -38.19 40.16
CA LEU E 61 -5.91 -38.62 38.93
C LEU E 61 -5.55 -37.66 37.81
N PHE E 62 -5.40 -38.21 36.60
CA PHE E 62 -5.30 -37.44 35.38
C PHE E 62 -6.54 -37.72 34.54
N GLN E 63 -7.15 -36.66 34.00
CA GLN E 63 -8.40 -36.81 33.28
C GLN E 63 -8.64 -35.60 32.37
N PRO E 64 -9.44 -35.77 31.31
CA PRO E 64 -10.08 -37.03 30.90
C PRO E 64 -9.47 -37.66 29.66
N PHE E 65 -9.82 -38.93 29.42
CA PHE E 65 -9.46 -39.65 28.21
C PHE E 65 -10.74 -40.12 27.56
N ARG E 66 -11.09 -39.52 26.43
CA ARG E 66 -12.43 -39.64 25.86
C ARG E 66 -12.47 -40.65 24.73
N ASP E 67 -13.65 -41.24 24.53
CA ASP E 67 -14.00 -42.05 23.37
C ASP E 67 -12.92 -43.03 22.95
N PHE E 68 -12.73 -44.10 23.72
CA PHE E 68 -11.78 -45.14 23.36
C PHE E 68 -12.46 -46.43 22.91
N GLU E 69 -13.20 -47.09 23.80
CA GLU E 69 -13.70 -48.43 23.50
C GLU E 69 -14.75 -48.38 22.40
N GLY E 70 -14.63 -49.29 21.44
CA GLY E 70 -15.62 -49.41 20.39
C GLY E 70 -15.46 -48.46 19.23
N CYS E 71 -14.33 -47.75 19.13
CA CYS E 71 -14.07 -46.89 17.99
C CYS E 71 -13.71 -47.73 16.77
N ARG E 72 -13.44 -47.06 15.66
CA ARG E 72 -13.14 -47.74 14.41
C ARG E 72 -11.81 -48.47 14.51
N ARG E 73 -11.73 -49.65 13.88
CA ARG E 73 -10.53 -50.48 14.01
C ARG E 73 -9.31 -49.80 13.38
N ASP E 74 -9.50 -49.02 12.32
CA ASP E 74 -8.36 -48.34 11.73
C ASP E 74 -7.90 -47.15 12.55
N ARG E 75 -8.62 -46.78 13.60
CA ARG E 75 -8.21 -45.77 14.56
C ARG E 75 -7.63 -46.37 15.83
N LEU E 76 -7.63 -47.69 15.95
CA LEU E 76 -7.24 -48.33 17.21
C LEU E 76 -5.79 -48.03 17.55
N GLN E 77 -4.89 -48.20 16.58
CA GLN E 77 -3.47 -47.93 16.84
C GLN E 77 -3.22 -46.47 17.17
N LYS E 78 -3.97 -45.56 16.55
CA LYS E 78 -3.80 -44.15 16.89
C LYS E 78 -4.36 -43.84 18.28
N ASN E 79 -5.44 -44.51 18.68
CA ASN E 79 -5.97 -44.33 20.03
C ASN E 79 -5.03 -44.92 21.07
N LEU E 80 -4.36 -46.04 20.75
CA LEU E 80 -3.36 -46.59 21.66
C LEU E 80 -2.13 -45.69 21.73
N ASP E 81 -1.72 -45.13 20.59
CA ASP E 81 -0.67 -44.13 20.58
C ASP E 81 -1.06 -42.91 21.42
N ARG E 82 -2.33 -42.53 21.35
CA ARG E 82 -2.83 -41.44 22.18
C ARG E 82 -2.75 -41.81 23.66
N ALA E 83 -3.11 -43.05 24.01
CA ALA E 83 -3.00 -43.49 25.39
C ALA E 83 -1.55 -43.48 25.87
N GLU E 84 -0.60 -43.92 25.02
CA GLU E 84 0.79 -43.97 25.43
C GLU E 84 1.35 -42.57 25.68
N ARG E 85 0.93 -41.58 24.89
CA ARG E 85 1.34 -40.21 25.16
C ARG E 85 0.83 -39.74 26.51
N LYS E 86 -0.40 -40.11 26.86
CA LYS E 86 -0.94 -39.78 28.17
C LYS E 86 -0.17 -40.52 29.27
N PHE E 87 0.19 -41.77 29.04
CA PHE E 87 1.03 -42.50 29.98
C PHE E 87 2.34 -41.75 30.24
N ASP E 88 2.99 -41.29 29.16
CA ASP E 88 4.19 -40.47 29.30
C ASP E 88 3.92 -39.25 30.16
N LEU E 89 2.76 -38.60 29.94
CA LEU E 89 2.42 -37.40 30.69
C LEU E 89 2.24 -37.70 32.17
N MSE E 90 1.57 -38.80 32.48
CA MSE E 90 1.27 -39.17 33.86
C MSE E 90 2.53 -39.49 34.65
O MSE E 90 2.63 -39.19 35.84
CB MSE E 90 0.33 -40.36 33.89
CG MSE E 90 -1.03 -40.07 33.27
SE MSE E 90 -1.97 -41.67 32.66
CE MSE E 90 -2.07 -42.61 34.37
N GLN E 91 3.51 -40.09 33.96
CA GLN E 91 4.76 -40.41 34.63
C GLN E 91 5.59 -39.16 34.90
N GLU E 92 5.45 -38.12 34.05
CA GLU E 92 6.08 -36.85 34.39
C GLU E 92 5.31 -36.13 35.49
N LEU E 93 3.99 -36.35 35.56
CA LEU E 93 3.18 -35.78 36.63
C LEU E 93 3.37 -36.52 37.96
N GLY E 94 3.78 -37.78 37.92
CA GLY E 94 3.90 -38.55 39.14
C GLY E 94 2.60 -39.17 39.60
N THR E 95 1.67 -39.42 38.68
CA THR E 95 0.40 -40.06 38.99
C THR E 95 0.30 -41.35 38.18
N ASP E 96 -0.53 -42.28 38.66
CA ASP E 96 -0.62 -43.60 38.04
C ASP E 96 -2.03 -43.95 37.61
N LEU E 97 -2.99 -43.02 37.66
CA LEU E 97 -4.38 -43.31 37.36
C LEU E 97 -4.93 -42.29 36.37
N VAL E 98 -5.61 -42.78 35.33
CA VAL E 98 -6.26 -41.95 34.34
C VAL E 98 -7.73 -42.35 34.23
N LEU E 99 -8.60 -41.35 34.12
CA LEU E 99 -10.03 -41.57 33.96
C LEU E 99 -10.37 -41.68 32.47
N VAL E 100 -11.04 -42.76 32.09
CA VAL E 100 -11.55 -42.96 30.74
C VAL E 100 -13.07 -42.91 30.82
N CYS E 101 -13.68 -41.91 30.17
CA CYS E 101 -15.13 -41.78 30.16
C CYS E 101 -15.73 -42.44 28.92
N SER E 102 -16.92 -43.02 29.10
CA SER E 102 -17.51 -43.87 28.08
C SER E 102 -17.72 -43.12 26.77
N ASN E 103 -17.68 -43.87 25.67
CA ASN E 103 -17.70 -43.29 24.33
C ASN E 103 -19.02 -42.57 24.05
N VAL E 104 -18.92 -41.42 23.40
CA VAL E 104 -20.09 -40.66 22.96
C VAL E 104 -20.14 -40.48 21.45
N GLN E 105 -19.11 -40.89 20.72
CA GLN E 105 -19.07 -40.71 19.27
C GLN E 105 -20.26 -41.40 18.60
N ALA E 106 -20.72 -40.81 17.49
CA ALA E 106 -21.88 -41.34 16.80
C ALA E 106 -21.57 -42.65 16.09
N ASP E 107 -20.36 -42.84 15.61
CA ASP E 107 -19.97 -44.06 14.92
C ASP E 107 -19.34 -45.10 15.85
N ALA E 108 -19.57 -45.00 17.17
CA ALA E 108 -18.99 -45.96 18.10
C ALA E 108 -19.84 -47.23 18.18
N LEU E 109 -19.16 -48.36 18.22
CA LEU E 109 -19.81 -49.66 18.30
C LEU E 109 -20.15 -50.04 19.73
N GLY E 110 -21.26 -50.76 19.90
CA GLY E 110 -21.73 -51.19 21.20
C GLY E 110 -21.62 -52.66 21.47
N ASP E 111 -20.94 -53.43 20.63
CA ASP E 111 -20.79 -54.86 20.83
C ASP E 111 -20.13 -55.14 22.18
N GLU E 112 -20.82 -55.91 23.03
CA GLU E 112 -20.36 -56.10 24.40
C GLU E 112 -18.97 -56.71 24.44
N GLN E 113 -18.75 -57.80 23.72
CA GLN E 113 -17.44 -58.46 23.77
C GLN E 113 -16.35 -57.56 23.21
N LEU E 114 -16.68 -56.72 22.23
CA LEU E 114 -15.70 -55.77 21.70
C LEU E 114 -15.34 -54.71 22.72
N LEU E 115 -16.32 -54.22 23.48
CA LEU E 115 -16.02 -53.27 24.55
C LEU E 115 -15.14 -53.91 25.62
N VAL E 116 -15.44 -55.16 25.99
CA VAL E 116 -14.59 -55.88 26.94
C VAL E 116 -13.16 -56.00 26.41
N ASP E 117 -13.01 -56.40 25.15
CA ASP E 117 -11.68 -56.58 24.58
C ASP E 117 -10.92 -55.27 24.53
N ASP E 118 -11.57 -54.19 24.07
CA ASP E 118 -10.91 -52.89 24.01
C ASP E 118 -10.50 -52.40 25.40
N LEU E 119 -11.41 -52.50 26.36
CA LEU E 119 -11.10 -52.02 27.70
C LEU E 119 -10.00 -52.84 28.35
N ARG E 120 -9.98 -54.16 28.13
CA ARG E 120 -8.88 -54.94 28.68
C ARG E 120 -7.58 -54.64 27.95
N LEU E 121 -7.65 -54.40 26.63
CA LEU E 121 -6.45 -54.04 25.89
C LEU E 121 -5.84 -52.76 26.43
N LEU E 122 -6.67 -51.76 26.74
CA LEU E 122 -6.15 -50.53 27.32
C LEU E 122 -5.55 -50.79 28.70
N GLY E 123 -6.19 -51.66 29.49
CA GLY E 123 -5.63 -52.04 30.77
C GLY E 123 -4.28 -52.73 30.64
N GLU E 124 -4.14 -53.57 29.60
CA GLU E 124 -2.87 -54.25 29.37
C GLU E 124 -1.74 -53.26 29.08
N HIS E 125 -2.01 -52.25 28.24
CA HIS E 125 -1.00 -51.23 27.98
C HIS E 125 -0.64 -50.47 29.25
N ALA E 126 -1.65 -50.12 30.05
CA ALA E 126 -1.38 -49.44 31.32
C ALA E 126 -0.67 -50.37 32.30
N GLY E 127 -1.12 -51.62 32.39
CA GLY E 127 -0.47 -52.57 33.29
C GLY E 127 0.99 -52.77 32.95
N LYS E 128 1.32 -52.82 31.67
CA LYS E 128 2.72 -52.99 31.26
C LYS E 128 3.59 -51.87 31.82
N ARG E 129 3.10 -50.64 31.80
CA ARG E 129 3.87 -49.49 32.27
C ARG E 129 3.66 -49.20 33.75
N GLY E 130 2.89 -50.01 34.46
CA GLY E 130 2.66 -49.77 35.88
C GLY E 130 1.64 -48.70 36.19
N LEU E 131 0.64 -48.53 35.33
CA LEU E 131 -0.37 -47.49 35.48
C LEU E 131 -1.74 -48.16 35.52
N ARG E 132 -2.77 -47.38 35.83
CA ARG E 132 -4.12 -47.92 36.00
C ARG E 132 -5.13 -47.12 35.20
N ILE E 133 -6.17 -47.84 34.74
CA ILE E 133 -7.27 -47.26 33.97
C ILE E 133 -8.51 -47.26 34.86
N GLY E 134 -9.14 -46.09 34.98
CA GLY E 134 -10.43 -45.98 35.63
C GLY E 134 -11.55 -45.65 34.67
N TYR E 135 -12.54 -46.54 34.55
CA TYR E 135 -13.60 -46.44 33.56
C TYR E 135 -14.82 -45.78 34.19
N GLU E 136 -15.25 -44.65 33.62
CA GLU E 136 -16.39 -43.88 34.12
C GLU E 136 -17.46 -43.81 33.04
N ALA E 137 -18.71 -44.08 33.42
CA ALA E 137 -19.83 -43.93 32.51
C ALA E 137 -20.35 -42.50 32.55
N LEU E 138 -20.39 -41.85 31.40
CA LEU E 138 -21.12 -40.60 31.28
C LEU E 138 -22.60 -40.91 31.20
N ALA E 139 -23.42 -40.10 31.88
CA ALA E 139 -24.86 -40.33 31.87
C ALA E 139 -25.44 -40.27 30.46
N TRP E 140 -24.72 -39.66 29.51
CA TRP E 140 -25.15 -39.59 28.12
C TRP E 140 -24.28 -40.45 27.20
N GLY E 141 -23.60 -41.44 27.75
CA GLY E 141 -22.81 -42.33 26.91
C GLY E 141 -23.70 -43.02 25.89
N ARG E 142 -23.16 -43.21 24.68
CA ARG E 142 -23.99 -43.77 23.62
C ARG E 142 -24.35 -45.23 23.91
N HIS E 143 -23.39 -46.02 24.40
CA HIS E 143 -23.62 -47.42 24.68
C HIS E 143 -23.46 -47.80 26.15
N VAL E 144 -22.64 -47.06 26.90
CA VAL E 144 -22.40 -47.32 28.31
C VAL E 144 -22.73 -46.05 29.08
N ASN E 145 -23.79 -46.09 29.90
CA ASN E 145 -24.16 -44.88 30.62
C ASN E 145 -24.55 -45.14 32.08
N THR E 146 -24.26 -46.31 32.62
CA THR E 146 -24.54 -46.59 34.03
C THR E 146 -23.34 -47.29 34.65
N TYR E 147 -23.24 -47.19 35.98
CA TYR E 147 -22.16 -47.87 36.68
C TYR E 147 -22.32 -49.38 36.62
N GLN E 148 -23.56 -49.87 36.54
CA GLN E 148 -23.76 -51.30 36.39
C GLN E 148 -23.14 -51.81 35.09
N GLN E 149 -23.32 -51.08 33.99
CA GLN E 149 -22.68 -51.46 32.73
C GLN E 149 -21.17 -51.37 32.84
N VAL E 150 -20.66 -50.35 33.54
CA VAL E 150 -19.22 -50.22 33.73
C VAL E 150 -18.67 -51.44 34.46
N TRP E 151 -19.29 -51.79 35.59
CA TRP E 151 -18.82 -52.94 36.35
C TRP E 151 -18.96 -54.23 35.57
N ASN E 152 -20.03 -54.35 34.77
CA ASN E 152 -20.21 -55.53 33.92
C ASN E 152 -19.03 -55.71 32.98
N LEU E 153 -18.59 -54.63 32.33
CA LEU E 153 -17.48 -54.72 31.39
C LEU E 153 -16.15 -54.88 32.12
N VAL E 154 -15.95 -54.15 33.22
CA VAL E 154 -14.69 -54.23 33.95
C VAL E 154 -14.51 -55.62 34.55
N ARG E 155 -15.60 -56.20 35.08
CA ARG E 155 -15.53 -57.54 35.64
C ARG E 155 -15.15 -58.57 34.58
N GLN E 156 -15.80 -58.50 33.41
CA GLN E 156 -15.49 -59.44 32.34
C GLN E 156 -14.08 -59.22 31.80
N ALA E 157 -13.63 -57.97 31.74
CA ALA E 157 -12.28 -57.69 31.25
C ALA E 157 -11.24 -58.30 32.18
N ASP E 158 -11.51 -58.27 33.49
CA ASP E 158 -10.75 -59.04 34.48
C ASP E 158 -9.25 -58.73 34.41
N HIS E 159 -8.92 -57.46 34.61
CA HIS E 159 -7.53 -57.02 34.61
C HIS E 159 -7.30 -56.14 35.82
N PRO E 160 -6.22 -56.37 36.59
CA PRO E 160 -6.00 -55.60 37.81
C PRO E 160 -5.71 -54.12 37.57
N ALA E 161 -5.29 -53.74 36.36
CA ALA E 161 -5.00 -52.36 36.06
C ALA E 161 -6.21 -51.61 35.52
N LEU E 162 -7.37 -52.26 35.47
CA LEU E 162 -8.59 -51.66 34.94
C LEU E 162 -9.66 -51.74 36.02
N GLY E 163 -10.18 -50.58 36.42
CA GLY E 163 -11.13 -50.50 37.52
C GLY E 163 -12.29 -49.59 37.21
N VAL E 164 -13.14 -49.39 38.22
CA VAL E 164 -14.37 -48.62 38.12
C VAL E 164 -14.15 -47.25 38.74
N ILE E 165 -14.66 -46.21 38.09
CA ILE E 165 -14.74 -44.87 38.65
C ILE E 165 -16.20 -44.47 38.76
N LEU E 166 -16.60 -44.00 39.94
CA LEU E 166 -17.98 -43.62 40.20
C LEU E 166 -18.11 -42.11 40.30
N ASP E 167 -19.17 -41.58 39.70
CA ASP E 167 -19.45 -40.15 39.65
C ASP E 167 -20.89 -39.98 40.09
N SER E 168 -21.09 -39.31 41.23
CA SER E 168 -22.44 -39.25 41.82
C SER E 168 -23.44 -38.59 40.89
N PHE E 169 -23.02 -37.59 40.12
CA PHE E 169 -23.98 -36.93 39.24
C PHE E 169 -24.45 -37.86 38.13
N HIS E 170 -23.52 -38.57 37.48
CA HIS E 170 -23.89 -39.42 36.37
C HIS E 170 -24.87 -40.52 36.80
N THR E 171 -24.76 -40.99 38.04
CA THR E 171 -25.67 -42.02 38.52
C THR E 171 -27.01 -41.42 38.95
N LEU E 172 -26.96 -40.38 39.77
CA LEU E 172 -28.19 -39.84 40.35
C LEU E 172 -29.00 -38.99 39.38
N SER E 173 -28.37 -38.43 38.35
CA SER E 173 -29.14 -37.68 37.37
C SER E 173 -30.07 -38.59 36.57
N LEU E 174 -29.69 -39.85 36.38
CA LEU E 174 -30.55 -40.83 35.76
C LEU E 174 -31.45 -41.53 36.77
N LYS E 175 -31.50 -41.04 38.01
CA LYS E 175 -32.23 -41.68 39.10
C LYS E 175 -31.75 -43.11 39.33
N GLY E 176 -30.47 -43.36 39.09
CA GLY E 176 -29.93 -44.70 39.29
C GLY E 176 -29.90 -45.08 40.75
N ASP E 177 -30.00 -46.39 41.00
CA ASP E 177 -29.99 -46.92 42.35
C ASP E 177 -28.56 -47.29 42.71
N PRO E 178 -27.93 -46.60 43.67
CA PRO E 178 -26.54 -46.93 44.03
C PRO E 178 -26.39 -48.17 44.87
N SER E 179 -27.48 -48.87 45.20
CA SER E 179 -27.41 -49.94 46.17
C SER E 179 -26.53 -51.09 45.68
N ALA E 180 -26.59 -51.42 44.39
CA ALA E 180 -25.81 -52.54 43.87
C ALA E 180 -24.30 -52.27 43.89
N ILE E 181 -23.87 -51.05 44.23
CA ILE E 181 -22.44 -50.79 44.35
C ILE E 181 -21.82 -51.66 45.45
N ARG E 182 -22.58 -51.97 46.50
CA ARG E 182 -22.04 -52.73 47.62
C ARG E 182 -21.55 -54.11 47.20
N ASP E 183 -22.04 -54.64 46.08
CA ASP E 183 -21.60 -55.94 45.59
C ASP E 183 -20.33 -55.86 44.74
N ILE E 184 -19.82 -54.66 44.49
CA ILE E 184 -18.56 -54.51 43.74
C ILE E 184 -17.40 -54.66 44.72
N PRO E 185 -16.40 -55.48 44.42
CA PRO E 185 -15.23 -55.57 45.30
C PRO E 185 -14.58 -54.21 45.50
N GLY E 186 -14.29 -53.90 46.76
CA GLY E 186 -13.76 -52.59 47.10
C GLY E 186 -12.52 -52.20 46.31
N ASP E 187 -11.65 -53.17 46.02
CA ASP E 187 -10.40 -52.85 45.34
C ASP E 187 -10.58 -52.68 43.83
N LYS E 188 -11.75 -52.97 43.29
CA LYS E 188 -12.05 -52.73 41.88
C LYS E 188 -12.62 -51.33 41.64
N ILE E 189 -12.92 -50.58 42.69
CA ILE E 189 -13.30 -49.17 42.57
C ILE E 189 -12.02 -48.34 42.70
N PHE E 190 -11.68 -47.58 41.66
CA PHE E 190 -10.43 -46.84 41.65
C PHE E 190 -10.56 -45.38 42.09
N PHE E 191 -11.75 -44.80 41.99
CA PHE E 191 -11.89 -43.36 42.23
C PHE E 191 -13.37 -43.02 42.39
N VAL E 192 -13.63 -42.00 43.22
CA VAL E 192 -14.99 -41.55 43.50
C VAL E 192 -15.05 -40.03 43.32
N GLN E 193 -15.94 -39.57 42.45
CA GLN E 193 -16.18 -38.14 42.25
C GLN E 193 -17.55 -37.79 42.82
N MSE E 194 -17.58 -36.87 43.78
CA MSE E 194 -18.84 -36.39 44.33
C MSE E 194 -19.25 -35.08 43.67
O MSE E 194 -18.44 -34.16 43.56
CB MSE E 194 -18.73 -36.19 45.84
CG MSE E 194 -18.35 -37.44 46.62
SE MSE E 194 -19.58 -38.93 46.31
CE MSE E 194 -21.24 -38.13 46.95
N ALA E 195 -20.50 -35.01 43.22
CA ALA E 195 -21.01 -33.81 42.57
C ALA E 195 -22.50 -33.73 42.84
N ASP E 196 -22.93 -32.63 43.41
CA ASP E 196 -24.35 -32.39 43.68
C ASP E 196 -24.93 -31.52 42.57
N ALA E 197 -26.25 -31.40 42.57
CA ALA E 197 -26.97 -30.61 41.59
C ALA E 197 -28.43 -30.45 41.99
N PRO E 198 -29.09 -29.38 41.58
CA PRO E 198 -30.55 -29.33 41.71
C PRO E 198 -31.20 -30.33 40.76
N ILE E 199 -32.35 -30.84 41.17
CA ILE E 199 -33.09 -31.78 40.33
C ILE E 199 -33.81 -30.98 39.25
N LEU E 200 -33.44 -31.19 37.99
CA LEU E 200 -33.99 -30.45 36.87
C LEU E 200 -34.43 -31.41 35.78
N ALA E 201 -35.57 -31.09 35.16
CA ALA E 201 -36.07 -31.85 34.01
C ALA E 201 -35.45 -31.30 32.73
N MSE E 202 -34.14 -31.53 32.59
CA MSE E 202 -33.44 -31.10 31.37
C MSE E 202 -32.43 -32.13 30.89
O MSE E 202 -32.12 -33.09 31.58
CB MSE E 202 -32.75 -29.75 31.60
CG MSE E 202 -31.50 -29.80 32.47
SE MSE E 202 -30.54 -28.09 32.50
CE MSE E 202 -31.96 -26.96 33.25
N ASP E 203 -31.96 -31.92 29.66
CA ASP E 203 -30.97 -32.79 29.04
C ASP E 203 -29.78 -32.98 29.97
N VAL E 204 -29.43 -34.25 30.24
CA VAL E 204 -28.49 -34.55 31.31
C VAL E 204 -27.11 -33.94 31.03
N LEU E 205 -26.73 -33.83 29.75
CA LEU E 205 -25.42 -33.26 29.45
C LEU E 205 -25.39 -31.78 29.81
N GLU E 206 -26.44 -31.05 29.46
CA GLU E 206 -26.53 -29.65 29.82
C GLU E 206 -26.73 -29.47 31.32
N TRP E 207 -27.48 -30.39 31.92
CA TRP E 207 -27.64 -30.42 33.37
C TRP E 207 -26.29 -30.58 34.06
N SER E 208 -25.44 -31.46 33.54
CA SER E 208 -24.11 -31.66 34.13
C SER E 208 -23.19 -30.49 33.86
N ARG E 209 -23.33 -29.86 32.70
CA ARG E 209 -22.43 -28.79 32.29
C ARG E 209 -22.56 -27.55 33.17
N HIS E 210 -23.78 -27.20 33.55
CA HIS E 210 -24.03 -25.89 34.15
C HIS E 210 -24.45 -25.91 35.61
N PHE E 211 -24.98 -27.01 36.12
CA PHE E 211 -25.62 -26.98 37.43
C PHE E 211 -24.97 -27.87 38.48
N ARG E 212 -23.81 -28.45 38.20
CA ARG E 212 -23.12 -29.19 39.25
C ARG E 212 -22.69 -28.24 40.35
N CYS E 213 -22.77 -28.72 41.59
CA CYS E 213 -22.33 -27.94 42.73
C CYS E 213 -21.80 -28.91 43.80
N PHE E 214 -21.30 -28.35 44.89
CA PHE E 214 -20.69 -29.16 45.92
C PHE E 214 -21.74 -29.88 46.76
N PRO E 215 -21.41 -31.05 47.30
CA PRO E 215 -22.35 -31.80 48.14
C PRO E 215 -22.98 -30.93 49.22
N GLY E 216 -24.32 -30.95 49.26
CA GLY E 216 -25.08 -30.13 50.18
C GLY E 216 -25.67 -28.88 49.56
N GLN E 217 -25.13 -28.44 48.43
CA GLN E 217 -25.65 -27.27 47.73
C GLN E 217 -26.74 -27.60 46.73
N GLY E 218 -26.94 -28.88 46.41
CA GLY E 218 -27.98 -29.29 45.48
C GLY E 218 -29.09 -30.06 46.17
N GLU E 219 -29.73 -30.98 45.45
CA GLU E 219 -30.87 -31.72 45.97
C GLU E 219 -30.71 -33.23 45.88
N MSE E 220 -29.53 -33.72 45.51
CA MSE E 220 -29.32 -35.15 45.37
C MSE E 220 -28.94 -35.80 46.69
O MSE E 220 -28.48 -35.12 47.62
CB MSE E 220 -28.26 -35.42 44.30
CG MSE E 220 -28.64 -34.96 42.92
SE MSE E 220 -27.22 -35.22 41.61
CE MSE E 220 -28.29 -35.06 39.98
N ASP E 221 -29.12 -37.12 46.78
CA ASP E 221 -28.84 -37.87 48.00
C ASP E 221 -27.36 -38.28 47.98
N MSE E 222 -26.52 -37.36 48.45
CA MSE E 222 -25.08 -37.57 48.45
C MSE E 222 -24.64 -38.68 49.41
O MSE E 222 -23.87 -39.56 49.04
CB MSE E 222 -24.36 -36.27 48.81
CG MSE E 222 -24.63 -35.10 47.87
SE MSE E 222 -23.68 -35.18 46.16
CE MSE E 222 -24.88 -36.38 45.17
N ALA E 223 -25.17 -38.64 50.63
CA ALA E 223 -24.81 -39.66 51.61
C ALA E 223 -25.30 -41.04 51.18
N GLY E 224 -26.46 -41.11 50.52
CA GLY E 224 -26.96 -42.38 50.02
C GLY E 224 -26.15 -42.96 48.88
N PHE E 225 -25.29 -42.16 48.26
CA PHE E 225 -24.39 -42.63 47.22
C PHE E 225 -23.05 -43.11 47.78
N LEU E 226 -22.52 -42.39 48.78
CA LEU E 226 -21.24 -42.75 49.36
C LEU E 226 -21.34 -43.97 50.28
N ALA E 227 -22.49 -44.14 50.94
CA ALA E 227 -22.64 -45.27 51.87
C ALA E 227 -22.45 -46.63 51.20
N PRO E 228 -23.10 -46.95 50.07
CA PRO E 228 -22.81 -48.24 49.44
C PRO E 228 -21.38 -48.38 48.98
N ILE E 229 -20.73 -47.28 48.59
CA ILE E 229 -19.32 -47.34 48.20
C ILE E 229 -18.47 -47.80 49.38
N LEU E 230 -18.69 -47.17 50.55
CA LEU E 230 -17.88 -47.50 51.71
C LEU E 230 -18.19 -48.90 52.23
N ALA E 231 -19.40 -49.42 51.95
CA ALA E 231 -19.74 -50.78 52.36
C ALA E 231 -18.87 -51.82 51.65
N THR E 232 -18.30 -51.48 50.49
CA THR E 232 -17.43 -52.41 49.78
C THR E 232 -16.06 -52.54 50.41
N GLY E 233 -15.71 -51.68 51.36
CA GLY E 233 -14.36 -51.62 51.88
C GLY E 233 -13.49 -50.57 51.24
N TYR E 234 -13.98 -49.94 50.16
CA TYR E 234 -13.24 -48.89 49.48
C TYR E 234 -12.84 -47.79 50.45
N ARG E 235 -11.54 -47.48 50.48
CA ARG E 235 -11.02 -46.37 51.26
C ARG E 235 -10.12 -45.48 50.42
N GLY E 236 -10.30 -45.48 49.10
CA GLY E 236 -9.49 -44.69 48.21
C GLY E 236 -9.87 -43.23 48.21
N PRO E 237 -9.42 -42.49 47.20
CA PRO E 237 -9.65 -41.04 47.18
C PRO E 237 -11.12 -40.68 47.10
N LEU E 238 -11.50 -39.62 47.80
CA LEU E 238 -12.83 -39.05 47.75
C LEU E 238 -12.71 -37.64 47.19
N SER E 239 -13.31 -37.40 46.01
CA SER E 239 -13.01 -36.21 45.23
C SER E 239 -14.28 -35.46 44.85
N LEU E 240 -14.08 -34.30 44.20
CA LEU E 240 -15.13 -33.39 43.80
C LEU E 240 -14.93 -33.01 42.34
N GLU E 241 -16.01 -33.04 41.56
CA GLU E 241 -15.93 -32.63 40.16
C GLU E 241 -17.15 -31.78 39.79
N ILE E 242 -16.97 -30.47 39.75
CA ILE E 242 -17.93 -29.54 39.18
C ILE E 242 -17.25 -28.82 38.03
N PHE E 243 -18.05 -28.31 37.10
CA PHE E 243 -17.54 -27.66 35.90
C PHE E 243 -17.79 -26.16 36.02
N ASN E 244 -16.74 -25.42 36.36
CA ASN E 244 -16.78 -23.97 36.34
C ASN E 244 -16.15 -23.51 35.03
N ASP E 245 -16.98 -23.37 33.98
CA ASP E 245 -16.51 -23.13 32.63
C ASP E 245 -15.86 -21.75 32.53
N GLY E 246 -15.63 -21.32 31.28
CA GLY E 246 -14.81 -20.13 31.06
C GLY E 246 -15.37 -18.86 31.67
N PHE E 247 -16.68 -18.73 31.73
CA PHE E 247 -17.32 -17.50 32.17
C PHE E 247 -17.64 -17.53 33.66
N ALA E 249 -15.63 -16.93 36.48
CA ALA E 249 -15.01 -15.93 37.33
C ALA E 249 -15.26 -16.15 38.80
N ALA E 250 -15.26 -17.43 39.19
CA ALA E 250 -15.54 -17.81 40.56
C ALA E 250 -14.30 -17.61 41.44
N PRO E 251 -14.47 -17.21 42.70
CA PRO E 251 -13.31 -17.01 43.58
C PRO E 251 -12.61 -18.33 43.86
N THR E 252 -11.35 -18.43 43.40
CA THR E 252 -10.60 -19.68 43.47
C THR E 252 -10.49 -20.19 44.91
N ARG E 253 -10.04 -19.32 45.82
CA ARG E 253 -9.76 -19.76 47.19
C ARG E 253 -11.04 -20.10 47.93
N GLN E 254 -12.10 -19.30 47.79
CA GLN E 254 -13.33 -19.56 48.51
C GLN E 254 -14.04 -20.79 47.95
N ASN E 255 -13.99 -20.99 46.63
CA ASN E 255 -14.53 -22.22 46.06
C ASN E 255 -13.81 -23.45 46.60
N ALA E 256 -12.48 -23.38 46.69
CA ALA E 256 -11.72 -24.50 47.23
C ALA E 256 -12.09 -24.76 48.68
N ALA E 257 -12.26 -23.69 49.47
CA ALA E 257 -12.65 -23.85 50.87
C ALA E 257 -14.03 -24.47 50.99
N ASP E 258 -14.99 -24.00 50.18
CA ASP E 258 -16.32 -24.60 50.19
C ASP E 258 -16.26 -26.07 49.80
N GLY E 259 -15.43 -26.41 48.82
CA GLY E 259 -15.30 -27.79 48.40
C GLY E 259 -14.86 -28.71 49.54
N LEU E 260 -13.79 -28.33 50.25
CA LEU E 260 -13.34 -29.13 51.38
C LEU E 260 -14.41 -29.19 52.46
N ARG E 261 -15.03 -28.05 52.77
CA ARG E 261 -16.12 -28.02 53.74
C ARG E 261 -17.24 -28.97 53.36
N SER E 262 -17.58 -29.04 52.07
CA SER E 262 -18.65 -29.94 51.64
C SER E 262 -18.26 -31.40 51.81
N LEU E 263 -16.97 -31.73 51.65
CA LEU E 263 -16.55 -33.11 51.86
C LEU E 263 -16.60 -33.50 53.34
N LEU E 264 -16.19 -32.59 54.22
CA LEU E 264 -16.32 -32.85 55.66
C LEU E 264 -17.78 -33.06 56.04
N TYR E 265 -18.67 -32.21 55.52
CA TYR E 265 -20.09 -32.34 55.81
C TYR E 265 -20.64 -33.63 55.20
N LEU E 266 -20.21 -33.97 53.98
CA LEU E 266 -20.63 -35.22 53.37
C LEU E 266 -20.18 -36.42 54.20
N GLU E 267 -18.94 -36.38 54.71
CA GLU E 267 -18.44 -37.51 55.51
C GLU E 267 -19.27 -37.72 56.76
N GLU E 268 -19.64 -36.62 57.44
CA GLU E 268 -20.46 -36.75 58.64
C GLU E 268 -21.82 -37.33 58.33
N GLN E 269 -22.49 -36.80 57.29
CA GLN E 269 -23.81 -37.29 56.93
C GLN E 269 -23.78 -38.73 56.46
N THR E 270 -22.69 -39.14 55.79
CA THR E 270 -22.58 -40.53 55.37
C THR E 270 -22.37 -41.44 56.58
N ARG E 271 -21.59 -40.99 57.56
CA ARG E 271 -21.43 -41.77 58.78
C ARG E 271 -22.77 -41.96 59.48
N LEU E 272 -23.55 -40.88 59.61
CA LEU E 272 -24.86 -40.99 60.25
C LEU E 272 -25.77 -41.93 59.49
N ARG E 273 -25.70 -41.91 58.16
CA ARG E 273 -26.52 -42.81 57.36
C ARG E 273 -26.14 -44.27 57.60
N LEU E 274 -24.83 -44.55 57.68
CA LEU E 274 -24.40 -45.92 57.95
C LEU E 274 -24.79 -46.36 59.36
N GLU E 275 -24.69 -45.45 60.34
CA GLU E 275 -25.14 -45.79 61.69
C GLU E 275 -26.62 -46.10 61.72
N GLN E 276 -27.42 -45.39 60.92
CA GLN E 276 -28.86 -45.61 60.92
C GLN E 276 -29.26 -46.87 60.16
N GLU E 277 -28.38 -47.38 59.30
CA GLU E 277 -28.63 -48.62 58.59
C GLU E 277 -27.94 -49.81 59.25
N ASN E 278 -27.50 -49.62 60.50
CA ASN E 278 -26.80 -50.65 61.28
C ASN E 278 -25.66 -51.29 60.49
N THR E 279 -24.90 -50.45 59.78
CA THR E 279 -23.66 -50.89 59.11
C THR E 279 -22.59 -49.83 59.36
N PRO E 280 -22.22 -49.61 60.62
CA PRO E 280 -21.27 -48.54 60.93
C PRO E 280 -19.90 -48.83 60.33
N ILE E 281 -19.08 -47.78 60.32
CA ILE E 281 -17.77 -47.82 59.70
C ILE E 281 -16.72 -47.78 60.82
N GLU E 282 -15.52 -48.26 60.52
CA GLU E 282 -14.47 -48.22 61.51
C GLU E 282 -14.17 -46.77 61.86
N PRO E 283 -13.90 -46.48 63.13
CA PRO E 283 -13.68 -45.08 63.53
C PRO E 283 -12.45 -44.49 62.86
N GLY E 284 -12.43 -43.16 62.78
CA GLY E 284 -11.29 -42.45 62.26
C GLY E 284 -11.28 -42.24 60.76
N VAL E 285 -12.28 -42.73 60.03
CA VAL E 285 -12.32 -42.56 58.58
C VAL E 285 -13.13 -41.32 58.25
N LEU E 286 -14.37 -41.27 58.72
CA LEU E 286 -15.28 -40.19 58.36
C LEU E 286 -15.25 -39.09 59.42
N PHE E 287 -15.17 -37.85 58.95
CA PHE E 287 -15.20 -36.66 59.80
C PHE E 287 -16.29 -36.79 60.85
N SER E 288 -15.92 -36.53 62.11
CA SER E 288 -16.81 -36.70 63.26
C SER E 288 -16.78 -35.44 64.11
N PRO E 289 -17.42 -34.37 63.66
CA PRO E 289 -17.39 -33.11 64.41
C PRO E 289 -18.40 -33.15 65.54
N PRO E 290 -18.36 -32.19 66.46
CA PRO E 290 -19.39 -32.12 67.50
C PRO E 290 -20.75 -31.93 66.87
N PRO E 291 -21.77 -32.66 67.34
CA PRO E 291 -23.13 -32.41 66.85
C PRO E 291 -23.55 -30.98 67.15
N ALA E 292 -24.43 -30.46 66.31
CA ALA E 292 -24.90 -29.09 66.47
C ALA E 292 -25.70 -28.95 67.76
N SER E 293 -25.59 -27.77 68.37
CA SER E 293 -26.40 -27.44 69.52
C SER E 293 -27.87 -27.36 69.14
N ALA E 294 -28.74 -27.63 70.11
CA ALA E 294 -30.16 -27.34 69.94
C ALA E 294 -30.39 -25.84 70.04
N TYR E 295 -31.42 -25.35 69.36
CA TYR E 295 -31.72 -23.93 69.31
C TYR E 295 -33.08 -23.64 69.92
N ASP E 296 -33.23 -22.41 70.42
CA ASP E 296 -34.49 -21.90 70.92
C ASP E 296 -34.78 -20.53 70.30
N GLY E 297 -34.71 -20.46 68.98
CA GLY E 297 -35.04 -19.25 68.27
C GLY E 297 -33.97 -18.17 68.38
N VAL E 298 -34.37 -16.95 68.04
CA VAL E 298 -33.47 -15.80 67.98
C VAL E 298 -33.44 -15.12 69.35
N GLU E 299 -32.24 -14.89 69.87
CA GLU E 299 -32.12 -14.14 71.12
C GLU E 299 -32.36 -12.65 70.89
N PHE E 300 -31.65 -12.05 69.94
CA PHE E 300 -31.95 -10.67 69.55
C PHE E 300 -31.43 -10.40 68.15
N LEU E 301 -31.98 -9.35 67.54
CA LEU E 301 -31.49 -8.81 66.29
C LEU E 301 -30.71 -7.53 66.55
N GLU E 302 -29.57 -7.38 65.89
CA GLU E 302 -28.74 -6.19 66.02
C GLU E 302 -28.73 -5.46 64.67
N PHE E 303 -29.23 -4.23 64.67
CA PHE E 303 -29.27 -3.42 63.47
C PHE E 303 -28.21 -2.34 63.54
N ALA E 304 -27.53 -2.11 62.42
CA ALA E 304 -26.52 -1.07 62.29
C ALA E 304 -27.18 0.17 61.72
N VAL E 305 -27.15 1.27 62.46
CA VAL E 305 -27.86 2.50 62.11
C VAL E 305 -27.03 3.69 62.60
N ASP E 306 -27.39 4.88 62.13
CA ASP E 306 -26.93 6.11 62.76
C ASP E 306 -28.07 6.66 63.61
N GLU E 307 -27.82 7.80 64.27
CA GLU E 307 -28.80 8.32 65.20
C GLU E 307 -30.08 8.75 64.49
N ALA E 308 -29.99 9.14 63.22
CA ALA E 308 -31.16 9.59 62.49
C ALA E 308 -32.01 8.41 62.02
N VAL E 309 -31.42 7.49 61.26
CA VAL E 309 -32.18 6.34 60.77
C VAL E 309 -32.57 5.43 61.91
N GLY E 310 -31.76 5.37 62.97
CA GLY E 310 -32.09 4.54 64.11
C GLY E 310 -33.34 5.04 64.83
N ALA E 311 -33.51 6.36 64.93
CA ALA E 311 -34.71 6.91 65.54
C ALA E 311 -35.94 6.60 64.71
N ARG E 312 -35.83 6.70 63.39
CA ARG E 312 -36.97 6.38 62.54
C ARG E 312 -37.29 4.88 62.58
N LEU E 313 -36.26 4.03 62.64
CA LEU E 313 -36.51 2.60 62.75
C LEU E 313 -37.16 2.26 64.08
N GLY E 314 -36.75 2.93 65.15
CA GLY E 314 -37.42 2.74 66.43
C GLY E 314 -38.89 3.15 66.37
N ASN E 315 -39.19 4.19 65.60
CA ASN E 315 -40.58 4.61 65.41
C ASN E 315 -41.39 3.53 64.72
N TRP E 316 -40.85 2.96 63.64
CA TRP E 316 -41.50 1.83 62.97
C TRP E 316 -41.81 0.71 63.96
N LEU E 317 -40.84 0.39 64.81
CA LEU E 317 -41.01 -0.73 65.73
C LEU E 317 -41.96 -0.38 66.87
N LYS E 318 -41.97 0.88 67.30
CA LYS E 318 -42.98 1.32 68.27
C LYS E 318 -44.39 1.07 67.72
N ARG E 319 -44.65 1.55 66.50
CA ARG E 319 -45.96 1.31 65.89
C ARG E 319 -46.25 -0.17 65.72
N LEU E 320 -45.21 -0.98 65.50
CA LEU E 320 -45.38 -2.43 65.43
C LEU E 320 -45.54 -3.06 66.80
N GLY E 321 -45.60 -2.26 67.86
CA GLY E 321 -45.91 -2.74 69.19
C GLY E 321 -44.75 -2.88 70.14
N PHE E 322 -43.54 -2.49 69.75
CA PHE E 322 -42.38 -2.67 70.59
C PHE E 322 -42.26 -1.54 71.63
N ALA E 323 -41.80 -1.90 72.81
CA ALA E 323 -41.55 -0.96 73.89
C ALA E 323 -40.07 -0.60 73.98
N GLU E 324 -39.78 0.65 74.32
CA GLU E 324 -38.42 1.08 74.61
C GLU E 324 -37.98 0.47 75.94
N ALA E 325 -37.24 -0.64 75.87
CA ALA E 325 -36.86 -1.35 77.09
C ALA E 325 -35.68 -0.71 77.81
N GLY E 326 -35.02 0.27 77.22
CA GLY E 326 -33.90 0.92 77.87
C GLY E 326 -32.71 1.18 76.96
N LYS E 327 -31.79 2.02 77.43
CA LYS E 327 -30.61 2.40 76.67
C LYS E 327 -29.37 1.77 77.27
N HIS E 328 -28.37 1.50 76.42
CA HIS E 328 -27.07 1.03 76.88
C HIS E 328 -26.47 2.02 77.86
N ARG E 329 -25.68 1.50 78.80
CA ARG E 329 -25.15 2.34 79.87
C ARG E 329 -24.11 3.33 79.37
N SER E 330 -23.37 2.99 78.32
CA SER E 330 -22.29 3.86 77.87
C SER E 330 -22.33 4.13 76.37
N LYS E 331 -22.93 3.24 75.60
CA LYS E 331 -22.95 3.37 74.15
C LYS E 331 -24.31 3.85 73.66
N GLU E 332 -24.33 4.33 72.42
CA GLU E 332 -25.57 4.79 71.77
C GLU E 332 -26.30 3.60 71.17
N VAL E 333 -26.85 2.78 72.07
CA VAL E 333 -27.49 1.52 71.69
C VAL E 333 -28.85 1.45 72.39
N GLN E 334 -29.90 1.25 71.61
CA GLN E 334 -31.27 1.20 72.11
C GLN E 334 -31.81 -0.23 72.03
N LEU E 335 -32.52 -0.64 73.08
CA LEU E 335 -33.13 -1.96 73.14
C LEU E 335 -34.64 -1.84 73.04
N LEU E 336 -35.24 -2.61 72.15
CA LEU E 336 -36.69 -2.67 72.00
C LEU E 336 -37.17 -4.11 72.14
N ARG E 337 -38.37 -4.25 72.69
CA ARG E 337 -38.86 -5.54 73.14
C ARG E 337 -40.36 -5.69 72.89
N GLN E 338 -40.77 -6.90 72.53
CA GLN E 338 -42.18 -7.25 72.45
C GLN E 338 -42.29 -8.76 72.48
N GLY E 339 -43.01 -9.30 73.47
CA GLY E 339 -43.11 -10.73 73.61
C GLY E 339 -41.73 -11.31 73.88
N ASP E 340 -41.33 -12.25 73.01
CA ASP E 340 -40.01 -12.86 73.07
C ASP E 340 -39.07 -12.26 72.02
N ILE E 341 -39.46 -11.14 71.41
CA ILE E 341 -38.65 -10.50 70.38
C ILE E 341 -37.80 -9.40 71.01
N ASN E 342 -36.49 -9.49 70.81
CA ASN E 342 -35.56 -8.47 71.24
C ASN E 342 -34.85 -7.90 70.01
N ILE E 343 -34.85 -6.57 69.89
CA ILE E 343 -34.22 -5.88 68.77
C ILE E 343 -33.28 -4.83 69.32
N VAL E 344 -32.02 -4.88 68.89
CA VAL E 344 -30.97 -3.97 69.34
C VAL E 344 -30.66 -3.00 68.22
N LEU E 345 -30.82 -1.71 68.49
CA LEU E 345 -30.49 -0.65 67.54
C LEU E 345 -29.12 -0.09 67.89
N ASN E 346 -28.12 -0.40 67.08
CA ASN E 346 -26.73 -0.07 67.36
C ASN E 346 -26.36 1.17 66.55
N ALA E 347 -26.28 2.31 67.23
CA ALA E 347 -25.85 3.56 66.62
C ALA E 347 -24.51 4.06 67.15
N GLU E 348 -23.77 3.20 67.85
CA GLU E 348 -22.47 3.57 68.39
C GLU E 348 -21.47 3.79 67.26
N PRO E 349 -20.86 4.95 67.16
CA PRO E 349 -19.90 5.20 66.07
C PRO E 349 -18.56 4.54 66.34
N TYR E 350 -17.75 4.46 65.29
CA TYR E 350 -16.37 3.99 65.37
C TYR E 350 -16.30 2.59 65.97
N SER E 351 -16.95 1.65 65.29
CA SER E 351 -17.16 0.31 65.83
C SER E 351 -17.50 -0.62 64.67
N PHE E 352 -17.70 -1.90 65.02
CA PHE E 352 -18.16 -2.89 64.06
C PHE E 352 -19.48 -2.46 63.43
N GLY E 353 -20.44 -2.06 64.26
CA GLY E 353 -21.73 -1.63 63.75
C GLY E 353 -21.62 -0.42 62.83
N HIS E 354 -20.80 0.56 63.21
CA HIS E 354 -20.65 1.76 62.38
C HIS E 354 -20.02 1.43 61.03
N ASN E 355 -18.98 0.60 61.03
CA ASN E 355 -18.41 0.13 59.76
C ASN E 355 -19.47 -0.56 58.91
N PHE E 356 -20.27 -1.43 59.54
CA PHE E 356 -21.31 -2.14 58.81
C PHE E 356 -22.35 -1.17 58.26
N PHE E 357 -22.70 -0.13 59.03
CA PHE E 357 -23.66 0.86 58.56
C PHE E 357 -23.13 1.63 57.36
N GLU E 358 -21.85 2.05 57.41
CA GLU E 358 -21.29 2.80 56.30
C GLU E 358 -21.16 1.94 55.05
N ALA E 359 -20.88 0.64 55.21
CA ALA E 359 -20.72 -0.23 54.07
C ALA E 359 -22.05 -0.61 53.43
N HIS E 360 -23.13 -0.69 54.22
CA HIS E 360 -24.39 -1.22 53.74
C HIS E 360 -25.60 -0.33 53.95
N GLY E 361 -25.50 0.72 54.77
CA GLY E 361 -26.66 1.50 55.15
C GLY E 361 -27.36 0.86 56.34
N PRO E 362 -28.61 1.27 56.59
CA PRO E 362 -29.40 0.61 57.65
C PRO E 362 -29.61 -0.86 57.32
N SER E 363 -29.18 -1.74 58.22
CA SER E 363 -29.09 -3.14 57.89
C SER E 363 -28.97 -3.97 59.17
N LEU E 364 -29.19 -5.27 59.02
CA LEU E 364 -28.99 -6.24 60.10
C LEU E 364 -27.52 -6.64 60.10
N CYS E 365 -26.78 -6.23 61.12
CA CYS E 365 -25.35 -6.52 61.19
C CYS E 365 -25.03 -7.75 62.03
N ALA E 366 -25.99 -8.26 62.81
CA ALA E 366 -25.71 -9.45 63.62
C ALA E 366 -27.02 -10.05 64.11
N THR E 367 -26.97 -11.35 64.39
CA THR E 367 -28.08 -12.07 65.00
C THR E 367 -27.53 -12.92 66.13
N ALA E 368 -28.08 -12.77 67.32
CA ALA E 368 -27.76 -13.64 68.44
C ALA E 368 -28.71 -14.82 68.44
N LEU E 369 -28.15 -16.03 68.46
CA LEU E 369 -28.95 -17.24 68.47
C LEU E 369 -29.02 -17.81 69.88
N ARG E 370 -30.20 -18.31 70.25
CA ARG E 370 -30.36 -19.05 71.50
C ARG E 370 -29.90 -20.48 71.30
N VAL E 371 -28.77 -20.83 71.89
CA VAL E 371 -28.20 -22.16 71.75
C VAL E 371 -28.27 -22.86 73.10
N LYS E 372 -28.66 -24.13 73.08
CA LYS E 372 -28.69 -24.92 74.31
C LYS E 372 -27.28 -25.24 74.78
N ASP E 373 -26.34 -25.46 73.86
CA ASP E 373 -24.96 -25.80 74.18
C ASP E 373 -24.05 -24.84 73.42
N GLN E 374 -23.57 -23.81 74.11
CA GLN E 374 -22.73 -22.80 73.47
C GLN E 374 -21.40 -23.37 73.01
N GLN E 375 -20.77 -24.21 73.85
CA GLN E 375 -19.46 -24.73 73.50
C GLN E 375 -19.54 -25.72 72.34
N ALA E 376 -20.63 -26.51 72.28
CA ALA E 376 -20.82 -27.40 71.14
C ALA E 376 -21.01 -26.61 69.85
N ALA E 377 -21.80 -25.55 69.90
CA ALA E 377 -22.02 -24.72 68.70
C ALA E 377 -20.72 -24.10 68.23
N LEU E 378 -19.90 -23.59 69.15
CA LEU E 378 -18.65 -22.97 68.77
C LEU E 378 -17.67 -23.98 68.18
N LYS E 379 -17.59 -25.18 68.78
CA LYS E 379 -16.63 -26.17 68.30
C LYS E 379 -17.04 -26.77 66.97
N ARG E 380 -18.35 -26.93 66.72
CA ARG E 380 -18.76 -27.42 65.41
C ARG E 380 -18.46 -26.39 64.33
N ALA E 381 -18.75 -25.12 64.61
CA ALA E 381 -18.44 -24.06 63.64
C ALA E 381 -16.95 -24.00 63.35
N THR E 382 -16.12 -24.17 64.37
CA THR E 382 -14.67 -24.20 64.17
C THR E 382 -14.26 -25.45 63.41
N ALA E 383 -14.88 -26.59 63.72
CA ALA E 383 -14.54 -27.84 63.03
C ALA E 383 -14.83 -27.74 61.53
N PHE E 384 -15.87 -27.01 61.15
CA PHE E 384 -16.16 -26.76 59.75
C PHE E 384 -15.48 -25.49 59.23
N ARG E 385 -14.49 -24.98 59.97
CA ARG E 385 -13.60 -23.92 59.51
C ARG E 385 -14.31 -22.58 59.29
N GLY E 386 -15.28 -22.29 60.15
CA GLY E 386 -15.76 -20.92 60.24
C GLY E 386 -14.80 -20.09 61.06
N GLN E 387 -14.97 -18.77 60.99
CA GLN E 387 -14.10 -17.89 61.73
C GLN E 387 -14.77 -17.48 63.04
N PRO E 388 -14.31 -17.97 64.19
CA PRO E 388 -14.89 -17.56 65.46
C PRO E 388 -14.20 -16.34 66.06
N PHE E 389 -14.92 -15.67 66.95
CA PHE E 389 -14.37 -14.58 67.73
C PHE E 389 -14.67 -14.80 69.20
N ARG E 390 -13.64 -14.75 70.04
CA ARG E 390 -13.83 -14.74 71.49
C ARG E 390 -14.19 -13.32 71.93
N GLY E 391 -13.82 -12.96 73.16
CA GLY E 391 -14.03 -11.62 73.68
C GLY E 391 -15.44 -11.14 73.45
N LEU E 392 -15.68 -9.85 73.19
CA LEU E 392 -14.72 -8.71 73.12
C LEU E 392 -13.43 -8.83 72.30
N VAL E 393 -13.43 -9.61 71.22
CA VAL E 393 -12.30 -9.70 70.31
C VAL E 393 -12.75 -9.32 68.91
N GLY E 394 -11.94 -8.50 68.24
CA GLY E 394 -12.23 -8.08 66.89
C GLY E 394 -13.56 -7.35 66.77
N PRO E 395 -14.37 -7.78 65.80
CA PRO E 395 -15.69 -7.14 65.63
C PRO E 395 -16.72 -7.57 66.66
N ASN E 396 -16.41 -8.54 67.51
CA ASN E 396 -17.36 -9.06 68.49
C ASN E 396 -17.30 -8.19 69.75
N GLU E 397 -18.32 -7.36 69.94
CA GLU E 397 -18.40 -6.51 71.11
C GLU E 397 -19.32 -7.08 72.18
N CYS E 398 -19.79 -8.32 72.01
CA CYS E 398 -20.51 -9.05 73.04
C CYS E 398 -19.54 -9.89 73.86
N GLU E 399 -20.05 -10.45 74.95
CA GLU E 399 -19.25 -11.29 75.83
C GLU E 399 -19.40 -12.77 75.52
N VAL E 400 -20.32 -13.12 74.62
CA VAL E 400 -20.51 -14.48 74.13
C VAL E 400 -19.62 -14.70 72.90
N PRO E 401 -19.34 -15.93 72.50
CA PRO E 401 -18.61 -16.15 71.26
C PRO E 401 -19.44 -15.75 70.05
N ALA E 402 -18.75 -15.46 68.96
CA ALA E 402 -19.40 -15.08 67.72
C ALA E 402 -18.81 -15.86 66.55
N VAL E 403 -19.65 -16.14 65.56
CA VAL E 403 -19.24 -16.79 64.32
C VAL E 403 -19.49 -15.81 63.18
N ARG E 404 -18.49 -15.66 62.31
CA ARG E 404 -18.60 -14.71 61.20
C ARG E 404 -19.41 -15.33 60.07
N ALA E 405 -20.43 -14.60 59.62
CA ALA E 405 -21.21 -15.01 58.47
C ALA E 405 -20.51 -14.60 57.18
N PRO E 406 -20.86 -15.20 56.04
CA PRO E 406 -20.09 -14.94 54.81
C PRO E 406 -19.99 -13.46 54.43
N ASP E 407 -20.98 -12.65 54.76
CA ASP E 407 -20.96 -11.24 54.40
C ASP E 407 -20.22 -10.36 55.41
N GLY E 408 -19.82 -10.92 56.55
CA GLY E 408 -19.17 -10.16 57.59
C GLY E 408 -20.03 -9.93 58.81
N SER E 409 -21.34 -10.19 58.70
CA SER E 409 -22.22 -10.09 59.85
C SER E 409 -21.88 -11.20 60.85
N LEU E 410 -22.33 -11.02 62.08
CA LEU E 410 -21.97 -11.91 63.17
C LEU E 410 -23.17 -12.73 63.63
N LEU E 411 -22.87 -13.91 64.19
CA LEU E 411 -23.86 -14.76 64.84
C LEU E 411 -23.38 -15.02 66.27
N TYR E 412 -24.07 -14.41 67.24
CA TYR E 412 -23.71 -14.61 68.63
C TYR E 412 -24.31 -15.90 69.17
N LEU E 413 -23.52 -16.64 69.95
CA LEU E 413 -23.95 -17.90 70.56
C LEU E 413 -24.27 -17.62 72.03
N VAL E 414 -25.54 -17.35 72.31
CA VAL E 414 -26.00 -16.98 73.64
C VAL E 414 -26.63 -18.19 74.28
N GLU E 415 -26.11 -18.59 75.44
CA GLU E 415 -26.69 -19.70 76.19
C GLU E 415 -27.70 -19.19 77.22
N GLN E 416 -28.51 -20.11 77.72
CA GLN E 416 -29.60 -19.79 78.64
C GLN E 416 -29.01 -19.53 80.02
N GLY E 417 -29.01 -18.27 80.46
CA GLY E 417 -28.47 -17.91 81.75
C GLY E 417 -28.90 -16.54 82.25
N THR E 422 -29.81 -12.29 83.31
CA THR E 422 -29.80 -12.02 81.88
C THR E 422 -28.65 -11.08 81.49
N LEU E 423 -28.34 -11.01 80.21
CA LEU E 423 -27.28 -10.16 79.71
C LEU E 423 -27.74 -8.75 79.37
N TYR E 424 -29.04 -8.55 79.16
CA TYR E 424 -29.55 -7.19 79.04
C TYR E 424 -29.50 -6.45 80.37
N ASP E 425 -29.52 -7.17 81.49
CA ASP E 425 -29.41 -6.55 82.80
C ASP E 425 -28.04 -5.90 83.00
N THR E 426 -26.98 -6.49 82.43
CA THR E 426 -25.63 -6.04 82.73
C THR E 426 -25.23 -4.84 81.85
N ASP E 427 -25.55 -4.87 80.56
CA ASP E 427 -25.11 -3.80 79.66
C ASP E 427 -26.16 -2.73 79.39
N PHE E 428 -27.42 -2.96 79.74
CA PHE E 428 -28.45 -1.96 79.51
C PHE E 428 -29.00 -1.46 80.84
N SER E 429 -29.64 -0.30 80.77
CA SER E 429 -30.25 0.31 81.95
C SER E 429 -31.41 1.22 81.55
N LEU E 430 -32.67 0.76 81.45
CA LEU E 430 -33.34 -0.52 81.78
C LEU E 430 -34.66 -0.12 82.42
N ASP E 431 -35.68 0.13 81.61
CA ASP E 431 -37.00 0.51 82.10
C ASP E 431 -37.80 -0.74 82.42
N ASN E 432 -38.05 -0.95 83.73
CA ASN E 432 -38.89 -2.04 84.19
C ASN E 432 -40.38 -1.74 84.04
N ASN E 433 -40.75 -0.46 84.06
CA ASN E 433 -42.13 -0.04 83.91
C ASN E 433 -42.50 0.20 82.44
N ALA E 434 -41.63 -0.22 81.53
CA ALA E 434 -41.88 -0.06 80.10
C ALA E 434 -42.67 -1.26 79.61
N THR E 435 -43.69 -1.00 78.83
CA THR E 435 -44.71 -1.98 78.54
C THR E 435 -44.96 -1.99 77.04
N ALA E 436 -45.00 -3.19 76.46
CA ALA E 436 -45.29 -3.33 75.05
C ALA E 436 -46.77 -3.04 74.80
N THR E 437 -47.07 -2.75 73.54
CA THR E 437 -48.44 -2.55 73.12
C THR E 437 -48.95 -3.77 72.34
N GLY E 438 -48.10 -4.79 72.18
CA GLY E 438 -48.49 -6.08 71.65
C GLY E 438 -49.04 -6.12 70.26
N GLY E 439 -49.41 -7.32 69.80
CA GLY E 439 -49.17 -8.54 70.56
C GLY E 439 -48.29 -9.56 69.84
N LEU E 440 -47.19 -9.07 69.26
CA LEU E 440 -46.28 -9.95 68.56
C LEU E 440 -45.53 -10.83 69.55
N ARG E 441 -45.34 -12.09 69.19
CA ARG E 441 -44.84 -13.08 70.14
C ARG E 441 -43.41 -13.52 69.89
N ARG E 442 -43.06 -13.88 68.65
CA ARG E 442 -41.69 -14.30 68.38
C ARG E 442 -41.36 -14.07 66.90
N ILE E 443 -40.07 -14.08 66.62
CA ILE E 443 -39.60 -14.11 65.24
C ILE E 443 -39.86 -15.50 64.67
N ASP E 444 -40.69 -15.57 63.63
CA ASP E 444 -41.01 -16.87 63.04
C ASP E 444 -40.00 -17.28 61.99
N HIS E 445 -39.63 -16.35 61.11
CA HIS E 445 -38.62 -16.61 60.09
C HIS E 445 -38.02 -15.29 59.65
N MSE E 446 -36.95 -15.38 58.88
CA MSE E 446 -36.28 -14.21 58.37
C MSE E 446 -35.59 -14.50 57.06
O MSE E 446 -34.72 -15.38 56.98
CB MSE E 446 -35.27 -13.70 59.39
CG MSE E 446 -34.33 -12.68 58.82
SE MSE E 446 -32.75 -12.55 59.94
CE MSE E 446 -33.53 -11.47 61.32
N ALA E 447 -35.98 -13.77 56.03
CA ALA E 447 -35.49 -14.01 54.68
C ALA E 447 -34.27 -13.14 54.39
N LEU E 448 -33.33 -13.71 53.65
CA LEU E 448 -32.17 -12.99 53.17
C LEU E 448 -32.25 -12.82 51.66
N ALA E 449 -31.83 -11.65 51.18
CA ALA E 449 -31.63 -11.42 49.77
C ALA E 449 -30.14 -11.48 49.49
N LEU E 450 -29.71 -12.47 48.71
CA LEU E 450 -28.31 -12.75 48.49
C LEU E 450 -27.96 -12.73 47.02
N PRO E 451 -26.70 -12.39 46.67
CA PRO E 451 -26.29 -12.47 45.27
C PRO E 451 -26.39 -13.90 44.74
N ALA E 452 -26.79 -14.01 43.47
CA ALA E 452 -26.99 -15.33 42.86
C ALA E 452 -25.74 -16.18 42.95
N GLU E 453 -24.56 -15.58 42.77
CA GLU E 453 -23.31 -16.32 42.75
C GLU E 453 -22.84 -16.72 44.15
N SER E 454 -23.46 -16.20 45.21
CA SER E 454 -23.03 -16.49 46.57
C SER E 454 -24.02 -17.37 47.33
N LEU E 455 -25.16 -17.70 46.76
CA LEU E 455 -26.22 -18.33 47.53
C LEU E 455 -25.86 -19.76 47.93
N ASP E 456 -25.25 -20.53 47.02
CA ASP E 456 -24.84 -21.88 47.35
C ASP E 456 -23.83 -21.90 48.50
N SER E 457 -22.96 -20.90 48.55
CA SER E 457 -21.99 -20.81 49.64
C SER E 457 -22.70 -20.58 50.97
N TRP E 458 -23.73 -19.74 50.99
CA TRP E 458 -24.52 -19.52 52.20
C TRP E 458 -25.25 -20.80 52.61
N VAL E 459 -25.79 -21.53 51.64
CA VAL E 459 -26.51 -22.77 51.95
C VAL E 459 -25.60 -23.76 52.65
N LEU E 460 -24.40 -23.98 52.10
CA LEU E 460 -23.46 -24.90 52.71
C LEU E 460 -23.01 -24.42 54.09
N PHE E 461 -22.87 -23.10 54.25
CA PHE E 461 -22.45 -22.53 55.52
C PHE E 461 -23.42 -22.91 56.64
N TYR E 462 -24.71 -22.73 56.40
CA TYR E 462 -25.70 -23.03 57.43
C TYR E 462 -25.96 -24.53 57.58
N LYS E 463 -25.93 -25.27 56.48
CA LYS E 463 -26.15 -26.72 56.56
C LYS E 463 -25.05 -27.39 57.37
N SER E 464 -23.80 -26.99 57.18
CA SER E 464 -22.69 -27.67 57.82
C SER E 464 -22.39 -27.11 59.22
N LEU E 465 -22.19 -25.80 59.33
CA LEU E 465 -21.81 -25.22 60.62
C LEU E 465 -22.93 -25.35 61.64
N PHE E 466 -24.18 -25.22 61.22
CA PHE E 466 -25.30 -25.16 62.15
C PHE E 466 -26.33 -26.25 61.94
N ASP E 467 -26.05 -27.21 61.04
CA ASP E 467 -26.91 -28.37 60.81
C ASP E 467 -28.34 -27.97 60.45
N PHE E 468 -28.47 -26.93 59.63
CA PHE E 468 -29.77 -26.62 59.06
C PHE E 468 -30.09 -27.63 57.96
N ALA E 469 -31.37 -27.70 57.60
CA ALA E 469 -31.84 -28.61 56.58
C ALA E 469 -32.60 -27.83 55.52
N ALA E 470 -32.71 -28.42 54.33
CA ALA E 470 -33.47 -27.80 53.26
C ALA E 470 -34.94 -27.71 53.65
N ASP E 471 -35.58 -26.63 53.19
CA ASP E 471 -36.98 -26.36 53.55
C ASP E 471 -37.64 -25.61 52.38
N ASP E 472 -37.57 -26.17 51.18
CA ASP E 472 -38.01 -25.48 49.98
C ASP E 472 -39.50 -25.68 49.74
N GLU E 473 -40.04 -24.83 48.86
CA GLU E 473 -41.46 -24.78 48.57
C GLU E 473 -41.61 -24.67 47.06
N VAL E 474 -42.54 -25.42 46.48
CA VAL E 474 -42.78 -25.39 45.04
C VAL E 474 -44.14 -24.73 44.79
N VAL E 475 -44.12 -23.61 44.08
CA VAL E 475 -45.39 -22.97 43.82
C VAL E 475 -45.59 -23.03 42.29
N GLY E 481 -43.09 -16.97 35.76
CA GLY E 481 -42.98 -16.61 37.16
C GLY E 481 -42.09 -17.56 37.94
N LEU E 482 -41.74 -17.19 39.17
CA LEU E 482 -40.82 -17.98 39.97
C LEU E 482 -41.54 -19.20 40.56
N VAL E 483 -40.93 -20.36 40.40
CA VAL E 483 -41.51 -21.63 40.81
C VAL E 483 -40.88 -22.13 42.10
N LYS E 484 -39.56 -22.06 42.20
CA LYS E 484 -38.83 -22.67 43.30
C LYS E 484 -38.39 -21.63 44.33
N SER E 485 -38.85 -21.80 45.56
CA SER E 485 -38.47 -20.91 46.66
C SER E 485 -37.60 -21.69 47.63
N ARG E 486 -36.37 -21.21 47.81
CA ARG E 486 -35.38 -21.89 48.63
C ARG E 486 -35.44 -21.37 50.06
N ALA E 487 -35.23 -22.27 51.02
CA ALA E 487 -35.22 -21.90 52.42
C ALA E 487 -34.47 -22.95 53.22
N LEU E 488 -33.93 -22.53 54.36
CA LEU E 488 -33.29 -23.42 55.31
C LEU E 488 -34.04 -23.37 56.63
N ARG E 489 -33.83 -24.41 57.44
CA ARG E 489 -34.61 -24.59 58.66
C ARG E 489 -33.77 -25.33 59.68
N SER E 490 -33.81 -24.87 60.93
CA SER E 490 -33.22 -25.66 61.99
C SER E 490 -34.01 -26.95 62.16
N GLN E 491 -33.36 -27.95 62.77
CA GLN E 491 -33.96 -29.29 62.86
C GLN E 491 -35.32 -29.25 63.54
N CYS E 492 -35.48 -28.40 64.55
CA CYS E 492 -36.74 -28.30 65.27
C CYS E 492 -37.54 -27.05 64.92
N GLY E 493 -37.14 -26.32 63.87
CA GLY E 493 -37.95 -25.28 63.29
C GLY E 493 -37.91 -23.94 64.00
N THR E 494 -37.16 -23.79 65.09
CA THR E 494 -37.14 -22.52 65.80
C THR E 494 -36.39 -21.43 65.04
N LEU E 495 -35.57 -21.80 64.06
CA LEU E 495 -34.88 -20.85 63.19
C LEU E 495 -35.21 -21.20 61.75
N ARG E 496 -35.71 -20.22 61.00
CA ARG E 496 -36.14 -20.44 59.63
C ARG E 496 -35.60 -19.31 58.76
N LEU E 497 -35.03 -19.67 57.61
CA LEU E 497 -34.26 -18.73 56.81
C LEU E 497 -34.58 -18.89 55.33
N PRO E 498 -35.62 -18.20 54.84
CA PRO E 498 -35.85 -18.16 53.40
C PRO E 498 -34.72 -17.44 52.69
N LEU E 499 -34.38 -17.90 51.48
CA LEU E 499 -33.28 -17.34 50.71
C LEU E 499 -33.79 -16.82 49.39
N ASN E 500 -33.61 -15.52 49.16
CA ASN E 500 -33.97 -14.87 47.90
C ASN E 500 -32.72 -14.37 47.19
N ILE E 501 -32.88 -14.08 45.92
CA ILE E 501 -31.79 -13.58 45.07
C ILE E 501 -31.94 -12.07 44.91
N SER E 502 -30.93 -11.32 45.35
CA SER E 502 -30.95 -9.88 45.13
C SER E 502 -30.67 -9.56 43.67
N GLU E 503 -31.05 -8.35 43.28
CA GLU E 503 -30.81 -7.92 41.91
C GLU E 503 -29.36 -7.51 41.71
N ASN E 504 -28.81 -7.87 40.56
CA ASN E 504 -27.44 -7.49 40.25
C ASN E 504 -27.34 -6.00 39.98
N ARG E 505 -26.17 -5.43 40.27
CA ARG E 505 -25.98 -4.01 40.06
C ARG E 505 -25.97 -3.66 38.58
N ASN E 506 -25.44 -4.55 37.74
CA ASN E 506 -25.37 -4.28 36.31
C ASN E 506 -26.75 -4.23 35.68
N THR E 507 -27.76 -4.79 36.36
CA THR E 507 -29.14 -4.62 35.93
C THR E 507 -29.70 -3.26 36.34
N ALA E 508 -29.32 -2.77 37.53
CA ALA E 508 -29.68 -1.41 37.93
C ALA E 508 -29.04 -0.39 36.99
N ILE E 509 -27.87 -0.72 36.44
CA ILE E 509 -27.20 0.16 35.50
C ILE E 509 -27.93 0.16 34.16
N ALA E 510 -28.28 -1.03 33.65
CA ALA E 510 -28.89 -1.15 32.32
C ALA E 510 -30.28 -0.49 32.27
N HIS E 511 -31.05 -0.59 33.36
CA HIS E 511 -32.35 0.05 33.46
C HIS E 511 -32.31 1.46 34.03
N ALA E 512 -31.12 1.96 34.41
CA ALA E 512 -30.96 3.35 34.85
C ALA E 512 -31.79 3.64 36.10
N LEU E 513 -31.83 2.67 37.01
CA LEU E 513 -32.53 2.79 38.27
C LEU E 513 -31.88 3.88 39.10
N SER E 514 -32.72 4.71 39.74
CA SER E 514 -32.18 5.79 40.54
C SER E 514 -31.99 5.41 41.99
N SER E 515 -32.54 4.31 42.49
CA SER E 515 -31.96 3.81 43.73
C SER E 515 -31.83 2.32 43.52
N TYR E 516 -30.67 1.81 43.88
CA TYR E 516 -30.38 0.40 43.95
C TYR E 516 -29.97 0.06 45.38
N ARG E 517 -30.57 -0.98 45.95
CA ARG E 517 -30.13 -1.48 47.25
C ARG E 517 -29.66 -2.92 47.09
N GLY E 518 -28.44 -3.18 47.54
CA GLY E 518 -27.80 -4.47 47.42
C GLY E 518 -28.46 -5.60 48.21
N SER E 519 -27.62 -6.40 48.85
CA SER E 519 -28.06 -7.58 49.57
C SER E 519 -28.21 -7.26 51.06
N GLY E 520 -28.75 -8.22 51.79
CA GLY E 520 -28.99 -8.10 53.21
C GLY E 520 -30.30 -8.76 53.58
N VAL E 521 -30.85 -8.38 54.73
CA VAL E 521 -32.10 -8.97 55.20
C VAL E 521 -33.23 -8.59 54.24
N HIS E 522 -33.96 -9.61 53.78
CA HIS E 522 -35.10 -9.40 52.89
C HIS E 522 -36.34 -8.96 53.66
N HIS E 523 -36.73 -9.74 54.67
CA HIS E 523 -37.82 -9.34 55.55
C HIS E 523 -37.76 -10.16 56.84
N ILE E 524 -38.41 -9.62 57.87
CA ILE E 524 -38.50 -10.26 59.18
C ILE E 524 -39.98 -10.45 59.51
N ALA E 525 -40.32 -11.67 59.93
CA ALA E 525 -41.71 -12.04 60.17
C ALA E 525 -41.92 -12.36 61.64
N PHE E 526 -42.90 -11.69 62.25
CA PHE E 526 -43.31 -11.94 63.62
C PHE E 526 -44.68 -12.63 63.62
N ASP E 527 -44.89 -13.53 64.57
CA ASP E 527 -46.16 -14.23 64.68
C ASP E 527 -47.03 -13.64 65.79
N CYS E 528 -48.31 -14.00 65.75
CA CYS E 528 -49.27 -13.53 66.72
C CYS E 528 -50.40 -14.55 66.83
N ASP E 529 -51.24 -14.37 67.85
CA ASP E 529 -52.38 -15.27 68.05
C ASP E 529 -53.58 -14.88 67.21
N ASP E 530 -53.81 -13.58 67.01
CA ASP E 530 -55.01 -13.07 66.37
C ASP E 530 -54.60 -12.03 65.32
N ILE E 531 -54.69 -12.40 64.04
CA ILE E 531 -54.26 -11.51 62.97
C ILE E 531 -55.14 -10.27 62.90
N PHE E 532 -56.45 -10.44 63.12
CA PHE E 532 -57.36 -9.31 63.01
C PHE E 532 -57.15 -8.33 64.15
N ARG E 533 -56.91 -8.85 65.36
CA ARG E 533 -56.58 -7.98 66.49
C ARG E 533 -55.29 -7.20 66.22
N GLU E 534 -54.30 -7.84 65.60
CA GLU E 534 -53.03 -7.16 65.31
C GLU E 534 -53.17 -6.16 64.17
N VAL E 535 -53.86 -6.54 63.09
CA VAL E 535 -54.02 -5.61 61.97
C VAL E 535 -54.74 -4.35 62.42
N ALA E 536 -55.82 -4.51 63.20
CA ALA E 536 -56.54 -3.35 63.69
C ALA E 536 -55.66 -2.46 64.55
N ARG E 537 -54.95 -3.06 65.51
CA ARG E 537 -54.06 -2.29 66.37
C ARG E 537 -52.93 -1.66 65.58
N ALA E 538 -52.34 -2.40 64.64
CA ALA E 538 -51.19 -1.89 63.91
C ALA E 538 -51.58 -0.75 62.97
N LYS E 539 -52.69 -0.88 62.26
CA LYS E 539 -53.09 0.18 61.33
C LYS E 539 -53.45 1.46 62.08
N LEU E 540 -54.07 1.35 63.25
CA LEU E 540 -54.37 2.56 64.02
C LEU E 540 -53.12 3.13 64.67
N ALA E 541 -52.13 2.29 64.98
CA ALA E 541 -50.88 2.80 65.53
C ALA E 541 -50.00 3.43 64.44
N GLY E 542 -50.36 3.27 63.18
CA GLY E 542 -49.63 3.89 62.09
C GLY E 542 -48.72 2.98 61.29
N VAL E 543 -48.81 1.67 61.47
CA VAL E 543 -47.98 0.75 60.68
C VAL E 543 -48.41 0.83 59.21
N PRO E 544 -47.48 1.08 58.25
CA PRO E 544 -47.89 1.20 56.83
C PRO E 544 -48.11 -0.15 56.17
N LEU E 545 -49.19 -0.82 56.58
CA LEU E 545 -49.54 -2.10 55.99
C LEU E 545 -50.01 -1.92 54.54
N LEU E 546 -49.83 -2.97 53.76
CA LEU E 546 -50.17 -2.89 52.34
C LEU E 546 -51.66 -2.96 52.12
N GLU E 547 -52.11 -2.29 51.05
CA GLU E 547 -53.48 -2.40 50.58
C GLU E 547 -53.50 -3.48 49.49
N ILE E 548 -54.37 -4.47 49.68
CA ILE E 548 -54.45 -5.62 48.78
C ILE E 548 -55.65 -5.42 47.86
N PRO E 549 -55.49 -5.54 46.54
CA PRO E 549 -56.60 -5.25 45.64
C PRO E 549 -57.69 -6.33 45.72
N LEU E 550 -58.89 -5.94 45.29
CA LEU E 550 -60.04 -6.84 45.37
C LEU E 550 -59.85 -8.07 44.48
N ASN E 551 -59.20 -7.91 43.33
CA ASN E 551 -59.04 -9.02 42.41
C ASN E 551 -58.29 -10.18 43.04
N TYR E 552 -57.46 -9.90 44.05
CA TYR E 552 -56.83 -10.99 44.79
C TYR E 552 -57.87 -11.83 45.53
N TYR E 553 -58.85 -11.18 46.16
CA TYR E 553 -59.83 -11.92 46.94
C TYR E 553 -60.91 -12.58 46.09
N ASP E 554 -61.24 -11.99 44.94
CA ASP E 554 -62.05 -12.72 43.97
C ASP E 554 -61.33 -13.97 43.48
N ASP E 555 -60.00 -13.90 43.34
CA ASP E 555 -59.24 -15.09 42.96
C ASP E 555 -59.30 -16.15 44.05
N LEU E 556 -59.21 -15.74 45.32
CA LEU E 556 -59.35 -16.71 46.41
C LEU E 556 -60.76 -17.28 46.46
N ALA E 557 -61.76 -16.50 46.04
CA ALA E 557 -63.14 -16.99 46.01
C ALA E 557 -63.30 -18.12 45.01
N ALA E 558 -62.65 -18.01 43.85
CA ALA E 558 -62.79 -19.04 42.82
C ALA E 558 -61.96 -20.29 43.12
N ARG E 559 -60.97 -20.20 44.00
CA ARG E 559 -60.11 -21.35 44.30
C ARG E 559 -60.43 -22.02 45.62
N PHE E 560 -61.02 -21.31 46.58
CA PHE E 560 -61.41 -21.88 47.85
C PHE E 560 -62.88 -21.58 48.12
N ASP E 561 -63.47 -22.34 49.04
CA ASP E 561 -64.79 -22.04 49.60
C ASP E 561 -64.60 -21.51 51.01
N PHE E 562 -65.30 -20.42 51.33
CA PHE E 562 -65.12 -19.75 52.62
C PHE E 562 -66.42 -19.74 53.39
N ASP E 563 -66.31 -19.78 54.72
CA ASP E 563 -67.45 -19.54 55.59
C ASP E 563 -68.08 -18.19 55.24
N ASP E 564 -69.39 -18.10 55.42
CA ASP E 564 -70.12 -16.89 55.10
C ASP E 564 -69.53 -15.65 55.73
N GLU E 565 -69.17 -14.68 54.89
CA GLU E 565 -68.64 -13.36 55.21
C GLU E 565 -67.18 -13.39 55.65
N PHE E 566 -66.56 -14.57 55.80
CA PHE E 566 -65.17 -14.61 56.25
C PHE E 566 -64.23 -14.00 55.22
N LEU E 567 -64.46 -14.28 53.94
CA LEU E 567 -63.55 -13.77 52.91
C LEU E 567 -63.67 -12.25 52.78
N SER E 568 -64.85 -11.69 53.04
CA SER E 568 -64.98 -10.23 53.08
C SER E 568 -64.25 -9.64 54.28
N GLU E 569 -64.10 -10.42 55.36
CA GLU E 569 -63.36 -9.93 56.51
C GLU E 569 -61.86 -9.83 56.20
N LEU E 570 -61.32 -10.82 55.49
CA LEU E 570 -59.90 -10.76 55.13
C LEU E 570 -59.60 -9.58 54.23
N ALA E 571 -60.48 -9.33 53.25
CA ALA E 571 -60.25 -8.24 52.30
C ALA E 571 -60.35 -6.88 52.98
N TYR E 572 -61.27 -6.74 53.93
CA TYR E 572 -61.46 -5.45 54.58
C TYR E 572 -60.25 -5.09 55.44
N TYR E 573 -59.57 -6.10 56.00
CA TYR E 573 -58.38 -5.91 56.83
C TYR E 573 -57.10 -6.14 56.05
N ASN E 574 -57.18 -6.30 54.72
CA ASN E 574 -56.01 -6.49 53.86
C ASN E 574 -55.15 -7.66 54.34
N VAL E 575 -55.79 -8.74 54.77
CA VAL E 575 -55.08 -9.94 55.21
C VAL E 575 -54.87 -10.86 54.01
N LEU E 576 -53.67 -11.40 53.89
CA LEU E 576 -53.35 -12.37 52.85
C LEU E 576 -53.52 -13.78 53.41
N TYR E 577 -53.83 -14.72 52.52
CA TYR E 577 -54.32 -16.03 52.94
C TYR E 577 -53.66 -17.15 52.16
N ASP E 578 -53.48 -18.27 52.84
CA ASP E 578 -53.04 -19.51 52.21
C ASP E 578 -53.58 -20.69 53.01
N ARG E 579 -53.77 -21.81 52.31
CA ARG E 579 -54.30 -23.03 52.90
C ARG E 579 -53.50 -24.21 52.38
N ASP E 580 -53.06 -25.09 53.29
CA ASP E 580 -52.35 -26.28 52.86
C ASP E 580 -53.36 -27.37 52.51
N ALA E 581 -52.88 -28.58 52.23
CA ALA E 581 -53.72 -29.70 51.87
C ALA E 581 -54.28 -30.47 53.07
N GLN E 582 -53.95 -30.07 54.29
CA GLN E 582 -54.48 -30.72 55.49
C GLN E 582 -55.32 -29.78 56.33
N GLY E 583 -55.80 -28.69 55.76
CA GLY E 583 -56.64 -27.75 56.46
C GLY E 583 -55.91 -26.68 57.24
N GLY E 584 -54.58 -26.77 57.34
CA GLY E 584 -53.83 -25.69 57.95
C GLY E 584 -53.91 -24.41 57.12
N GLU E 585 -53.92 -23.28 57.81
CA GLU E 585 -54.13 -22.00 57.16
C GLU E 585 -53.08 -20.99 57.63
N LEU E 586 -52.77 -20.04 56.74
CA LEU E 586 -51.84 -18.97 57.03
C LEU E 586 -52.55 -17.63 56.83
N PHE E 587 -52.40 -16.74 57.80
CA PHE E 587 -52.89 -15.37 57.73
C PHE E 587 -51.70 -14.44 57.96
N HIS E 588 -51.37 -13.62 56.97
CA HIS E 588 -50.20 -12.78 57.09
C HIS E 588 -50.41 -11.47 56.33
N VAL E 589 -49.74 -10.42 56.82
CA VAL E 589 -49.77 -9.09 56.22
C VAL E 589 -48.33 -8.58 56.15
N TYR E 590 -48.12 -7.63 55.25
CA TYR E 590 -46.81 -7.02 55.04
C TYR E 590 -46.88 -5.52 55.23
N THR E 591 -45.78 -4.95 55.71
CA THR E 591 -45.58 -3.51 55.72
C THR E 591 -44.88 -3.09 54.43
N GLU E 592 -44.88 -1.79 54.18
CA GLU E 592 -44.05 -1.25 53.12
C GLU E 592 -42.59 -1.41 53.51
N PRO E 593 -41.67 -1.38 52.54
CA PRO E 593 -40.25 -1.46 52.88
C PRO E 593 -39.84 -0.27 53.73
N PHE E 594 -39.01 -0.53 54.74
CA PHE E 594 -38.43 0.54 55.53
C PHE E 594 -37.32 1.18 54.73
N GLU E 595 -37.58 2.39 54.22
CA GLU E 595 -36.62 3.17 53.45
C GLU E 595 -35.98 2.32 52.34
N GLU E 596 -36.85 1.65 51.59
CA GLU E 596 -36.49 0.86 50.40
C GLU E 596 -35.53 -0.29 50.70
N ARG E 597 -35.56 -0.83 51.91
CA ARG E 597 -34.74 -1.94 52.29
C ARG E 597 -35.72 -3.12 52.77
N PHE E 598 -35.35 -3.80 53.84
CA PHE E 598 -36.19 -4.86 54.37
C PHE E 598 -37.58 -4.33 54.71
N PHE E 599 -38.56 -5.23 54.65
CA PHE E 599 -39.90 -4.95 55.13
C PHE E 599 -40.23 -5.92 56.25
N PHE E 600 -41.39 -5.72 56.87
CA PHE E 600 -41.81 -6.54 58.00
C PHE E 600 -43.06 -7.33 57.63
N GLU E 601 -43.28 -8.42 58.37
CA GLU E 601 -44.39 -9.32 58.14
C GLU E 601 -44.96 -9.77 59.49
N ILE E 602 -46.29 -9.81 59.57
CA ILE E 602 -46.99 -10.36 60.72
C ILE E 602 -47.80 -11.56 60.25
N ILE E 603 -47.63 -12.69 60.92
CA ILE E 603 -48.26 -13.93 60.49
C ILE E 603 -49.06 -14.52 61.64
N GLN E 604 -50.06 -15.31 61.28
CA GLN E 604 -50.77 -16.19 62.19
C GLN E 604 -50.84 -17.56 61.55
N ARG E 605 -50.21 -18.55 62.18
CA ARG E 605 -50.24 -19.94 61.71
C ARG E 605 -51.28 -20.70 62.49
N LYS E 606 -52.15 -21.40 61.80
CA LYS E 606 -53.20 -22.14 62.47
C LYS E 606 -53.41 -23.55 61.91
N ALA E 607 -53.56 -24.49 62.83
CA ALA E 607 -53.77 -25.91 62.52
C ALA E 607 -52.60 -26.46 61.72
N GLY E 608 -51.40 -26.17 62.21
CA GLY E 608 -50.18 -26.79 61.73
C GLY E 608 -49.66 -26.32 60.39
N TYR E 609 -50.13 -25.19 59.87
CA TYR E 609 -49.55 -24.68 58.64
C TYR E 609 -48.06 -24.43 58.83
N ALA E 610 -47.25 -24.91 57.89
CA ALA E 610 -45.80 -24.90 58.04
C ALA E 610 -45.05 -24.12 56.96
N GLY E 611 -45.71 -23.69 55.89
CA GLY E 611 -45.04 -23.02 54.81
C GLY E 611 -44.85 -21.54 55.08
N TYR E 612 -44.59 -20.79 54.00
CA TYR E 612 -44.35 -19.36 54.08
C TYR E 612 -45.36 -18.55 53.30
N GLY E 613 -46.38 -19.17 52.71
CA GLY E 613 -47.31 -18.45 51.88
C GLY E 613 -46.69 -17.91 50.60
N ALA E 614 -45.79 -18.68 49.98
CA ALA E 614 -45.09 -18.22 48.79
C ALA E 614 -46.02 -17.91 47.63
N ALA E 615 -47.24 -18.46 47.63
CA ALA E 615 -48.20 -18.18 46.57
C ALA E 615 -48.59 -16.72 46.50
N ASN E 616 -48.29 -15.93 47.54
CA ASN E 616 -48.69 -14.54 47.61
C ASN E 616 -47.57 -13.56 47.25
N VAL E 617 -46.45 -14.05 46.72
CA VAL E 617 -45.32 -13.16 46.42
C VAL E 617 -45.69 -12.17 45.31
N ALA E 618 -46.42 -12.63 44.29
CA ALA E 618 -46.79 -11.74 43.20
C ALA E 618 -47.67 -10.57 43.68
N VAL E 619 -48.61 -10.85 44.59
CA VAL E 619 -49.49 -9.80 45.09
C VAL E 619 -48.73 -8.80 45.97
N ARG E 620 -47.82 -9.28 46.82
CA ARG E 620 -47.03 -8.36 47.62
C ARG E 620 -46.21 -7.44 46.74
N LEU E 621 -45.59 -7.98 45.70
CA LEU E 621 -44.78 -7.16 44.80
C LEU E 621 -45.64 -6.14 44.06
N ALA E 622 -46.83 -6.55 43.61
CA ALA E 622 -47.72 -5.61 42.93
C ALA E 622 -48.18 -4.49 43.86
N ALA E 623 -48.49 -4.82 45.11
CA ALA E 623 -48.91 -3.79 46.06
C ALA E 623 -47.77 -2.83 46.37
N MSE E 624 -46.56 -3.34 46.51
CA MSE E 624 -45.41 -2.48 46.80
C MSE E 624 -45.04 -1.60 45.62
O MSE E 624 -44.60 -0.47 45.80
CB MSE E 624 -44.21 -3.32 47.23
CG MSE E 624 -44.25 -3.77 48.68
SE MSE E 624 -42.71 -4.83 49.20
CE MSE E 624 -43.23 -5.23 51.02
N ALA E 625 -45.23 -2.13 44.41
CA ALA E 625 -44.93 -1.33 43.22
C ALA E 625 -45.88 -0.15 43.10
N LYS E 626 -47.15 -0.34 43.46
CA LYS E 626 -48.12 0.75 43.38
C LYS E 626 -48.00 1.72 44.54
N ALA E 627 -47.53 1.26 45.70
CA ALA E 627 -47.43 2.13 46.87
C ALA E 627 -46.34 3.18 46.68
N ARG E 628 -45.16 2.77 46.20
CA ARG E 628 -44.09 3.73 45.96
C ARG E 628 -44.39 4.59 44.74
N SER E 629 -45.16 4.09 43.79
CA SER E 629 -45.60 4.86 42.63
C SER E 629 -46.63 5.93 42.98
N GLY E 630 -46.92 6.15 44.26
CA GLY E 630 -47.82 7.24 44.62
C GLY E 630 -47.20 8.59 44.39
N ALA E 631 -45.92 8.75 44.73
CA ALA E 631 -45.22 10.01 44.53
C ALA E 631 -45.03 10.31 43.06
N ALA F 1 17.20 12.97 -11.35
CA ALA F 1 17.36 14.41 -11.40
C ALA F 1 16.04 15.11 -11.07
N LYS F 2 16.04 16.44 -11.11
CA LYS F 2 14.83 17.20 -10.82
C LYS F 2 13.87 17.15 -12.00
N MSE F 3 12.58 17.25 -11.69
CA MSE F 3 11.58 17.36 -12.73
C MSE F 3 11.70 18.71 -13.44
O MSE F 3 12.16 19.69 -12.85
CB MSE F 3 10.17 17.21 -12.15
CG MSE F 3 9.79 15.78 -11.80
SE MSE F 3 8.01 15.69 -11.04
CE MSE F 3 8.40 16.40 -9.26
N GLN F 4 11.30 18.74 -14.70
CA GLN F 4 11.26 19.99 -15.46
C GLN F 4 10.28 20.96 -14.84
N ARG F 5 10.79 22.02 -14.20
CA ARG F 5 9.95 23.00 -13.54
C ARG F 5 9.53 24.06 -14.55
N SER F 6 8.22 24.26 -14.67
CA SER F 6 7.65 25.18 -15.65
C SER F 6 6.68 26.14 -14.97
N ILE F 7 6.30 27.17 -15.71
CA ILE F 7 5.26 28.11 -15.28
C ILE F 7 4.57 28.65 -16.52
N ALA F 8 3.26 28.76 -16.46
CA ALA F 8 2.50 29.33 -17.57
C ALA F 8 2.70 30.83 -17.64
N THR F 9 2.81 31.36 -18.86
CA THR F 9 3.03 32.80 -19.02
C THR F 9 1.85 33.61 -18.50
N VAL F 10 0.65 33.01 -18.50
CA VAL F 10 -0.53 33.69 -17.99
C VAL F 10 -0.42 33.98 -16.50
N SER F 11 0.55 33.37 -15.81
CA SER F 11 0.78 33.60 -14.39
C SER F 11 1.51 34.91 -14.11
N LEU F 12 2.01 35.59 -15.14
CA LEU F 12 2.78 36.81 -14.97
C LEU F 12 2.16 37.92 -15.81
N SER F 13 2.59 39.15 -15.54
CA SER F 13 2.26 40.29 -16.36
C SER F 13 3.50 40.76 -17.11
N GLY F 14 3.27 41.59 -18.11
CA GLY F 14 4.33 42.17 -18.91
C GLY F 14 4.28 41.69 -20.34
N THR F 15 5.23 42.18 -21.12
CA THR F 15 5.40 41.68 -22.48
C THR F 15 5.91 40.24 -22.46
N LEU F 16 5.69 39.54 -23.56
CA LEU F 16 6.19 38.18 -23.67
C LEU F 16 7.70 38.08 -23.45
N PRO F 17 8.54 38.95 -24.04
CA PRO F 17 9.97 38.89 -23.71
C PRO F 17 10.26 39.11 -22.24
N GLU F 18 9.54 40.04 -21.60
CA GLU F 18 9.76 40.28 -20.17
C GLU F 18 9.41 39.04 -19.35
N LYS F 19 8.32 38.35 -19.72
CA LYS F 19 7.93 37.14 -19.00
C LYS F 19 9.00 36.07 -19.16
N LEU F 20 9.47 35.83 -20.39
CA LEU F 20 10.43 34.77 -20.62
C LEU F 20 11.76 35.04 -19.92
N GLU F 21 12.20 36.30 -19.91
CA GLU F 21 13.43 36.64 -19.20
C GLU F 21 13.27 36.44 -17.70
N ALA F 22 12.13 36.85 -17.15
CA ALA F 22 11.86 36.65 -15.73
C ALA F 22 11.79 35.17 -15.38
N ILE F 23 11.14 34.37 -16.24
CA ILE F 23 11.03 32.94 -16.01
C ILE F 23 12.42 32.29 -16.00
N ALA F 24 13.28 32.70 -16.94
CA ALA F 24 14.64 32.17 -16.98
C ALA F 24 15.45 32.61 -15.77
N ALA F 25 15.36 33.89 -15.41
CA ALA F 25 16.14 34.40 -14.27
C ALA F 25 15.73 33.73 -12.97
N ALA F 26 14.47 33.33 -12.84
CA ALA F 26 13.99 32.70 -11.61
C ALA F 26 14.46 31.25 -11.45
N GLY F 27 15.03 30.65 -12.50
CA GLY F 27 15.51 29.30 -12.40
C GLY F 27 14.58 28.22 -12.91
N PHE F 28 13.53 28.59 -13.65
CA PHE F 28 12.66 27.59 -14.24
C PHE F 28 13.37 26.87 -15.38
N ASP F 29 12.93 25.65 -15.66
CA ASP F 29 13.42 24.90 -16.81
C ASP F 29 12.54 25.09 -18.04
N GLY F 30 11.24 25.32 -17.84
CA GLY F 30 10.31 25.36 -18.96
C GLY F 30 9.26 26.43 -18.77
N VAL F 31 8.43 26.58 -19.80
CA VAL F 31 7.39 27.60 -19.81
C VAL F 31 6.22 27.07 -20.63
N GLU F 32 5.00 27.29 -20.13
CA GLU F 32 3.80 27.07 -20.94
C GLU F 32 3.49 28.38 -21.65
N ILE F 33 3.44 28.33 -22.98
CA ILE F 33 3.10 29.52 -23.76
C ILE F 33 1.58 29.62 -23.82
N PHE F 34 1.04 30.63 -23.14
CA PHE F 34 -0.39 30.93 -23.24
C PHE F 34 -0.65 31.64 -24.56
N GLU F 35 -1.62 31.13 -25.32
CA GLU F 35 -1.80 31.59 -26.70
C GLU F 35 -2.06 33.09 -26.77
N ASN F 36 -2.81 33.63 -25.79
CA ASN F 36 -3.12 35.05 -25.81
C ASN F 36 -1.86 35.91 -25.73
N ASP F 37 -0.82 35.43 -25.05
CA ASP F 37 0.43 36.18 -25.00
C ASP F 37 1.10 36.24 -26.37
N LEU F 38 1.00 35.16 -27.16
CA LEU F 38 1.49 35.20 -28.54
C LEU F 38 0.74 36.23 -29.36
N LEU F 39 -0.58 36.36 -29.12
CA LEU F 39 -1.41 37.24 -29.93
C LEU F 39 -0.97 38.69 -29.78
N TYR F 40 -0.52 39.09 -28.60
CA TYR F 40 -0.10 40.46 -28.34
C TYR F 40 1.38 40.70 -28.59
N TYR F 41 2.15 39.65 -28.85
CA TYR F 41 3.57 39.81 -29.12
C TYR F 41 3.78 40.13 -30.59
N ALA F 42 4.52 41.20 -30.88
CA ALA F 42 4.67 41.68 -32.24
C ALA F 42 5.57 40.77 -33.08
N GLY F 43 6.42 39.97 -32.45
CA GLY F 43 7.30 39.09 -33.18
C GLY F 43 6.63 37.80 -33.60
N SER F 44 7.43 36.91 -34.17
CA SER F 44 6.96 35.66 -34.72
C SER F 44 7.13 34.52 -33.72
N PRO F 45 6.36 33.43 -33.90
CA PRO F 45 6.60 32.24 -33.05
C PRO F 45 8.02 31.72 -33.13
N ARG F 46 8.66 31.85 -34.30
CA ARG F 46 10.07 31.46 -34.43
C ARG F 46 10.96 32.30 -33.53
N GLN F 47 10.67 33.60 -33.43
CA GLN F 47 11.43 34.46 -32.54
C GLN F 47 11.19 34.08 -31.08
N VAL F 48 9.99 33.62 -30.74
CA VAL F 48 9.73 33.11 -29.39
C VAL F 48 10.57 31.87 -29.13
N ARG F 49 10.65 30.96 -30.10
CA ARG F 49 11.52 29.80 -29.96
C ARG F 49 12.97 30.21 -29.78
N GLN F 50 13.41 31.25 -30.50
CA GLN F 50 14.79 31.69 -30.39
C GLN F 50 15.07 32.30 -29.02
N MSE F 51 14.13 33.07 -28.48
CA MSE F 51 14.31 33.69 -27.17
C MSE F 51 14.44 32.64 -26.08
O MSE F 51 15.30 32.75 -25.21
CB MSE F 51 13.14 34.63 -26.85
CG MSE F 51 13.13 35.93 -27.64
SE MSE F 51 11.88 37.25 -26.93
CE MSE F 51 10.20 36.33 -27.32
N CYS F 52 13.59 31.63 -26.14
CA CYS F 52 13.65 30.55 -25.15
C CYS F 52 14.95 29.77 -25.25
N ALA F 53 15.43 29.54 -26.48
CA ALA F 53 16.71 28.87 -26.66
C ALA F 53 17.85 29.73 -26.12
N ASP F 54 17.81 31.03 -26.39
CA ASP F 54 18.86 31.92 -25.88
C ASP F 54 18.84 31.95 -24.36
N LEU F 55 17.66 31.87 -23.75
CA LEU F 55 17.55 31.92 -22.30
C LEU F 55 17.76 30.56 -21.65
N GLY F 56 17.82 29.48 -22.43
CA GLY F 56 18.04 28.16 -21.86
C GLY F 56 16.81 27.51 -21.25
N ILE F 57 15.61 27.89 -21.70
CA ILE F 57 14.39 27.30 -21.20
C ILE F 57 13.65 26.64 -22.36
N ALA F 58 12.97 25.54 -22.05
CA ALA F 58 12.18 24.81 -23.04
C ALA F 58 10.73 25.28 -23.01
N ILE F 59 10.05 25.16 -24.15
CA ILE F 59 8.62 25.38 -24.23
C ILE F 59 7.96 24.03 -24.02
N THR F 60 7.45 23.80 -22.80
CA THR F 60 6.94 22.50 -22.40
C THR F 60 5.46 22.30 -22.73
N LEU F 61 4.75 23.35 -23.11
CA LEU F 61 3.32 23.22 -23.37
C LEU F 61 2.82 24.44 -24.13
N PHE F 62 1.89 24.21 -25.04
CA PHE F 62 1.13 25.28 -25.70
C PHE F 62 -0.32 25.17 -25.26
N GLN F 63 -0.92 26.29 -24.89
CA GLN F 63 -2.28 26.27 -24.35
C GLN F 63 -2.97 27.64 -24.43
N PRO F 64 -4.31 27.65 -24.45
CA PRO F 64 -5.17 26.46 -24.47
C PRO F 64 -5.83 26.20 -25.82
N PHE F 65 -6.41 25.01 -25.96
CA PHE F 65 -7.23 24.64 -27.11
C PHE F 65 -8.58 24.23 -26.55
N ARG F 66 -9.59 25.07 -26.78
CA ARG F 66 -10.85 24.98 -26.08
C ARG F 66 -11.91 24.28 -26.93
N ASP F 67 -12.87 23.66 -26.23
CA ASP F 67 -14.10 23.13 -26.82
C ASP F 67 -13.86 22.35 -28.12
N PHE F 68 -13.31 21.15 -28.00
CA PHE F 68 -13.15 20.26 -29.13
C PHE F 68 -14.13 19.09 -29.09
N GLU F 69 -14.05 18.25 -28.06
CA GLU F 69 -14.82 17.02 -28.01
C GLU F 69 -16.32 17.32 -27.92
N GLY F 70 -17.10 16.62 -28.74
CA GLY F 70 -18.55 16.69 -28.66
C GLY F 70 -19.19 17.89 -29.32
N CYS F 71 -18.45 18.68 -30.10
CA CYS F 71 -19.05 19.79 -30.81
C CYS F 71 -19.87 19.30 -32.00
N ARG F 72 -20.45 20.26 -32.73
CA ARG F 72 -21.32 19.94 -33.85
C ARG F 72 -20.57 19.17 -34.93
N ARG F 73 -21.29 18.26 -35.60
CA ARG F 73 -20.69 17.48 -36.66
C ARG F 73 -20.39 18.33 -37.89
N ASP F 74 -21.20 19.36 -38.15
CA ASP F 74 -20.93 20.20 -39.31
C ASP F 74 -19.74 21.12 -39.12
N ARG F 75 -19.05 21.04 -37.99
CA ARG F 75 -17.83 21.80 -37.74
C ARG F 75 -16.70 20.94 -37.23
N LEU F 76 -16.88 19.61 -37.21
CA LEU F 76 -15.78 18.71 -36.89
C LEU F 76 -14.57 18.98 -37.78
N GLN F 77 -14.81 19.13 -39.08
CA GLN F 77 -13.72 19.40 -40.01
C GLN F 77 -13.10 20.76 -39.75
N LYS F 78 -13.88 21.74 -39.30
CA LYS F 78 -13.33 23.06 -39.02
C LYS F 78 -12.53 23.09 -37.72
N ASN F 79 -12.92 22.29 -36.73
CA ASN F 79 -12.13 22.18 -35.51
C ASN F 79 -10.83 21.42 -35.76
N LEU F 80 -10.85 20.44 -36.67
CA LEU F 80 -9.60 19.76 -37.02
C LEU F 80 -8.68 20.70 -37.78
N ASP F 81 -9.25 21.53 -38.66
CA ASP F 81 -8.49 22.59 -39.30
C ASP F 81 -7.93 23.56 -38.27
N ARG F 82 -8.71 23.86 -37.23
CA ARG F 82 -8.21 24.70 -36.14
C ARG F 82 -7.07 24.02 -35.41
N ALA F 83 -7.18 22.72 -35.16
CA ALA F 83 -6.09 21.99 -34.53
C ALA F 83 -4.83 21.99 -35.39
N GLU F 84 -4.99 21.83 -36.71
CA GLU F 84 -3.84 21.80 -37.59
C GLU F 84 -3.10 23.14 -37.59
N ARG F 85 -3.85 24.24 -37.51
CA ARG F 85 -3.20 25.55 -37.41
C ARG F 85 -2.38 25.64 -36.12
N LYS F 86 -2.91 25.09 -35.03
CA LYS F 86 -2.16 25.07 -33.78
C LYS F 86 -0.94 24.16 -33.92
N PHE F 87 -1.10 23.02 -34.59
CA PHE F 87 0.04 22.16 -34.87
C PHE F 87 1.13 22.91 -35.61
N ASP F 88 0.75 23.69 -36.64
CA ASP F 88 1.72 24.53 -37.33
C ASP F 88 2.41 25.46 -36.34
N LEU F 89 1.64 26.06 -35.43
CA LEU F 89 2.19 27.01 -34.47
C LEU F 89 3.16 26.35 -33.52
N MSE F 90 2.82 25.16 -33.02
CA MSE F 90 3.67 24.43 -32.10
C MSE F 90 5.00 24.02 -32.74
O MSE F 90 6.04 24.04 -32.06
CB MSE F 90 2.94 23.19 -31.58
CG MSE F 90 1.67 23.50 -30.82
SE MSE F 90 0.46 21.99 -30.77
CE MSE F 90 1.63 20.72 -29.85
N GLN F 91 4.96 23.64 -34.01
CA GLN F 91 6.20 23.25 -34.68
C GLN F 91 7.10 24.44 -34.94
N GLU F 92 6.52 25.63 -35.12
CA GLU F 92 7.34 26.82 -35.25
C GLU F 92 7.87 27.24 -33.88
N LEU F 93 7.12 26.95 -32.81
CA LEU F 93 7.58 27.21 -31.44
C LEU F 93 8.60 26.18 -30.96
N GLY F 94 8.59 24.97 -31.52
CA GLY F 94 9.47 23.92 -31.05
C GLY F 94 8.96 23.16 -29.86
N THR F 95 7.64 23.08 -29.68
CA THR F 95 7.03 22.31 -28.60
C THR F 95 6.15 21.22 -29.21
N ASP F 96 5.91 20.16 -28.44
CA ASP F 96 5.20 19.00 -28.96
C ASP F 96 3.94 18.65 -28.17
N LEU F 97 3.52 19.48 -27.23
CA LEU F 97 2.37 19.19 -26.39
C LEU F 97 1.42 20.37 -26.37
N VAL F 98 0.14 20.11 -26.56
CA VAL F 98 -0.90 21.14 -26.49
C VAL F 98 -1.97 20.69 -25.50
N LEU F 99 -2.43 21.62 -24.68
CA LEU F 99 -3.46 21.33 -23.69
C LEU F 99 -4.84 21.54 -24.32
N VAL F 100 -5.69 20.52 -24.22
CA VAL F 100 -7.08 20.60 -24.64
C VAL F 100 -7.94 20.53 -23.38
N CYS F 101 -8.64 21.62 -23.08
CA CYS F 101 -9.49 21.68 -21.91
C CYS F 101 -10.92 21.29 -22.26
N SER F 102 -11.59 20.63 -21.33
CA SER F 102 -12.88 20.01 -21.62
C SER F 102 -13.90 21.04 -22.08
N ASN F 103 -14.83 20.57 -22.90
CA ASN F 103 -15.82 21.46 -23.53
C ASN F 103 -16.71 22.11 -22.49
N VAL F 104 -17.02 23.38 -22.70
CA VAL F 104 -17.93 24.11 -21.82
C VAL F 104 -19.17 24.60 -22.54
N GLN F 105 -19.26 24.45 -23.87
CA GLN F 105 -20.42 24.91 -24.61
C GLN F 105 -21.69 24.22 -24.13
N ALA F 106 -22.80 24.96 -24.15
CA ALA F 106 -24.07 24.41 -23.69
C ALA F 106 -24.62 23.40 -24.67
N ASP F 107 -24.37 23.58 -25.96
CA ASP F 107 -24.84 22.68 -27.01
C ASP F 107 -23.85 21.58 -27.32
N ALA F 108 -22.90 21.30 -26.42
CA ALA F 108 -21.91 20.27 -26.64
C ALA F 108 -22.51 18.90 -26.33
N LEU F 109 -22.17 17.92 -27.15
CA LEU F 109 -22.68 16.57 -26.97
C LEU F 109 -21.87 15.83 -25.91
N GLY F 110 -22.54 15.01 -25.11
CA GLY F 110 -21.90 14.29 -24.03
C GLY F 110 -21.87 12.78 -24.18
N ASP F 111 -22.28 12.23 -25.32
CA ASP F 111 -22.26 10.78 -25.51
C ASP F 111 -20.83 10.25 -25.36
N GLU F 112 -20.67 9.27 -24.46
CA GLU F 112 -19.34 8.81 -24.08
C GLU F 112 -18.54 8.32 -25.29
N GLN F 113 -19.12 7.43 -26.09
CA GLN F 113 -18.38 6.87 -27.22
C GLN F 113 -18.06 7.94 -28.25
N LEU F 114 -18.91 8.96 -28.38
CA LEU F 114 -18.61 10.05 -29.30
C LEU F 114 -17.42 10.86 -28.82
N LEU F 115 -17.32 11.10 -27.52
CA LEU F 115 -16.15 11.79 -26.98
C LEU F 115 -14.89 10.96 -27.17
N VAL F 116 -14.98 9.66 -26.94
CA VAL F 116 -13.85 8.76 -27.18
C VAL F 116 -13.40 8.86 -28.63
N ASP F 117 -14.36 8.82 -29.57
CA ASP F 117 -14.01 8.92 -30.98
C ASP F 117 -13.38 10.26 -31.31
N ASP F 118 -13.95 11.35 -30.80
CA ASP F 118 -13.40 12.68 -31.07
C ASP F 118 -11.98 12.79 -30.53
N LEU F 119 -11.76 12.36 -29.27
CA LEU F 119 -10.44 12.48 -28.67
C LEU F 119 -9.43 11.57 -29.38
N ARG F 120 -9.86 10.38 -29.80
CA ARG F 120 -8.98 9.51 -30.58
C ARG F 120 -8.61 10.14 -31.91
N LEU F 121 -9.60 10.72 -32.60
CA LEU F 121 -9.34 11.34 -33.89
C LEU F 121 -8.32 12.46 -33.78
N LEU F 122 -8.46 13.30 -32.75
CA LEU F 122 -7.48 14.36 -32.52
C LEU F 122 -6.10 13.77 -32.21
N GLY F 123 -6.06 12.68 -31.44
CA GLY F 123 -4.79 12.03 -31.16
C GLY F 123 -4.12 11.51 -32.42
N GLU F 124 -4.93 10.96 -33.35
CA GLU F 124 -4.37 10.49 -34.61
C GLU F 124 -3.77 11.63 -35.41
N HIS F 125 -4.45 12.77 -35.47
CA HIS F 125 -3.91 13.93 -36.18
C HIS F 125 -2.61 14.41 -35.54
N ALA F 126 -2.57 14.46 -34.20
CA ALA F 126 -1.35 14.88 -33.52
C ALA F 126 -0.24 13.85 -33.70
N GLY F 127 -0.57 12.57 -33.55
CA GLY F 127 0.43 11.52 -33.74
C GLY F 127 1.04 11.55 -35.12
N LYS F 128 0.22 11.83 -36.14
CA LYS F 128 0.72 11.92 -37.51
C LYS F 128 1.82 12.96 -37.63
N ARG F 129 1.63 14.12 -37.01
CA ARG F 129 2.59 15.20 -37.09
C ARG F 129 3.67 15.14 -36.01
N GLY F 130 3.66 14.11 -35.17
CA GLY F 130 4.65 13.99 -34.12
C GLY F 130 4.41 14.86 -32.90
N LEU F 131 3.14 15.14 -32.58
CA LEU F 131 2.77 16.00 -31.48
C LEU F 131 1.87 15.23 -30.53
N ARG F 132 1.59 15.82 -29.36
CA ARG F 132 0.82 15.14 -28.32
C ARG F 132 -0.32 16.02 -27.85
N ILE F 133 -1.41 15.37 -27.46
CA ILE F 133 -2.60 16.02 -26.93
C ILE F 133 -2.67 15.74 -25.44
N GLY F 134 -2.77 16.79 -24.63
CA GLY F 134 -3.02 16.65 -23.21
C GLY F 134 -4.41 17.12 -22.83
N TYR F 135 -5.23 16.20 -22.31
CA TYR F 135 -6.64 16.46 -22.05
C TYR F 135 -6.81 16.87 -20.59
N GLU F 136 -7.36 18.06 -20.35
CA GLU F 136 -7.55 18.60 -19.01
C GLU F 136 -9.03 18.83 -18.75
N ALA F 137 -9.51 18.41 -17.58
CA ALA F 137 -10.88 18.67 -17.17
C ALA F 137 -10.95 20.03 -16.48
N LEU F 138 -11.79 20.91 -17.02
CA LEU F 138 -12.17 22.12 -16.31
C LEU F 138 -13.22 21.76 -15.27
N ALA F 139 -13.10 22.35 -14.08
CA ALA F 139 -14.05 22.05 -13.01
C ALA F 139 -15.48 22.39 -13.38
N TRP F 140 -15.68 23.26 -14.37
CA TRP F 140 -17.00 23.63 -14.86
C TRP F 140 -17.29 23.08 -16.23
N GLY F 141 -16.61 21.99 -16.62
CA GLY F 141 -16.90 21.37 -17.89
C GLY F 141 -18.34 20.88 -17.98
N ARG F 142 -18.90 20.98 -19.18
CA ARG F 142 -20.30 20.61 -19.39
C ARG F 142 -20.52 19.12 -19.15
N HIS F 143 -19.63 18.27 -19.68
CA HIS F 143 -19.76 16.83 -19.53
C HIS F 143 -18.57 16.19 -18.84
N VAL F 144 -17.38 16.78 -18.93
CA VAL F 144 -16.17 16.23 -18.33
C VAL F 144 -15.62 17.31 -17.41
N ASN F 145 -15.62 17.04 -16.10
CA ASN F 145 -15.11 18.02 -15.15
C ASN F 145 -14.26 17.41 -14.05
N THR F 146 -13.81 16.16 -14.18
CA THR F 146 -12.95 15.51 -13.20
C THR F 146 -11.84 14.77 -13.91
N TYR F 147 -10.74 14.52 -13.19
CA TYR F 147 -9.65 13.75 -13.77
C TYR F 147 -10.05 12.30 -13.99
N GLN F 148 -10.97 11.77 -13.17
CA GLN F 148 -11.44 10.41 -13.36
C GLN F 148 -12.12 10.25 -14.72
N GLN F 149 -12.96 11.21 -15.10
CA GLN F 149 -13.61 11.17 -16.40
C GLN F 149 -12.59 11.32 -17.53
N VAL F 150 -11.57 12.17 -17.33
CA VAL F 150 -10.54 12.35 -18.35
C VAL F 150 -9.82 11.03 -18.60
N TRP F 151 -9.36 10.38 -17.52
CA TRP F 151 -8.63 9.13 -17.68
C TRP F 151 -9.51 8.04 -18.30
N ASN F 152 -10.79 8.02 -17.96
CA ASN F 152 -11.71 7.08 -18.59
C ASN F 152 -11.74 7.25 -20.11
N LEU F 153 -11.84 8.50 -20.57
CA LEU F 153 -11.90 8.75 -22.00
C LEU F 153 -10.55 8.52 -22.67
N VAL F 154 -9.46 8.95 -22.02
CA VAL F 154 -8.13 8.77 -22.60
C VAL F 154 -7.80 7.29 -22.72
N ARG F 155 -8.13 6.50 -21.70
CA ARG F 155 -7.85 5.07 -21.72
C ARG F 155 -8.61 4.38 -22.86
N GLN F 156 -9.90 4.67 -23.00
CA GLN F 156 -10.69 4.03 -24.06
C GLN F 156 -10.20 4.46 -25.44
N ALA F 157 -9.79 5.71 -25.58
CA ALA F 157 -9.28 6.17 -26.87
C ALA F 157 -7.99 5.43 -27.23
N ASP F 158 -7.16 5.15 -26.23
CA ASP F 158 -6.04 4.22 -26.35
C ASP F 158 -5.10 4.62 -27.50
N HIS F 159 -4.55 5.83 -27.40
CA HIS F 159 -3.62 6.32 -28.39
C HIS F 159 -2.40 6.88 -27.66
N PRO F 160 -1.18 6.53 -28.06
CA PRO F 160 0.00 6.99 -27.31
C PRO F 160 0.21 8.49 -27.36
N ALA F 161 -0.38 9.19 -28.33
CA ALA F 161 -0.24 10.64 -28.44
C ALA F 161 -1.30 11.40 -27.67
N LEU F 162 -2.15 10.70 -26.91
CA LEU F 162 -3.22 11.30 -26.13
C LEU F 162 -3.06 10.93 -24.67
N GLY F 163 -2.94 11.93 -23.82
CA GLY F 163 -2.69 11.70 -22.41
C GLY F 163 -3.51 12.56 -21.48
N VAL F 164 -3.23 12.46 -20.18
CA VAL F 164 -3.96 13.17 -19.14
C VAL F 164 -3.14 14.37 -18.68
N ILE F 165 -3.79 15.51 -18.50
CA ILE F 165 -3.19 16.67 -17.85
C ILE F 165 -3.95 16.94 -16.56
N LEU F 166 -3.21 17.08 -15.47
CA LEU F 166 -3.78 17.27 -14.15
C LEU F 166 -3.57 18.70 -13.68
N ASP F 167 -4.61 19.26 -13.05
CA ASP F 167 -4.62 20.63 -12.55
C ASP F 167 -5.11 20.58 -11.11
N SER F 168 -4.24 20.97 -10.17
CA SER F 168 -4.58 20.82 -8.76
C SER F 168 -5.81 21.63 -8.37
N PHE F 169 -6.03 22.79 -8.99
CA PHE F 169 -7.21 23.56 -8.63
C PHE F 169 -8.49 22.88 -9.11
N HIS F 170 -8.51 22.43 -10.37
CA HIS F 170 -9.74 21.85 -10.92
C HIS F 170 -10.18 20.62 -10.13
N THR F 171 -9.24 19.86 -9.57
CA THR F 171 -9.61 18.70 -8.78
C THR F 171 -10.00 19.10 -7.35
N LEU F 172 -9.16 19.89 -6.69
CA LEU F 172 -9.37 20.18 -5.28
C LEU F 172 -10.48 21.20 -5.03
N SER F 173 -10.80 22.04 -6.02
CA SER F 173 -11.92 22.96 -5.82
C SER F 173 -13.25 22.21 -5.75
N LEU F 174 -13.34 21.06 -6.42
CA LEU F 174 -14.50 20.19 -6.31
C LEU F 174 -14.37 19.20 -5.16
N LYS F 175 -13.38 19.38 -4.29
CA LYS F 175 -13.10 18.46 -3.19
C LYS F 175 -12.84 17.05 -3.71
N GLY F 176 -12.24 16.95 -4.90
CA GLY F 176 -11.95 15.65 -5.47
C GLY F 176 -10.87 14.91 -4.69
N ASP F 177 -10.95 13.58 -4.76
CA ASP F 177 -9.99 12.72 -4.08
C ASP F 177 -8.89 12.36 -5.06
N PRO F 178 -7.64 12.81 -4.85
CA PRO F 178 -6.56 12.51 -5.79
C PRO F 178 -6.04 11.08 -5.69
N SER F 179 -6.61 10.25 -4.82
CA SER F 179 -6.02 8.95 -4.53
C SER F 179 -6.04 8.04 -5.76
N ALA F 180 -7.11 8.10 -6.56
CA ALA F 180 -7.21 7.24 -7.74
C ALA F 180 -6.21 7.59 -8.84
N ILE F 181 -5.46 8.69 -8.69
CA ILE F 181 -4.40 9.01 -9.65
C ILE F 181 -3.33 7.92 -9.67
N ARG F 182 -3.11 7.25 -8.54
CA ARG F 182 -2.06 6.24 -8.43
C ARG F 182 -2.27 5.09 -9.42
N ASP F 183 -3.51 4.86 -9.84
CA ASP F 183 -3.82 3.79 -10.78
C ASP F 183 -3.66 4.18 -12.24
N ILE F 184 -3.32 5.43 -12.52
CA ILE F 184 -3.09 5.85 -13.90
C ILE F 184 -1.64 5.51 -14.27
N PRO F 185 -1.41 4.87 -15.42
CA PRO F 185 -0.04 4.61 -15.85
C PRO F 185 0.75 5.91 -15.96
N GLY F 186 1.96 5.90 -15.39
CA GLY F 186 2.76 7.11 -15.34
C GLY F 186 2.96 7.77 -16.68
N ASP F 187 3.09 6.97 -17.75
CA ASP F 187 3.36 7.53 -19.07
C ASP F 187 2.12 8.08 -19.75
N LYS F 188 0.93 7.88 -19.20
CA LYS F 188 -0.27 8.49 -19.74
C LYS F 188 -0.57 9.86 -19.14
N ILE F 189 0.18 10.28 -18.12
CA ILE F 189 0.10 11.63 -17.59
C ILE F 189 1.12 12.48 -18.32
N PHE F 190 0.64 13.51 -19.03
CA PHE F 190 1.51 14.33 -19.87
C PHE F 190 1.96 15.62 -19.20
N PHE F 191 1.25 16.12 -18.19
CA PHE F 191 1.56 17.43 -17.65
C PHE F 191 0.85 17.61 -16.32
N VAL F 192 1.48 18.37 -15.42
CA VAL F 192 0.94 18.65 -14.09
C VAL F 192 1.03 20.15 -13.84
N GLN F 193 -0.12 20.77 -13.57
CA GLN F 193 -0.19 22.18 -13.23
C GLN F 193 -0.54 22.31 -11.75
N MSE F 194 0.35 22.93 -10.99
CA MSE F 194 0.07 23.17 -9.58
C MSE F 194 -0.52 24.55 -9.39
O MSE F 194 -0.02 25.53 -9.95
CB MSE F 194 1.34 23.00 -8.74
CG MSE F 194 1.96 21.61 -8.82
SE MSE F 194 0.73 20.17 -8.34
CE MSE F 194 0.34 20.66 -6.49
N ALA F 195 -1.58 24.64 -8.59
CA ALA F 195 -2.23 25.91 -8.32
C ALA F 195 -2.93 25.80 -6.98
N ASP F 196 -2.61 26.72 -6.07
CA ASP F 196 -3.25 26.79 -4.78
C ASP F 196 -4.34 27.86 -4.80
N ALA F 197 -5.16 27.87 -3.75
CA ALA F 197 -6.25 28.83 -3.63
C ALA F 197 -6.81 28.79 -2.21
N PRO F 198 -7.39 29.88 -1.73
CA PRO F 198 -8.18 29.81 -0.50
C PRO F 198 -9.45 29.02 -0.75
N ILE F 199 -9.92 28.35 0.29
CA ILE F 199 -11.18 27.60 0.20
C ILE F 199 -12.32 28.60 0.33
N LEU F 200 -13.10 28.74 -0.74
CA LEU F 200 -14.18 29.71 -0.78
C LEU F 200 -15.46 29.05 -1.27
N ALA F 201 -16.59 29.44 -0.67
CA ALA F 201 -17.91 28.97 -1.09
C ALA F 201 -18.35 29.85 -2.26
N MSE F 202 -17.82 29.53 -3.44
CA MSE F 202 -17.92 30.41 -4.59
C MSE F 202 -18.06 29.60 -5.87
O MSE F 202 -17.61 28.45 -5.93
CB MSE F 202 -16.69 31.31 -4.66
CG MSE F 202 -16.65 32.32 -5.79
SE MSE F 202 -14.98 33.34 -5.75
CE MSE F 202 -15.03 33.92 -3.90
N ASP F 203 -18.72 30.18 -6.87
CA ASP F 203 -18.72 29.60 -8.21
C ASP F 203 -17.30 29.27 -8.65
N VAL F 204 -17.07 28.02 -9.05
CA VAL F 204 -15.71 27.54 -9.25
C VAL F 204 -15.02 28.30 -10.38
N LEU F 205 -15.76 28.74 -11.40
CA LEU F 205 -15.14 29.45 -12.52
C LEU F 205 -14.59 30.79 -12.08
N GLU F 206 -15.36 31.57 -11.31
CA GLU F 206 -14.85 32.83 -10.78
C GLU F 206 -13.80 32.58 -9.71
N TRP F 207 -13.97 31.52 -8.93
CA TRP F 207 -12.96 31.11 -7.95
C TRP F 207 -11.62 30.85 -8.62
N SER F 208 -11.63 30.17 -9.77
CA SER F 208 -10.39 29.91 -10.49
C SER F 208 -9.85 31.17 -11.15
N ARG F 209 -10.75 32.05 -11.60
CA ARG F 209 -10.35 33.23 -12.36
C ARG F 209 -9.56 34.21 -11.50
N HIS F 210 -9.97 34.41 -10.24
CA HIS F 210 -9.43 35.51 -9.45
C HIS F 210 -8.58 35.10 -8.25
N PHE F 211 -8.68 33.86 -7.75
CA PHE F 211 -8.06 33.52 -6.48
C PHE F 211 -7.00 32.43 -6.54
N ARG F 212 -6.60 31.99 -7.73
CA ARG F 212 -5.48 31.05 -7.83
C ARG F 212 -4.20 31.71 -7.35
N CYS F 213 -3.38 30.93 -6.64
CA CYS F 213 -2.08 31.42 -6.18
C CYS F 213 -1.10 30.24 -6.15
N PHE F 214 0.14 30.54 -5.78
CA PHE F 214 1.21 29.56 -5.78
C PHE F 214 1.08 28.60 -4.61
N PRO F 215 1.53 27.35 -4.78
CA PRO F 215 1.49 26.38 -3.67
C PRO F 215 2.10 26.93 -2.40
N GLY F 216 1.33 26.86 -1.31
CA GLY F 216 1.73 27.40 -0.03
C GLY F 216 1.09 28.73 0.31
N GLN F 217 0.61 29.46 -0.69
CA GLN F 217 -0.06 30.74 -0.47
C GLN F 217 -1.56 30.58 -0.25
N GLY F 218 -2.12 29.41 -0.52
CA GLY F 218 -3.53 29.15 -0.32
C GLY F 218 -3.81 28.14 0.78
N GLU F 219 -4.90 27.39 0.65
CA GLU F 219 -5.33 26.47 1.69
C GLU F 219 -5.53 25.04 1.21
N MSE F 220 -5.22 24.73 -0.04
CA MSE F 220 -5.44 23.40 -0.56
C MSE F 220 -4.29 22.46 -0.20
O MSE F 220 -3.20 22.91 0.14
CB MSE F 220 -5.63 23.45 -2.08
CG MSE F 220 -6.88 24.18 -2.51
SE MSE F 220 -6.98 24.50 -4.42
CE MSE F 220 -8.89 24.89 -4.54
N ASP F 221 -4.55 21.16 -0.27
CA ASP F 221 -3.55 20.14 0.09
C ASP F 221 -2.71 19.85 -1.15
N MSE F 222 -1.70 20.68 -1.36
CA MSE F 222 -0.83 20.59 -2.52
C MSE F 222 -0.01 19.31 -2.52
O MSE F 222 0.04 18.58 -3.52
CB MSE F 222 0.08 21.82 -2.61
CG MSE F 222 -0.65 23.15 -2.68
SE MSE F 222 -1.40 23.59 -4.43
CE MSE F 222 -3.05 22.54 -4.41
N ALA F 223 0.65 19.03 -1.38
CA ALA F 223 1.45 17.82 -1.27
C ALA F 223 0.59 16.57 -1.40
N GLY F 224 -0.65 16.61 -0.90
CA GLY F 224 -1.54 15.48 -1.04
C GLY F 224 -2.01 15.25 -2.47
N PHE F 225 -1.83 16.24 -3.34
CA PHE F 225 -2.17 16.10 -4.75
C PHE F 225 -0.98 15.61 -5.57
N LEU F 226 0.23 16.08 -5.26
CA LEU F 226 1.42 15.66 -6.01
C LEU F 226 1.87 14.26 -5.62
N ALA F 227 1.65 13.86 -4.36
CA ALA F 227 2.12 12.55 -3.90
C ALA F 227 1.53 11.40 -4.71
N PRO F 228 0.21 11.30 -4.94
CA PRO F 228 -0.28 10.21 -5.78
C PRO F 228 0.23 10.27 -7.21
N ILE F 229 0.48 11.47 -7.73
CA ILE F 229 1.00 11.61 -9.08
C ILE F 229 2.37 10.95 -9.18
N LEU F 230 3.26 11.26 -8.22
CA LEU F 230 4.60 10.71 -8.24
C LEU F 230 4.62 9.21 -7.95
N ALA F 231 3.60 8.70 -7.26
CA ALA F 231 3.51 7.26 -7.04
C ALA F 231 3.33 6.48 -8.32
N THR F 232 2.81 7.12 -9.37
CA THR F 232 2.62 6.45 -10.66
C THR F 232 3.93 6.26 -11.41
N GLY F 233 5.02 6.89 -10.96
CA GLY F 233 6.26 6.90 -11.71
C GLY F 233 6.46 8.14 -12.57
N TYR F 234 5.43 8.98 -12.69
CA TYR F 234 5.53 10.21 -13.47
C TYR F 234 6.70 11.07 -13.01
N ARG F 235 7.54 11.45 -13.96
CA ARG F 235 8.65 12.37 -13.71
C ARG F 235 8.66 13.51 -14.73
N GLY F 236 7.52 13.80 -15.35
CA GLY F 236 7.43 14.83 -16.34
C GLY F 236 7.43 16.22 -15.76
N PRO F 237 7.00 17.21 -16.56
CA PRO F 237 7.07 18.60 -16.10
C PRO F 237 6.19 18.86 -14.89
N LEU F 238 6.68 19.70 -14.00
CA LEU F 238 5.92 20.19 -12.86
C LEU F 238 5.78 21.70 -13.01
N SER F 239 4.55 22.17 -13.18
CA SER F 239 4.31 23.54 -13.63
C SER F 239 3.36 24.27 -12.70
N LEU F 240 3.16 25.56 -13.00
CA LEU F 240 2.34 26.46 -12.23
C LEU F 240 1.38 27.18 -13.17
N GLU F 241 0.10 27.23 -12.79
CA GLU F 241 -0.88 27.96 -13.58
C GLU F 241 -1.79 28.75 -12.65
N ILE F 242 -1.52 30.04 -12.51
CA ILE F 242 -2.42 30.99 -11.89
C ILE F 242 -2.75 32.02 -12.96
N PHE F 243 -3.88 32.69 -12.80
CA PHE F 243 -4.35 33.60 -13.83
C PHE F 243 -4.11 35.03 -13.36
N ASN F 244 -3.06 35.63 -13.91
CA ASN F 244 -2.76 37.03 -13.68
C ASN F 244 -3.81 37.91 -14.34
N ASP F 245 -4.43 38.79 -13.55
CA ASP F 245 -5.45 39.68 -14.08
C ASP F 245 -4.85 40.65 -15.07
N GLY F 246 -5.65 41.01 -16.09
CA GLY F 246 -5.20 42.02 -17.02
C GLY F 246 -4.87 43.33 -16.33
N PHE F 247 -5.62 43.67 -15.29
CA PHE F 247 -5.35 44.85 -14.48
C PHE F 247 -4.31 44.57 -13.39
N ARG F 248 -4.24 43.31 -12.93
CA ARG F 248 -3.24 42.78 -12.00
C ARG F 248 -2.48 43.76 -11.14
N ALA F 249 -1.16 43.69 -11.18
CA ALA F 249 -0.33 44.71 -10.53
C ALA F 249 0.89 45.11 -11.40
N ALA F 250 1.89 44.26 -11.70
CA ALA F 250 2.19 42.91 -11.17
C ALA F 250 3.69 42.69 -11.43
N PRO F 251 4.50 42.62 -10.36
CA PRO F 251 5.95 42.49 -10.55
C PRO F 251 6.37 41.17 -11.20
N THR F 252 6.85 41.26 -12.45
CA THR F 252 7.17 40.08 -13.22
C THR F 252 8.29 39.26 -12.57
N ARG F 253 9.41 39.92 -12.25
CA ARG F 253 10.57 39.21 -11.70
C ARG F 253 10.23 38.54 -10.37
N GLN F 254 9.60 39.29 -9.46
CA GLN F 254 9.35 38.77 -8.13
C GLN F 254 8.30 37.66 -8.16
N ASN F 255 7.28 37.80 -9.02
CA ASN F 255 6.28 36.74 -9.17
C ASN F 255 6.92 35.44 -9.66
N ALA F 256 7.81 35.54 -10.64
CA ALA F 256 8.47 34.35 -11.15
C ALA F 256 9.35 33.71 -10.06
N ALA F 257 10.05 34.53 -9.28
CA ALA F 257 10.87 34.00 -8.20
C ALA F 257 10.01 33.33 -7.14
N ASP F 258 8.88 33.96 -6.77
CA ASP F 258 7.96 33.32 -5.84
C ASP F 258 7.44 32.00 -6.38
N GLY F 259 7.15 31.95 -7.68
CA GLY F 259 6.68 30.70 -8.27
C GLY F 259 7.68 29.57 -8.12
N LEU F 260 8.94 29.82 -8.49
CA LEU F 260 9.97 28.79 -8.35
C LEU F 260 10.14 28.40 -6.89
N ARG F 261 10.20 29.38 -6.00
CA ARG F 261 10.29 29.09 -4.57
C ARG F 261 9.14 28.21 -4.11
N SER F 262 7.93 28.47 -4.61
CA SER F 262 6.78 27.65 -4.21
C SER F 262 6.92 26.22 -4.73
N LEU F 263 7.54 26.04 -5.89
CA LEU F 263 7.77 24.67 -6.37
C LEU F 263 8.82 23.95 -5.53
N LEU F 264 9.87 24.66 -5.12
CA LEU F 264 10.87 24.07 -4.23
C LEU F 264 10.22 23.65 -2.90
N TYR F 265 9.41 24.54 -2.33
CA TYR F 265 8.73 24.21 -1.07
C TYR F 265 7.75 23.06 -1.26
N LEU F 266 7.02 23.05 -2.37
CA LEU F 266 6.10 21.96 -2.66
C LEU F 266 6.84 20.63 -2.79
N GLU F 267 8.00 20.63 -3.45
CA GLU F 267 8.75 19.39 -3.62
C GLU F 267 9.19 18.82 -2.28
N GLU F 268 9.69 19.66 -1.38
CA GLU F 268 10.11 19.17 -0.08
C GLU F 268 8.92 18.62 0.70
N GLN F 269 7.81 19.37 0.74
CA GLN F 269 6.64 18.91 1.48
C GLN F 269 6.05 17.65 0.88
N THR F 270 6.12 17.50 -0.45
CA THR F 270 5.65 16.28 -1.08
C THR F 270 6.57 15.11 -0.76
N ARG F 271 7.88 15.36 -0.70
CA ARG F 271 8.82 14.30 -0.33
C ARG F 271 8.52 13.79 1.08
N LEU F 272 8.33 14.70 2.03
CA LEU F 272 8.04 14.31 3.40
C LEU F 272 6.71 13.56 3.49
N ARG F 273 5.72 13.97 2.69
CA ARG F 273 4.43 13.28 2.72
C ARG F 273 4.58 11.83 2.28
N LEU F 274 5.39 11.59 1.24
CA LEU F 274 5.64 10.22 0.80
C LEU F 274 6.42 9.44 1.85
N GLU F 275 7.39 10.08 2.50
CA GLU F 275 8.12 9.43 3.58
C GLU F 275 7.20 9.05 4.74
N GLN F 276 6.20 9.89 5.03
CA GLN F 276 5.27 9.62 6.12
C GLN F 276 4.23 8.57 5.76
N GLU F 277 3.99 8.33 4.47
CA GLU F 277 3.06 7.30 4.02
C GLU F 277 3.78 6.01 3.66
N ASN F 278 5.04 5.87 4.06
CA ASN F 278 5.86 4.71 3.76
C ASN F 278 5.81 4.34 2.29
N THR F 279 5.87 5.36 1.43
CA THR F 279 6.05 5.19 -0.01
C THR F 279 7.09 6.22 -0.48
N PRO F 280 8.31 6.14 0.04
CA PRO F 280 9.31 7.18 -0.25
C PRO F 280 9.69 7.17 -1.73
N ILE F 281 10.36 8.24 -2.13
CA ILE F 281 10.71 8.46 -3.51
C ILE F 281 12.22 8.29 -3.66
N GLU F 282 12.66 7.99 -4.88
CA GLU F 282 14.09 7.86 -5.11
C GLU F 282 14.76 9.21 -4.90
N PRO F 283 15.96 9.24 -4.30
CA PRO F 283 16.62 10.51 -4.01
C PRO F 283 16.98 11.26 -5.28
N GLY F 284 17.18 12.57 -5.12
CA GLY F 284 17.62 13.43 -6.20
C GLY F 284 16.53 13.99 -7.08
N VAL F 285 15.27 13.66 -6.83
CA VAL F 285 14.16 14.17 -7.62
C VAL F 285 13.59 15.42 -6.96
N LEU F 286 13.19 15.29 -5.71
CA LEU F 286 12.51 16.35 -4.98
C LEU F 286 13.51 17.15 -4.14
N PHE F 287 13.39 18.48 -4.21
CA PHE F 287 14.20 19.41 -3.42
C PHE F 287 14.30 18.96 -1.97
N SER F 288 15.54 18.89 -1.47
CA SER F 288 15.83 18.39 -0.13
C SER F 288 16.76 19.36 0.58
N PRO F 289 16.25 20.50 1.03
CA PRO F 289 17.10 21.48 1.73
C PRO F 289 17.31 21.07 3.17
N PRO F 290 18.22 21.73 3.88
CA PRO F 290 18.37 21.47 5.32
C PRO F 290 17.08 21.77 6.04
N PRO F 291 16.64 20.89 6.94
CA PRO F 291 15.45 21.19 7.75
C PRO F 291 15.66 22.46 8.58
N ALA F 292 14.55 23.13 8.87
CA ALA F 292 14.61 24.37 9.62
C ALA F 292 15.12 24.14 11.03
N SER F 293 15.87 25.11 11.54
CA SER F 293 16.30 25.08 12.93
C SER F 293 15.10 25.19 13.87
N ALA F 294 15.27 24.65 15.07
CA ALA F 294 14.29 24.90 16.12
C ALA F 294 14.44 26.33 16.63
N TYR F 295 13.33 26.89 17.10
CA TYR F 295 13.31 28.27 17.55
C TYR F 295 12.98 28.32 19.04
N ASP F 296 13.46 29.38 19.69
CA ASP F 296 13.15 29.65 21.09
C ASP F 296 12.73 31.11 21.26
N GLY F 297 11.77 31.54 20.44
CA GLY F 297 11.24 32.89 20.55
C GLY F 297 12.17 33.94 19.98
N VAL F 298 11.88 35.18 20.35
CA VAL F 298 12.60 36.34 19.84
C VAL F 298 13.76 36.66 20.77
N GLU F 299 14.96 36.79 20.20
CA GLU F 299 16.11 37.20 21.00
C GLU F 299 16.04 38.69 21.34
N PHE F 300 15.86 39.54 20.33
CA PHE F 300 15.62 40.95 20.60
C PHE F 300 14.90 41.58 19.40
N LEU F 301 14.25 42.71 19.69
CA LEU F 301 13.66 43.56 18.67
C LEU F 301 14.53 44.81 18.49
N GLU F 302 14.75 45.20 17.24
CA GLU F 302 15.53 46.38 16.92
C GLU F 302 14.62 47.43 16.28
N PHE F 303 14.50 48.58 16.92
CA PHE F 303 13.68 49.67 16.42
C PHE F 303 14.56 50.75 15.83
N ALA F 304 14.15 51.27 14.68
CA ALA F 304 14.85 52.36 14.02
C ALA F 304 14.17 53.66 14.41
N VAL F 305 14.92 54.55 15.05
CA VAL F 305 14.40 55.81 15.58
C VAL F 305 15.51 56.85 15.49
N ASP F 306 15.13 58.11 15.68
CA ASP F 306 16.10 59.14 15.97
C ASP F 306 16.07 59.36 17.48
N GLU F 307 16.89 60.29 17.96
CA GLU F 307 17.05 60.40 19.40
C GLU F 307 15.81 60.99 20.06
N ALA F 308 15.12 61.91 19.39
CA ALA F 308 13.88 62.47 19.93
C ALA F 308 12.82 61.39 20.11
N VAL F 309 12.50 60.68 19.02
CA VAL F 309 11.49 59.63 19.11
C VAL F 309 12.02 58.46 19.95
N GLY F 310 13.33 58.20 19.91
CA GLY F 310 13.88 57.09 20.67
C GLY F 310 13.73 57.28 22.17
N ALA F 311 13.88 58.51 22.64
CA ALA F 311 13.69 58.78 24.07
C ALA F 311 12.23 58.59 24.47
N ARG F 312 11.30 59.04 23.63
CA ARG F 312 9.88 58.87 23.94
C ARG F 312 9.47 57.41 23.92
N LEU F 313 10.01 56.63 22.98
CA LEU F 313 9.70 55.20 22.95
C LEU F 313 10.27 54.48 24.17
N GLY F 314 11.46 54.89 24.61
CA GLY F 314 12.00 54.34 25.84
C GLY F 314 11.13 54.65 27.04
N ASN F 315 10.53 55.85 27.05
CA ASN F 315 9.61 56.21 28.13
C ASN F 315 8.40 55.29 28.15
N TRP F 316 7.80 55.05 26.98
CA TRP F 316 6.69 54.10 26.89
C TRP F 316 7.06 52.74 27.46
N LEU F 317 8.25 52.25 27.11
CA LEU F 317 8.66 50.93 27.53
C LEU F 317 9.04 50.89 29.00
N LYS F 318 9.65 51.96 29.53
CA LYS F 318 9.86 52.02 30.98
C LYS F 318 8.54 51.86 31.73
N ARG F 319 7.52 52.63 31.32
CA ARG F 319 6.21 52.50 31.94
C ARG F 319 5.64 51.10 31.80
N LEU F 320 5.96 50.41 30.70
CA LEU F 320 5.53 49.02 30.54
C LEU F 320 6.39 48.05 31.33
N GLY F 321 7.33 48.55 32.14
CA GLY F 321 8.09 47.73 33.04
C GLY F 321 9.50 47.40 32.59
N PHE F 322 9.96 47.95 31.47
CA PHE F 322 11.29 47.64 30.96
C PHE F 322 12.33 48.45 31.71
N ALA F 323 13.48 47.83 31.96
CA ALA F 323 14.61 48.49 32.58
C ALA F 323 15.62 48.92 31.54
N GLU F 324 16.23 50.08 31.75
CA GLU F 324 17.34 50.54 30.92
C GLU F 324 18.57 49.70 31.23
N ALA F 325 18.81 48.69 30.39
CA ALA F 325 19.87 47.71 30.65
C ALA F 325 21.27 48.19 30.29
N GLY F 326 21.40 49.34 29.64
CA GLY F 326 22.72 49.86 29.31
C GLY F 326 22.77 50.43 27.90
N LYS F 327 23.82 51.20 27.63
CA LYS F 327 24.01 51.88 26.36
C LYS F 327 25.16 51.24 25.58
N HIS F 328 25.06 51.30 24.26
CA HIS F 328 26.13 50.82 23.39
C HIS F 328 27.44 51.55 23.69
N ARG F 329 28.56 50.85 23.51
CA ARG F 329 29.85 51.42 23.90
C ARG F 329 30.28 52.56 22.98
N SER F 330 29.86 52.54 21.72
CA SER F 330 30.28 53.55 20.75
C SER F 330 29.13 54.16 19.96
N LYS F 331 28.01 53.49 19.81
CA LYS F 331 26.89 53.97 19.00
C LYS F 331 25.77 54.51 19.89
N GLU F 332 24.86 55.25 19.26
CA GLU F 332 23.69 55.80 19.94
C GLU F 332 22.58 54.75 19.96
N VAL F 333 22.82 53.70 20.75
CA VAL F 333 21.95 52.53 20.79
C VAL F 333 21.69 52.17 22.26
N GLN F 334 20.43 52.10 22.64
CA GLN F 334 20.02 51.75 24.00
C GLN F 334 19.36 50.38 24.03
N LEU F 335 19.69 49.61 25.07
CA LEU F 335 19.13 48.29 25.31
C LEU F 335 18.19 48.36 26.51
N LEU F 336 16.99 47.84 26.34
CA LEU F 336 16.01 47.79 27.41
C LEU F 336 15.56 46.34 27.60
N ARG F 337 15.26 45.99 28.86
CA ARG F 337 15.10 44.58 29.22
C ARG F 337 13.95 44.42 30.20
N GLN F 338 13.23 43.32 30.04
CA GLN F 338 12.21 42.91 31.00
C GLN F 338 11.95 41.43 30.80
N GLY F 339 12.17 40.64 31.84
CA GLY F 339 12.03 39.21 31.71
C GLY F 339 13.00 38.70 30.67
N ASP F 340 12.47 38.00 29.65
CA ASP F 340 13.28 37.55 28.54
C ASP F 340 13.06 38.38 27.28
N ILE F 341 12.52 39.58 27.43
CA ILE F 341 12.28 40.48 26.31
C ILE F 341 13.45 41.45 26.22
N ASN F 342 14.08 41.51 25.05
CA ASN F 342 15.15 42.46 24.77
C ASN F 342 14.71 43.37 23.63
N ILE F 343 14.83 44.68 23.85
CA ILE F 343 14.43 45.68 22.87
C ILE F 343 15.59 46.64 22.66
N VAL F 344 15.99 46.80 21.39
CA VAL F 344 17.12 47.64 21.01
C VAL F 344 16.58 48.88 20.32
N LEU F 345 16.88 50.06 20.88
CA LEU F 345 16.52 51.33 20.28
C LEU F 345 17.74 51.87 19.55
N ASN F 346 17.71 51.79 18.21
CA ASN F 346 18.86 52.14 17.38
C ASN F 346 18.67 53.53 16.81
N ALA F 347 19.40 54.50 17.35
CA ALA F 347 19.37 55.88 16.88
C ALA F 347 20.68 56.29 16.22
N GLU F 348 21.54 55.34 15.88
CA GLU F 348 22.80 55.67 15.24
C GLU F 348 22.56 56.18 13.84
N PRO F 349 23.02 57.38 13.49
CA PRO F 349 22.80 57.92 12.15
C PRO F 349 23.78 57.31 11.15
N TYR F 350 23.47 57.50 9.87
CA TYR F 350 24.33 57.11 8.77
C TYR F 350 24.63 55.61 8.81
N SER F 351 23.56 54.82 8.75
CA SER F 351 23.64 53.39 8.99
C SER F 351 22.40 52.73 8.41
N PHE F 352 22.35 51.40 8.53
CA PHE F 352 21.16 50.65 8.13
C PHE F 352 19.93 51.13 8.87
N GLY F 353 20.03 51.27 10.20
CA GLY F 353 18.89 51.74 10.97
C GLY F 353 18.43 53.13 10.58
N HIS F 354 19.38 54.05 10.36
CA HIS F 354 19.02 55.41 10.00
C HIS F 354 18.32 55.46 8.64
N ASN F 355 18.82 54.71 7.65
CA ASN F 355 18.12 54.61 6.38
C ASN F 355 16.70 54.10 6.56
N PHE F 356 16.53 53.08 7.39
CA PHE F 356 15.20 52.53 7.64
C PHE F 356 14.32 53.57 8.33
N PHE F 357 14.88 54.35 9.24
CA PHE F 357 14.11 55.38 9.92
C PHE F 357 13.65 56.46 8.94
N GLU F 358 14.56 56.90 8.05
CA GLU F 358 14.18 57.90 7.06
C GLU F 358 13.17 57.36 6.05
N ALA F 359 13.25 56.07 5.72
CA ALA F 359 12.32 55.50 4.75
C ALA F 359 10.96 55.22 5.37
N HIS F 360 10.89 54.92 6.66
CA HIS F 360 9.64 54.45 7.27
C HIS F 360 9.21 55.19 8.52
N GLY F 361 10.08 56.00 9.13
CA GLY F 361 9.77 56.58 10.41
C GLY F 361 10.09 55.63 11.54
N PRO F 362 9.56 55.87 12.73
CA PRO F 362 9.77 54.93 13.84
C PRO F 362 9.17 53.58 13.51
N SER F 363 10.00 52.55 13.53
CA SER F 363 9.59 51.27 12.98
C SER F 363 10.52 50.18 13.47
N LEU F 364 10.07 48.93 13.29
CA LEU F 364 10.87 47.74 13.56
C LEU F 364 11.71 47.44 12.32
N CYS F 365 13.02 47.64 12.42
CA CYS F 365 13.90 47.43 11.29
C CYS F 365 14.54 46.04 11.27
N ALA F 366 14.47 45.29 12.36
CA ALA F 366 15.05 43.96 12.40
C ALA F 366 14.50 43.19 13.60
N THR F 367 14.53 41.87 13.47
CA THR F 367 14.16 40.96 14.55
C THR F 367 15.23 39.87 14.63
N ALA F 368 15.81 39.71 15.82
CA ALA F 368 16.74 38.61 16.06
C ALA F 368 15.98 37.39 16.57
N LEU F 369 16.17 36.26 15.90
CA LEU F 369 15.52 35.02 16.29
C LEU F 369 16.49 34.13 17.07
N ARG F 370 15.98 33.49 18.11
CA ARG F 370 16.73 32.48 18.85
C ARG F 370 16.63 31.17 18.08
N VAL F 371 17.73 30.75 17.46
CA VAL F 371 17.76 29.51 16.69
C VAL F 371 18.68 28.53 17.39
N LYS F 372 18.28 27.25 17.38
CA LYS F 372 19.13 26.22 17.97
C LYS F 372 20.30 25.89 17.05
N ASP F 373 20.07 25.89 15.74
CA ASP F 373 21.09 25.56 14.75
C ASP F 373 21.21 26.73 13.78
N GLN F 374 22.21 27.58 14.01
CA GLN F 374 22.36 28.79 13.21
C GLN F 374 22.73 28.47 11.76
N GLN F 375 23.65 27.53 11.55
CA GLN F 375 24.10 27.24 10.19
C GLN F 375 23.01 26.56 9.38
N ALA F 376 22.21 25.70 10.00
CA ALA F 376 21.08 25.09 9.30
C ALA F 376 20.06 26.14 8.90
N ALA F 377 19.75 27.07 9.79
CA ALA F 377 18.81 28.13 9.46
C ALA F 377 19.33 28.98 8.30
N LEU F 378 20.63 29.30 8.32
CA LEU F 378 21.21 30.08 7.24
C LEU F 378 21.21 29.30 5.93
N LYS F 379 21.52 28.00 6.00
CA LYS F 379 21.60 27.20 4.78
C LYS F 379 20.22 26.96 4.17
N ARG F 380 19.18 26.81 5.00
CA ARG F 380 17.84 26.66 4.45
C ARG F 380 17.37 27.94 3.78
N ALA F 381 17.59 29.08 4.44
CA ALA F 381 17.20 30.36 3.85
C ALA F 381 17.92 30.60 2.53
N THR F 382 19.20 30.21 2.46
CA THR F 382 19.94 30.33 1.21
C THR F 382 19.41 29.35 0.16
N ALA F 383 19.07 28.12 0.59
CA ALA F 383 18.56 27.13 -0.35
C ALA F 383 17.26 27.57 -1.01
N PHE F 384 16.41 28.29 -0.26
CA PHE F 384 15.18 28.84 -0.80
C PHE F 384 15.39 30.22 -1.40
N ARG F 385 16.65 30.60 -1.67
CA ARG F 385 16.99 31.78 -2.44
C ARG F 385 16.60 33.08 -1.74
N GLY F 386 16.71 33.08 -0.41
CA GLY F 386 16.71 34.34 0.31
C GLY F 386 18.07 34.98 0.23
N GLN F 387 18.13 36.26 0.61
CA GLN F 387 19.39 36.98 0.54
C GLN F 387 20.05 36.98 1.91
N PRO F 388 21.15 36.26 2.10
CA PRO F 388 21.84 36.27 3.40
C PRO F 388 22.89 37.37 3.46
N PHE F 389 23.21 37.75 4.69
CA PHE F 389 24.32 38.65 4.95
C PHE F 389 25.19 38.04 6.05
N ARG F 390 26.45 37.78 5.74
CA ARG F 390 27.42 37.49 6.78
C ARG F 390 27.46 38.65 7.76
N GLY F 391 27.93 38.39 8.98
CA GLY F 391 27.98 39.46 9.96
C GLY F 391 28.92 40.57 9.51
N LEU F 392 28.65 41.76 10.03
CA LEU F 392 29.38 42.99 9.65
C LEU F 392 29.51 43.15 8.13
N VAL F 393 28.53 42.67 7.37
CA VAL F 393 28.49 42.83 5.92
C VAL F 393 27.21 43.55 5.54
N GLY F 394 27.33 44.53 4.63
CA GLY F 394 26.20 45.27 4.12
C GLY F 394 25.40 45.96 5.21
N PRO F 395 24.07 45.77 5.19
CA PRO F 395 23.23 46.36 6.24
C PRO F 395 23.30 45.62 7.56
N ASN F 396 23.97 44.47 7.60
CA ASN F 396 24.03 43.66 8.81
C ASN F 396 25.19 44.17 9.66
N GLU F 397 24.85 44.88 10.74
CA GLU F 397 25.84 45.42 11.65
C GLU F 397 26.01 44.55 12.90
N CYS F 398 25.37 43.39 12.93
CA CYS F 398 25.59 42.41 13.97
C CYS F 398 26.66 41.41 13.52
N GLU F 399 27.10 40.58 14.46
CA GLU F 399 28.12 39.59 14.16
C GLU F 399 27.55 38.22 13.87
N VAL F 400 26.25 38.03 14.03
CA VAL F 400 25.56 36.80 13.63
C VAL F 400 25.11 36.98 12.19
N PRO F 401 24.79 35.91 11.47
CA PRO F 401 24.25 36.07 10.11
C PRO F 401 22.84 36.67 10.13
N ALA F 402 22.47 37.28 9.01
CA ALA F 402 21.18 37.90 8.85
C ALA F 402 20.55 37.49 7.53
N VAL F 403 19.23 37.40 7.53
CA VAL F 403 18.44 37.11 6.33
C VAL F 403 17.56 38.32 6.05
N ARG F 404 17.52 38.75 4.79
CA ARG F 404 16.76 39.92 4.41
C ARG F 404 15.28 39.56 4.29
N ALA F 405 14.43 40.34 4.96
CA ALA F 405 12.99 40.19 4.81
C ALA F 405 12.53 40.95 3.57
N PRO F 406 11.34 40.64 3.04
CA PRO F 406 10.92 41.26 1.77
C PRO F 406 10.92 42.77 1.77
N ASP F 407 10.67 43.43 2.90
CA ASP F 407 10.63 44.88 2.96
C ASP F 407 12.00 45.51 3.15
N GLY F 408 13.03 44.72 3.38
CA GLY F 408 14.35 45.24 3.66
C GLY F 408 14.78 45.08 5.09
N SER F 409 13.84 44.76 5.98
CA SER F 409 14.19 44.49 7.37
C SER F 409 14.98 43.19 7.46
N LEU F 410 15.69 43.02 8.58
CA LEU F 410 16.61 41.92 8.75
C LEU F 410 16.11 40.92 9.78
N LEU F 411 16.54 39.67 9.63
CA LEU F 411 16.30 38.62 10.61
C LEU F 411 17.65 38.06 11.02
N TYR F 412 18.07 38.35 12.25
CA TYR F 412 19.33 37.82 12.75
C TYR F 412 19.13 36.41 13.29
N LEU F 413 20.07 35.52 12.99
CA LEU F 413 20.03 34.13 13.43
C LEU F 413 20.99 34.00 14.61
N VAL F 414 20.44 34.12 15.81
CA VAL F 414 21.23 34.16 17.04
C VAL F 414 21.16 32.81 17.74
N GLU F 415 22.33 32.20 17.97
CA GLU F 415 22.44 31.03 18.82
C GLU F 415 22.76 31.51 20.24
N GLN F 416 22.28 30.77 21.23
CA GLN F 416 22.50 31.17 22.61
C GLN F 416 23.99 31.06 22.93
N GLY F 417 24.51 32.07 23.62
CA GLY F 417 25.90 32.11 24.00
C GLY F 417 26.06 32.49 25.45
N THR F 422 27.68 35.84 25.88
CA THR F 422 28.07 37.22 25.70
C THR F 422 27.03 37.97 24.88
N LEU F 423 27.32 38.18 23.60
CA LEU F 423 26.41 38.79 22.63
C LEU F 423 26.08 40.22 23.01
N TYR F 424 25.31 40.41 24.09
CA TYR F 424 25.07 41.76 24.59
C TYR F 424 26.25 42.31 25.38
N ASP F 425 27.14 41.44 25.84
CA ASP F 425 28.25 41.89 26.69
C ASP F 425 29.32 42.60 25.87
N THR F 426 29.42 42.31 24.58
CA THR F 426 30.53 42.84 23.79
C THR F 426 30.26 44.26 23.29
N ASP F 427 29.05 44.53 22.81
CA ASP F 427 28.80 45.83 22.19
C ASP F 427 28.15 46.83 23.13
N PHE F 428 27.65 46.37 24.28
CA PHE F 428 27.06 47.25 25.26
C PHE F 428 27.94 47.24 26.50
N SER F 429 27.78 48.26 27.32
CA SER F 429 28.52 48.35 28.57
C SER F 429 27.41 48.27 29.61
N LEU F 430 27.04 47.05 29.92
CA LEU F 430 25.85 46.81 30.72
C LEU F 430 26.16 47.17 32.16
N ASP F 431 25.36 48.05 32.75
CA ASP F 431 25.52 48.23 34.18
C ASP F 431 24.46 47.38 34.84
N ASN F 432 24.87 46.62 35.86
CA ASN F 432 23.94 45.83 36.67
C ASN F 432 23.00 46.76 37.41
N ASN F 433 22.67 46.43 38.66
CA ASN F 433 21.82 47.32 39.45
C ASN F 433 20.50 47.56 38.71
N ALA F 434 20.28 46.77 37.65
CA ALA F 434 19.18 46.83 36.67
C ALA F 434 18.04 47.86 37.03
N THR F 435 16.79 47.59 37.44
CA THR F 435 15.99 46.35 37.55
C THR F 435 14.63 46.71 36.97
N ALA F 436 14.00 45.76 36.27
CA ALA F 436 12.70 46.05 35.67
C ALA F 436 11.66 46.31 36.76
N THR F 437 10.57 46.96 36.35
CA THR F 437 9.46 47.23 37.25
C THR F 437 8.25 46.34 36.96
N GLY F 438 8.31 45.52 35.92
CA GLY F 438 7.33 44.49 35.64
C GLY F 438 8.02 43.14 35.79
N GLY F 439 7.34 42.03 35.50
CA GLY F 439 6.01 42.01 34.94
C GLY F 439 5.90 41.08 33.73
N LEU F 440 6.22 41.63 32.56
CA LEU F 440 6.15 40.91 31.29
C LEU F 440 7.34 39.95 31.14
N ARG F 441 7.07 38.77 30.59
CA ARG F 441 8.07 37.71 30.57
C ARG F 441 8.63 37.41 29.18
N ARG F 442 7.78 37.33 28.16
CA ARG F 442 8.29 37.07 26.81
C ARG F 442 7.35 37.67 25.77
N ILE F 443 7.89 37.84 24.57
CA ILE F 443 7.09 38.23 23.41
C ILE F 443 6.27 37.03 22.96
N ASP F 444 4.95 37.18 22.99
CA ASP F 444 4.07 36.09 22.57
C ASP F 444 3.84 36.08 21.07
N HIS F 445 3.58 37.23 20.47
CA HIS F 445 3.43 37.32 19.03
C HIS F 445 3.67 38.75 18.58
N MSE F 446 3.84 38.90 17.27
CA MSE F 446 3.93 40.21 16.65
C MSE F 446 3.15 40.22 15.35
O MSE F 446 3.39 39.38 14.47
CB MSE F 446 5.37 40.59 16.34
CG MSE F 446 6.29 40.70 17.52
SE MSE F 446 7.94 41.46 16.86
CE MSE F 446 8.47 40.00 15.68
N ALA F 447 2.23 41.16 15.21
CA ALA F 447 1.44 41.29 14.00
C ALA F 447 2.10 42.26 13.03
N LEU F 448 2.02 41.93 11.74
CA LEU F 448 2.48 42.82 10.69
C LEU F 448 1.30 43.32 9.88
N ALA F 449 1.37 44.59 9.50
CA ALA F 449 0.43 45.19 8.56
C ALA F 449 1.15 45.28 7.21
N LEU F 450 0.65 44.55 6.22
CA LEU F 450 1.30 44.43 4.93
C LEU F 450 0.37 44.85 3.81
N PRO F 451 0.91 45.33 2.68
CA PRO F 451 0.05 45.63 1.53
C PRO F 451 -0.66 44.37 1.06
N ALA F 452 -1.91 44.54 0.64
CA ALA F 452 -2.73 43.40 0.22
C ALA F 452 -2.04 42.60 -0.88
N GLU F 453 -1.38 43.29 -1.81
CA GLU F 453 -0.74 42.67 -2.94
C GLU F 453 0.58 41.99 -2.60
N SER F 454 1.11 42.20 -1.40
CA SER F 454 2.40 41.63 -1.01
C SER F 454 2.29 40.52 0.03
N LEU F 455 1.08 40.24 0.54
CA LEU F 455 0.97 39.33 1.66
C LEU F 455 1.27 37.89 1.27
N ASP F 456 0.81 37.46 0.10
CA ASP F 456 1.09 36.09 -0.34
C ASP F 456 2.58 35.83 -0.42
N SER F 457 3.35 36.83 -0.87
CA SER F 457 4.80 36.69 -0.93
C SER F 457 5.40 36.54 0.47
N TRP F 458 4.89 37.32 1.44
CA TRP F 458 5.36 37.19 2.81
C TRP F 458 5.01 35.82 3.40
N VAL F 459 3.80 35.32 3.09
CA VAL F 459 3.40 34.02 3.61
C VAL F 459 4.34 32.93 3.12
N LEU F 460 4.61 32.92 1.81
CA LEU F 460 5.52 31.92 1.24
C LEU F 460 6.94 32.10 1.78
N PHE F 461 7.35 33.34 2.01
CA PHE F 461 8.68 33.61 2.54
C PHE F 461 8.88 32.93 3.89
N TYR F 462 7.92 33.06 4.80
CA TYR F 462 8.05 32.46 6.11
C TYR F 462 7.78 30.96 6.10
N LYS F 463 6.83 30.51 5.27
CA LYS F 463 6.55 29.08 5.19
C LYS F 463 7.75 28.31 4.66
N SER F 464 8.43 28.84 3.66
CA SER F 464 9.50 28.09 3.01
C SER F 464 10.85 28.29 3.69
N LEU F 465 11.28 29.54 3.86
CA LEU F 465 12.61 29.80 4.42
C LEU F 465 12.71 29.36 5.88
N PHE F 466 11.63 29.50 6.65
CA PHE F 466 11.68 29.25 8.08
C PHE F 466 10.72 28.17 8.55
N ASP F 467 10.03 27.50 7.63
CA ASP F 467 9.15 26.38 7.96
C ASP F 467 8.06 26.77 8.95
N PHE F 468 7.50 27.96 8.79
CA PHE F 468 6.31 28.32 9.54
C PHE F 468 5.09 27.59 8.96
N ALA F 469 4.03 27.54 9.76
CA ALA F 469 2.81 26.87 9.37
C ALA F 469 1.64 27.85 9.47
N ALA F 470 0.57 27.54 8.73
CA ALA F 470 -0.62 28.37 8.78
C ALA F 470 -1.22 28.31 10.19
N ASP F 471 -1.77 29.44 10.63
CA ASP F 471 -2.32 29.55 11.97
C ASP F 471 -3.46 30.55 11.94
N ASP F 472 -4.42 30.32 11.05
CA ASP F 472 -5.47 31.29 10.83
C ASP F 472 -6.60 31.11 11.84
N GLU F 473 -7.45 32.13 11.91
CA GLU F 473 -8.55 32.19 12.87
C GLU F 473 -9.78 32.59 12.08
N VAL F 474 -10.89 31.89 12.30
CA VAL F 474 -12.15 32.21 11.63
C VAL F 474 -13.09 32.76 12.70
N VAL F 475 -13.51 34.01 12.53
CA VAL F 475 -14.37 34.68 13.51
C VAL F 475 -15.79 34.71 12.95
N LEU F 476 -16.70 35.39 13.64
CA LEU F 476 -18.08 35.58 13.26
C LEU F 476 -18.18 36.76 12.29
N PRO F 477 -19.02 36.64 11.24
CA PRO F 477 -19.20 37.68 10.23
C PRO F 477 -19.94 38.90 10.79
N GLY F 481 -18.60 41.32 8.22
CA GLY F 481 -17.35 41.73 8.83
C GLY F 481 -16.15 40.88 8.41
N LEU F 482 -15.02 41.08 9.09
CA LEU F 482 -13.75 40.45 8.75
C LEU F 482 -13.72 39.07 9.38
N VAL F 483 -13.89 38.01 8.56
CA VAL F 483 -14.22 36.69 9.10
C VAL F 483 -12.93 35.99 9.47
N LYS F 484 -12.00 35.99 8.52
CA LYS F 484 -10.76 35.25 8.59
C LYS F 484 -9.64 36.22 8.89
N SER F 485 -8.90 35.97 9.96
CA SER F 485 -7.71 36.72 10.28
C SER F 485 -6.55 35.75 10.08
N ARG F 486 -5.61 36.18 9.27
CA ARG F 486 -4.52 35.33 8.84
C ARG F 486 -3.34 35.43 9.80
N ALA F 487 -2.63 34.32 10.01
CA ALA F 487 -1.47 34.31 10.88
C ALA F 487 -0.56 33.15 10.52
N LEU F 488 0.72 33.31 10.82
CA LEU F 488 1.70 32.25 10.68
C LEU F 488 2.29 31.92 12.05
N ARG F 489 2.90 30.75 12.15
CA ARG F 489 3.32 30.23 13.44
C ARG F 489 4.44 29.23 13.24
N SER F 490 5.51 29.36 14.02
CA SER F 490 6.55 28.35 14.02
C SER F 490 5.98 27.01 14.49
N GLN F 491 6.66 25.92 14.13
CA GLN F 491 6.14 24.58 14.40
C GLN F 491 5.85 24.39 15.88
N CYS F 492 6.69 24.93 16.76
CA CYS F 492 6.52 24.74 18.19
C CYS F 492 5.92 25.96 18.89
N GLY F 493 5.43 26.93 18.13
CA GLY F 493 4.66 28.03 18.71
C GLY F 493 5.47 29.13 19.36
N THR F 494 6.80 29.06 19.36
CA THR F 494 7.60 30.09 20.01
C THR F 494 7.67 31.38 19.19
N LEU F 495 7.36 31.33 17.90
CA LEU F 495 7.29 32.51 17.05
C LEU F 495 5.92 32.56 16.40
N ARG F 496 5.24 33.70 16.53
CA ARG F 496 3.87 33.83 16.05
C ARG F 496 3.73 35.16 15.33
N LEU F 497 3.08 35.13 14.16
CA LEU F 497 3.09 36.28 13.26
C LEU F 497 1.72 36.47 12.62
N PRO F 498 0.81 37.19 13.29
CA PRO F 498 -0.43 37.61 12.61
C PRO F 498 -0.13 38.58 11.49
N LEU F 499 -0.96 38.53 10.45
CA LEU F 499 -0.74 39.34 9.25
C LEU F 499 -2.03 40.08 8.91
N ASN F 500 -1.94 41.41 8.91
CA ASN F 500 -3.06 42.28 8.58
C ASN F 500 -2.78 43.01 7.27
N ILE F 501 -3.83 43.57 6.69
CA ILE F 501 -3.75 44.32 5.44
C ILE F 501 -3.73 45.80 5.78
N SER F 502 -2.63 46.48 5.44
CA SER F 502 -2.61 47.92 5.62
C SER F 502 -3.46 48.56 4.52
N GLU F 503 -3.91 49.79 4.78
CA GLU F 503 -4.72 50.48 3.80
C GLU F 503 -3.84 51.14 2.75
N ASN F 504 -4.30 51.09 1.50
CA ASN F 504 -3.54 51.65 0.38
C ASN F 504 -3.51 53.17 0.44
N ARG F 505 -2.49 53.75 -0.22
CA ARG F 505 -2.31 55.20 -0.20
C ARG F 505 -3.46 55.91 -0.91
N ASN F 506 -3.96 55.33 -1.99
CA ASN F 506 -5.00 55.98 -2.78
C ASN F 506 -6.31 56.10 -2.02
N THR F 507 -6.48 55.35 -0.94
CA THR F 507 -7.63 55.55 -0.07
C THR F 507 -7.42 56.73 0.87
N ALA F 508 -6.19 56.95 1.33
CA ALA F 508 -5.88 58.13 2.13
C ALA F 508 -6.10 59.41 1.34
N ILE F 509 -5.91 59.37 0.02
CA ILE F 509 -6.16 60.54 -0.81
C ILE F 509 -7.66 60.79 -0.93
N ALA F 510 -8.43 59.73 -1.18
CA ALA F 510 -9.86 59.88 -1.43
C ALA F 510 -10.60 60.47 -0.23
N HIS F 511 -10.21 60.07 0.99
CA HIS F 511 -10.82 60.63 2.19
C HIS F 511 -10.07 61.83 2.76
N ALA F 512 -9.15 62.42 2.00
CA ALA F 512 -8.47 63.66 2.40
C ALA F 512 -7.83 63.53 3.79
N LEU F 513 -7.23 62.37 4.06
CA LEU F 513 -6.63 62.15 5.35
C LEU F 513 -5.41 63.06 5.46
N SER F 514 -5.05 63.41 6.70
CA SER F 514 -3.92 64.30 6.90
C SER F 514 -2.72 63.58 7.50
N SER F 515 -2.93 62.40 8.06
CA SER F 515 -1.88 61.46 8.41
C SER F 515 -2.06 60.21 7.56
N TYR F 516 -0.96 59.51 7.29
CA TYR F 516 -1.03 58.20 6.64
C TYR F 516 0.11 57.33 7.16
N ARG F 517 -0.24 56.12 7.57
CA ARG F 517 0.73 55.14 8.03
C ARG F 517 0.78 53.99 7.02
N GLY F 518 1.96 53.74 6.48
CA GLY F 518 2.15 52.64 5.56
C GLY F 518 2.11 51.30 6.25
N SER F 519 2.99 50.40 5.85
CA SER F 519 3.05 49.06 6.38
C SER F 519 4.14 48.97 7.44
N GLY F 520 4.19 47.84 8.12
CA GLY F 520 5.17 47.62 9.17
C GLY F 520 4.56 46.85 10.31
N VAL F 521 5.20 46.95 11.48
CA VAL F 521 4.72 46.23 12.65
C VAL F 521 3.36 46.77 13.06
N HIS F 522 2.38 45.87 13.18
CA HIS F 522 1.03 46.23 13.59
C HIS F 522 0.95 46.37 15.11
N HIS F 523 1.37 45.35 15.84
CA HIS F 523 1.46 45.44 17.29
C HIS F 523 2.34 44.32 17.82
N ILE F 524 2.84 44.52 19.03
CA ILE F 524 3.70 43.56 19.73
C ILE F 524 3.01 43.18 21.02
N ALA F 525 2.93 41.87 21.28
CA ALA F 525 2.19 41.34 22.42
C ALA F 525 3.15 40.67 23.39
N PHE F 526 3.10 41.08 24.65
CA PHE F 526 3.87 40.47 25.72
C PHE F 526 2.92 39.67 26.61
N ASP F 527 3.39 38.54 27.13
CA ASP F 527 2.57 37.73 28.02
C ASP F 527 3.01 37.89 29.47
N CYS F 528 2.14 37.46 30.38
CA CYS F 528 2.41 37.55 31.80
C CYS F 528 1.62 36.46 32.52
N ASP F 529 1.92 36.29 33.80
CA ASP F 529 1.25 35.28 34.62
C ASP F 529 -0.07 35.79 35.20
N ASP F 530 -0.15 37.07 35.55
CA ASP F 530 -1.30 37.62 36.26
C ASP F 530 -1.73 38.89 35.53
N ILE F 531 -2.82 38.79 34.77
CA ILE F 531 -3.27 39.93 33.97
C ILE F 531 -3.75 41.07 34.86
N PHE F 532 -4.43 40.75 35.97
CA PHE F 532 -4.96 41.80 36.83
C PHE F 532 -3.85 42.55 37.55
N ARG F 533 -2.81 41.84 38.00
CA ARG F 533 -1.70 42.53 38.64
C ARG F 533 -0.95 43.40 37.64
N GLU F 534 -0.78 42.92 36.41
CA GLU F 534 -0.05 43.70 35.42
C GLU F 534 -0.83 44.96 35.03
N VAL F 535 -2.15 44.82 34.84
CA VAL F 535 -2.97 45.99 34.51
C VAL F 535 -2.88 47.04 35.61
N ALA F 536 -2.97 46.60 36.87
CA ALA F 536 -2.85 47.52 37.99
C ALA F 536 -1.49 48.21 37.98
N ARG F 537 -0.42 47.43 37.82
CA ARG F 537 0.92 48.00 37.80
C ARG F 537 1.10 48.95 36.63
N ALA F 538 0.63 48.56 35.44
CA ALA F 538 0.83 49.39 34.26
C ALA F 538 0.00 50.66 34.33
N LYS F 539 -1.26 50.56 34.78
CA LYS F 539 -2.10 51.75 34.86
C LYS F 539 -1.52 52.75 35.86
N LEU F 540 -0.90 52.25 36.94
CA LEU F 540 -0.30 53.14 37.93
C LEU F 540 0.99 53.76 37.40
N ALA F 541 1.71 53.04 36.54
CA ALA F 541 2.93 53.57 35.93
C ALA F 541 2.67 54.54 34.77
N GLY F 542 1.42 54.66 34.32
CA GLY F 542 1.09 55.60 33.27
C GLY F 542 0.92 54.99 31.89
N VAL F 543 0.88 53.68 31.77
CA VAL F 543 0.66 53.04 30.46
C VAL F 543 -0.73 53.40 29.96
N PRO F 544 -0.87 53.93 28.74
CA PRO F 544 -2.19 54.36 28.25
C PRO F 544 -3.05 53.19 27.78
N LEU F 545 -3.51 52.39 28.74
CA LEU F 545 -4.39 51.29 28.42
C LEU F 545 -5.75 51.82 27.96
N LEU F 546 -6.43 51.05 27.13
CA LEU F 546 -7.70 51.47 26.57
C LEU F 546 -8.81 51.31 27.61
N GLU F 547 -9.80 52.19 27.54
CA GLU F 547 -11.01 52.02 28.32
C GLU F 547 -12.04 51.28 27.48
N ILE F 548 -12.56 50.19 28.02
CA ILE F 548 -13.48 49.31 27.32
C ILE F 548 -14.90 49.61 27.81
N PRO F 549 -15.85 49.88 26.90
CA PRO F 549 -17.19 50.28 27.33
C PRO F 549 -17.96 49.13 27.96
N LEU F 550 -18.99 49.51 28.74
CA LEU F 550 -19.79 48.51 29.45
C LEU F 550 -20.54 47.58 28.50
N ASN F 551 -21.02 48.10 27.36
CA ASN F 551 -21.80 47.27 26.45
C ASN F 551 -20.99 46.07 25.96
N TYR F 552 -19.67 46.17 25.96
CA TYR F 552 -18.84 45.01 25.63
C TYR F 552 -19.02 43.90 26.65
N TYR F 553 -19.05 44.24 27.93
CA TYR F 553 -19.16 43.22 28.96
C TYR F 553 -20.59 42.72 29.12
N ASP F 554 -21.58 43.55 28.81
CA ASP F 554 -22.95 43.05 28.69
C ASP F 554 -23.04 42.01 27.60
N ASP F 555 -22.32 42.21 26.49
CA ASP F 555 -22.32 41.23 25.41
C ASP F 555 -21.62 39.94 25.81
N LEU F 556 -20.52 40.02 26.56
CA LEU F 556 -19.88 38.81 27.04
C LEU F 556 -20.76 38.05 28.00
N ALA F 557 -21.61 38.76 28.75
CA ALA F 557 -22.53 38.10 29.67
C ALA F 557 -23.55 37.27 28.91
N ALA F 558 -24.04 37.78 27.78
CA ALA F 558 -25.02 37.07 26.97
C ALA F 558 -24.42 35.96 26.13
N ARG F 559 -23.09 35.87 26.04
CA ARG F 559 -22.44 34.85 25.22
C ARG F 559 -21.68 33.80 26.03
N PHE F 560 -21.32 34.10 27.28
CA PHE F 560 -20.62 33.16 28.14
C PHE F 560 -21.19 33.24 29.54
N ASP F 561 -21.19 32.09 30.23
CA ASP F 561 -21.56 32.06 31.64
C ASP F 561 -20.29 32.12 32.48
N PHE F 562 -20.30 32.98 33.49
CA PHE F 562 -19.12 33.30 34.27
C PHE F 562 -19.32 32.89 35.73
N ASP F 563 -18.25 32.40 36.35
CA ASP F 563 -18.27 32.23 37.79
C ASP F 563 -18.55 33.57 38.45
N ASP F 564 -19.31 33.53 39.55
CA ASP F 564 -19.88 34.75 40.13
C ASP F 564 -18.79 35.81 40.31
N GLU F 565 -19.15 37.06 40.00
CA GLU F 565 -18.34 38.25 40.22
C GLU F 565 -17.18 38.42 39.25
N PHE F 566 -16.82 37.37 38.50
CA PHE F 566 -15.60 37.44 37.73
C PHE F 566 -15.71 38.42 36.57
N LEU F 567 -16.87 38.44 35.89
CA LEU F 567 -17.01 39.30 34.73
C LEU F 567 -17.02 40.78 35.13
N SER F 568 -17.52 41.10 36.31
CA SER F 568 -17.46 42.48 36.79
C SER F 568 -16.03 42.92 37.08
N GLU F 569 -15.15 41.97 37.41
CA GLU F 569 -13.76 42.35 37.66
C GLU F 569 -12.96 42.51 36.38
N LEU F 570 -13.30 41.77 35.32
CA LEU F 570 -12.70 42.05 34.02
C LEU F 570 -13.06 43.45 33.55
N ALA F 571 -14.32 43.84 33.75
CA ALA F 571 -14.76 45.16 33.32
C ALA F 571 -14.11 46.27 34.13
N TYR F 572 -13.89 46.03 35.42
CA TYR F 572 -13.35 47.08 36.28
C TYR F 572 -11.91 47.42 35.91
N TYR F 573 -11.15 46.45 35.41
CA TYR F 573 -9.78 46.68 34.98
C TYR F 573 -9.63 46.79 33.46
N ASN F 574 -10.74 46.92 32.72
CA ASN F 574 -10.73 47.06 31.25
C ASN F 574 -9.98 45.93 30.58
N VAL F 575 -10.18 44.71 31.07
CA VAL F 575 -9.55 43.53 30.48
C VAL F 575 -10.48 42.95 29.42
N LEU F 576 -9.91 42.56 28.28
CA LEU F 576 -10.66 41.90 27.23
C LEU F 576 -10.55 40.40 27.37
N TYR F 577 -11.58 39.69 26.90
CA TYR F 577 -11.74 38.28 27.22
C TYR F 577 -12.15 37.49 26.00
N ASP F 578 -11.71 36.22 25.95
CA ASP F 578 -12.16 35.27 24.95
C ASP F 578 -12.03 33.87 25.53
N ARG F 579 -12.87 32.96 25.04
CA ARG F 579 -12.88 31.57 25.50
C ARG F 579 -13.03 30.67 24.29
N ASP F 580 -12.18 29.64 24.18
CA ASP F 580 -12.31 28.67 23.09
C ASP F 580 -13.36 27.62 23.47
N ALA F 581 -13.45 26.55 22.68
CA ALA F 581 -14.40 25.48 22.97
C ALA F 581 -13.89 24.46 23.97
N GLN F 582 -12.58 24.45 24.27
CA GLN F 582 -12.02 23.51 25.25
C GLN F 582 -11.78 24.16 26.61
N GLY F 583 -12.44 25.29 26.89
CA GLY F 583 -12.29 25.94 28.17
C GLY F 583 -11.07 26.83 28.29
N GLY F 584 -10.20 26.86 27.28
CA GLY F 584 -9.09 27.80 27.30
C GLY F 584 -9.58 29.23 27.29
N GLU F 585 -8.81 30.11 27.96
CA GLU F 585 -9.21 31.49 28.14
C GLU F 585 -8.08 32.43 27.76
N LEU F 586 -8.46 33.62 27.30
CA LEU F 586 -7.52 34.67 26.95
C LEU F 586 -7.88 35.93 27.73
N PHE F 587 -6.87 36.53 28.36
CA PHE F 587 -7.01 37.82 29.03
C PHE F 587 -5.97 38.77 28.44
N HIS F 588 -6.43 39.85 27.81
CA HIS F 588 -5.46 40.74 27.17
C HIS F 588 -5.98 42.17 27.19
N VAL F 589 -5.02 43.11 27.16
CA VAL F 589 -5.30 44.54 27.10
C VAL F 589 -4.39 45.15 26.04
N TYR F 590 -4.80 46.31 25.54
CA TYR F 590 -4.06 47.05 24.53
C TYR F 590 -3.74 48.44 25.02
N THR F 591 -2.60 48.96 24.56
CA THR F 591 -2.26 50.36 24.74
C THR F 591 -2.76 51.17 23.54
N GLU F 592 -2.75 52.49 23.69
CA GLU F 592 -2.96 53.37 22.55
C GLU F 592 -1.78 53.22 21.58
N PRO F 593 -1.98 53.59 20.32
CA PRO F 593 -0.86 53.54 19.37
C PRO F 593 0.25 54.48 19.79
N PHE F 594 1.49 54.01 19.66
CA PHE F 594 2.66 54.87 19.87
C PHE F 594 2.81 55.78 18.66
N GLU F 595 2.45 57.05 18.82
CA GLU F 595 2.55 58.06 17.77
C GLU F 595 1.94 57.55 16.46
N GLU F 596 0.76 56.92 16.60
CA GLU F 596 -0.09 56.54 15.48
C GLU F 596 0.55 55.49 14.57
N ARG F 597 1.41 54.63 15.14
CA ARG F 597 2.00 53.55 14.38
C ARG F 597 1.64 52.25 15.12
N PHE F 598 2.62 51.48 15.57
CA PHE F 598 2.36 50.26 16.30
C PHE F 598 1.82 50.55 17.70
N PHE F 599 1.03 49.62 18.23
CA PHE F 599 0.61 49.65 19.62
C PHE F 599 1.11 48.38 20.32
N PHE F 600 0.89 48.30 21.63
CA PHE F 600 1.35 47.18 22.41
C PHE F 600 0.19 46.41 23.00
N GLU F 601 0.46 45.15 23.36
CA GLU F 601 -0.55 44.26 23.91
C GLU F 601 0.07 43.45 25.03
N ILE F 602 -0.70 43.27 26.11
CA ILE F 602 -0.32 42.41 27.23
C ILE F 602 -1.36 41.32 27.33
N ILE F 603 -0.91 40.05 27.35
CA ILE F 603 -1.82 38.92 27.32
C ILE F 603 -1.51 37.96 28.47
N GLN F 604 -2.53 37.20 28.86
CA GLN F 604 -2.37 36.01 29.70
C GLN F 604 -3.15 34.87 29.07
N ARG F 605 -2.45 33.79 28.72
CA ARG F 605 -3.06 32.60 28.18
C ARG F 605 -3.28 31.58 29.27
N LYS F 606 -4.48 31.01 29.35
CA LYS F 606 -4.76 30.01 30.36
C LYS F 606 -5.33 28.78 29.65
N ALA F 607 -5.47 27.68 30.40
CA ALA F 607 -5.83 26.34 29.94
C ALA F 607 -5.70 26.10 28.44
N GLY F 608 -4.54 26.44 27.86
CA GLY F 608 -4.26 26.08 26.49
C GLY F 608 -4.89 26.91 25.40
N TYR F 609 -5.39 28.11 25.72
CA TYR F 609 -5.90 28.99 24.67
C TYR F 609 -4.79 29.26 23.66
N ALA F 610 -5.12 29.11 22.38
CA ALA F 610 -4.13 29.17 21.31
C ALA F 610 -4.38 30.28 20.29
N GLY F 611 -5.51 30.95 20.34
CA GLY F 611 -5.84 31.98 19.37
C GLY F 611 -5.22 33.32 19.71
N TYR F 612 -5.77 34.36 19.10
CA TYR F 612 -5.29 35.73 19.27
C TYR F 612 -6.36 36.67 19.80
N GLY F 613 -7.54 36.15 20.14
CA GLY F 613 -8.63 37.01 20.56
C GLY F 613 -9.17 37.88 19.44
N ALA F 614 -9.26 37.33 18.22
CA ALA F 614 -9.71 38.11 17.07
C ALA F 614 -11.13 38.62 17.25
N ALA F 615 -11.93 38.00 18.12
CA ALA F 615 -13.29 38.46 18.35
C ALA F 615 -13.33 39.87 18.93
N ASN F 616 -12.20 40.37 19.45
CA ASN F 616 -12.15 41.65 20.14
C ASN F 616 -11.59 42.77 19.26
N VAL F 617 -11.37 42.53 17.97
CA VAL F 617 -10.75 43.56 17.13
C VAL F 617 -11.66 44.77 16.98
N ALA F 618 -12.97 44.54 16.80
CA ALA F 618 -13.90 45.65 16.65
C ALA F 618 -13.92 46.52 17.89
N VAL F 619 -13.84 45.90 19.07
CA VAL F 619 -13.89 46.64 20.32
C VAL F 619 -12.61 47.46 20.49
N ARG F 620 -11.46 46.88 20.15
CA ARG F 620 -10.21 47.63 20.23
C ARG F 620 -10.22 48.85 19.32
N LEU F 621 -10.66 48.68 18.07
CA LEU F 621 -10.67 49.80 17.14
C LEU F 621 -11.65 50.88 17.55
N ALA F 622 -12.83 50.49 18.02
CA ALA F 622 -13.80 51.49 18.48
C ALA F 622 -13.26 52.27 19.66
N ALA F 623 -12.61 51.58 20.61
CA ALA F 623 -12.03 52.27 21.75
C ALA F 623 -10.88 53.18 21.34
N MSE F 624 -10.11 52.79 20.34
CA MSE F 624 -9.02 53.63 19.84
C MSE F 624 -9.54 54.84 19.08
O MSE F 624 -8.95 55.92 19.11
CB MSE F 624 -8.06 52.83 18.95
CG MSE F 624 -7.08 51.96 19.72
SE MSE F 624 -5.88 50.95 18.55
CE MSE F 624 -4.91 49.96 19.92
N ALA F 625 -10.68 54.67 18.40
CA ALA F 625 -11.30 55.78 17.69
C ALA F 625 -11.85 56.82 18.66
N LYS F 626 -12.44 56.37 19.77
CA LYS F 626 -12.97 57.30 20.75
C LYS F 626 -11.85 58.04 21.48
N ALA F 627 -10.75 57.35 21.77
CA ALA F 627 -9.62 58.01 22.40
C ALA F 627 -8.95 59.01 21.45
N ARG F 628 -8.96 58.71 20.15
CA ARG F 628 -8.34 59.61 19.18
C ARG F 628 -9.12 60.92 19.05
N SER F 629 -10.42 60.90 19.28
CA SER F 629 -11.26 62.08 19.16
C SER F 629 -11.38 62.75 20.52
N GLY F 630 -10.68 63.87 20.69
CA GLY F 630 -10.70 64.59 21.95
C GLY F 630 -9.65 64.13 22.93
MG MG G . 17.96 -8.26 -36.74
MG MG H . 44.95 -33.45 -25.48
MG MG I . 15.11 64.93 -3.83
MG MG J . -22.11 58.18 -13.38
MG MG K . 12.77 -53.80 -24.98
MG MG L . 21.34 -38.75 -59.90
MG MG M . -11.73 7.81 48.65
MG MG N . -27.31 -6.76 16.34
MG MG O . -16.89 -37.33 36.39
MG MG P . -42.27 -14.39 54.89
MG MG Q . -5.09 24.30 -15.92
MG MG R . -2.53 40.33 19.36
#